data_4GZ5
#
_entry.id   4GZ5
#
_cell.length_a   272.039
_cell.length_b   272.039
_cell.length_c   142.080
_cell.angle_alpha   90.00
_cell.angle_beta   90.00
_cell.angle_gamma   120.00
#
_symmetry.space_group_name_H-M   'P 3 2 1'
#
loop_
_entity.id
_entity.type
_entity.pdbx_description
1 polymer 'UDP-N-acetylglucosamine--peptide N-acetylglucosaminyltransferase 110 kDa subunit'
2 non-polymer URIDINE-DIPHOSPHATE-N-ACETYLGLUCOSAMINE
3 non-polymer 'SULFATE ION'
4 water water
#
_entity_poly.entity_id   1
_entity_poly.type   'polypeptide(L)'
_entity_poly.pdbx_seq_one_letter_code
;GPGSCPTHADSLNNLANIKREQGNIEEAVRLYRKALEVFPEFAAAHSNLASVLQQQGKLQEALMHYKEAIRISPTFADAY
SNMGNTLKEMQDVQGALQCYTRAIQINPAFADAHSNLASIHKDSGNIPEAIASYRTALKLKPDFPDAYCNLAHCLQIVCD
WTDYDERMKKLVSIVADQLEKNRLPSVHPHHSMLYPLSHGFRKAIAERHGNLCLDKINVLHKPPYEHPKDLKLSDGRLRV
GYVSSDFGNHPTSHLMQSIPGMHNPDKFEVFCYALSPDDGTNFRVKVMAEANHFIDLSQIPCNGKAADRIHQDGIHILVN
MNGYTKGARNELFALRPAPIQAMWLGYPGTSGALFMDYIITDQETSPAEVAEQYSEKLAYMPHTFFIGDHANMFPHLKKK
AVIDFKSNGHIYDNRIVLNGIDLKAFLDSLPDVKIVKMKCPDGGDNADSSNTALNMPVIPMNTIAEAVIEMINRGQIQIT
INGFSISNGLATTQINNKAATGEEVPRTIIVTTRSQYGLPEDAIVYCNFNQLYKIDPSTLQMWANILKRVPNSVLWLLRF
PAVGEPNIQQYAQNMGLPQNRIIFSPVAPKEEHVRRGQLADVCLDTPLCNGHTTGMDVLWAGTPMVTMPGETLASRVAAS
QLTCLGCLELIAKNRQEYEDIAVKLGTDLEYLKKVRGKVWKQRISSPLFNTKQYTMELERLYLQMWEHYAAGNKPDHMIK
PVE
;
_entity_poly.pdbx_strand_id   A,B,C,D
#
# COMPACT_ATOMS: atom_id res chain seq x y z
N CYS A 5 -22.03 -5.53 -10.90
CA CYS A 5 -22.54 -5.09 -12.20
C CYS A 5 -21.95 -3.74 -12.60
N PRO A 6 -21.32 -3.68 -13.79
CA PRO A 6 -20.67 -2.48 -14.31
C PRO A 6 -21.66 -1.38 -14.68
N THR A 7 -21.32 -0.14 -14.35
CA THR A 7 -22.15 1.02 -14.69
C THR A 7 -21.52 1.76 -15.86
N HIS A 8 -21.73 3.07 -15.91
CA HIS A 8 -21.11 3.89 -16.95
C HIS A 8 -19.84 4.53 -16.43
N ALA A 9 -19.79 4.80 -15.13
CA ALA A 9 -18.62 5.38 -14.50
C ALA A 9 -17.56 4.31 -14.27
N ASP A 10 -17.99 3.06 -14.20
CA ASP A 10 -17.10 1.95 -13.89
C ASP A 10 -16.18 1.63 -15.08
N SER A 11 -16.66 1.90 -16.28
CA SER A 11 -15.87 1.67 -17.49
C SER A 11 -14.90 2.83 -17.71
N LEU A 12 -15.31 4.02 -17.33
CA LEU A 12 -14.44 5.20 -17.40
C LEU A 12 -13.28 5.04 -16.43
N ASN A 13 -13.56 4.43 -15.28
CA ASN A 13 -12.54 4.15 -14.28
C ASN A 13 -11.51 3.15 -14.80
N ASN A 14 -11.99 2.19 -15.58
CA ASN A 14 -11.10 1.20 -16.20
C ASN A 14 -10.23 1.83 -17.28
N LEU A 15 -10.82 2.69 -18.08
CA LEU A 15 -10.09 3.38 -19.16
C LEU A 15 -9.06 4.35 -18.62
N ALA A 16 -9.37 4.96 -17.47
CA ALA A 16 -8.47 5.92 -16.86
C ALA A 16 -7.25 5.24 -16.23
N ASN A 17 -7.42 3.97 -15.85
CA ASN A 17 -6.31 3.18 -15.32
C ASN A 17 -5.32 2.84 -16.42
N ILE A 18 -5.83 2.67 -17.64
CA ILE A 18 -4.97 2.38 -18.78
C ILE A 18 -4.11 3.60 -19.13
N LYS A 19 -4.72 4.78 -19.03
CA LYS A 19 -4.02 6.03 -19.30
C LYS A 19 -2.97 6.33 -18.24
N ARG A 20 -3.03 5.62 -17.12
CA ARG A 20 -2.11 5.83 -16.03
C ARG A 20 -0.81 5.04 -16.24
N GLU A 21 -0.94 3.85 -16.82
CA GLU A 21 0.23 3.04 -17.15
C GLU A 21 0.81 3.43 -18.50
N GLN A 22 0.04 4.19 -19.28
CA GLN A 22 0.53 4.72 -20.55
C GLN A 22 1.42 5.93 -20.31
N GLY A 23 1.32 6.51 -19.12
CA GLY A 23 2.08 7.70 -18.78
C GLY A 23 1.27 8.96 -19.01
N ASN A 24 0.20 8.83 -19.79
CA ASN A 24 -0.69 9.95 -20.06
C ASN A 24 -1.45 10.36 -18.80
N ILE A 25 -0.74 11.00 -17.88
CA ILE A 25 -1.30 11.40 -16.59
C ILE A 25 -2.46 12.39 -16.75
N GLU A 26 -2.32 13.31 -17.69
CA GLU A 26 -3.29 14.38 -17.87
C GLU A 26 -4.65 13.88 -18.36
N GLU A 27 -4.63 12.89 -19.25
CA GLU A 27 -5.87 12.32 -19.79
C GLU A 27 -6.53 11.40 -18.76
N ALA A 28 -5.71 10.80 -17.89
CA ALA A 28 -6.22 9.95 -16.83
C ALA A 28 -7.13 10.73 -15.88
N VAL A 29 -6.73 11.97 -15.58
CA VAL A 29 -7.52 12.84 -14.71
C VAL A 29 -8.88 13.14 -15.33
N ARG A 30 -8.89 13.51 -16.61
CA ARG A 30 -10.12 13.86 -17.31
C ARG A 30 -11.14 12.73 -17.28
N LEU A 31 -10.66 11.50 -17.44
CA LEU A 31 -11.54 10.34 -17.46
C LEU A 31 -12.09 10.02 -16.07
N TYR A 32 -11.29 10.31 -15.04
CA TYR A 32 -11.74 10.12 -13.66
C TYR A 32 -12.85 11.12 -13.31
N ARG A 33 -12.67 12.36 -13.74
CA ARG A 33 -13.63 13.42 -13.45
C ARG A 33 -14.95 13.19 -14.16
N LYS A 34 -14.88 12.70 -15.40
CA LYS A 34 -16.07 12.39 -16.16
C LYS A 34 -16.84 11.26 -15.50
N ALA A 35 -16.12 10.35 -14.86
CA ALA A 35 -16.72 9.25 -14.14
C ALA A 35 -17.46 9.75 -12.90
N LEU A 36 -16.90 10.77 -12.24
CA LEU A 36 -17.51 11.34 -11.05
C LEU A 36 -18.70 12.23 -11.41
N GLU A 37 -18.74 12.68 -12.66
CA GLU A 37 -19.87 13.47 -13.15
C GLU A 37 -21.05 12.55 -13.45
N VAL A 38 -20.74 11.29 -13.75
CA VAL A 38 -21.76 10.27 -13.96
C VAL A 38 -22.18 9.68 -12.62
N PHE A 39 -21.20 9.34 -11.79
CA PHE A 39 -21.45 8.76 -10.48
C PHE A 39 -20.71 9.55 -9.41
N PRO A 40 -21.44 10.42 -8.70
CA PRO A 40 -20.86 11.24 -7.63
C PRO A 40 -20.45 10.42 -6.41
N GLU A 41 -21.07 9.26 -6.21
CA GLU A 41 -20.78 8.43 -5.05
C GLU A 41 -19.83 7.27 -5.38
N PHE A 42 -19.05 7.44 -6.45
CA PHE A 42 -18.07 6.43 -6.84
C PHE A 42 -16.81 6.57 -5.99
N ALA A 43 -16.68 5.72 -4.99
CA ALA A 43 -15.57 5.78 -4.04
C ALA A 43 -14.22 5.56 -4.72
N ALA A 44 -14.17 4.59 -5.63
CA ALA A 44 -12.92 4.25 -6.32
C ALA A 44 -12.41 5.40 -7.18
N ALA A 45 -13.34 6.10 -7.84
CA ALA A 45 -12.97 7.22 -8.69
C ALA A 45 -12.35 8.35 -7.88
N HIS A 46 -12.93 8.63 -6.71
CA HIS A 46 -12.40 9.65 -5.82
C HIS A 46 -11.00 9.27 -5.36
N SER A 47 -10.84 8.01 -4.94
CA SER A 47 -9.56 7.50 -4.47
C SER A 47 -8.50 7.56 -5.57
N ASN A 48 -8.86 7.08 -6.75
CA ASN A 48 -7.95 7.05 -7.88
C ASN A 48 -7.52 8.44 -8.35
N LEU A 49 -8.51 9.32 -8.54
CA LEU A 49 -8.24 10.70 -8.95
C LEU A 49 -7.30 11.39 -7.96
N ALA A 50 -7.54 11.16 -6.67
CA ALA A 50 -6.71 11.74 -5.62
C ALA A 50 -5.29 11.18 -5.69
N SER A 51 -5.17 9.91 -6.05
CA SER A 51 -3.86 9.27 -6.18
C SER A 51 -3.08 9.86 -7.36
N VAL A 52 -3.80 10.34 -8.36
CA VAL A 52 -3.19 10.97 -9.52
C VAL A 52 -2.87 12.43 -9.21
N LEU A 53 -3.80 13.12 -8.56
CA LEU A 53 -3.59 14.50 -8.14
C LEU A 53 -2.42 14.60 -7.16
N GLN A 54 -2.19 13.53 -6.41
CA GLN A 54 -1.09 13.49 -5.46
C GLN A 54 0.26 13.48 -6.18
N GLN A 55 0.31 12.76 -7.31
CA GLN A 55 1.52 12.73 -8.14
C GLN A 55 1.77 14.11 -8.71
N GLN A 56 0.70 14.79 -9.10
CA GLN A 56 0.79 16.09 -9.75
C GLN A 56 1.21 17.20 -8.78
N GLY A 57 1.14 16.91 -7.49
CA GLY A 57 1.49 17.90 -6.48
C GLY A 57 0.28 18.71 -6.05
N LYS A 58 -0.89 18.33 -6.56
CA LYS A 58 -2.15 18.97 -6.16
C LYS A 58 -2.68 18.35 -4.87
N LEU A 59 -1.91 18.50 -3.80
CA LEU A 59 -2.19 17.82 -2.54
C LEU A 59 -3.52 18.21 -1.90
N GLN A 60 -3.73 19.52 -1.74
CA GLN A 60 -4.95 20.02 -1.10
C GLN A 60 -6.21 19.53 -1.82
N GLU A 61 -6.14 19.46 -3.15
CA GLU A 61 -7.25 19.00 -3.95
C GLU A 61 -7.39 17.48 -3.87
N ALA A 62 -6.25 16.80 -3.86
CA ALA A 62 -6.23 15.34 -3.74
C ALA A 62 -6.80 14.93 -2.40
N LEU A 63 -6.38 15.65 -1.35
CA LEU A 63 -6.85 15.41 0.00
C LEU A 63 -8.37 15.48 0.06
N MET A 64 -8.94 16.48 -0.62
CA MET A 64 -10.39 16.67 -0.68
C MET A 64 -11.11 15.44 -1.21
N HIS A 65 -10.52 14.80 -2.23
CA HIS A 65 -11.12 13.62 -2.84
C HIS A 65 -10.93 12.38 -2.00
N TYR A 66 -9.82 12.32 -1.25
CA TYR A 66 -9.57 11.22 -0.33
C TYR A 66 -10.61 11.21 0.77
N LYS A 67 -11.03 12.40 1.19
CA LYS A 67 -12.07 12.54 2.20
C LYS A 67 -13.38 11.94 1.68
N GLU A 68 -13.76 12.35 0.48
CA GLU A 68 -14.98 11.84 -0.16
C GLU A 68 -14.93 10.33 -0.36
N ALA A 69 -13.77 9.83 -0.77
CA ALA A 69 -13.59 8.41 -1.00
C ALA A 69 -13.89 7.60 0.26
N ILE A 70 -13.56 8.19 1.41
CA ILE A 70 -13.73 7.52 2.69
C ILE A 70 -15.15 7.67 3.23
N ARG A 71 -15.75 8.84 3.02
CA ARG A 71 -17.12 9.08 3.44
C ARG A 71 -18.07 8.09 2.78
N ILE A 72 -17.80 7.79 1.52
CA ILE A 72 -18.59 6.83 0.77
C ILE A 72 -18.35 5.41 1.26
N SER A 73 -17.10 4.97 1.18
CA SER A 73 -16.71 3.64 1.64
C SER A 73 -15.79 3.73 2.85
N PRO A 74 -16.34 3.64 4.06
CA PRO A 74 -15.58 3.77 5.30
C PRO A 74 -14.62 2.60 5.56
N THR A 75 -14.78 1.49 4.86
CA THR A 75 -13.89 0.35 5.01
C THR A 75 -12.74 0.41 4.01
N PHE A 76 -12.68 1.49 3.25
CA PHE A 76 -11.61 1.70 2.28
C PHE A 76 -10.31 2.03 3.00
N ALA A 77 -9.70 1.01 3.60
CA ALA A 77 -8.45 1.19 4.33
C ALA A 77 -7.34 1.67 3.40
N ASP A 78 -7.44 1.28 2.13
CA ASP A 78 -6.48 1.69 1.12
C ASP A 78 -6.54 3.21 0.91
N ALA A 79 -7.73 3.77 1.03
CA ALA A 79 -7.93 5.20 0.86
C ALA A 79 -7.39 5.98 2.05
N TYR A 80 -7.48 5.37 3.22
CA TYR A 80 -6.94 5.99 4.44
C TYR A 80 -5.43 6.16 4.33
N SER A 81 -4.75 5.06 4.00
CA SER A 81 -3.29 5.06 3.88
C SER A 81 -2.79 6.10 2.88
N ASN A 82 -3.44 6.16 1.72
CA ASN A 82 -3.07 7.11 0.69
C ASN A 82 -3.35 8.56 1.09
N MET A 83 -4.35 8.76 1.95
CA MET A 83 -4.64 10.09 2.46
C MET A 83 -3.54 10.51 3.44
N GLY A 84 -3.05 9.54 4.21
CA GLY A 84 -1.95 9.78 5.11
C GLY A 84 -0.71 10.22 4.35
N ASN A 85 -0.40 9.50 3.28
CA ASN A 85 0.71 9.85 2.41
C ASN A 85 0.60 11.29 1.93
N THR A 86 -0.61 11.67 1.54
CA THR A 86 -0.88 13.04 1.10
C THR A 86 -0.62 14.02 2.23
N LEU A 87 -1.23 13.78 3.38
CA LEU A 87 -1.05 14.62 4.56
C LEU A 87 0.42 14.69 4.96
N LYS A 88 1.10 13.55 4.87
CA LYS A 88 2.52 13.47 5.21
C LYS A 88 3.33 14.39 4.32
N GLU A 89 2.94 14.46 3.05
CA GLU A 89 3.61 15.31 2.08
C GLU A 89 3.24 16.77 2.33
N MET A 90 2.14 16.98 3.04
CA MET A 90 1.68 18.32 3.38
C MET A 90 2.21 18.76 4.73
N GLN A 91 3.24 18.07 5.20
CA GLN A 91 3.90 18.37 6.47
C GLN A 91 2.99 18.21 7.69
N ASP A 92 1.83 17.61 7.49
CA ASP A 92 0.93 17.30 8.60
C ASP A 92 1.17 15.88 9.08
N VAL A 93 2.32 15.67 9.71
CA VAL A 93 2.72 14.34 10.16
C VAL A 93 1.74 13.78 11.20
N GLN A 94 1.20 14.66 12.03
CA GLN A 94 0.21 14.27 13.04
C GLN A 94 -1.02 13.63 12.40
N GLY A 95 -1.59 14.31 11.41
CA GLY A 95 -2.78 13.83 10.74
C GLY A 95 -2.50 12.61 9.88
N ALA A 96 -1.31 12.56 9.30
CA ALA A 96 -0.90 11.43 8.47
C ALA A 96 -0.80 10.17 9.32
N LEU A 97 -0.23 10.32 10.51
CA LEU A 97 -0.05 9.21 11.43
C LEU A 97 -1.41 8.61 11.79
N GLN A 98 -2.38 9.48 12.01
CA GLN A 98 -3.73 9.07 12.37
C GLN A 98 -4.35 8.22 11.27
N CYS A 99 -4.09 8.60 10.03
CA CYS A 99 -4.63 7.87 8.88
C CYS A 99 -4.11 6.44 8.83
N TYR A 100 -2.81 6.28 9.06
CA TYR A 100 -2.18 4.96 9.03
C TYR A 100 -2.72 4.07 10.14
N THR A 101 -2.78 4.62 11.35
CA THR A 101 -3.27 3.86 12.50
C THR A 101 -4.74 3.48 12.36
N ARG A 102 -5.54 4.40 11.80
CA ARG A 102 -6.95 4.11 11.56
C ARG A 102 -7.11 3.03 10.50
N ALA A 103 -6.26 3.06 9.48
CA ALA A 103 -6.29 2.07 8.42
C ALA A 103 -5.95 0.68 8.95
N ILE A 104 -4.90 0.61 9.75
CA ILE A 104 -4.47 -0.64 10.37
C ILE A 104 -5.57 -1.22 11.26
N GLN A 105 -6.29 -0.34 11.96
CA GLN A 105 -7.32 -0.78 12.88
C GLN A 105 -8.55 -1.34 12.16
N ILE A 106 -8.85 -0.79 10.98
CA ILE A 106 -9.94 -1.30 10.16
C ILE A 106 -9.55 -2.64 9.54
N ASN A 107 -8.31 -2.73 9.08
CA ASN A 107 -7.79 -3.95 8.48
C ASN A 107 -6.37 -4.24 8.94
N PRO A 108 -6.24 -5.08 9.98
CA PRO A 108 -4.94 -5.43 10.57
C PRO A 108 -4.05 -6.23 9.61
N ALA A 109 -4.61 -6.66 8.49
CA ALA A 109 -3.86 -7.41 7.50
C ALA A 109 -3.34 -6.52 6.38
N PHE A 110 -3.73 -5.25 6.41
CA PHE A 110 -3.35 -4.30 5.37
C PHE A 110 -1.88 -3.88 5.50
N ALA A 111 -1.03 -4.50 4.69
CA ALA A 111 0.42 -4.36 4.83
C ALA A 111 0.95 -2.95 4.58
N ASP A 112 0.35 -2.25 3.63
CA ASP A 112 0.85 -0.94 3.22
C ASP A 112 0.79 0.10 4.34
N ALA A 113 -0.28 0.05 5.14
CA ALA A 113 -0.44 0.99 6.24
C ALA A 113 0.63 0.77 7.30
N HIS A 114 1.00 -0.50 7.50
CA HIS A 114 2.07 -0.83 8.43
C HIS A 114 3.40 -0.24 7.97
N SER A 115 3.64 -0.32 6.66
CA SER A 115 4.86 0.24 6.08
C SER A 115 4.90 1.76 6.25
N ASN A 116 3.78 2.40 5.93
CA ASN A 116 3.67 3.85 6.03
C ASN A 116 3.86 4.36 7.46
N LEU A 117 3.36 3.59 8.42
CA LEU A 117 3.55 3.90 9.83
C LEU A 117 5.04 3.82 10.17
N ALA A 118 5.70 2.79 9.65
CA ALA A 118 7.13 2.60 9.86
C ALA A 118 7.92 3.75 9.25
N SER A 119 7.43 4.27 8.14
CA SER A 119 8.09 5.39 7.47
C SER A 119 8.08 6.64 8.35
N ILE A 120 6.95 6.87 9.00
CA ILE A 120 6.82 8.01 9.92
C ILE A 120 7.81 7.89 11.06
N HIS A 121 7.92 6.70 11.63
CA HIS A 121 8.89 6.43 12.69
C HIS A 121 10.32 6.64 12.20
N LYS A 122 10.58 6.18 10.98
CA LYS A 122 11.91 6.27 10.40
C LYS A 122 12.32 7.72 10.19
N ASP A 123 11.41 8.52 9.66
CA ASP A 123 11.67 9.94 9.42
C ASP A 123 11.87 10.67 10.74
N SER A 124 11.27 10.14 11.79
CA SER A 124 11.33 10.78 13.11
C SER A 124 12.42 10.19 13.99
N GLY A 125 13.37 9.48 13.37
CA GLY A 125 14.51 8.96 14.08
C GLY A 125 14.25 7.73 14.93
N ASN A 126 13.00 7.27 14.95
CA ASN A 126 12.61 6.12 15.75
C ASN A 126 12.89 4.82 15.00
N ILE A 127 14.17 4.50 14.84
CA ILE A 127 14.57 3.36 14.01
C ILE A 127 14.03 1.99 14.45
N PRO A 128 14.14 1.65 15.76
CA PRO A 128 13.62 0.33 16.15
C PRO A 128 12.11 0.20 15.95
N GLU A 129 11.37 1.30 16.08
CA GLU A 129 9.93 1.27 15.84
C GLU A 129 9.64 1.10 14.37
N ALA A 130 10.45 1.74 13.53
CA ALA A 130 10.32 1.62 12.08
C ALA A 130 10.61 0.19 11.65
N ILE A 131 11.69 -0.37 12.18
CA ILE A 131 12.08 -1.76 11.89
C ILE A 131 10.97 -2.72 12.26
N ALA A 132 10.38 -2.52 13.43
CA ALA A 132 9.33 -3.40 13.93
C ALA A 132 8.10 -3.43 13.02
N SER A 133 7.71 -2.25 12.55
CA SER A 133 6.52 -2.14 11.70
C SER A 133 6.81 -2.63 10.27
N TYR A 134 8.03 -2.39 9.80
CA TYR A 134 8.43 -2.86 8.48
C TYR A 134 8.39 -4.38 8.40
N ARG A 135 8.77 -5.04 9.50
CA ARG A 135 8.75 -6.50 9.56
C ARG A 135 7.31 -6.99 9.55
N THR A 136 6.42 -6.25 10.20
CA THR A 136 5.00 -6.59 10.22
C THR A 136 4.43 -6.43 8.81
N ALA A 137 4.79 -5.34 8.16
CA ALA A 137 4.39 -5.08 6.78
C ALA A 137 4.85 -6.22 5.89
N LEU A 138 6.08 -6.66 6.11
CA LEU A 138 6.68 -7.72 5.30
C LEU A 138 6.14 -9.11 5.63
N LYS A 139 5.68 -9.29 6.87
CA LYS A 139 5.13 -10.58 7.27
C LYS A 139 3.73 -10.76 6.66
N LEU A 140 3.04 -9.64 6.44
CA LEU A 140 1.75 -9.65 5.79
C LEU A 140 1.91 -9.83 4.28
N LYS A 141 2.68 -8.93 3.68
CA LYS A 141 2.98 -9.01 2.25
C LYS A 141 4.48 -9.20 2.04
N PRO A 142 4.91 -10.45 1.84
CA PRO A 142 6.33 -10.79 1.65
C PRO A 142 6.93 -10.13 0.40
N ASP A 143 6.15 -10.07 -0.68
CA ASP A 143 6.59 -9.36 -1.87
C ASP A 143 6.27 -7.88 -1.74
N PHE A 144 7.11 -7.18 -0.98
CA PHE A 144 6.89 -5.77 -0.70
C PHE A 144 8.23 -5.05 -0.81
N PRO A 145 8.60 -4.66 -2.04
CA PRO A 145 9.89 -4.02 -2.34
C PRO A 145 10.14 -2.75 -1.54
N ASP A 146 9.12 -1.91 -1.40
CA ASP A 146 9.26 -0.66 -0.64
C ASP A 146 9.59 -0.92 0.83
N ALA A 147 8.85 -1.85 1.43
CA ALA A 147 9.06 -2.19 2.83
C ALA A 147 10.42 -2.84 3.05
N TYR A 148 10.80 -3.71 2.13
CA TYR A 148 12.08 -4.43 2.24
C TYR A 148 13.27 -3.49 2.13
N CYS A 149 13.24 -2.60 1.13
CA CYS A 149 14.34 -1.69 0.88
C CYS A 149 14.46 -0.63 1.99
N ASN A 150 13.33 -0.22 2.54
CA ASN A 150 13.34 0.73 3.64
C ASN A 150 13.84 0.10 4.92
N LEU A 151 13.38 -1.13 5.19
CA LEU A 151 13.87 -1.88 6.33
C LEU A 151 15.36 -2.11 6.21
N ALA A 152 15.79 -2.43 4.98
CA ALA A 152 17.20 -2.64 4.69
C ALA A 152 18.04 -1.43 5.10
N HIS A 153 17.51 -0.24 4.83
CA HIS A 153 18.22 0.98 5.19
C HIS A 153 18.18 1.22 6.70
N CYS A 154 17.07 0.84 7.33
CA CYS A 154 16.95 0.95 8.78
C CYS A 154 17.98 0.06 9.46
N LEU A 155 18.14 -1.16 8.94
CA LEU A 155 19.12 -2.10 9.45
C LEU A 155 20.53 -1.57 9.19
N GLN A 156 20.69 -0.85 8.08
CA GLN A 156 21.97 -0.26 7.73
C GLN A 156 22.34 0.85 8.71
N ILE A 157 21.33 1.62 9.13
CA ILE A 157 21.53 2.75 10.03
C ILE A 157 22.06 2.32 11.39
N VAL A 158 21.55 1.21 11.90
CA VAL A 158 21.93 0.72 13.22
C VAL A 158 22.88 -0.47 13.17
N CYS A 159 23.49 -0.68 12.01
CA CYS A 159 24.49 -1.74 11.82
C CYS A 159 23.97 -3.14 12.13
N ASP A 160 22.73 -3.41 11.75
CA ASP A 160 22.18 -4.77 11.84
C ASP A 160 22.54 -5.52 10.57
N TRP A 161 23.60 -6.31 10.63
CA TRP A 161 24.09 -7.01 9.45
C TRP A 161 23.65 -8.46 9.41
N THR A 162 22.47 -8.73 9.95
CA THR A 162 21.90 -10.07 9.89
C THR A 162 21.60 -10.45 8.45
N ASP A 163 22.22 -11.53 7.98
CA ASP A 163 22.08 -11.97 6.59
C ASP A 163 22.41 -10.85 5.61
N TYR A 164 23.53 -10.18 5.85
CA TYR A 164 23.92 -9.01 5.07
C TYR A 164 24.11 -9.33 3.60
N ASP A 165 24.90 -10.37 3.31
CA ASP A 165 25.20 -10.74 1.93
C ASP A 165 23.95 -11.16 1.17
N GLU A 166 23.09 -11.93 1.83
CA GLU A 166 21.83 -12.35 1.23
C GLU A 166 20.94 -11.13 0.98
N ARG A 167 20.99 -10.17 1.89
CA ARG A 167 20.18 -8.96 1.79
C ARG A 167 20.65 -8.06 0.66
N MET A 168 21.97 -7.92 0.52
CA MET A 168 22.54 -7.12 -0.56
C MET A 168 22.18 -7.73 -1.90
N LYS A 169 22.06 -9.05 -1.94
CA LYS A 169 21.68 -9.75 -3.16
C LYS A 169 20.23 -9.43 -3.54
N LYS A 170 19.33 -9.47 -2.56
CA LYS A 170 17.92 -9.22 -2.82
C LYS A 170 17.66 -7.76 -3.17
N LEU A 171 18.38 -6.84 -2.53
CA LEU A 171 18.26 -5.42 -2.86
C LEU A 171 18.54 -5.19 -4.33
N VAL A 172 19.66 -5.74 -4.80
CA VAL A 172 20.06 -5.59 -6.19
C VAL A 172 19.03 -6.21 -7.13
N SER A 173 18.58 -7.42 -6.80
CA SER A 173 17.62 -8.12 -7.63
C SER A 173 16.28 -7.41 -7.68
N ILE A 174 15.95 -6.68 -6.61
CA ILE A 174 14.71 -5.91 -6.56
C ILE A 174 14.78 -4.71 -7.51
N VAL A 175 15.87 -3.95 -7.43
CA VAL A 175 16.07 -2.80 -8.30
C VAL A 175 16.20 -3.24 -9.76
N ALA A 176 16.88 -4.37 -9.97
CA ALA A 176 17.05 -4.93 -11.30
C ALA A 176 15.69 -5.28 -11.90
N ASP A 177 14.88 -5.99 -11.13
CA ASP A 177 13.55 -6.39 -11.56
C ASP A 177 12.66 -5.17 -11.84
N GLN A 178 12.79 -4.15 -11.01
CA GLN A 178 11.97 -2.95 -11.14
C GLN A 178 12.37 -2.11 -12.36
N LEU A 179 13.67 -1.95 -12.57
CA LEU A 179 14.17 -1.20 -13.72
C LEU A 179 13.79 -1.90 -15.02
N GLU A 180 13.85 -3.22 -15.01
CA GLU A 180 13.49 -4.02 -16.18
C GLU A 180 12.00 -3.90 -16.47
N LYS A 181 11.23 -3.57 -15.45
CA LYS A 181 9.79 -3.40 -15.58
C LYS A 181 9.39 -1.93 -15.72
N ASN A 182 10.40 -1.07 -15.82
CA ASN A 182 10.19 0.38 -15.98
C ASN A 182 9.45 1.03 -14.81
N ARG A 183 9.56 0.42 -13.63
CA ARG A 183 8.90 0.97 -12.45
C ARG A 183 9.90 1.71 -11.56
N LEU A 184 9.41 2.58 -10.70
CA LEU A 184 10.25 3.37 -9.80
C LEU A 184 10.92 2.49 -8.75
N PRO A 185 12.27 2.45 -8.76
CA PRO A 185 13.07 1.63 -7.85
C PRO A 185 12.80 1.97 -6.39
N SER A 186 12.75 0.94 -5.54
CA SER A 186 12.44 1.12 -4.13
C SER A 186 13.65 1.63 -3.33
N VAL A 187 14.81 1.68 -3.98
CA VAL A 187 15.99 2.24 -3.35
C VAL A 187 16.10 3.73 -3.66
N HIS A 188 16.18 4.54 -2.61
CA HIS A 188 16.32 5.98 -2.75
C HIS A 188 17.71 6.30 -3.30
N PRO A 189 17.80 7.31 -4.18
CA PRO A 189 19.06 7.74 -4.78
C PRO A 189 20.18 8.00 -3.77
N HIS A 190 19.84 8.58 -2.63
CA HIS A 190 20.85 8.88 -1.61
C HIS A 190 21.31 7.63 -0.89
N HIS A 191 20.63 6.51 -1.14
CA HIS A 191 20.96 5.24 -0.49
C HIS A 191 21.64 4.27 -1.44
N SER A 192 21.62 4.57 -2.74
CA SER A 192 22.16 3.67 -3.75
C SER A 192 23.67 3.51 -3.62
N MET A 193 24.31 4.47 -2.95
CA MET A 193 25.75 4.44 -2.75
C MET A 193 26.17 3.38 -1.74
N LEU A 194 25.21 2.92 -0.94
CA LEU A 194 25.50 1.99 0.16
C LEU A 194 25.42 0.53 -0.26
N TYR A 195 24.76 0.27 -1.38
CA TYR A 195 24.50 -1.10 -1.81
C TYR A 195 25.33 -1.46 -3.04
N PRO A 196 25.71 -2.74 -3.18
CA PRO A 196 26.51 -3.19 -4.32
C PRO A 196 25.70 -3.24 -5.62
N LEU A 197 25.06 -2.12 -5.96
CA LEU A 197 24.32 -2.03 -7.21
C LEU A 197 25.29 -1.78 -8.35
N SER A 198 24.78 -1.78 -9.57
CA SER A 198 25.58 -1.43 -10.73
C SER A 198 25.79 0.07 -10.75
N HIS A 199 26.85 0.53 -11.40
CA HIS A 199 27.06 1.96 -11.58
C HIS A 199 25.92 2.49 -12.43
N GLY A 200 25.47 1.66 -13.36
CA GLY A 200 24.36 1.99 -14.22
C GLY A 200 23.03 1.97 -13.49
N PHE A 201 22.89 1.04 -12.56
CA PHE A 201 21.67 0.94 -11.74
C PHE A 201 21.46 2.23 -10.94
N ARG A 202 22.53 2.73 -10.32
CA ARG A 202 22.46 3.93 -9.51
C ARG A 202 22.00 5.14 -10.30
N LYS A 203 22.60 5.34 -11.47
CA LYS A 203 22.24 6.46 -12.32
C LYS A 203 20.78 6.36 -12.77
N ALA A 204 20.35 5.14 -13.07
CA ALA A 204 18.98 4.89 -13.49
C ALA A 204 18.00 5.20 -12.36
N ILE A 205 18.44 4.96 -11.13
CA ILE A 205 17.63 5.30 -9.97
C ILE A 205 17.48 6.80 -9.85
N ALA A 206 18.59 7.51 -10.00
CA ALA A 206 18.57 8.98 -9.96
C ALA A 206 17.72 9.55 -11.08
N GLU A 207 17.70 8.87 -12.23
CA GLU A 207 16.91 9.31 -13.37
C GLU A 207 15.42 9.23 -13.09
N ARG A 208 14.98 8.08 -12.59
CA ARG A 208 13.57 7.87 -12.29
C ARG A 208 13.03 8.92 -11.32
N HIS A 209 13.85 9.26 -10.32
CA HIS A 209 13.46 10.24 -9.33
C HIS A 209 13.49 11.66 -9.90
N GLY A 210 14.38 11.89 -10.86
CA GLY A 210 14.46 13.16 -11.55
C GLY A 210 13.19 13.40 -12.34
N ASN A 211 12.66 12.33 -12.93
CA ASN A 211 11.44 12.42 -13.72
C ASN A 211 10.18 12.64 -12.90
N LEU A 212 10.28 12.39 -11.59
CA LEU A 212 9.16 12.66 -10.68
C LEU A 212 8.96 14.15 -10.55
N CYS A 213 10.01 14.92 -10.78
CA CYS A 213 9.93 16.38 -10.76
C CYS A 213 9.22 16.89 -12.01
N LEU A 214 9.49 16.25 -13.14
CA LEU A 214 8.87 16.63 -14.40
C LEU A 214 7.36 16.50 -14.34
N ASP A 215 6.88 15.47 -13.64
CA ASP A 215 5.45 15.27 -13.46
C ASP A 215 4.83 16.39 -12.64
N LYS A 216 5.57 16.89 -11.66
CA LYS A 216 5.05 17.91 -10.74
C LYS A 216 5.12 19.32 -11.33
N ILE A 217 5.85 19.49 -12.42
CA ILE A 217 5.98 20.80 -13.05
C ILE A 217 5.22 20.89 -14.38
N ASN A 218 4.88 19.74 -14.95
CA ASN A 218 4.11 19.71 -16.19
C ASN A 218 2.67 20.11 -15.95
N VAL A 219 2.25 20.09 -14.69
CA VAL A 219 0.90 20.49 -14.31
C VAL A 219 0.78 22.00 -14.30
N LEU A 220 1.91 22.68 -14.13
CA LEU A 220 1.95 24.13 -14.17
C LEU A 220 1.78 24.64 -15.59
N HIS A 221 2.18 23.80 -16.55
CA HIS A 221 2.11 24.14 -17.97
C HIS A 221 2.82 25.45 -18.29
N LYS A 222 4.03 25.60 -17.76
CA LYS A 222 4.79 26.83 -17.96
C LYS A 222 5.67 26.75 -19.20
N PRO A 223 5.66 27.81 -20.01
CA PRO A 223 6.53 27.91 -21.19
C PRO A 223 7.99 27.96 -20.74
N PRO A 224 8.91 27.52 -21.61
CA PRO A 224 10.34 27.57 -21.28
C PRO A 224 10.78 29.00 -21.03
N TYR A 225 11.61 29.21 -20.00
CA TYR A 225 12.12 30.54 -19.70
C TYR A 225 13.12 30.97 -20.76
N GLU A 226 13.07 32.25 -21.14
CA GLU A 226 14.07 32.80 -22.04
C GLU A 226 15.30 33.23 -21.25
N HIS A 227 16.41 32.54 -21.49
CA HIS A 227 17.63 32.75 -20.73
C HIS A 227 18.51 33.82 -21.34
N PRO A 228 19.32 34.51 -20.51
CA PRO A 228 20.26 35.53 -20.97
C PRO A 228 21.28 35.00 -21.97
N LYS A 229 21.84 35.89 -22.78
CA LYS A 229 22.84 35.53 -23.77
C LYS A 229 24.12 36.33 -23.55
N ASP A 230 24.01 37.37 -22.73
CA ASP A 230 25.14 38.23 -22.40
C ASP A 230 25.08 38.63 -20.92
N LEU A 231 26.00 39.50 -20.52
CA LEU A 231 26.00 40.03 -19.15
C LEU A 231 25.61 41.50 -19.17
N LYS A 232 24.87 41.90 -20.20
CA LYS A 232 24.47 43.29 -20.37
C LYS A 232 23.63 43.81 -19.22
N LEU A 233 22.51 43.15 -18.95
CA LEU A 233 21.61 43.57 -17.88
C LEU A 233 22.23 43.34 -16.52
N SER A 234 23.31 42.54 -16.49
CA SER A 234 23.97 42.18 -15.26
C SER A 234 25.22 43.02 -15.04
N ASP A 235 25.41 44.02 -15.90
CA ASP A 235 26.53 44.95 -15.82
C ASP A 235 27.89 44.25 -15.87
N GLY A 236 28.02 43.28 -16.78
CA GLY A 236 29.27 42.57 -16.96
C GLY A 236 29.56 41.53 -15.90
N ARG A 237 28.63 41.36 -14.97
CA ARG A 237 28.82 40.41 -13.88
C ARG A 237 28.04 39.12 -14.12
N LEU A 238 28.64 37.99 -13.71
CA LEU A 238 27.96 36.71 -13.83
C LEU A 238 27.06 36.49 -12.62
N ARG A 239 25.77 36.29 -12.87
CA ARG A 239 24.81 36.11 -11.80
C ARG A 239 24.67 34.65 -11.39
N VAL A 240 25.29 34.29 -10.28
CA VAL A 240 25.30 32.92 -9.78
C VAL A 240 24.29 32.75 -8.66
N GLY A 241 23.44 31.73 -8.78
CA GLY A 241 22.43 31.45 -7.78
C GLY A 241 22.67 30.17 -7.02
N TYR A 242 22.83 30.30 -5.70
CA TYR A 242 23.03 29.14 -4.83
C TYR A 242 21.72 28.72 -4.17
N VAL A 243 21.22 27.54 -4.53
CA VAL A 243 19.96 27.05 -4.00
C VAL A 243 20.17 25.93 -3.00
N SER A 244 19.86 26.20 -1.73
CA SER A 244 20.00 25.20 -0.68
C SER A 244 18.96 25.37 0.42
N SER A 245 18.66 24.27 1.10
CA SER A 245 17.77 24.29 2.24
C SER A 245 18.61 24.30 3.50
N ASP A 246 19.92 24.44 3.32
CA ASP A 246 20.86 24.26 4.41
C ASP A 246 21.60 25.54 4.78
N PHE A 247 21.00 26.68 4.50
CA PHE A 247 21.55 27.95 4.95
C PHE A 247 21.19 28.16 6.43
N GLY A 248 22.07 27.69 7.30
CA GLY A 248 21.84 27.75 8.74
C GLY A 248 22.73 26.74 9.45
N ASN A 249 22.28 26.26 10.60
CA ASN A 249 23.05 25.26 11.34
C ASN A 249 22.95 23.88 10.69
N HIS A 250 23.63 23.72 9.56
CA HIS A 250 23.65 22.46 8.82
C HIS A 250 25.04 22.25 8.26
N PRO A 251 25.50 20.99 8.17
CA PRO A 251 26.81 20.64 7.62
C PRO A 251 27.21 21.40 6.35
N THR A 252 26.26 21.61 5.45
CA THR A 252 26.53 22.34 4.21
C THR A 252 27.08 23.73 4.49
N SER A 253 26.36 24.49 5.31
CA SER A 253 26.80 25.84 5.67
C SER A 253 28.16 25.84 6.38
N HIS A 254 28.45 24.77 7.10
CA HIS A 254 29.72 24.63 7.80
C HIS A 254 30.91 24.55 6.83
N LEU A 255 30.61 24.14 5.61
CA LEU A 255 31.66 23.99 4.60
C LEU A 255 31.80 25.27 3.79
N MET A 256 30.68 25.83 3.35
CA MET A 256 30.71 26.89 2.35
C MET A 256 30.28 28.30 2.77
N GLN A 257 29.99 28.51 4.05
CA GLN A 257 29.46 29.81 4.52
C GLN A 257 30.29 31.04 4.12
N SER A 258 31.62 30.89 4.07
CA SER A 258 32.47 32.02 3.68
C SER A 258 32.41 32.33 2.19
N ILE A 259 32.16 31.29 1.39
CA ILE A 259 32.29 31.38 -0.07
C ILE A 259 31.52 32.52 -0.77
N PRO A 260 30.22 32.70 -0.47
CA PRO A 260 29.49 33.83 -1.07
C PRO A 260 30.12 35.18 -0.78
N GLY A 261 30.64 35.38 0.43
CA GLY A 261 31.29 36.62 0.80
C GLY A 261 32.64 36.86 0.12
N MET A 262 33.25 35.79 -0.38
CA MET A 262 34.56 35.90 -1.01
C MET A 262 34.50 35.99 -2.53
N HIS A 263 33.30 36.00 -3.09
CA HIS A 263 33.14 36.16 -4.53
C HIS A 263 33.59 37.55 -4.98
N ASN A 264 34.07 37.62 -6.22
CA ASN A 264 34.54 38.88 -6.79
C ASN A 264 33.38 39.74 -7.29
N PRO A 265 33.14 40.88 -6.64
CA PRO A 265 32.00 41.76 -6.93
C PRO A 265 32.18 42.56 -8.22
N ASP A 266 33.28 42.32 -8.93
CA ASP A 266 33.52 43.01 -10.19
C ASP A 266 33.11 42.12 -11.37
N LYS A 267 33.06 40.82 -11.13
CA LYS A 267 32.72 39.86 -12.17
C LYS A 267 31.55 38.98 -11.79
N PHE A 268 31.17 39.01 -10.51
CA PHE A 268 30.13 38.11 -10.02
C PHE A 268 29.10 38.79 -9.12
N GLU A 269 27.83 38.43 -9.32
CA GLU A 269 26.75 38.90 -8.47
C GLU A 269 26.08 37.69 -7.85
N VAL A 270 26.26 37.52 -6.53
CA VAL A 270 25.82 36.31 -5.85
C VAL A 270 24.37 36.38 -5.38
N PHE A 271 23.60 35.35 -5.69
CA PHE A 271 22.22 35.22 -5.24
C PHE A 271 22.06 33.94 -4.44
N CYS A 272 21.76 34.06 -3.15
CA CYS A 272 21.51 32.87 -2.33
C CYS A 272 20.02 32.64 -2.15
N TYR A 273 19.54 31.52 -2.69
CA TYR A 273 18.13 31.17 -2.58
C TYR A 273 17.92 30.12 -1.49
N ALA A 274 17.34 30.55 -0.38
CA ALA A 274 17.11 29.65 0.75
C ALA A 274 15.78 28.90 0.61
N LEU A 275 15.84 27.59 0.76
CA LEU A 275 14.64 26.76 0.70
C LEU A 275 14.09 26.52 2.11
N SER A 276 14.77 27.08 3.11
CA SER A 276 14.39 26.90 4.51
C SER A 276 14.34 28.24 5.22
N PRO A 277 13.48 28.37 6.24
CA PRO A 277 13.35 29.63 6.99
C PRO A 277 14.52 29.90 7.93
N ASP A 278 14.68 31.17 8.31
CA ASP A 278 15.76 31.61 9.17
C ASP A 278 15.71 30.92 10.53
N ASP A 279 16.77 30.20 10.88
CA ASP A 279 16.84 29.52 12.17
C ASP A 279 17.59 30.33 13.22
N GLY A 280 17.92 31.57 12.87
CA GLY A 280 18.52 32.50 13.81
C GLY A 280 19.99 32.28 14.08
N THR A 281 20.52 31.15 13.62
CA THR A 281 21.93 30.83 13.82
C THR A 281 22.81 31.79 13.03
N ASN A 282 24.06 31.93 13.45
CA ASN A 282 24.98 32.86 12.81
C ASN A 282 25.33 32.48 11.38
N PHE A 283 25.18 31.20 11.05
CA PHE A 283 25.45 30.72 9.71
C PHE A 283 24.51 31.38 8.70
N ARG A 284 23.24 31.46 9.08
CA ARG A 284 22.23 32.12 8.25
C ARG A 284 22.52 33.60 8.14
N VAL A 285 23.00 34.18 9.24
CA VAL A 285 23.29 35.61 9.30
C VAL A 285 24.42 35.99 8.35
N LYS A 286 25.50 35.21 8.41
CA LYS A 286 26.70 35.48 7.62
C LYS A 286 26.41 35.47 6.12
N VAL A 287 25.72 34.44 5.66
CA VAL A 287 25.37 34.31 4.25
C VAL A 287 24.46 35.46 3.82
N MET A 288 23.46 35.77 4.64
CA MET A 288 22.55 36.87 4.36
C MET A 288 23.28 38.21 4.28
N ALA A 289 24.30 38.36 5.12
CA ALA A 289 25.05 39.61 5.20
C ALA A 289 26.10 39.76 4.10
N GLU A 290 26.53 38.63 3.54
CA GLU A 290 27.64 38.65 2.60
C GLU A 290 27.24 38.37 1.15
N ALA A 291 26.18 37.59 0.96
CA ALA A 291 25.66 37.37 -0.39
C ALA A 291 25.07 38.67 -0.91
N ASN A 292 25.32 38.97 -2.17
CA ASN A 292 24.81 40.20 -2.78
C ASN A 292 23.30 40.29 -2.65
N HIS A 293 22.63 39.15 -2.81
CA HIS A 293 21.18 39.08 -2.64
C HIS A 293 20.79 37.79 -1.94
N PHE A 294 20.00 37.91 -0.88
CA PHE A 294 19.49 36.73 -0.21
C PHE A 294 17.98 36.63 -0.39
N ILE A 295 17.52 35.51 -0.93
CA ILE A 295 16.10 35.31 -1.21
C ILE A 295 15.56 34.13 -0.43
N ASP A 296 14.54 34.40 0.38
CA ASP A 296 13.90 33.35 1.18
C ASP A 296 12.76 32.72 0.39
N LEU A 297 13.06 31.60 -0.28
CA LEU A 297 12.07 30.91 -1.09
C LEU A 297 11.18 29.99 -0.26
N SER A 298 11.47 29.89 1.03
CA SER A 298 10.64 29.10 1.94
C SER A 298 9.29 29.77 2.12
N GLN A 299 9.24 31.06 1.84
CA GLN A 299 8.00 31.81 1.89
C GLN A 299 7.34 31.87 0.52
N ILE A 300 7.93 31.17 -0.44
CA ILE A 300 7.32 30.98 -1.75
C ILE A 300 7.13 29.49 -2.01
N PRO A 301 6.03 28.93 -1.49
CA PRO A 301 5.76 27.49 -1.56
C PRO A 301 5.61 26.96 -2.99
N CYS A 302 4.88 27.68 -3.83
CA CYS A 302 4.67 27.25 -5.21
C CYS A 302 5.95 27.30 -6.03
N ASN A 303 6.33 26.15 -6.60
CA ASN A 303 7.53 26.05 -7.41
C ASN A 303 7.49 26.95 -8.64
N GLY A 304 6.28 27.22 -9.13
CA GLY A 304 6.09 28.10 -10.27
C GLY A 304 6.52 29.52 -9.96
N LYS A 305 5.98 30.07 -8.89
CA LYS A 305 6.31 31.44 -8.48
C LYS A 305 7.77 31.55 -8.06
N ALA A 306 8.29 30.50 -7.41
CA ALA A 306 9.67 30.48 -6.98
C ALA A 306 10.62 30.52 -8.16
N ALA A 307 10.35 29.70 -9.17
CA ALA A 307 11.18 29.63 -10.37
C ALA A 307 11.09 30.93 -11.16
N ASP A 308 9.93 31.59 -11.08
CA ASP A 308 9.75 32.89 -11.73
C ASP A 308 10.67 33.91 -11.09
N ARG A 309 10.69 33.94 -9.77
CA ARG A 309 11.53 34.87 -9.02
C ARG A 309 13.01 34.70 -9.37
N ILE A 310 13.44 33.45 -9.51
CA ILE A 310 14.81 33.15 -9.90
C ILE A 310 15.12 33.72 -11.28
N HIS A 311 14.22 33.49 -12.22
CA HIS A 311 14.38 33.98 -13.58
C HIS A 311 14.33 35.51 -13.65
N GLN A 312 13.54 36.11 -12.77
CA GLN A 312 13.40 37.56 -12.73
C GLN A 312 14.66 38.23 -12.17
N ASP A 313 15.47 37.46 -11.46
CA ASP A 313 16.73 37.98 -10.93
C ASP A 313 17.82 37.93 -12.00
N GLY A 314 17.57 37.16 -13.06
CA GLY A 314 18.47 37.08 -14.19
C GLY A 314 19.67 36.19 -13.98
N ILE A 315 19.44 35.04 -13.34
CA ILE A 315 20.52 34.11 -13.01
C ILE A 315 21.08 33.41 -14.24
N HIS A 316 22.40 33.43 -14.39
CA HIS A 316 23.06 32.74 -15.48
C HIS A 316 23.40 31.30 -15.06
N ILE A 317 23.98 31.16 -13.87
CA ILE A 317 24.31 29.84 -13.34
C ILE A 317 23.59 29.57 -12.03
N LEU A 318 22.71 28.57 -12.03
CA LEU A 318 21.97 28.20 -10.84
C LEU A 318 22.55 26.93 -10.24
N VAL A 319 22.92 26.99 -8.97
CA VAL A 319 23.63 25.89 -8.32
C VAL A 319 22.72 25.08 -7.39
N ASN A 320 22.66 23.77 -7.64
CA ASN A 320 21.91 22.85 -6.78
C ASN A 320 22.80 22.30 -5.67
N MET A 321 22.52 22.73 -4.43
CA MET A 321 23.31 22.30 -3.29
C MET A 321 22.56 21.26 -2.46
N ASN A 322 21.55 20.65 -3.07
CA ASN A 322 20.72 19.69 -2.36
C ASN A 322 20.65 18.33 -3.03
N GLY A 323 20.41 18.33 -4.34
CA GLY A 323 20.26 17.09 -5.07
C GLY A 323 19.10 16.28 -4.53
N TYR A 324 19.38 15.08 -4.04
CA TYR A 324 18.34 14.23 -3.47
C TYR A 324 18.51 14.11 -1.96
N THR A 325 18.55 15.25 -1.29
CA THR A 325 18.64 15.28 0.16
C THR A 325 17.40 15.93 0.77
N LYS A 326 17.33 15.92 2.09
CA LYS A 326 16.21 16.48 2.82
C LYS A 326 16.10 17.98 2.58
N GLY A 327 14.92 18.42 2.16
CA GLY A 327 14.66 19.84 1.97
C GLY A 327 14.84 20.31 0.53
N ALA A 328 15.25 19.40 -0.34
CA ALA A 328 15.46 19.72 -1.74
C ALA A 328 14.14 20.04 -2.44
N ARG A 329 14.19 21.00 -3.36
CA ARG A 329 13.06 21.33 -4.21
C ARG A 329 13.51 21.31 -5.67
N ASN A 330 13.81 20.11 -6.17
CA ASN A 330 14.39 19.95 -7.51
C ASN A 330 13.44 20.34 -8.64
N GLU A 331 12.18 20.60 -8.30
CA GLU A 331 11.21 21.06 -9.28
C GLU A 331 11.61 22.42 -9.82
N LEU A 332 12.38 23.16 -9.03
CA LEU A 332 12.88 24.47 -9.44
C LEU A 332 13.81 24.33 -10.64
N PHE A 333 14.74 23.39 -10.54
CA PHE A 333 15.70 23.15 -11.61
C PHE A 333 15.07 22.45 -12.80
N ALA A 334 14.02 21.67 -12.54
CA ALA A 334 13.28 21.01 -13.59
C ALA A 334 12.59 22.02 -14.50
N LEU A 335 12.26 23.17 -13.93
CA LEU A 335 11.61 24.25 -14.67
C LEU A 335 12.60 25.06 -15.51
N ARG A 336 13.89 24.85 -15.23
CA ARG A 336 14.97 25.50 -15.95
C ARG A 336 14.84 27.02 -16.04
N PRO A 337 14.96 27.74 -14.91
CA PRO A 337 14.91 29.20 -14.96
C PRO A 337 16.27 29.80 -15.34
N ALA A 338 17.30 28.96 -15.35
CA ALA A 338 18.64 29.41 -15.69
C ALA A 338 19.20 28.60 -16.85
N PRO A 339 20.06 29.22 -17.68
CA PRO A 339 20.66 28.51 -18.82
C PRO A 339 21.70 27.47 -18.41
N ILE A 340 22.39 27.71 -17.31
CA ILE A 340 23.38 26.78 -16.79
C ILE A 340 23.03 26.36 -15.36
N GLN A 341 22.90 25.06 -15.14
CA GLN A 341 22.53 24.56 -13.82
C GLN A 341 23.43 23.40 -13.37
N ALA A 342 24.15 23.60 -12.28
CA ALA A 342 25.13 22.63 -11.83
C ALA A 342 24.86 22.09 -10.42
N MET A 343 25.25 20.83 -10.20
CA MET A 343 25.25 20.23 -8.87
C MET A 343 26.53 20.66 -8.17
N TRP A 344 26.47 20.84 -6.85
CA TRP A 344 27.67 21.25 -6.13
C TRP A 344 27.63 20.93 -4.63
N LEU A 345 28.65 20.20 -4.17
CA LEU A 345 28.93 20.02 -2.74
C LEU A 345 27.88 19.25 -1.94
N GLY A 346 26.62 19.62 -2.09
CA GLY A 346 25.55 19.09 -1.25
C GLY A 346 25.24 17.62 -1.41
N TYR A 347 25.05 17.18 -2.65
CA TYR A 347 24.68 15.79 -2.92
C TYR A 347 25.83 15.02 -3.56
N PRO A 348 26.28 13.94 -2.89
CA PRO A 348 27.45 13.17 -3.30
C PRO A 348 27.14 12.13 -4.36
N GLY A 349 26.30 12.48 -5.34
CA GLY A 349 25.96 11.58 -6.41
C GLY A 349 25.44 12.32 -7.63
N THR A 350 25.11 11.58 -8.68
CA THR A 350 24.55 12.17 -9.88
C THR A 350 23.05 12.38 -9.68
N SER A 351 22.51 13.43 -10.29
CA SER A 351 21.08 13.70 -10.22
C SER A 351 20.33 12.85 -11.22
N GLY A 352 21.04 12.35 -12.23
CA GLY A 352 20.47 11.51 -13.25
C GLY A 352 19.41 12.22 -14.08
N ALA A 353 19.35 13.53 -13.96
CA ALA A 353 18.26 14.31 -14.55
C ALA A 353 18.71 15.13 -15.75
N LEU A 354 17.78 15.35 -16.67
CA LEU A 354 18.06 16.12 -17.88
C LEU A 354 18.26 17.59 -17.55
N PHE A 355 17.55 18.08 -16.55
CA PHE A 355 17.57 19.49 -16.21
C PHE A 355 18.81 19.91 -15.44
N MET A 356 19.73 18.97 -15.24
CA MET A 356 21.00 19.28 -14.60
C MET A 356 22.15 19.07 -15.59
N ASP A 357 22.89 20.15 -15.85
CA ASP A 357 23.90 20.14 -16.91
C ASP A 357 25.27 19.67 -16.42
N TYR A 358 25.85 20.41 -15.49
CA TYR A 358 27.17 20.08 -14.97
C TYR A 358 27.10 19.50 -13.55
N ILE A 359 28.17 18.81 -13.17
CA ILE A 359 28.35 18.40 -11.78
C ILE A 359 29.76 18.77 -11.32
N ILE A 360 29.85 19.76 -10.44
CA ILE A 360 31.14 20.26 -9.98
C ILE A 360 31.85 19.23 -9.11
N THR A 361 32.92 18.65 -9.65
CA THR A 361 33.70 17.64 -8.95
C THR A 361 35.19 17.88 -9.20
N ASP A 362 35.97 16.81 -9.24
CA ASP A 362 37.40 16.92 -9.55
C ASP A 362 37.97 15.63 -10.15
N GLN A 363 39.22 15.70 -10.60
CA GLN A 363 39.89 14.57 -11.23
C GLN A 363 39.96 13.34 -10.32
N GLU A 364 40.10 13.58 -9.02
CA GLU A 364 40.24 12.51 -8.05
C GLU A 364 38.89 11.85 -7.71
N THR A 365 37.91 12.68 -7.37
CA THR A 365 36.60 12.18 -6.97
C THR A 365 35.89 11.51 -8.14
N SER A 366 35.98 12.14 -9.31
CA SER A 366 35.33 11.62 -10.50
C SER A 366 36.29 11.58 -11.68
N PRO A 367 37.18 10.57 -11.71
CA PRO A 367 38.10 10.42 -12.84
C PRO A 367 37.35 10.23 -14.15
N ALA A 368 37.97 10.61 -15.26
CA ALA A 368 37.29 10.67 -16.55
C ALA A 368 36.79 9.31 -17.05
N GLU A 369 37.40 8.22 -16.56
CA GLU A 369 37.02 6.89 -17.03
C GLU A 369 35.72 6.37 -16.40
N VAL A 370 35.21 7.09 -15.40
CA VAL A 370 33.94 6.72 -14.79
C VAL A 370 32.91 7.84 -14.90
N ALA A 371 32.96 8.58 -16.00
CA ALA A 371 32.01 9.66 -16.24
C ALA A 371 30.65 9.11 -16.68
N GLU A 372 30.61 7.82 -16.97
CA GLU A 372 29.38 7.17 -17.40
C GLU A 372 28.44 6.88 -16.22
N GLN A 373 28.92 7.13 -15.01
CA GLN A 373 28.09 6.93 -13.83
C GLN A 373 27.39 8.23 -13.45
N TYR A 374 27.64 9.27 -14.23
CA TYR A 374 26.94 10.54 -14.08
C TYR A 374 26.12 10.82 -15.34
N SER A 375 25.03 11.57 -15.17
CA SER A 375 24.25 12.00 -16.33
C SER A 375 24.75 13.37 -16.76
N GLU A 376 25.22 14.14 -15.79
CA GLU A 376 25.71 15.49 -16.04
C GLU A 376 27.13 15.42 -16.61
N LYS A 377 27.56 16.52 -17.22
CA LYS A 377 28.94 16.63 -17.69
C LYS A 377 29.84 17.02 -16.54
N LEU A 378 30.99 16.37 -16.43
CA LEU A 378 31.93 16.65 -15.36
C LEU A 378 32.49 18.07 -15.45
N ALA A 379 32.62 18.72 -14.30
CA ALA A 379 33.20 20.05 -14.25
C ALA A 379 34.25 20.10 -13.15
N TYR A 380 35.49 19.77 -13.50
CA TYR A 380 36.55 19.61 -12.51
C TYR A 380 36.98 20.92 -11.86
N MET A 381 37.05 20.91 -10.54
CA MET A 381 37.78 21.92 -9.80
C MET A 381 39.24 21.48 -9.86
N PRO A 382 40.18 22.42 -9.70
CA PRO A 382 41.61 22.08 -9.80
C PRO A 382 42.02 20.93 -8.87
N HIS A 383 41.96 21.15 -7.56
CA HIS A 383 42.45 20.17 -6.61
C HIS A 383 41.34 19.26 -6.06
N THR A 384 40.39 19.85 -5.35
CA THR A 384 39.24 19.08 -4.86
C THR A 384 37.99 19.93 -4.80
N PHE A 385 36.85 19.34 -5.14
CA PHE A 385 35.58 20.05 -5.13
C PHE A 385 35.15 20.35 -3.70
N PHE A 386 35.68 19.58 -2.77
CA PHE A 386 35.30 19.73 -1.37
C PHE A 386 36.02 20.91 -0.72
N ILE A 387 35.29 21.61 0.15
CA ILE A 387 35.80 22.76 0.86
C ILE A 387 35.27 22.69 2.28
N GLY A 388 35.98 23.34 3.21
CA GLY A 388 35.54 23.43 4.59
C GLY A 388 35.88 24.80 5.16
N ASP A 389 35.05 25.28 6.08
CA ASP A 389 35.24 26.62 6.63
C ASP A 389 35.95 26.56 7.97
N HIS A 390 36.64 25.46 8.22
CA HIS A 390 37.27 25.22 9.52
C HIS A 390 38.25 26.33 9.88
N ALA A 391 38.91 26.87 8.85
CA ALA A 391 39.85 27.96 9.05
C ALA A 391 39.18 29.17 9.70
N ASN A 392 37.95 29.44 9.29
CA ASN A 392 37.18 30.55 9.84
C ASN A 392 36.45 30.17 11.12
N MET A 393 35.83 28.98 11.12
CA MET A 393 35.02 28.55 12.25
C MET A 393 35.84 28.21 13.49
N PHE A 394 36.97 27.54 13.30
CA PHE A 394 37.81 27.13 14.43
C PHE A 394 39.26 27.58 14.31
N PRO A 395 39.52 28.89 14.35
CA PRO A 395 40.90 29.37 14.25
C PRO A 395 41.67 29.11 15.55
N HIS A 396 40.95 28.72 16.60
CA HIS A 396 41.58 28.42 17.89
C HIS A 396 42.26 27.06 17.87
N LEU A 397 41.99 26.28 16.83
CA LEU A 397 42.59 24.96 16.70
C LEU A 397 43.80 24.99 15.77
N LYS A 398 44.18 26.20 15.36
CA LYS A 398 45.31 26.38 14.44
C LYS A 398 46.63 26.14 15.16
N LYS A 399 46.64 26.41 16.46
CA LYS A 399 47.82 26.17 17.29
C LYS A 399 47.41 25.51 18.61
N LYS A 400 48.18 24.52 19.05
CA LYS A 400 47.88 23.82 20.28
C LYS A 400 49.08 23.76 21.24
N ALA A 401 48.80 23.30 22.46
CA ALA A 401 49.84 23.08 23.46
C ALA A 401 49.49 21.81 24.22
N VAL A 402 50.46 21.25 24.94
CA VAL A 402 50.22 20.02 25.70
C VAL A 402 50.67 20.10 27.15
N ILE A 403 50.34 19.08 27.91
CA ILE A 403 50.77 18.98 29.30
C ILE A 403 51.39 17.62 29.56
N ASP A 404 52.60 17.62 30.11
CA ASP A 404 53.34 16.39 30.36
C ASP A 404 52.96 15.79 31.72
N PHE A 405 53.24 14.51 31.91
CA PHE A 405 52.90 13.83 33.16
C PHE A 405 53.77 12.58 33.42
N LYS A 406 55.07 12.78 33.57
CA LYS A 406 55.98 11.67 33.82
C LYS A 406 55.73 11.06 35.19
N ILE A 411 56.85 12.70 25.42
CA ILE A 411 55.99 13.86 25.23
C ILE A 411 55.10 13.68 24.00
N TYR A 412 53.82 13.45 24.24
CA TYR A 412 52.86 13.21 23.16
C TYR A 412 52.12 14.49 22.79
N ASP A 413 51.29 14.42 21.74
CA ASP A 413 50.58 15.60 21.26
C ASP A 413 49.07 15.40 21.25
N ASN A 414 48.59 14.43 22.03
CA ASN A 414 47.17 14.10 22.01
C ASN A 414 46.64 13.50 23.31
N ARG A 415 47.41 13.68 24.39
CA ARG A 415 46.98 13.20 25.70
C ARG A 415 46.18 14.28 26.42
N ILE A 416 46.81 15.44 26.59
CA ILE A 416 46.16 16.60 27.19
C ILE A 416 46.49 17.83 26.34
N VAL A 417 45.47 18.38 25.70
CA VAL A 417 45.67 19.46 24.73
C VAL A 417 44.98 20.75 25.15
N LEU A 418 45.65 21.88 24.92
CA LEU A 418 45.08 23.19 25.17
C LEU A 418 44.99 24.01 23.89
N ASN A 419 43.80 24.52 23.59
CA ASN A 419 43.62 25.43 22.47
C ASN A 419 43.02 26.75 22.95
N GLY A 420 43.36 27.84 22.26
CA GLY A 420 42.84 29.14 22.63
C GLY A 420 43.45 30.28 21.86
N ILE A 421 42.65 31.32 21.61
CA ILE A 421 43.12 32.50 20.89
C ILE A 421 44.22 33.20 21.66
N ASP A 422 44.07 33.25 22.99
CA ASP A 422 45.05 33.91 23.85
C ASP A 422 45.95 32.90 24.54
N LEU A 423 46.18 31.76 23.90
CA LEU A 423 46.97 30.69 24.50
C LEU A 423 48.44 31.07 24.63
N LYS A 424 49.00 31.71 23.61
CA LYS A 424 50.40 32.08 23.63
C LYS A 424 50.68 33.18 24.66
N ALA A 425 49.66 33.99 24.93
CA ALA A 425 49.77 35.01 25.97
C ALA A 425 49.70 34.37 27.35
N PHE A 426 49.02 33.23 27.43
CA PHE A 426 48.88 32.50 28.68
C PHE A 426 50.15 31.73 29.02
N LEU A 427 50.78 31.15 27.99
CA LEU A 427 52.00 30.38 28.19
C LEU A 427 53.15 31.28 28.63
N ASP A 428 53.07 32.56 28.33
CA ASP A 428 54.10 33.52 28.74
C ASP A 428 54.02 33.83 30.23
N SER A 429 52.92 33.43 30.86
CA SER A 429 52.76 33.63 32.30
C SER A 429 53.34 32.45 33.07
N LEU A 430 53.50 31.33 32.38
CA LEU A 430 54.03 30.11 32.99
C LEU A 430 55.55 30.11 32.95
N PRO A 431 56.19 29.69 34.06
CA PRO A 431 57.65 29.73 34.21
C PRO A 431 58.42 28.77 33.31
N ASP A 432 58.12 27.48 33.36
CA ASP A 432 58.93 26.47 32.70
C ASP A 432 58.29 25.88 31.45
N VAL A 433 57.99 26.72 30.46
CA VAL A 433 57.40 26.25 29.21
C VAL A 433 58.45 25.71 28.25
N LYS A 434 58.39 24.42 27.96
CA LYS A 434 59.28 23.80 26.99
C LYS A 434 58.71 23.90 25.59
N ILE A 435 59.56 24.27 24.63
CA ILE A 435 59.12 24.43 23.24
C ILE A 435 59.63 23.32 22.34
N VAL A 436 58.82 22.28 22.16
CA VAL A 436 59.18 21.17 21.29
C VAL A 436 59.02 21.56 19.83
N LYS A 437 60.05 21.29 19.04
CA LYS A 437 60.07 21.69 17.63
C LYS A 437 59.51 20.61 16.69
N MET A 438 58.61 21.01 15.81
CA MET A 438 58.08 20.14 14.77
C MET A 438 58.97 20.23 13.54
N LYS A 439 58.73 19.37 12.56
CA LYS A 439 59.47 19.46 11.29
C LYS A 439 58.66 19.06 10.06
N CYS A 440 58.53 20.01 9.13
CA CYS A 440 57.82 19.82 7.87
C CYS A 440 56.45 19.15 8.01
N ALA A 453 59.72 26.37 11.71
CA ALA A 453 58.95 27.56 12.04
C ALA A 453 57.74 27.23 12.93
N LEU A 454 57.44 25.94 13.04
CA LEU A 454 56.33 25.49 13.88
C LEU A 454 56.81 24.91 15.20
N ASN A 455 55.97 25.03 16.23
CA ASN A 455 56.34 24.61 17.57
C ASN A 455 55.15 24.10 18.37
N MET A 456 55.42 23.24 19.35
CA MET A 456 54.39 22.77 20.26
C MET A 456 54.82 22.95 21.70
N PRO A 457 54.28 23.97 22.38
CA PRO A 457 54.59 24.25 23.78
C PRO A 457 54.14 23.11 24.69
N VAL A 458 55.02 22.68 25.58
CA VAL A 458 54.70 21.62 26.52
C VAL A 458 54.74 22.15 27.95
N ILE A 459 53.73 21.83 28.73
CA ILE A 459 53.67 22.22 30.14
C ILE A 459 54.09 21.07 31.03
N PRO A 460 55.11 21.30 31.88
CA PRO A 460 55.60 20.29 32.81
C PRO A 460 54.61 20.05 33.94
N MET A 461 54.68 18.88 34.57
CA MET A 461 53.75 18.53 35.63
C MET A 461 54.05 19.31 36.91
N ASN A 462 53.53 20.53 36.98
CA ASN A 462 53.70 21.38 38.17
C ASN A 462 52.36 21.72 38.80
N THR A 463 52.36 22.62 39.78
CA THR A 463 51.15 22.99 40.51
C THR A 463 50.08 23.59 39.59
N ILE A 464 50.52 24.29 38.55
CA ILE A 464 49.59 24.88 37.58
C ILE A 464 49.01 23.80 36.68
N ALA A 465 49.86 22.88 36.23
CA ALA A 465 49.41 21.78 35.39
C ALA A 465 48.49 20.84 36.17
N GLU A 466 48.81 20.61 37.44
CA GLU A 466 48.00 19.75 38.29
C GLU A 466 46.64 20.38 38.60
N ALA A 467 46.59 21.71 38.55
CA ALA A 467 45.35 22.44 38.78
C ALA A 467 44.38 22.22 37.63
N VAL A 468 44.92 22.04 36.43
CA VAL A 468 44.12 21.79 35.25
C VAL A 468 43.56 20.38 35.25
N ILE A 469 44.39 19.41 35.60
CA ILE A 469 43.96 18.01 35.70
C ILE A 469 42.90 17.91 36.78
N GLU A 470 43.07 18.68 37.85
CA GLU A 470 42.11 18.76 38.93
C GLU A 470 40.74 19.15 38.38
N MET A 471 40.70 20.23 37.60
CA MET A 471 39.47 20.70 36.99
C MET A 471 38.83 19.61 36.14
N ILE A 472 39.64 18.95 35.32
CA ILE A 472 39.17 17.88 34.45
C ILE A 472 38.61 16.71 35.26
N ASN A 473 39.43 16.19 36.17
CA ASN A 473 39.03 15.04 36.99
C ASN A 473 37.82 15.30 37.87
N ARG A 474 37.77 16.49 38.47
CA ARG A 474 36.64 16.88 39.31
C ARG A 474 35.37 17.03 38.49
N GLY A 475 35.53 17.48 37.25
CA GLY A 475 34.40 17.71 36.38
C GLY A 475 33.95 19.16 36.43
N GLN A 476 34.84 20.02 36.91
CA GLN A 476 34.56 21.44 37.02
C GLN A 476 34.38 22.10 35.66
N ILE A 477 33.55 23.13 35.60
CA ILE A 477 33.28 23.85 34.37
C ILE A 477 34.53 24.56 33.86
N GLN A 478 35.20 25.28 34.76
CA GLN A 478 36.36 26.08 34.38
C GLN A 478 37.13 26.54 35.62
N ILE A 479 38.36 26.98 35.41
CA ILE A 479 39.17 27.53 36.49
C ILE A 479 39.83 28.82 36.05
N THR A 480 40.67 29.39 36.91
CA THR A 480 41.39 30.62 36.58
C THR A 480 42.85 30.54 36.97
N ILE A 481 43.72 30.54 35.97
CA ILE A 481 45.16 30.51 36.19
C ILE A 481 45.81 31.79 35.68
N ASN A 482 46.39 32.55 36.60
CA ASN A 482 47.04 33.83 36.27
C ASN A 482 46.12 34.81 35.54
N GLY A 483 44.84 34.79 35.90
CA GLY A 483 43.87 35.70 35.30
C GLY A 483 43.33 35.22 33.97
N PHE A 484 43.79 34.07 33.52
CA PHE A 484 43.33 33.49 32.25
C PHE A 484 42.17 32.53 32.48
N SER A 485 41.26 32.49 31.51
CA SER A 485 40.08 31.64 31.60
C SER A 485 40.36 30.26 31.03
N ILE A 486 40.57 29.29 31.92
CA ILE A 486 40.85 27.91 31.51
C ILE A 486 39.59 27.06 31.55
N SER A 487 39.10 26.67 30.38
CA SER A 487 37.80 25.99 30.26
C SER A 487 37.91 24.48 30.12
N ASN A 488 36.86 23.78 30.54
CA ASN A 488 36.76 22.34 30.36
C ASN A 488 36.13 22.05 29.00
N GLY A 489 36.73 21.13 28.25
CA GLY A 489 36.28 20.80 26.91
C GLY A 489 34.89 20.21 26.83
N LEU A 490 34.42 19.64 27.95
CA LEU A 490 33.11 19.01 27.98
C LEU A 490 32.01 20.01 28.30
N ALA A 491 32.40 21.19 28.77
CA ALA A 491 31.43 22.17 29.24
C ALA A 491 31.39 23.45 28.40
N THR A 492 31.78 23.33 27.13
CA THR A 492 31.81 24.49 26.24
C THR A 492 30.41 25.04 25.99
N THR A 493 29.42 24.16 26.05
CA THR A 493 28.03 24.54 25.81
C THR A 493 27.41 25.25 27.01
N GLN A 494 28.08 25.16 28.16
CA GLN A 494 27.61 25.81 29.38
C GLN A 494 28.33 27.14 29.58
N ILE A 495 29.40 27.36 28.82
CA ILE A 495 30.17 28.58 28.90
C ILE A 495 29.76 29.56 27.81
N ASN A 496 29.64 29.06 26.59
CA ASN A 496 29.22 29.87 25.46
C ASN A 496 28.59 29.00 24.38
N ASN A 497 27.27 28.84 24.46
CA ASN A 497 26.52 27.99 23.55
C ASN A 497 26.76 28.30 22.08
N LYS A 498 26.95 29.59 21.78
CA LYS A 498 27.26 30.02 20.43
C LYS A 498 28.59 29.43 19.96
N ALA A 499 29.58 29.46 20.86
CA ALA A 499 30.90 28.95 20.54
C ALA A 499 30.89 27.43 20.35
N ALA A 500 29.97 26.76 21.03
CA ALA A 500 29.89 25.31 20.96
C ALA A 500 29.36 24.80 19.63
N THR A 501 28.44 25.55 19.03
CA THR A 501 27.88 25.17 17.74
C THR A 501 28.77 25.61 16.60
N GLY A 502 29.81 26.38 16.92
CA GLY A 502 30.73 26.87 15.91
C GLY A 502 30.28 28.21 15.35
N GLU A 503 29.19 28.74 15.90
CA GLU A 503 28.67 30.03 15.47
C GLU A 503 29.61 31.15 15.87
N GLU A 504 30.29 30.97 17.00
CA GLU A 504 31.30 31.92 17.44
C GLU A 504 32.63 31.21 17.69
N VAL A 505 33.69 31.99 17.82
CA VAL A 505 34.98 31.45 18.19
C VAL A 505 35.16 31.59 19.70
N PRO A 506 35.44 30.48 20.39
CA PRO A 506 35.61 30.45 21.84
C PRO A 506 36.55 31.56 22.32
N ARG A 507 36.14 32.28 23.35
CA ARG A 507 36.94 33.39 23.86
C ARG A 507 37.72 32.99 25.11
N THR A 508 37.81 31.67 25.33
CA THR A 508 38.60 31.13 26.43
C THR A 508 39.58 30.07 25.93
N ILE A 509 40.39 29.57 26.84
CA ILE A 509 41.32 28.48 26.54
C ILE A 509 40.69 27.16 26.93
N ILE A 510 40.56 26.25 25.97
CA ILE A 510 39.84 25.00 26.20
C ILE A 510 40.77 23.81 26.39
N VAL A 511 40.54 23.07 27.48
CA VAL A 511 41.32 21.87 27.79
C VAL A 511 40.67 20.62 27.22
N THR A 512 41.43 19.85 26.45
CA THR A 512 40.91 18.64 25.84
C THR A 512 41.78 17.44 26.25
N THR A 513 41.22 16.54 27.05
CA THR A 513 41.98 15.39 27.53
C THR A 513 41.34 14.07 27.12
N ARG A 514 42.18 13.04 26.98
CA ARG A 514 41.70 11.70 26.64
C ARG A 514 40.85 11.12 27.77
N SER A 515 41.15 11.54 29.00
CA SER A 515 40.41 11.07 30.17
C SER A 515 38.93 11.44 30.08
N GLN A 516 38.64 12.55 29.41
CA GLN A 516 37.27 13.03 29.25
C GLN A 516 36.39 12.05 28.49
N TYR A 517 36.99 11.24 27.65
CA TYR A 517 36.22 10.37 26.76
C TYR A 517 36.48 8.89 27.00
N GLY A 518 37.21 8.59 28.06
CA GLY A 518 37.48 7.21 28.44
C GLY A 518 38.56 6.57 27.61
N LEU A 519 39.41 7.40 27.00
CA LEU A 519 40.51 6.91 26.16
C LEU A 519 41.76 6.67 27.00
N PRO A 520 42.39 5.51 26.80
CA PRO A 520 43.64 5.15 27.48
C PRO A 520 44.78 6.11 27.13
N GLU A 521 45.48 6.60 28.14
CA GLU A 521 46.47 7.66 27.97
C GLU A 521 47.80 7.17 27.41
N ASP A 522 47.80 6.00 26.78
CA ASP A 522 49.04 5.46 26.21
C ASP A 522 48.78 4.53 25.02
N ALA A 523 47.62 4.67 24.39
CA ALA A 523 47.24 3.78 23.31
C ALA A 523 47.10 4.49 21.97
N ILE A 524 47.36 3.76 20.90
CA ILE A 524 47.11 4.24 19.55
C ILE A 524 45.61 4.34 19.34
N VAL A 525 45.11 5.58 19.25
CA VAL A 525 43.68 5.78 19.12
C VAL A 525 43.26 5.91 17.65
N TYR A 526 42.58 4.90 17.14
CA TYR A 526 41.99 4.96 15.82
C TYR A 526 40.56 5.48 15.94
N CYS A 527 40.27 6.60 15.29
CA CYS A 527 38.96 7.23 15.42
C CYS A 527 38.16 7.19 14.12
N ASN A 528 36.84 7.19 14.27
CA ASN A 528 35.93 7.38 13.14
C ASN A 528 34.62 7.97 13.64
N PHE A 529 34.40 9.24 13.34
CA PHE A 529 33.25 9.97 13.86
C PHE A 529 32.09 10.02 12.87
N ASN A 530 32.12 9.15 11.86
CA ASN A 530 31.03 9.08 10.91
C ASN A 530 29.78 8.47 11.52
N GLN A 531 28.64 8.71 10.89
CA GLN A 531 27.42 8.02 11.28
C GLN A 531 27.62 6.54 11.02
N LEU A 532 27.16 5.70 11.94
CA LEU A 532 27.47 4.28 11.90
C LEU A 532 26.99 3.55 10.64
N TYR A 533 26.09 4.18 9.88
CA TYR A 533 25.56 3.55 8.67
C TYR A 533 26.62 3.34 7.60
N LYS A 534 27.70 4.11 7.70
CA LYS A 534 28.77 4.06 6.70
C LYS A 534 29.67 2.83 6.88
N ILE A 535 29.42 2.07 7.94
CA ILE A 535 30.20 0.87 8.21
C ILE A 535 29.45 -0.39 7.74
N ASP A 536 30.16 -1.26 7.04
CA ASP A 536 29.60 -2.54 6.61
C ASP A 536 30.49 -3.66 7.14
N PRO A 537 29.99 -4.91 7.15
CA PRO A 537 30.77 -6.05 7.66
C PRO A 537 32.19 -6.12 7.11
N SER A 538 32.36 -5.68 5.87
CA SER A 538 33.67 -5.64 5.23
C SER A 538 34.61 -4.68 5.95
N THR A 539 34.08 -3.51 6.31
CA THR A 539 34.89 -2.47 6.95
C THR A 539 35.28 -2.82 8.38
N LEU A 540 34.34 -3.37 9.13
CA LEU A 540 34.60 -3.74 10.53
C LEU A 540 35.65 -4.83 10.60
N GLN A 541 35.56 -5.79 9.69
CA GLN A 541 36.55 -6.86 9.60
C GLN A 541 37.91 -6.29 9.24
N MET A 542 37.90 -5.31 8.33
CA MET A 542 39.11 -4.63 7.90
C MET A 542 39.75 -3.91 9.08
N TRP A 543 38.91 -3.33 9.94
CA TRP A 543 39.38 -2.60 11.11
C TRP A 543 39.86 -3.54 12.20
N ALA A 544 39.18 -4.68 12.34
CA ALA A 544 39.54 -5.67 13.35
C ALA A 544 40.93 -6.22 13.05
N ASN A 545 41.21 -6.45 11.77
CA ASN A 545 42.52 -6.89 11.33
C ASN A 545 43.62 -5.94 11.77
N ILE A 546 43.33 -4.65 11.68
CA ILE A 546 44.27 -3.61 12.09
C ILE A 546 44.49 -3.63 13.60
N LEU A 547 43.40 -3.67 14.35
CA LEU A 547 43.45 -3.68 15.80
C LEU A 547 44.20 -4.90 16.34
N LYS A 548 44.07 -6.03 15.65
CA LYS A 548 44.73 -7.26 16.06
C LYS A 548 46.24 -7.18 15.87
N ARG A 549 46.67 -6.39 14.88
CA ARG A 549 48.08 -6.25 14.57
C ARG A 549 48.72 -5.12 15.38
N VAL A 550 47.89 -4.26 15.94
CA VAL A 550 48.36 -3.20 16.83
C VAL A 550 47.74 -3.42 18.20
N PRO A 551 48.39 -4.25 19.04
CA PRO A 551 47.85 -4.72 20.31
C PRO A 551 47.44 -3.61 21.27
N ASN A 552 48.21 -2.52 21.32
CA ASN A 552 47.89 -1.42 22.23
C ASN A 552 47.11 -0.30 21.54
N SER A 553 46.13 -0.67 20.74
CA SER A 553 45.32 0.32 20.04
C SER A 553 43.84 0.15 20.35
N VAL A 554 43.10 1.25 20.22
CA VAL A 554 41.65 1.23 20.38
C VAL A 554 40.97 1.87 19.18
N LEU A 555 39.77 1.39 18.85
CA LEU A 555 38.97 2.01 17.82
C LEU A 555 37.93 2.93 18.49
N TRP A 556 37.94 4.20 18.10
CA TRP A 556 37.08 5.19 18.72
C TRP A 556 35.91 5.57 17.80
N LEU A 557 34.72 5.07 18.14
CA LEU A 557 33.53 5.33 17.34
C LEU A 557 32.54 6.19 18.11
N LEU A 558 31.44 6.56 17.46
CA LEU A 558 30.43 7.39 18.10
C LEU A 558 29.07 6.72 18.14
N ARG A 559 28.31 7.00 19.19
CA ARG A 559 26.94 6.54 19.30
C ARG A 559 26.09 7.36 18.32
N PHE A 560 26.11 6.94 17.06
CA PHE A 560 25.57 7.72 15.97
C PHE A 560 24.87 6.81 14.98
N PRO A 561 23.72 6.23 15.36
CA PRO A 561 22.98 6.40 16.62
C PRO A 561 23.48 5.45 17.70
N ALA A 562 22.97 5.61 18.92
CA ALA A 562 23.44 4.83 20.06
C ALA A 562 23.03 3.36 19.99
N VAL A 563 21.89 3.10 19.36
CA VAL A 563 21.35 1.74 19.26
C VAL A 563 22.28 0.83 18.45
N GLY A 564 23.08 1.43 17.57
CA GLY A 564 24.01 0.68 16.76
C GLY A 564 25.25 0.20 17.50
N GLU A 565 25.48 0.74 18.70
CA GLU A 565 26.64 0.36 19.50
C GLU A 565 26.67 -1.12 19.93
N PRO A 566 25.56 -1.65 20.47
CA PRO A 566 25.58 -3.08 20.80
C PRO A 566 25.81 -3.97 19.58
N ASN A 567 25.30 -3.57 18.42
CA ASN A 567 25.49 -4.35 17.20
C ASN A 567 26.94 -4.36 16.74
N ILE A 568 27.54 -3.18 16.65
CA ILE A 568 28.95 -3.06 16.26
C ILE A 568 29.85 -3.82 17.21
N GLN A 569 29.57 -3.68 18.51
CA GLN A 569 30.32 -4.41 19.53
C GLN A 569 30.19 -5.92 19.34
N GLN A 570 28.96 -6.40 19.18
CA GLN A 570 28.69 -7.83 19.03
C GLN A 570 29.45 -8.44 17.87
N TYR A 571 29.47 -7.75 16.74
CA TYR A 571 30.19 -8.22 15.56
C TYR A 571 31.69 -8.17 15.78
N ALA A 572 32.14 -7.20 16.56
CA ALA A 572 33.55 -7.10 16.91
C ALA A 572 33.99 -8.28 17.77
N GLN A 573 33.12 -8.72 18.68
CA GLN A 573 33.41 -9.88 19.51
C GLN A 573 33.51 -11.12 18.64
N ASN A 574 32.62 -11.22 17.66
CA ASN A 574 32.57 -12.38 16.78
C ASN A 574 33.76 -12.46 15.84
N MET A 575 34.42 -11.32 15.61
CA MET A 575 35.62 -11.29 14.79
C MET A 575 36.84 -11.56 15.66
N GLY A 576 36.68 -11.47 16.97
CA GLY A 576 37.74 -11.79 17.91
C GLY A 576 38.33 -10.59 18.63
N LEU A 577 37.52 -9.57 18.85
CA LEU A 577 37.97 -8.38 19.57
C LEU A 577 37.30 -8.28 20.93
N PRO A 578 38.11 -8.20 22.00
CA PRO A 578 37.59 -7.94 23.35
C PRO A 578 36.86 -6.60 23.37
N GLN A 579 35.96 -6.41 24.33
CA GLN A 579 35.10 -5.23 24.37
C GLN A 579 35.88 -3.93 24.52
N ASN A 580 36.96 -3.97 25.30
CA ASN A 580 37.78 -2.79 25.54
C ASN A 580 38.41 -2.21 24.28
N ARG A 581 38.49 -3.02 23.23
CA ARG A 581 39.15 -2.63 21.99
C ARG A 581 38.43 -1.48 21.27
N ILE A 582 37.11 -1.48 21.33
CA ILE A 582 36.34 -0.40 20.72
C ILE A 582 35.71 0.49 21.80
N ILE A 583 36.03 1.78 21.73
CA ILE A 583 35.50 2.74 22.68
C ILE A 583 34.49 3.66 21.99
N PHE A 584 33.33 3.81 22.60
CA PHE A 584 32.29 4.67 22.07
C PHE A 584 32.16 5.98 22.86
N SER A 585 31.76 7.04 22.17
CA SER A 585 31.49 8.33 22.79
C SER A 585 30.22 8.91 22.20
N PRO A 586 29.56 9.82 22.94
CA PRO A 586 28.32 10.42 22.40
C PRO A 586 28.64 11.45 21.33
N VAL A 587 27.62 11.82 20.55
CA VAL A 587 27.78 12.90 19.59
C VAL A 587 28.00 14.19 20.35
N ALA A 588 28.99 14.97 19.92
CA ALA A 588 29.35 16.20 20.61
C ALA A 588 28.85 17.42 19.85
N PRO A 589 28.83 18.59 20.51
CA PRO A 589 28.61 19.85 19.79
C PRO A 589 29.65 20.02 18.68
N LYS A 590 29.34 20.84 17.69
CA LYS A 590 30.20 21.01 16.52
C LYS A 590 31.64 21.37 16.89
N GLU A 591 31.82 22.33 17.80
CA GLU A 591 33.14 22.78 18.19
C GLU A 591 33.90 21.70 18.95
N GLU A 592 33.23 21.03 19.89
CA GLU A 592 33.86 19.97 20.66
C GLU A 592 34.30 18.82 19.75
N HIS A 593 33.40 18.39 18.88
CA HIS A 593 33.63 17.27 17.98
C HIS A 593 34.88 17.44 17.11
N VAL A 594 35.05 18.63 16.55
CA VAL A 594 36.23 18.92 15.74
C VAL A 594 37.47 18.91 16.61
N ARG A 595 37.39 19.59 17.74
CA ARG A 595 38.52 19.74 18.64
C ARG A 595 39.01 18.43 19.25
N ARG A 596 38.07 17.57 19.66
CA ARG A 596 38.43 16.33 20.34
C ARG A 596 39.08 15.31 19.40
N GLY A 597 39.08 15.62 18.11
CA GLY A 597 39.75 14.78 17.13
C GLY A 597 41.25 14.88 17.31
N GLN A 598 41.69 15.94 17.98
CA GLN A 598 43.11 16.14 18.28
C GLN A 598 43.63 15.01 19.16
N LEU A 599 42.73 14.37 19.91
CA LEU A 599 43.10 13.31 20.84
C LEU A 599 43.50 12.02 20.12
N ALA A 600 42.93 11.78 18.95
CA ALA A 600 43.20 10.56 18.20
C ALA A 600 44.59 10.60 17.55
N ASP A 601 45.09 9.42 17.19
CA ASP A 601 46.37 9.32 16.48
C ASP A 601 46.15 9.22 14.98
N VAL A 602 45.29 8.28 14.58
CA VAL A 602 44.98 8.07 13.18
C VAL A 602 43.47 7.90 12.99
N CYS A 603 42.94 8.51 11.94
CA CYS A 603 41.53 8.34 11.60
C CYS A 603 41.35 7.30 10.49
N LEU A 604 40.61 6.24 10.80
CA LEU A 604 40.31 5.21 9.81
C LEU A 604 39.03 5.57 9.08
N ASP A 605 39.15 5.87 7.79
CA ASP A 605 38.00 6.28 6.98
C ASP A 605 37.19 5.07 6.50
N THR A 606 35.89 5.28 6.30
CA THR A 606 35.00 4.22 5.85
C THR A 606 34.96 4.12 4.33
N PRO A 607 35.42 2.99 3.77
CA PRO A 607 35.52 2.79 2.32
C PRO A 607 34.17 2.74 1.61
N LEU A 608 33.13 2.24 2.28
CA LEU A 608 31.80 2.15 1.66
C LEU A 608 31.28 3.53 1.27
N CYS A 609 31.38 4.46 2.21
CA CYS A 609 31.03 5.85 1.96
C CYS A 609 31.90 6.74 2.83
N ASN A 610 32.87 7.42 2.22
CA ASN A 610 33.84 8.22 2.95
C ASN A 610 33.21 9.25 3.87
N GLY A 611 33.96 9.64 4.90
CA GLY A 611 33.57 10.74 5.76
C GLY A 611 33.84 12.04 5.02
N HIS A 612 32.78 12.64 4.50
CA HIS A 612 32.93 13.85 3.68
C HIS A 612 33.18 15.08 4.56
N THR A 613 32.18 15.48 5.32
CA THR A 613 32.33 16.61 6.24
C THR A 613 33.23 16.21 7.40
N THR A 614 32.97 15.02 7.94
CA THR A 614 33.75 14.49 9.06
C THR A 614 35.22 14.30 8.72
N GLY A 615 35.51 14.08 7.44
CA GLY A 615 36.87 13.94 6.97
C GLY A 615 37.63 15.26 7.02
N MET A 616 36.91 16.34 6.75
CA MET A 616 37.50 17.68 6.83
C MET A 616 37.73 18.06 8.29
N ASP A 617 36.92 17.49 9.18
CA ASP A 617 37.01 17.79 10.60
C ASP A 617 38.26 17.17 11.23
N VAL A 618 38.53 15.91 10.90
CA VAL A 618 39.69 15.22 11.48
C VAL A 618 41.00 15.80 10.93
N LEU A 619 40.99 16.25 9.68
CA LEU A 619 42.18 16.82 9.06
C LEU A 619 42.51 18.18 9.64
N TRP A 620 41.50 18.90 10.10
CA TRP A 620 41.71 20.21 10.69
C TRP A 620 42.34 20.09 12.08
N ALA A 621 42.19 18.91 12.68
CA ALA A 621 42.78 18.65 13.98
C ALA A 621 44.20 18.11 13.83
N GLY A 622 44.67 18.06 12.59
CA GLY A 622 46.01 17.57 12.31
C GLY A 622 46.12 16.07 12.46
N THR A 623 45.00 15.38 12.26
CA THR A 623 44.95 13.93 12.39
C THR A 623 44.95 13.26 11.02
N PRO A 624 45.97 12.42 10.74
CA PRO A 624 46.07 11.71 9.47
C PRO A 624 44.91 10.76 9.27
N MET A 625 44.34 10.76 8.07
CA MET A 625 43.21 9.90 7.75
C MET A 625 43.59 8.86 6.69
N VAL A 626 43.31 7.59 6.97
CA VAL A 626 43.61 6.52 6.04
C VAL A 626 42.36 6.12 5.26
N THR A 627 42.41 6.25 3.94
CA THR A 627 41.24 5.96 3.11
C THR A 627 41.52 4.98 1.97
N MET A 628 40.45 4.40 1.44
CA MET A 628 40.52 3.49 0.31
C MET A 628 39.43 3.83 -0.70
N PRO A 629 39.81 4.49 -1.80
CA PRO A 629 38.87 5.00 -2.82
C PRO A 629 38.09 3.88 -3.50
N GLY A 630 36.78 4.00 -3.51
CA GLY A 630 35.93 3.06 -4.22
C GLY A 630 35.70 3.52 -5.64
N GLU A 631 34.51 3.24 -6.17
CA GLU A 631 34.18 3.64 -7.53
C GLU A 631 33.05 4.67 -7.55
N THR A 632 32.33 4.77 -6.44
CA THR A 632 31.26 5.76 -6.31
C THR A 632 31.85 7.10 -5.88
N LEU A 633 31.12 8.18 -6.15
CA LEU A 633 31.57 9.52 -5.77
C LEU A 633 31.79 9.61 -4.28
N ALA A 634 30.83 9.10 -3.51
CA ALA A 634 30.89 9.15 -2.06
C ALA A 634 32.10 8.41 -1.51
N SER A 635 32.51 7.35 -2.19
CA SER A 635 33.61 6.50 -1.72
C SER A 635 34.98 7.01 -2.16
N ARG A 636 35.02 8.18 -2.80
CA ARG A 636 36.28 8.71 -3.31
C ARG A 636 36.57 10.14 -2.82
N VAL A 637 35.71 10.67 -1.96
CA VAL A 637 35.86 12.05 -1.50
C VAL A 637 37.08 12.22 -0.59
N ALA A 638 37.24 11.30 0.36
CA ALA A 638 38.35 11.36 1.31
C ALA A 638 39.70 11.32 0.59
N ALA A 639 39.78 10.48 -0.45
CA ALA A 639 40.99 10.39 -1.26
C ALA A 639 41.30 11.72 -1.92
N SER A 640 40.25 12.38 -2.43
CA SER A 640 40.41 13.67 -3.09
C SER A 640 40.86 14.74 -2.10
N GLN A 641 40.38 14.64 -0.86
CA GLN A 641 40.77 15.56 0.19
C GLN A 641 42.24 15.36 0.55
N LEU A 642 42.69 14.12 0.55
CA LEU A 642 44.05 13.80 0.94
C LEU A 642 45.08 14.16 -0.13
N THR A 643 44.73 14.00 -1.40
CA THR A 643 45.62 14.38 -2.48
C THR A 643 45.85 15.89 -2.46
N CYS A 644 44.79 16.64 -2.18
CA CYS A 644 44.89 18.09 -2.08
C CYS A 644 45.68 18.46 -0.83
N LEU A 645 45.58 17.65 0.20
CA LEU A 645 46.31 17.87 1.44
C LEU A 645 47.80 17.66 1.21
N GLY A 646 48.13 16.68 0.38
CA GLY A 646 49.51 16.37 0.08
C GLY A 646 49.99 15.10 0.76
N CYS A 647 49.06 14.20 1.04
CA CYS A 647 49.37 12.95 1.73
C CYS A 647 48.91 11.76 0.91
N LEU A 648 49.68 11.40 -0.11
CA LEU A 648 49.32 10.30 -0.99
C LEU A 648 49.57 8.94 -0.33
N GLU A 649 50.36 8.92 0.73
CA GLU A 649 50.71 7.68 1.41
C GLU A 649 49.61 7.24 2.38
N LEU A 650 48.58 8.06 2.51
CA LEU A 650 47.45 7.73 3.35
C LEU A 650 46.30 7.17 2.52
N ILE A 651 46.59 6.94 1.24
CA ILE A 651 45.60 6.39 0.32
C ILE A 651 45.97 4.96 -0.06
N ALA A 652 45.00 4.06 -0.01
CA ALA A 652 45.26 2.65 -0.27
C ALA A 652 44.54 2.18 -1.53
N LYS A 653 45.20 1.32 -2.29
CA LYS A 653 44.64 0.81 -3.54
C LYS A 653 43.76 -0.43 -3.29
N ASN A 654 43.93 -1.05 -2.13
CA ASN A 654 43.10 -2.19 -1.74
C ASN A 654 42.99 -2.33 -0.23
N ARG A 655 42.28 -3.36 0.22
CA ARG A 655 42.08 -3.61 1.64
C ARG A 655 43.40 -3.82 2.37
N GLN A 656 44.28 -4.60 1.75
CA GLN A 656 45.56 -4.95 2.36
C GLN A 656 46.43 -3.72 2.60
N GLU A 657 46.48 -2.82 1.62
CA GLU A 657 47.25 -1.60 1.74
C GLU A 657 46.65 -0.68 2.79
N TYR A 658 45.33 -0.74 2.94
CA TYR A 658 44.63 0.05 3.95
C TYR A 658 45.07 -0.35 5.35
N GLU A 659 44.97 -1.65 5.63
CA GLU A 659 45.34 -2.18 6.94
C GLU A 659 46.82 -1.98 7.20
N ASP A 660 47.64 -2.13 6.16
CA ASP A 660 49.09 -1.93 6.28
C ASP A 660 49.43 -0.51 6.67
N ILE A 661 48.94 0.45 5.89
CA ILE A 661 49.18 1.88 6.15
C ILE A 661 48.78 2.25 7.57
N ALA A 662 47.65 1.70 8.02
CA ALA A 662 47.16 1.97 9.37
C ALA A 662 48.08 1.37 10.44
N VAL A 663 48.38 0.08 10.30
CA VAL A 663 49.21 -0.64 11.26
C VAL A 663 50.59 0.00 11.41
N LYS A 664 51.16 0.42 10.29
CA LYS A 664 52.46 1.09 10.29
C LYS A 664 52.43 2.35 11.15
N LEU A 665 51.33 3.11 11.02
CA LEU A 665 51.17 4.34 11.77
C LEU A 665 51.04 4.08 13.26
N GLY A 666 50.59 2.89 13.63
CA GLY A 666 50.37 2.55 15.02
C GLY A 666 51.53 1.79 15.64
N THR A 667 52.49 1.39 14.82
CA THR A 667 53.65 0.64 15.30
C THR A 667 54.95 1.40 15.12
N ASP A 668 55.02 2.19 14.05
CA ASP A 668 56.19 3.02 13.78
C ASP A 668 55.93 4.43 14.30
N LEU A 669 56.21 4.65 15.58
CA LEU A 669 55.89 5.92 16.23
C LEU A 669 56.61 7.14 15.63
N GLU A 670 57.75 6.90 14.99
CA GLU A 670 58.47 7.98 14.32
C GLU A 670 57.79 8.35 13.01
N TYR A 671 57.34 7.33 12.28
CA TYR A 671 56.63 7.54 11.03
C TYR A 671 55.31 8.27 11.29
N LEU A 672 54.64 7.86 12.37
CA LEU A 672 53.41 8.51 12.80
C LEU A 672 53.65 9.98 13.10
N LYS A 673 54.76 10.26 13.76
CA LYS A 673 55.12 11.63 14.12
C LYS A 673 55.32 12.49 12.87
N LYS A 674 55.95 11.91 11.86
CA LYS A 674 56.21 12.62 10.60
C LYS A 674 54.91 12.93 9.87
N VAL A 675 54.05 11.93 9.74
CA VAL A 675 52.78 12.10 9.03
C VAL A 675 51.85 13.04 9.78
N ARG A 676 51.79 12.91 11.11
CA ARG A 676 50.99 13.80 11.93
C ARG A 676 51.46 15.24 11.80
N GLY A 677 52.78 15.42 11.75
CA GLY A 677 53.37 16.73 11.57
C GLY A 677 53.14 17.24 10.16
N LYS A 678 53.01 16.30 9.22
CA LYS A 678 52.76 16.63 7.83
C LYS A 678 51.35 17.19 7.67
N VAL A 679 50.38 16.50 8.27
CA VAL A 679 48.99 16.94 8.23
C VAL A 679 48.82 18.27 8.95
N TRP A 680 49.56 18.43 10.05
CA TRP A 680 49.45 19.62 10.88
C TRP A 680 49.90 20.89 10.17
N LYS A 681 50.83 20.74 9.23
CA LYS A 681 51.32 21.88 8.46
C LYS A 681 50.55 22.04 7.16
N GLN A 682 50.30 20.92 6.49
CA GLN A 682 49.68 20.97 5.17
C GLN A 682 48.17 21.14 5.21
N ARG A 683 47.62 21.32 6.41
CA ARG A 683 46.22 21.68 6.53
C ARG A 683 46.11 23.19 6.36
N ILE A 684 47.26 23.87 6.47
CA ILE A 684 47.33 25.32 6.34
C ILE A 684 48.00 25.71 5.03
N SER A 685 49.08 25.01 4.68
CA SER A 685 49.85 25.35 3.49
C SER A 685 49.17 24.93 2.19
N SER A 686 48.52 23.77 2.20
CA SER A 686 47.81 23.27 1.03
C SER A 686 46.54 24.08 0.80
N PRO A 687 45.94 23.97 -0.39
CA PRO A 687 44.71 24.72 -0.65
C PRO A 687 43.44 24.03 -0.13
N LEU A 688 43.59 22.99 0.68
CA LEU A 688 42.44 22.22 1.15
C LEU A 688 41.46 23.05 1.97
N PHE A 689 41.98 23.88 2.87
CA PHE A 689 41.13 24.69 3.73
C PHE A 689 41.14 26.17 3.36
N ASN A 690 41.72 26.50 2.21
CA ASN A 690 41.76 27.89 1.77
C ASN A 690 40.50 28.26 0.99
N THR A 691 39.56 28.89 1.69
CA THR A 691 38.27 29.25 1.11
C THR A 691 38.39 30.34 0.05
N LYS A 692 39.34 31.25 0.22
CA LYS A 692 39.54 32.33 -0.74
C LYS A 692 39.99 31.80 -2.09
N GLN A 693 41.03 30.97 -2.08
CA GLN A 693 41.54 30.36 -3.30
C GLN A 693 40.50 29.45 -3.94
N TYR A 694 39.77 28.71 -3.11
CA TYR A 694 38.73 27.82 -3.60
C TYR A 694 37.68 28.61 -4.39
N THR A 695 37.25 29.73 -3.82
CA THR A 695 36.23 30.55 -4.43
C THR A 695 36.68 31.05 -5.80
N MET A 696 37.94 31.47 -5.88
CA MET A 696 38.51 31.96 -7.13
C MET A 696 38.57 30.84 -8.17
N GLU A 697 38.98 29.65 -7.74
CA GLU A 697 39.02 28.49 -8.62
C GLU A 697 37.61 28.12 -9.07
N LEU A 698 36.65 28.33 -8.18
CA LEU A 698 35.25 28.08 -8.50
C LEU A 698 34.75 29.11 -9.49
N GLU A 699 35.22 30.35 -9.33
CA GLU A 699 34.86 31.44 -10.23
C GLU A 699 35.40 31.17 -11.63
N ARG A 700 36.65 30.71 -11.69
CA ARG A 700 37.29 30.39 -12.95
C ARG A 700 36.47 29.35 -13.70
N LEU A 701 36.02 28.33 -12.98
CA LEU A 701 35.20 27.27 -13.56
C LEU A 701 33.85 27.79 -14.03
N TYR A 702 33.27 28.72 -13.28
CA TYR A 702 31.99 29.33 -13.63
C TYR A 702 32.07 30.01 -15.00
N LEU A 703 33.18 30.71 -15.24
CA LEU A 703 33.37 31.44 -16.48
C LEU A 703 33.56 30.51 -17.66
N GLN A 704 34.26 29.40 -17.44
CA GLN A 704 34.42 28.38 -18.48
C GLN A 704 33.06 27.86 -18.94
N MET A 705 32.13 27.75 -18.00
CA MET A 705 30.77 27.30 -18.28
C MET A 705 30.02 28.34 -19.10
N TRP A 706 30.07 29.59 -18.64
CA TRP A 706 29.33 30.67 -19.27
C TRP A 706 29.83 30.97 -20.68
N GLU A 707 31.15 30.97 -20.86
CA GLU A 707 31.75 31.21 -22.16
C GLU A 707 31.35 30.11 -23.15
N HIS A 708 31.26 28.88 -22.66
CA HIS A 708 30.87 27.76 -23.49
C HIS A 708 29.43 27.91 -23.96
N TYR A 709 28.58 28.44 -23.07
CA TYR A 709 27.18 28.65 -23.40
C TYR A 709 26.99 29.86 -24.31
N ALA A 710 27.73 30.93 -24.02
CA ALA A 710 27.64 32.16 -24.82
C ALA A 710 28.21 31.98 -26.21
N ALA A 711 29.01 30.92 -26.38
CA ALA A 711 29.53 30.58 -27.69
C ALA A 711 28.49 29.83 -28.50
N GLY A 712 27.37 29.52 -27.85
CA GLY A 712 26.26 28.85 -28.52
C GLY A 712 26.31 27.34 -28.38
N ASN A 713 27.29 26.85 -27.62
CA ASN A 713 27.44 25.41 -27.43
C ASN A 713 26.59 24.88 -26.28
N LYS A 714 26.30 23.58 -26.32
CA LYS A 714 25.61 22.90 -25.24
C LYS A 714 26.65 22.36 -24.27
N PRO A 715 26.27 22.18 -22.99
CA PRO A 715 27.15 21.67 -21.94
C PRO A 715 28.03 20.49 -22.35
N ASP A 716 29.30 20.54 -21.96
CA ASP A 716 30.26 19.49 -22.25
C ASP A 716 31.33 19.50 -21.15
N HIS A 717 32.04 18.37 -21.01
CA HIS A 717 32.99 18.18 -19.92
C HIS A 717 34.01 19.32 -19.76
N MET A 718 34.46 19.53 -18.52
CA MET A 718 35.42 20.58 -18.22
C MET A 718 36.65 20.02 -17.52
N ILE A 719 37.73 19.85 -18.27
CA ILE A 719 38.98 19.34 -17.70
C ILE A 719 40.07 20.41 -17.77
N LYS A 720 39.71 21.62 -17.35
CA LYS A 720 40.63 22.76 -17.31
C LYS A 720 41.36 23.00 -18.63
N CYS B 5 23.21 15.61 17.86
CA CYS B 5 23.97 16.87 17.87
C CYS B 5 23.43 17.79 18.95
N PRO B 6 24.14 17.87 20.10
CA PRO B 6 23.73 18.62 21.29
C PRO B 6 23.47 20.11 21.04
N THR B 7 22.47 20.64 21.73
CA THR B 7 22.08 22.04 21.61
C THR B 7 22.38 22.78 22.91
N HIS B 8 21.98 24.03 22.99
CA HIS B 8 22.08 24.80 24.22
C HIS B 8 21.03 24.32 25.22
N ALA B 9 19.78 24.24 24.75
CA ALA B 9 18.67 23.81 25.58
C ALA B 9 18.74 22.32 25.91
N ASP B 10 19.50 21.59 25.11
CA ASP B 10 19.63 20.15 25.29
C ASP B 10 20.41 19.85 26.56
N SER B 11 21.39 20.68 26.88
CA SER B 11 22.20 20.50 28.07
C SER B 11 21.42 20.86 29.33
N LEU B 12 20.57 21.88 29.23
CA LEU B 12 19.73 22.29 30.34
C LEU B 12 18.74 21.18 30.70
N ASN B 13 18.24 20.48 29.68
CA ASN B 13 17.33 19.37 29.88
C ASN B 13 17.96 18.22 30.65
N ASN B 14 19.26 18.03 30.44
CA ASN B 14 20.00 16.97 31.14
C ASN B 14 20.33 17.33 32.58
N LEU B 15 20.63 18.60 32.82
CA LEU B 15 20.92 19.08 34.17
C LEU B 15 19.69 19.00 35.06
N ALA B 16 18.51 19.18 34.47
CA ALA B 16 17.26 19.10 35.20
C ALA B 16 16.93 17.66 35.56
N ASN B 17 17.28 16.74 34.68
CA ASN B 17 17.12 15.31 34.96
C ASN B 17 18.02 14.90 36.12
N ILE B 18 19.18 15.54 36.22
CA ILE B 18 20.10 15.32 37.33
C ILE B 18 19.47 15.82 38.62
N LYS B 19 19.00 17.06 38.62
CA LYS B 19 18.36 17.67 39.77
C LYS B 19 17.11 16.90 40.19
N ARG B 20 16.41 16.33 39.20
CA ARG B 20 15.21 15.55 39.47
C ARG B 20 15.58 14.22 40.13
N GLU B 21 16.66 13.62 39.65
CA GLU B 21 17.13 12.34 40.18
C GLU B 21 17.63 12.52 41.61
N GLN B 22 18.08 13.73 41.93
CA GLN B 22 18.49 14.07 43.29
C GLN B 22 17.28 14.27 44.18
N GLY B 23 16.09 14.33 43.57
CA GLY B 23 14.87 14.55 44.30
C GLY B 23 14.51 16.02 44.38
N ASN B 24 15.47 16.87 44.02
CA ASN B 24 15.27 18.32 44.05
C ASN B 24 14.39 18.78 42.89
N ILE B 25 13.09 18.58 43.04
CA ILE B 25 12.13 18.95 42.00
C ILE B 25 12.05 20.47 41.83
N GLU B 26 12.42 21.19 42.90
CA GLU B 26 12.40 22.64 42.90
C GLU B 26 13.28 23.22 41.79
N GLU B 27 14.53 22.80 41.76
CA GLU B 27 15.49 23.29 40.77
C GLU B 27 15.29 22.58 39.42
N ALA B 28 14.81 21.34 39.48
CA ALA B 28 14.57 20.56 38.27
C ALA B 28 13.60 21.28 37.32
N VAL B 29 12.54 21.84 37.90
CA VAL B 29 11.56 22.60 37.14
C VAL B 29 12.17 23.87 36.55
N ARG B 30 12.97 24.56 37.36
CA ARG B 30 13.60 25.81 36.93
C ARG B 30 14.49 25.63 35.70
N LEU B 31 15.18 24.50 35.62
CA LEU B 31 16.07 24.22 34.50
C LEU B 31 15.30 23.85 33.24
N TYR B 32 14.23 23.07 33.41
CA TYR B 32 13.38 22.68 32.28
C TYR B 32 12.77 23.91 31.61
N ARG B 33 12.49 24.94 32.39
CA ARG B 33 11.87 26.16 31.88
C ARG B 33 12.83 27.00 31.06
N LYS B 34 14.05 27.17 31.57
CA LYS B 34 15.06 27.93 30.85
C LYS B 34 15.48 27.16 29.59
N ALA B 35 15.30 25.85 29.63
CA ALA B 35 15.51 25.01 28.45
C ALA B 35 14.45 25.33 27.42
N LEU B 36 13.20 25.41 27.86
CA LEU B 36 12.08 25.72 26.99
C LEU B 36 12.03 27.18 26.59
N GLU B 37 12.85 28.00 27.26
CA GLU B 37 12.96 29.41 26.90
C GLU B 37 13.98 29.56 25.78
N VAL B 38 14.94 28.64 25.74
CA VAL B 38 15.94 28.62 24.67
C VAL B 38 15.38 27.95 23.42
N PHE B 39 14.77 26.78 23.61
CA PHE B 39 14.19 26.02 22.50
C PHE B 39 12.74 25.66 22.82
N PRO B 40 11.80 26.59 22.54
CA PRO B 40 10.37 26.40 22.83
C PRO B 40 9.75 25.21 22.10
N GLU B 41 10.46 24.65 21.13
CA GLU B 41 9.98 23.48 20.41
C GLU B 41 10.71 22.22 20.83
N PHE B 42 11.08 22.16 22.11
CA PHE B 42 11.76 21.00 22.66
C PHE B 42 10.74 20.00 23.20
N ALA B 43 10.40 19.01 22.38
CA ALA B 43 9.39 18.02 22.74
C ALA B 43 9.76 17.25 24.01
N ALA B 44 11.04 16.95 24.17
CA ALA B 44 11.50 16.18 25.34
C ALA B 44 11.40 16.98 26.63
N ALA B 45 11.72 18.27 26.55
CA ALA B 45 11.66 19.14 27.73
C ALA B 45 10.21 19.39 28.14
N HIS B 46 9.32 19.49 27.15
CA HIS B 46 7.90 19.66 27.41
C HIS B 46 7.36 18.46 28.18
N SER B 47 7.68 17.26 27.70
CA SER B 47 7.22 16.03 28.33
C SER B 47 7.85 15.84 29.70
N ASN B 48 9.09 16.30 29.85
CA ASN B 48 9.78 16.20 31.13
C ASN B 48 9.22 17.18 32.16
N LEU B 49 8.95 18.42 31.73
CA LEU B 49 8.36 19.42 32.59
C LEU B 49 6.96 18.99 33.02
N ALA B 50 6.23 18.39 32.09
CA ALA B 50 4.89 17.91 32.36
C ALA B 50 4.92 16.78 33.39
N SER B 51 5.96 15.95 33.33
CA SER B 51 6.08 14.82 34.22
C SER B 51 6.24 15.25 35.68
N VAL B 52 7.09 16.25 35.91
CA VAL B 52 7.31 16.76 37.27
C VAL B 52 6.15 17.64 37.73
N LEU B 53 5.48 18.30 36.78
CA LEU B 53 4.32 19.10 37.10
C LEU B 53 3.18 18.23 37.62
N GLN B 54 3.03 17.06 37.00
CA GLN B 54 2.02 16.10 37.41
C GLN B 54 2.34 15.54 38.80
N GLN B 55 3.63 15.35 39.05
CA GLN B 55 4.10 14.90 40.36
C GLN B 55 3.80 15.95 41.42
N GLN B 56 3.91 17.22 41.03
CA GLN B 56 3.62 18.34 41.92
C GLN B 56 2.13 18.56 42.08
N GLY B 57 1.33 17.74 41.41
CA GLY B 57 -0.11 17.82 41.50
C GLY B 57 -0.70 18.94 40.66
N LYS B 58 0.12 19.54 39.81
CA LYS B 58 -0.32 20.59 38.90
C LYS B 58 -0.76 19.97 37.58
N LEU B 59 -1.90 19.28 37.61
CA LEU B 59 -2.35 18.45 36.49
C LEU B 59 -2.73 19.24 35.25
N GLN B 60 -3.41 20.37 35.43
CA GLN B 60 -3.88 21.15 34.29
C GLN B 60 -2.72 21.75 33.50
N GLU B 61 -1.66 22.15 34.20
CA GLU B 61 -0.48 22.71 33.55
C GLU B 61 0.38 21.59 32.96
N ALA B 62 0.36 20.43 33.60
CA ALA B 62 1.07 19.27 33.10
C ALA B 62 0.40 18.78 31.82
N LEU B 63 -0.92 18.88 31.79
CA LEU B 63 -1.70 18.47 30.62
C LEU B 63 -1.38 19.36 29.42
N MET B 64 -1.07 20.62 29.69
CA MET B 64 -0.73 21.57 28.64
C MET B 64 0.57 21.19 27.93
N HIS B 65 1.58 20.82 28.72
CA HIS B 65 2.88 20.49 28.16
C HIS B 65 2.92 19.11 27.50
N TYR B 66 2.09 18.20 28.00
CA TYR B 66 1.95 16.89 27.37
C TYR B 66 1.38 17.04 25.96
N LYS B 67 0.39 17.93 25.82
CA LYS B 67 -0.21 18.19 24.52
C LYS B 67 0.77 18.89 23.58
N GLU B 68 1.64 19.72 24.16
CA GLU B 68 2.67 20.41 23.38
C GLU B 68 3.72 19.43 22.89
N ALA B 69 4.19 18.57 23.80
CA ALA B 69 5.20 17.57 23.46
C ALA B 69 4.72 16.64 22.37
N ILE B 70 3.41 16.42 22.32
CA ILE B 70 2.80 15.58 21.30
C ILE B 70 2.66 16.32 19.97
N ARG B 71 2.29 17.59 20.04
CA ARG B 71 2.16 18.41 18.84
C ARG B 71 3.49 18.54 18.12
N ILE B 72 4.56 18.65 18.90
CA ILE B 72 5.91 18.79 18.35
C ILE B 72 6.42 17.48 17.76
N SER B 73 6.23 16.39 18.51
CA SER B 73 6.68 15.08 18.06
C SER B 73 5.57 14.03 18.18
N PRO B 74 4.66 13.99 17.19
CA PRO B 74 3.46 13.15 17.18
C PRO B 74 3.72 11.65 17.37
N THR B 75 4.97 11.22 17.25
CA THR B 75 5.32 9.82 17.45
C THR B 75 5.69 9.54 18.90
N PHE B 76 5.41 10.50 19.77
CA PHE B 76 5.77 10.40 21.18
C PHE B 76 4.80 9.49 21.93
N ALA B 77 4.97 8.18 21.77
CA ALA B 77 4.12 7.21 22.43
C ALA B 77 4.22 7.31 23.95
N ASP B 78 5.37 7.80 24.44
CA ASP B 78 5.59 7.97 25.86
C ASP B 78 4.82 9.17 26.40
N ALA B 79 4.74 10.23 25.61
CA ALA B 79 4.01 11.42 26.00
C ALA B 79 2.51 11.16 26.01
N TYR B 80 2.06 10.35 25.06
CA TYR B 80 0.66 9.95 25.01
C TYR B 80 0.29 9.17 26.27
N SER B 81 1.15 8.22 26.64
CA SER B 81 0.92 7.36 27.79
C SER B 81 0.90 8.14 29.10
N ASN B 82 1.81 9.10 29.23
CA ASN B 82 1.89 9.91 30.43
C ASN B 82 0.78 10.97 30.50
N MET B 83 0.27 11.37 29.35
CA MET B 83 -0.86 12.30 29.31
C MET B 83 -2.11 11.62 29.84
N GLY B 84 -2.27 10.34 29.51
CA GLY B 84 -3.38 9.55 30.01
C GLY B 84 -3.37 9.48 31.52
N ASN B 85 -2.18 9.29 32.09
CA ASN B 85 -2.01 9.25 33.54
C ASN B 85 -2.48 10.54 34.21
N THR B 86 -2.19 11.68 33.58
CA THR B 86 -2.62 12.97 34.08
C THR B 86 -4.14 13.11 33.95
N LEU B 87 -4.68 12.69 32.81
CA LEU B 87 -6.11 12.72 32.58
C LEU B 87 -6.84 11.79 33.55
N LYS B 88 -6.20 10.67 33.89
CA LYS B 88 -6.77 9.72 34.83
C LYS B 88 -6.98 10.37 36.20
N GLU B 89 -5.90 10.95 36.73
CA GLU B 89 -5.94 11.61 38.03
C GLU B 89 -6.89 12.81 38.00
N MET B 90 -7.13 13.33 36.79
CA MET B 90 -8.08 14.42 36.61
C MET B 90 -9.51 13.91 36.50
N GLN B 91 -9.70 12.64 36.85
CA GLN B 91 -11.00 11.98 36.79
C GLN B 91 -11.56 11.85 35.37
N ASP B 92 -10.70 12.07 34.38
CA ASP B 92 -11.08 11.96 32.97
C ASP B 92 -10.73 10.57 32.47
N VAL B 93 -11.40 9.56 33.03
CA VAL B 93 -11.11 8.17 32.70
C VAL B 93 -11.40 7.86 31.23
N GLN B 94 -12.31 8.61 30.62
CA GLN B 94 -12.58 8.47 29.20
C GLN B 94 -11.39 8.92 28.35
N GLY B 95 -10.96 10.17 28.59
CA GLY B 95 -9.85 10.74 27.84
C GLY B 95 -8.54 10.06 28.12
N ALA B 96 -8.37 9.60 29.36
CA ALA B 96 -7.18 8.86 29.76
C ALA B 96 -7.08 7.57 28.98
N LEU B 97 -8.23 6.89 28.86
CA LEU B 97 -8.29 5.62 28.16
C LEU B 97 -7.94 5.79 26.69
N GLN B 98 -8.34 6.92 26.12
CA GLN B 98 -8.05 7.22 24.72
C GLN B 98 -6.54 7.39 24.51
N CYS B 99 -5.89 8.10 25.42
CA CYS B 99 -4.45 8.34 25.34
C CYS B 99 -3.67 7.04 25.31
N TYR B 100 -4.03 6.11 26.20
CA TYR B 100 -3.35 4.83 26.28
C TYR B 100 -3.49 4.06 24.97
N THR B 101 -4.70 4.03 24.42
CA THR B 101 -4.95 3.32 23.17
C THR B 101 -4.29 3.99 21.97
N ARG B 102 -4.27 5.32 21.96
CA ARG B 102 -3.60 6.06 20.89
C ARG B 102 -2.11 5.73 20.87
N ALA B 103 -1.53 5.58 22.06
CA ALA B 103 -0.12 5.23 22.18
C ALA B 103 0.16 3.85 21.61
N ILE B 104 -0.68 2.89 22.00
CA ILE B 104 -0.53 1.50 21.57
C ILE B 104 -0.59 1.36 20.04
N GLN B 105 -1.31 2.24 19.38
CA GLN B 105 -1.40 2.23 17.93
C GLN B 105 -0.12 2.78 17.27
N ILE B 106 0.34 3.91 17.77
CA ILE B 106 1.56 4.54 17.26
C ILE B 106 2.75 3.61 17.45
N ASN B 107 2.83 2.97 18.61
CA ASN B 107 3.93 2.09 18.95
C ASN B 107 3.40 0.83 19.63
N PRO B 108 3.07 -0.20 18.83
CA PRO B 108 2.54 -1.48 19.34
C PRO B 108 3.45 -2.12 20.38
N ALA B 109 4.75 -1.87 20.29
CA ALA B 109 5.72 -2.49 21.18
C ALA B 109 5.88 -1.73 22.50
N PHE B 110 5.26 -0.56 22.60
CA PHE B 110 5.37 0.28 23.79
C PHE B 110 4.63 -0.35 24.97
N ALA B 111 5.40 -0.83 25.95
CA ALA B 111 4.84 -1.61 27.05
C ALA B 111 4.09 -0.77 28.08
N ASP B 112 4.59 0.43 28.35
CA ASP B 112 4.04 1.27 29.40
C ASP B 112 2.57 1.62 29.20
N ALA B 113 2.18 1.78 27.94
CA ALA B 113 0.79 2.09 27.60
C ALA B 113 -0.11 0.89 27.84
N HIS B 114 0.46 -0.31 27.71
CA HIS B 114 -0.29 -1.54 27.91
C HIS B 114 -0.61 -1.79 29.39
N SER B 115 0.35 -1.50 30.26
CA SER B 115 0.13 -1.67 31.69
C SER B 115 -0.81 -0.59 32.22
N ASN B 116 -0.76 0.58 31.59
CA ASN B 116 -1.65 1.68 31.96
C ASN B 116 -3.10 1.39 31.57
N LEU B 117 -3.28 0.79 30.41
CA LEU B 117 -4.61 0.35 29.97
C LEU B 117 -5.17 -0.66 30.95
N ALA B 118 -4.30 -1.58 31.39
CA ALA B 118 -4.69 -2.61 32.34
C ALA B 118 -5.09 -2.00 33.67
N SER B 119 -4.41 -0.91 34.04
CA SER B 119 -4.71 -0.20 35.29
C SER B 119 -6.13 0.34 35.28
N ILE B 120 -6.55 0.88 34.14
CA ILE B 120 -7.91 1.37 34.00
C ILE B 120 -8.91 0.23 34.15
N HIS B 121 -8.57 -0.94 33.61
CA HIS B 121 -9.40 -2.12 33.74
C HIS B 121 -9.47 -2.60 35.19
N LYS B 122 -8.33 -2.60 35.86
CA LYS B 122 -8.25 -3.02 37.26
C LYS B 122 -9.07 -2.09 38.15
N ASP B 123 -8.96 -0.80 37.90
CA ASP B 123 -9.73 0.21 38.63
C ASP B 123 -11.21 0.08 38.36
N SER B 124 -11.55 -0.47 37.20
CA SER B 124 -12.95 -0.59 36.79
C SER B 124 -13.51 -1.97 37.10
N GLY B 125 -12.75 -2.77 37.84
CA GLY B 125 -13.20 -4.08 38.24
C GLY B 125 -13.02 -5.16 37.18
N ASN B 126 -12.74 -4.73 35.95
CA ASN B 126 -12.50 -5.66 34.86
C ASN B 126 -11.17 -6.40 35.05
N ILE B 127 -11.14 -7.30 36.03
CA ILE B 127 -9.90 -7.99 36.39
C ILE B 127 -9.31 -8.91 35.31
N PRO B 128 -10.13 -9.73 34.64
CA PRO B 128 -9.55 -10.52 33.53
C PRO B 128 -8.97 -9.64 32.42
N GLU B 129 -9.65 -8.53 32.12
CA GLU B 129 -9.18 -7.61 31.10
C GLU B 129 -7.87 -6.95 31.52
N ALA B 130 -7.72 -6.74 32.82
CA ALA B 130 -6.50 -6.14 33.36
C ALA B 130 -5.35 -7.12 33.30
N ILE B 131 -5.60 -8.36 33.72
CA ILE B 131 -4.59 -9.41 33.69
C ILE B 131 -4.04 -9.60 32.28
N ALA B 132 -4.95 -9.60 31.30
CA ALA B 132 -4.58 -9.79 29.91
C ALA B 132 -3.60 -8.72 29.43
N SER B 133 -3.92 -7.46 29.70
CA SER B 133 -3.08 -6.35 29.25
C SER B 133 -1.78 -6.22 30.06
N TYR B 134 -1.78 -6.75 31.28
CA TYR B 134 -0.58 -6.74 32.09
C TYR B 134 0.43 -7.75 31.56
N ARG B 135 -0.07 -8.90 31.12
CA ARG B 135 0.78 -9.92 30.52
C ARG B 135 1.37 -9.42 29.20
N THR B 136 0.56 -8.69 28.45
CA THR B 136 0.99 -8.10 27.19
C THR B 136 2.11 -7.10 27.45
N ALA B 137 1.96 -6.31 28.51
CA ALA B 137 2.98 -5.34 28.91
C ALA B 137 4.26 -6.04 29.33
N LEU B 138 4.11 -7.12 30.08
CA LEU B 138 5.26 -7.86 30.59
C LEU B 138 5.96 -8.68 29.52
N LYS B 139 5.27 -8.92 28.41
CA LYS B 139 5.85 -9.66 27.30
C LYS B 139 6.70 -8.71 26.45
N LEU B 140 6.21 -7.49 26.30
CA LEU B 140 6.94 -6.46 25.55
C LEU B 140 8.08 -5.88 26.39
N LYS B 141 8.06 -6.17 27.68
CA LYS B 141 9.06 -5.64 28.60
C LYS B 141 9.08 -6.48 29.88
N PRO B 142 9.92 -7.52 29.90
CA PRO B 142 10.02 -8.46 31.02
C PRO B 142 10.36 -7.77 32.35
N ASP B 143 11.24 -6.77 32.32
CA ASP B 143 11.61 -6.07 33.55
C ASP B 143 10.71 -4.87 33.78
N PHE B 144 9.47 -5.15 34.17
CA PHE B 144 8.47 -4.12 34.42
C PHE B 144 7.87 -4.30 35.80
N PRO B 145 8.52 -3.70 36.82
CA PRO B 145 8.10 -3.80 38.22
C PRO B 145 6.63 -3.41 38.44
N ASP B 146 6.26 -2.21 37.98
CA ASP B 146 4.91 -1.71 38.16
C ASP B 146 3.86 -2.65 37.57
N ALA B 147 4.12 -3.16 36.38
CA ALA B 147 3.19 -4.05 35.70
C ALA B 147 3.13 -5.42 36.38
N TYR B 148 4.27 -5.88 36.90
CA TYR B 148 4.33 -7.18 37.55
C TYR B 148 3.61 -7.17 38.89
N CYS B 149 3.84 -6.12 39.67
CA CYS B 149 3.24 -6.01 40.99
C CYS B 149 1.73 -5.83 40.91
N ASN B 150 1.28 -5.03 39.95
CA ASN B 150 -0.15 -4.84 39.74
C ASN B 150 -0.80 -6.12 39.23
N LEU B 151 -0.07 -6.89 38.44
CA LEU B 151 -0.54 -8.19 37.97
C LEU B 151 -0.66 -9.15 39.14
N ALA B 152 0.37 -9.17 39.98
CA ALA B 152 0.41 -10.05 41.14
C ALA B 152 -0.79 -9.82 42.06
N HIS B 153 -1.23 -8.57 42.15
CA HIS B 153 -2.39 -8.23 42.96
C HIS B 153 -3.69 -8.63 42.26
N CYS B 154 -3.69 -8.58 40.94
CA CYS B 154 -4.84 -9.04 40.16
C CYS B 154 -5.02 -10.54 40.34
N LEU B 155 -3.91 -11.26 40.34
CA LEU B 155 -3.92 -12.71 40.53
C LEU B 155 -4.39 -13.04 41.94
N GLN B 156 -3.94 -12.25 42.90
CA GLN B 156 -4.33 -12.42 44.29
C GLN B 156 -5.84 -12.28 44.45
N ILE B 157 -6.41 -11.32 43.75
CA ILE B 157 -7.84 -11.05 43.79
C ILE B 157 -8.67 -12.24 43.34
N VAL B 158 -8.28 -12.85 42.22
CA VAL B 158 -9.03 -13.95 41.64
C VAL B 158 -8.52 -15.30 42.15
N CYS B 159 -7.65 -15.26 43.15
CA CYS B 159 -7.04 -16.45 43.72
C CYS B 159 -6.27 -17.30 42.71
N ASP B 160 -5.62 -16.64 41.76
CA ASP B 160 -4.74 -17.33 40.83
C ASP B 160 -3.37 -17.50 41.49
N TRP B 161 -3.14 -18.69 42.04
CA TRP B 161 -1.93 -18.96 42.79
C TRP B 161 -0.88 -19.69 41.96
N THR B 162 -0.96 -19.53 40.64
CA THR B 162 0.01 -20.11 39.74
C THR B 162 1.41 -19.61 40.05
N ASP B 163 2.32 -20.53 40.37
CA ASP B 163 3.70 -20.20 40.74
C ASP B 163 3.74 -19.21 41.90
N TYR B 164 2.99 -19.52 42.95
CA TYR B 164 2.81 -18.60 44.08
C TYR B 164 4.10 -18.25 44.81
N ASP B 165 4.78 -19.27 45.34
CA ASP B 165 5.99 -19.06 46.14
C ASP B 165 7.07 -18.30 45.39
N GLU B 166 7.17 -18.57 44.09
CA GLU B 166 8.12 -17.86 43.23
C GLU B 166 7.69 -16.42 43.04
N ARG B 167 6.38 -16.22 42.91
CA ARG B 167 5.84 -14.89 42.66
C ARG B 167 5.99 -13.97 43.87
N MET B 168 5.81 -14.53 45.06
CA MET B 168 5.98 -13.77 46.29
C MET B 168 7.46 -13.43 46.48
N LYS B 169 8.32 -14.40 46.20
CA LYS B 169 9.76 -14.25 46.39
C LYS B 169 10.32 -13.15 45.49
N LYS B 170 9.67 -12.93 44.35
CA LYS B 170 10.09 -11.90 43.41
C LYS B 170 9.57 -10.52 43.82
N LEU B 171 8.35 -10.48 44.34
CA LEU B 171 7.77 -9.24 44.85
C LEU B 171 8.68 -8.64 45.92
N VAL B 172 9.15 -9.50 46.82
CA VAL B 172 10.08 -9.09 47.86
C VAL B 172 11.37 -8.59 47.22
N SER B 173 11.83 -9.30 46.20
CA SER B 173 13.05 -8.92 45.48
C SER B 173 12.86 -7.56 44.81
N ILE B 174 11.70 -7.35 44.20
CA ILE B 174 11.40 -6.11 43.51
C ILE B 174 11.37 -4.91 44.48
N VAL B 175 10.67 -5.07 45.60
CA VAL B 175 10.58 -4.01 46.60
C VAL B 175 11.95 -3.67 47.18
N ALA B 176 12.68 -4.71 47.59
CA ALA B 176 14.00 -4.55 48.17
C ALA B 176 14.94 -3.83 47.21
N ASP B 177 14.81 -4.14 45.93
CA ASP B 177 15.60 -3.48 44.90
C ASP B 177 15.17 -2.02 44.75
N GLN B 178 13.86 -1.80 44.72
CA GLN B 178 13.33 -0.46 44.52
C GLN B 178 13.60 0.47 45.70
N LEU B 179 13.63 -0.11 46.90
CA LEU B 179 13.94 0.67 48.10
C LEU B 179 15.41 1.08 48.11
N GLU B 180 16.29 0.14 47.80
CA GLU B 180 17.72 0.39 47.80
C GLU B 180 18.10 1.35 46.66
N LYS B 181 17.33 1.31 45.58
CA LYS B 181 17.56 2.17 44.43
C LYS B 181 16.98 3.56 44.65
N ASN B 182 16.35 3.74 45.80
CA ASN B 182 15.70 5.00 46.17
C ASN B 182 14.61 5.43 45.18
N ARG B 183 13.76 4.48 44.82
CA ARG B 183 12.63 4.74 43.94
C ARG B 183 11.33 4.44 44.68
N LEU B 184 10.20 4.75 44.05
CA LEU B 184 8.89 4.43 44.63
C LEU B 184 8.55 2.97 44.34
N PRO B 185 8.32 2.18 45.40
CA PRO B 185 8.01 0.76 45.29
C PRO B 185 6.75 0.51 44.47
N SER B 186 6.75 -0.55 43.66
CA SER B 186 5.62 -0.86 42.79
C SER B 186 4.50 -1.57 43.54
N VAL B 187 4.79 -2.02 44.75
CA VAL B 187 3.77 -2.61 45.61
C VAL B 187 3.09 -1.50 46.42
N HIS B 188 1.78 -1.41 46.30
CA HIS B 188 1.00 -0.41 47.03
C HIS B 188 0.92 -0.76 48.51
N PRO B 189 1.02 0.26 49.38
CA PRO B 189 0.98 0.12 50.84
C PRO B 189 -0.16 -0.78 51.34
N HIS B 190 -1.34 -0.61 50.77
CA HIS B 190 -2.50 -1.38 51.17
C HIS B 190 -2.33 -2.87 50.85
N HIS B 191 -1.48 -3.16 49.87
CA HIS B 191 -1.28 -4.53 49.42
C HIS B 191 -0.15 -5.24 50.19
N SER B 192 0.77 -4.45 50.74
CA SER B 192 1.98 -4.98 51.39
C SER B 192 1.69 -6.01 52.48
N MET B 193 0.46 -6.01 52.99
CA MET B 193 0.05 -6.96 54.01
C MET B 193 -0.09 -8.37 53.45
N LEU B 194 -0.41 -8.45 52.16
CA LEU B 194 -0.70 -9.74 51.52
C LEU B 194 0.56 -10.50 51.12
N TYR B 195 1.68 -9.79 51.08
CA TYR B 195 2.94 -10.38 50.61
C TYR B 195 3.89 -10.60 51.77
N PRO B 196 4.73 -11.64 51.68
CA PRO B 196 5.71 -11.92 52.73
C PRO B 196 6.87 -10.92 52.75
N LEU B 197 6.54 -9.63 52.86
CA LEU B 197 7.56 -8.60 52.99
C LEU B 197 7.95 -8.43 54.45
N SER B 198 9.08 -7.80 54.69
CA SER B 198 9.50 -7.53 56.07
C SER B 198 8.72 -6.34 56.62
N HIS B 199 8.64 -6.24 57.94
CA HIS B 199 7.93 -5.14 58.58
C HIS B 199 8.55 -3.80 58.21
N GLY B 200 9.87 -3.79 58.08
CA GLY B 200 10.58 -2.59 57.69
C GLY B 200 10.24 -2.17 56.27
N PHE B 201 10.13 -3.17 55.38
CA PHE B 201 9.76 -2.92 53.99
C PHE B 201 8.37 -2.32 53.90
N ARG B 202 7.41 -2.95 54.58
CA ARG B 202 6.03 -2.47 54.58
C ARG B 202 5.96 -1.04 55.11
N LYS B 203 6.74 -0.76 56.14
CA LYS B 203 6.78 0.58 56.71
C LYS B 203 7.46 1.54 55.73
N ALA B 204 8.50 1.06 55.06
CA ALA B 204 9.21 1.88 54.08
C ALA B 204 8.32 2.20 52.89
N ILE B 205 7.56 1.21 52.43
CA ILE B 205 6.64 1.39 51.32
C ILE B 205 5.61 2.47 51.64
N ALA B 206 5.03 2.39 52.82
CA ALA B 206 4.07 3.38 53.28
C ALA B 206 4.73 4.75 53.41
N GLU B 207 5.96 4.76 53.92
CA GLU B 207 6.71 5.99 54.10
C GLU B 207 6.93 6.71 52.78
N ARG B 208 7.18 5.94 51.73
CA ARG B 208 7.42 6.49 50.40
C ARG B 208 6.17 7.13 49.81
N HIS B 209 5.02 6.46 49.97
CA HIS B 209 3.76 6.99 49.48
C HIS B 209 3.34 8.21 50.29
N GLY B 210 3.83 8.30 51.52
CA GLY B 210 3.56 9.45 52.37
C GLY B 210 4.28 10.68 51.85
N ASN B 211 5.49 10.48 51.32
CA ASN B 211 6.28 11.58 50.77
C ASN B 211 5.71 12.12 49.47
N LEU B 212 4.83 11.35 48.84
CA LEU B 212 4.14 11.80 47.63
C LEU B 212 3.19 12.95 47.94
N CYS B 213 2.65 12.95 49.16
CA CYS B 213 1.79 14.03 49.62
C CYS B 213 2.60 15.29 49.82
N LEU B 214 3.84 15.13 50.28
CA LEU B 214 4.72 16.26 50.53
C LEU B 214 5.04 17.00 49.24
N ASP B 215 5.30 16.24 48.17
CA ASP B 215 5.62 16.83 46.87
C ASP B 215 4.47 17.68 46.34
N LYS B 216 3.24 17.31 46.69
CA LYS B 216 2.05 18.02 46.21
C LYS B 216 1.76 19.29 47.02
N ILE B 217 2.17 19.30 48.28
CA ILE B 217 1.87 20.43 49.17
C ILE B 217 3.04 21.41 49.28
N ASN B 218 4.25 20.97 48.95
CA ASN B 218 5.41 21.83 49.00
C ASN B 218 5.30 22.95 47.97
N VAL B 219 4.54 22.69 46.91
CA VAL B 219 4.30 23.66 45.85
C VAL B 219 3.38 24.77 46.36
N LEU B 220 2.55 24.43 47.34
CA LEU B 220 1.64 25.38 47.94
C LEU B 220 2.40 26.43 48.75
N HIS B 221 3.59 26.05 49.21
CA HIS B 221 4.48 26.93 49.98
C HIS B 221 3.77 27.57 51.17
N LYS B 222 3.04 26.76 51.93
CA LYS B 222 2.32 27.26 53.09
C LYS B 222 3.17 27.17 54.35
N PRO B 223 3.19 28.24 55.15
CA PRO B 223 3.91 28.24 56.42
C PRO B 223 3.25 27.27 57.39
N PRO B 224 3.98 26.84 58.43
CA PRO B 224 3.38 25.99 59.46
C PRO B 224 2.19 26.69 60.13
N TYR B 225 1.14 25.95 60.43
CA TYR B 225 -0.04 26.51 61.09
C TYR B 225 0.24 26.75 62.57
N GLU B 226 -0.43 27.75 63.13
CA GLU B 226 -0.38 27.97 64.57
C GLU B 226 -1.46 27.13 65.25
N HIS B 227 -1.03 26.17 66.06
CA HIS B 227 -1.95 25.24 66.71
C HIS B 227 -2.37 25.74 68.09
N PRO B 228 -3.58 25.34 68.53
CA PRO B 228 -4.05 25.69 69.87
C PRO B 228 -3.13 25.14 70.96
N LYS B 229 -3.00 25.88 72.06
CA LYS B 229 -2.20 25.44 73.19
C LYS B 229 -3.09 25.10 74.37
N ASP B 230 -4.36 25.49 74.27
CA ASP B 230 -5.33 25.24 75.32
C ASP B 230 -6.68 24.84 74.75
N LEU B 231 -7.71 24.89 75.59
CA LEU B 231 -9.07 24.63 75.14
C LEU B 231 -9.94 25.83 75.47
N LYS B 232 -9.29 26.97 75.72
CA LYS B 232 -10.00 28.17 76.16
C LYS B 232 -10.94 28.74 75.10
N LEU B 233 -10.48 28.77 73.86
CA LEU B 233 -11.28 29.32 72.76
C LEU B 233 -12.38 28.36 72.34
N SER B 234 -12.25 27.10 72.74
CA SER B 234 -13.25 26.09 72.42
C SER B 234 -14.08 25.71 73.65
N ASP B 235 -14.14 26.62 74.62
CA ASP B 235 -15.00 26.49 75.80
C ASP B 235 -14.72 25.23 76.61
N GLY B 236 -13.44 24.86 76.69
CA GLY B 236 -13.04 23.69 77.45
C GLY B 236 -13.22 22.39 76.71
N ARG B 237 -13.83 22.48 75.53
CA ARG B 237 -14.10 21.29 74.72
C ARG B 237 -12.92 20.93 73.82
N LEU B 238 -12.70 19.64 73.63
CA LEU B 238 -11.68 19.17 72.70
C LEU B 238 -12.30 19.06 71.31
N ARG B 239 -11.68 19.71 70.34
CA ARG B 239 -12.19 19.72 68.97
C ARG B 239 -11.60 18.60 68.13
N VAL B 240 -12.37 17.52 67.97
CA VAL B 240 -11.94 16.37 67.20
C VAL B 240 -12.50 16.43 65.79
N GLY B 241 -11.62 16.33 64.80
CA GLY B 241 -12.03 16.30 63.41
C GLY B 241 -11.88 14.92 62.81
N TYR B 242 -12.97 14.41 62.24
CA TYR B 242 -12.93 13.11 61.56
C TYR B 242 -12.91 13.31 60.05
N VAL B 243 -11.80 12.91 59.41
CA VAL B 243 -11.65 13.08 57.98
C VAL B 243 -11.79 11.75 57.24
N SER B 244 -12.87 11.59 56.48
CA SER B 244 -13.12 10.35 55.76
C SER B 244 -13.93 10.56 54.49
N SER B 245 -13.57 9.79 53.45
CA SER B 245 -14.32 9.78 52.21
C SER B 245 -15.37 8.68 52.26
N ASP B 246 -15.68 8.23 53.47
CA ASP B 246 -16.54 7.08 53.65
C ASP B 246 -17.81 7.41 54.42
N PHE B 247 -18.12 8.69 54.55
CA PHE B 247 -19.37 9.09 55.17
C PHE B 247 -20.53 8.89 54.20
N GLY B 248 -21.05 7.66 54.16
CA GLY B 248 -22.10 7.28 53.24
C GLY B 248 -22.25 5.77 53.25
N ASN B 249 -22.82 5.20 52.20
CA ASN B 249 -22.95 3.75 52.11
C ASN B 249 -21.59 3.08 51.88
N HIS B 250 -20.80 2.98 52.95
CA HIS B 250 -19.45 2.45 52.89
C HIS B 250 -19.11 1.75 54.20
N PRO B 251 -18.46 0.57 54.13
CA PRO B 251 -18.16 -0.23 55.32
C PRO B 251 -17.66 0.56 56.52
N THR B 252 -16.78 1.55 56.29
CA THR B 252 -16.26 2.39 57.35
C THR B 252 -17.37 3.08 58.11
N SER B 253 -18.30 3.67 57.35
CA SER B 253 -19.45 4.36 57.94
C SER B 253 -20.31 3.39 58.73
N HIS B 254 -20.37 2.14 58.27
CA HIS B 254 -21.13 1.11 58.95
C HIS B 254 -20.55 0.83 60.33
N LEU B 255 -19.24 0.95 60.47
CA LEU B 255 -18.61 0.67 61.75
C LEU B 255 -18.77 1.81 62.75
N MET B 256 -18.60 3.04 62.30
CA MET B 256 -18.51 4.18 63.20
C MET B 256 -19.65 5.20 63.21
N GLN B 257 -20.69 4.99 62.42
CA GLN B 257 -21.74 6.01 62.25
C GLN B 257 -22.40 6.56 63.53
N SER B 258 -22.49 5.73 64.57
CA SER B 258 -23.07 6.20 65.84
C SER B 258 -22.10 7.01 66.69
N ILE B 259 -20.81 6.77 66.47
CA ILE B 259 -19.78 7.36 67.33
C ILE B 259 -19.77 8.91 67.45
N PRO B 260 -19.84 9.64 66.32
CA PRO B 260 -19.92 11.11 66.42
C PRO B 260 -21.06 11.61 67.30
N GLY B 261 -22.21 10.96 67.23
CA GLY B 261 -23.36 11.33 68.03
C GLY B 261 -23.20 10.99 69.51
N MET B 262 -22.37 10.00 69.79
CA MET B 262 -22.22 9.51 71.16
C MET B 262 -21.09 10.20 71.92
N HIS B 263 -20.49 11.21 71.31
CA HIS B 263 -19.48 12.01 72.00
C HIS B 263 -20.12 12.88 73.07
N ASN B 264 -19.37 13.16 74.13
CA ASN B 264 -19.84 14.00 75.23
C ASN B 264 -19.73 15.48 74.91
N PRO B 265 -20.88 16.16 74.75
CA PRO B 265 -20.94 17.57 74.34
C PRO B 265 -20.28 18.52 75.33
N ASP B 266 -19.99 18.06 76.54
CA ASP B 266 -19.41 18.92 77.55
C ASP B 266 -17.89 19.00 77.41
N LYS B 267 -17.30 17.94 76.85
CA LYS B 267 -15.86 17.83 76.77
C LYS B 267 -15.34 17.77 75.34
N PHE B 268 -16.24 17.54 74.39
CA PHE B 268 -15.83 17.33 73.00
C PHE B 268 -16.70 18.05 71.99
N GLU B 269 -16.05 18.66 70.99
CA GLU B 269 -16.73 19.26 69.86
C GLU B 269 -16.34 18.52 68.60
N VAL B 270 -17.30 17.83 68.00
CA VAL B 270 -17.00 16.91 66.90
C VAL B 270 -17.22 17.50 65.51
N PHE B 271 -16.15 17.58 64.73
CA PHE B 271 -16.20 18.03 63.36
C PHE B 271 -16.02 16.84 62.43
N CYS B 272 -16.87 16.72 61.42
CA CYS B 272 -16.73 15.66 60.42
C CYS B 272 -16.42 16.25 59.06
N TYR B 273 -15.26 15.89 58.52
CA TYR B 273 -14.82 16.39 57.23
C TYR B 273 -14.95 15.33 56.14
N ALA B 274 -16.06 15.37 55.41
CA ALA B 274 -16.30 14.40 54.34
C ALA B 274 -15.51 14.75 53.08
N LEU B 275 -14.74 13.79 52.60
CA LEU B 275 -13.98 13.96 51.37
C LEU B 275 -14.81 13.58 50.17
N SER B 276 -15.95 12.93 50.44
CA SER B 276 -16.85 12.48 49.39
C SER B 276 -18.15 13.28 49.43
N PRO B 277 -18.82 13.40 48.27
CA PRO B 277 -20.10 14.11 48.22
C PRO B 277 -21.25 13.30 48.83
N ASP B 278 -22.34 13.98 49.13
CA ASP B 278 -23.52 13.34 49.70
C ASP B 278 -24.10 12.34 48.71
N ASP B 279 -24.22 11.09 49.13
CA ASP B 279 -24.81 10.05 48.28
C ASP B 279 -26.26 9.77 48.67
N GLY B 280 -26.80 10.59 49.57
CA GLY B 280 -28.21 10.53 49.94
C GLY B 280 -28.58 9.43 50.90
N THR B 281 -27.65 8.50 51.13
CA THR B 281 -27.90 7.37 52.01
C THR B 281 -28.07 7.83 53.46
N ASN B 282 -28.76 7.02 54.26
CA ASN B 282 -29.04 7.37 55.66
C ASN B 282 -27.79 7.44 56.52
N PHE B 283 -26.72 6.81 56.07
CA PHE B 283 -25.45 6.85 56.77
C PHE B 283 -24.90 8.28 56.76
N ARG B 284 -24.92 8.90 55.58
CA ARG B 284 -24.50 10.28 55.42
C ARG B 284 -25.38 11.20 56.26
N VAL B 285 -26.69 10.96 56.21
CA VAL B 285 -27.66 11.75 56.97
C VAL B 285 -27.36 11.74 58.46
N LYS B 286 -27.15 10.54 59.00
CA LYS B 286 -26.91 10.35 60.42
C LYS B 286 -25.70 11.13 60.91
N VAL B 287 -24.57 10.97 60.21
CA VAL B 287 -23.35 11.65 60.59
C VAL B 287 -23.51 13.18 60.50
N MET B 288 -24.16 13.64 59.44
CA MET B 288 -24.38 15.07 59.24
C MET B 288 -25.24 15.66 60.35
N ALA B 289 -26.27 14.93 60.73
CA ALA B 289 -27.21 15.41 61.74
C ALA B 289 -26.65 15.30 63.16
N GLU B 290 -25.86 14.27 63.41
CA GLU B 290 -25.40 13.98 64.76
C GLU B 290 -24.04 14.58 65.12
N ALA B 291 -23.25 14.93 64.11
CA ALA B 291 -21.98 15.59 64.38
C ALA B 291 -22.23 17.05 64.71
N ASN B 292 -21.41 17.60 65.61
CA ASN B 292 -21.52 19.01 65.97
C ASN B 292 -21.30 19.90 64.75
N HIS B 293 -20.43 19.47 63.85
CA HIS B 293 -20.18 20.18 62.60
C HIS B 293 -19.86 19.21 61.48
N PHE B 294 -20.54 19.36 60.34
CA PHE B 294 -20.24 18.54 59.18
C PHE B 294 -19.74 19.41 58.03
N ILE B 295 -18.53 19.15 57.59
CA ILE B 295 -17.91 19.95 56.54
C ILE B 295 -17.72 19.12 55.27
N ASP B 296 -18.25 19.59 54.15
CA ASP B 296 -18.13 18.90 52.88
C ASP B 296 -16.88 19.35 52.14
N LEU B 297 -15.75 18.68 52.40
CA LEU B 297 -14.48 19.05 51.78
C LEU B 297 -14.38 18.60 50.33
N SER B 298 -15.36 17.83 49.87
CA SER B 298 -15.38 17.39 48.48
C SER B 298 -15.62 18.58 47.56
N GLN B 299 -16.21 19.64 48.12
CA GLN B 299 -16.46 20.86 47.37
C GLN B 299 -15.34 21.87 47.56
N ILE B 300 -14.29 21.48 48.27
CA ILE B 300 -13.07 22.27 48.36
C ILE B 300 -11.91 21.41 47.86
N PRO B 301 -11.71 21.39 46.53
CA PRO B 301 -10.73 20.52 45.87
C PRO B 301 -9.29 20.83 46.27
N CYS B 302 -8.96 22.12 46.39
CA CYS B 302 -7.61 22.52 46.76
C CYS B 302 -7.27 22.13 48.19
N ASN B 303 -6.17 21.39 48.36
CA ASN B 303 -5.74 20.95 49.69
C ASN B 303 -5.28 22.10 50.56
N GLY B 304 -4.80 23.17 49.93
CA GLY B 304 -4.34 24.34 50.66
C GLY B 304 -5.47 25.08 51.34
N LYS B 305 -6.64 25.08 50.70
CA LYS B 305 -7.81 25.75 51.26
C LYS B 305 -8.59 24.86 52.21
N ALA B 306 -8.60 23.57 51.93
CA ALA B 306 -9.30 22.60 52.78
C ALA B 306 -8.59 22.44 54.12
N ALA B 307 -7.27 22.53 54.11
CA ALA B 307 -6.50 22.49 55.34
C ALA B 307 -6.71 23.77 56.13
N ASP B 308 -6.77 24.89 55.41
CA ASP B 308 -7.07 26.18 56.02
C ASP B 308 -8.40 26.11 56.75
N ARG B 309 -9.40 25.49 56.11
CA ARG B 309 -10.72 25.34 56.68
C ARG B 309 -10.67 24.52 57.97
N ILE B 310 -9.86 23.46 57.96
CA ILE B 310 -9.67 22.63 59.14
C ILE B 310 -9.01 23.44 60.25
N HIS B 311 -7.96 24.18 59.88
CA HIS B 311 -7.23 25.01 60.84
C HIS B 311 -8.09 26.11 61.44
N GLN B 312 -8.97 26.68 60.61
CA GLN B 312 -9.87 27.75 61.06
C GLN B 312 -10.88 27.22 62.08
N ASP B 313 -11.20 25.94 61.99
CA ASP B 313 -12.16 25.32 62.91
C ASP B 313 -11.56 25.07 64.29
N GLY B 314 -10.23 25.17 64.37
CA GLY B 314 -9.53 25.02 65.64
C GLY B 314 -9.39 23.58 66.11
N ILE B 315 -9.26 22.66 65.16
CA ILE B 315 -9.16 21.24 65.46
C ILE B 315 -7.91 20.91 66.29
N HIS B 316 -8.11 20.19 67.38
CA HIS B 316 -7.01 19.75 68.22
C HIS B 316 -6.49 18.39 67.75
N ILE B 317 -7.41 17.46 67.52
CA ILE B 317 -7.04 16.15 67.02
C ILE B 317 -7.73 15.84 65.70
N LEU B 318 -6.95 15.76 64.63
CA LEU B 318 -7.48 15.39 63.32
C LEU B 318 -7.31 13.89 63.13
N VAL B 319 -8.36 13.23 62.65
CA VAL B 319 -8.37 11.77 62.59
C VAL B 319 -8.43 11.24 61.16
N ASN B 320 -7.41 10.47 60.78
CA ASN B 320 -7.33 9.90 59.45
C ASN B 320 -8.07 8.58 59.36
N MET B 321 -9.22 8.59 58.71
CA MET B 321 -10.04 7.40 58.57
C MET B 321 -9.91 6.81 57.18
N ASN B 322 -8.82 7.16 56.50
CA ASN B 322 -8.58 6.70 55.13
C ASN B 322 -7.24 6.00 54.97
N GLY B 323 -6.18 6.63 55.45
CA GLY B 323 -4.84 6.12 55.25
C GLY B 323 -4.51 6.09 53.78
N TYR B 324 -4.21 4.90 53.26
CA TYR B 324 -3.90 4.73 51.85
C TYR B 324 -4.99 3.94 51.13
N THR B 325 -6.24 4.31 51.41
CA THR B 325 -7.37 3.69 50.74
C THR B 325 -7.93 4.65 49.70
N LYS B 326 -8.89 4.17 48.92
CA LYS B 326 -9.48 4.97 47.85
C LYS B 326 -10.20 6.21 48.41
N GLY B 327 -9.99 7.34 47.77
CA GLY B 327 -10.66 8.57 48.15
C GLY B 327 -9.91 9.39 49.18
N ALA B 328 -8.78 8.86 49.66
CA ALA B 328 -7.99 9.54 50.68
C ALA B 328 -7.41 10.85 50.17
N ARG B 329 -7.19 11.78 51.10
CA ARG B 329 -6.53 13.04 50.78
C ARG B 329 -5.54 13.36 51.89
N ASN B 330 -4.48 12.57 51.98
CA ASN B 330 -3.51 12.70 53.05
C ASN B 330 -2.65 13.95 52.95
N GLU B 331 -2.80 14.69 51.85
CA GLU B 331 -2.16 15.99 51.71
C GLU B 331 -2.66 16.93 52.79
N LEU B 332 -3.93 16.75 53.17
CA LEU B 332 -4.55 17.50 54.24
C LEU B 332 -3.75 17.34 55.52
N PHE B 333 -3.46 16.10 55.87
CA PHE B 333 -2.69 15.79 57.07
C PHE B 333 -1.23 16.18 56.92
N ALA B 334 -0.72 16.10 55.69
CA ALA B 334 0.65 16.47 55.41
C ALA B 334 0.87 17.96 55.63
N LEU B 335 -0.20 18.74 55.48
CA LEU B 335 -0.14 20.18 55.73
C LEU B 335 -0.17 20.49 57.22
N ARG B 336 -0.54 19.50 58.01
CA ARG B 336 -0.58 19.60 59.47
C ARG B 336 -1.35 20.82 60.01
N PRO B 337 -2.68 20.83 59.85
CA PRO B 337 -3.48 21.92 60.41
C PRO B 337 -3.86 21.67 61.87
N ALA B 338 -3.59 20.46 62.34
CA ALA B 338 -3.90 20.10 63.73
C ALA B 338 -2.63 19.68 64.45
N PRO B 339 -2.53 20.02 65.75
CA PRO B 339 -1.35 19.72 66.55
C PRO B 339 -1.19 18.22 66.80
N ILE B 340 -2.30 17.49 66.74
CA ILE B 340 -2.28 16.05 66.96
C ILE B 340 -3.05 15.37 65.82
N GLN B 341 -2.42 14.39 65.17
CA GLN B 341 -3.05 13.73 64.03
C GLN B 341 -2.90 12.21 64.09
N ALA B 342 -4.04 11.51 64.14
CA ALA B 342 -4.02 10.07 64.40
C ALA B 342 -4.72 9.23 63.33
N MET B 343 -4.18 8.05 63.09
CA MET B 343 -4.81 7.04 62.23
C MET B 343 -5.88 6.32 63.04
N TRP B 344 -7.01 6.00 62.42
CA TRP B 344 -8.08 5.32 63.13
C TRP B 344 -9.05 4.53 62.25
N LEU B 345 -9.17 3.24 62.54
CA LEU B 345 -10.21 2.37 61.99
C LEU B 345 -10.15 2.10 60.48
N GLY B 346 -10.01 3.16 59.69
CA GLY B 346 -10.08 3.06 58.24
C GLY B 346 -9.00 2.21 57.60
N TYR B 347 -7.75 2.49 57.93
CA TYR B 347 -6.61 1.83 57.29
C TYR B 347 -5.90 0.86 58.24
N PRO B 348 -5.80 -0.42 57.83
CA PRO B 348 -5.21 -1.48 58.65
C PRO B 348 -3.69 -1.60 58.48
N GLY B 349 -2.98 -0.52 58.75
CA GLY B 349 -1.53 -0.53 58.64
C GLY B 349 -0.92 0.83 58.94
N THR B 350 0.41 0.88 58.96
CA THR B 350 1.11 2.13 59.25
C THR B 350 1.02 3.08 58.05
N SER B 351 0.93 4.37 58.34
CA SER B 351 0.91 5.38 57.29
C SER B 351 2.32 5.64 56.80
N GLY B 352 3.29 5.26 57.62
CA GLY B 352 4.69 5.43 57.28
C GLY B 352 5.16 6.87 57.35
N ALA B 353 4.22 7.79 57.47
CA ALA B 353 4.50 9.21 57.32
C ALA B 353 4.79 9.92 58.64
N LEU B 354 5.55 11.01 58.54
CA LEU B 354 5.91 11.81 59.71
C LEU B 354 4.77 12.71 60.16
N PHE B 355 3.87 13.05 59.24
CA PHE B 355 2.76 13.95 59.56
C PHE B 355 1.63 13.25 60.32
N MET B 356 1.81 11.97 60.60
CA MET B 356 0.85 11.23 61.42
C MET B 356 1.48 10.87 62.76
N ASP B 357 0.84 11.30 63.85
CA ASP B 357 1.42 11.21 65.18
C ASP B 357 1.14 9.89 65.89
N TYR B 358 -0.13 9.58 66.06
CA TYR B 358 -0.51 8.34 66.74
C TYR B 358 -1.23 7.40 65.78
N ILE B 359 -1.27 6.12 66.15
CA ILE B 359 -2.17 5.18 65.50
C ILE B 359 -3.04 4.51 66.56
N ILE B 360 -4.36 4.69 66.42
CA ILE B 360 -5.27 4.13 67.41
C ILE B 360 -5.47 2.63 67.16
N THR B 361 -4.94 1.83 68.07
CA THR B 361 -5.02 0.38 67.99
C THR B 361 -5.26 -0.17 69.40
N ASP B 362 -4.80 -1.39 69.65
CA ASP B 362 -4.92 -1.99 70.97
C ASP B 362 -3.79 -2.97 71.27
N GLN B 363 -3.67 -3.36 72.54
CA GLN B 363 -2.61 -4.26 72.99
C GLN B 363 -2.65 -5.60 72.27
N GLU B 364 -3.84 -6.08 71.95
CA GLU B 364 -4.01 -7.37 71.30
C GLU B 364 -3.73 -7.32 69.80
N THR B 365 -3.89 -6.15 69.20
CA THR B 365 -3.64 -5.97 67.78
C THR B 365 -2.18 -5.57 67.54
N SER B 366 -1.73 -4.58 68.31
CA SER B 366 -0.37 -4.07 68.14
C SER B 366 0.39 -4.14 69.45
N PRO B 367 0.82 -5.35 69.86
CA PRO B 367 1.60 -5.51 71.08
C PRO B 367 2.92 -4.75 71.01
N ALA B 368 3.53 -4.50 72.17
CA ALA B 368 4.71 -3.66 72.25
C ALA B 368 5.89 -4.19 71.42
N GLU B 369 5.91 -5.50 71.17
CA GLU B 369 7.01 -6.12 70.43
C GLU B 369 7.04 -5.71 68.97
N VAL B 370 5.86 -5.53 68.37
CA VAL B 370 5.77 -5.11 66.98
C VAL B 370 5.48 -3.62 66.86
N ALA B 371 5.91 -2.85 67.85
CA ALA B 371 5.69 -1.41 67.86
C ALA B 371 6.56 -0.73 66.81
N GLU B 372 7.67 -1.35 66.47
CA GLU B 372 8.61 -0.80 65.50
C GLU B 372 8.14 -0.95 64.07
N GLN B 373 7.03 -1.66 63.87
CA GLN B 373 6.50 -1.86 62.52
C GLN B 373 5.55 -0.73 62.13
N TYR B 374 5.30 0.18 63.06
CA TYR B 374 4.50 1.37 62.77
C TYR B 374 5.41 2.59 62.78
N SER B 375 5.00 3.65 62.08
CA SER B 375 5.78 4.88 62.03
C SER B 375 5.20 5.90 62.99
N GLU B 376 4.02 5.60 63.53
CA GLU B 376 3.37 6.47 64.49
C GLU B 376 3.57 5.87 65.87
N LYS B 377 3.25 6.65 66.90
CA LYS B 377 3.26 6.14 68.26
C LYS B 377 1.99 5.32 68.46
N LEU B 378 2.07 4.31 69.32
CA LEU B 378 0.90 3.50 69.62
C LEU B 378 -0.09 4.25 70.50
N ALA B 379 -1.38 4.03 70.28
CA ALA B 379 -2.42 4.60 71.12
C ALA B 379 -3.46 3.52 71.38
N TYR B 380 -3.43 2.95 72.59
CA TYR B 380 -4.26 1.81 72.91
C TYR B 380 -5.68 2.17 73.32
N MET B 381 -6.64 1.43 72.78
CA MET B 381 -7.99 1.39 73.32
C MET B 381 -7.96 0.26 74.36
N PRO B 382 -8.83 0.35 75.38
CA PRO B 382 -8.83 -0.62 76.48
C PRO B 382 -8.98 -2.08 76.05
N HIS B 383 -9.79 -2.33 75.02
CA HIS B 383 -10.05 -3.71 74.59
C HIS B 383 -9.62 -3.95 73.15
N THR B 384 -10.38 -3.42 72.21
CA THR B 384 -10.02 -3.50 70.80
C THR B 384 -10.35 -2.19 70.10
N PHE B 385 -9.52 -1.79 69.14
CA PHE B 385 -9.74 -0.53 68.44
C PHE B 385 -10.91 -0.67 67.47
N PHE B 386 -11.22 -1.91 67.10
CA PHE B 386 -12.28 -2.15 66.14
C PHE B 386 -13.66 -2.03 66.76
N ILE B 387 -14.55 -1.37 66.04
CA ILE B 387 -15.91 -1.14 66.50
C ILE B 387 -16.88 -1.50 65.37
N GLY B 388 -18.13 -1.73 65.72
CA GLY B 388 -19.16 -2.01 64.73
C GLY B 388 -20.50 -1.47 65.21
N ASP B 389 -21.37 -1.14 64.27
CA ASP B 389 -22.65 -0.50 64.59
C ASP B 389 -23.78 -1.50 64.42
N HIS B 390 -23.48 -2.78 64.57
CA HIS B 390 -24.46 -3.83 64.34
C HIS B 390 -25.60 -3.72 65.34
N ALA B 391 -25.28 -3.24 66.54
CA ALA B 391 -26.28 -3.06 67.58
C ALA B 391 -27.37 -2.09 67.14
N ASN B 392 -26.98 -1.09 66.35
CA ASN B 392 -27.91 -0.08 65.86
C ASN B 392 -28.55 -0.47 64.53
N MET B 393 -27.72 -0.96 63.61
CA MET B 393 -28.18 -1.29 62.26
C MET B 393 -29.07 -2.52 62.21
N PHE B 394 -28.68 -3.57 62.93
CA PHE B 394 -29.44 -4.82 62.91
C PHE B 394 -29.90 -5.28 64.29
N PRO B 395 -30.83 -4.54 64.92
CA PRO B 395 -31.33 -4.97 66.23
C PRO B 395 -32.31 -6.13 66.09
N HIS B 396 -32.79 -6.35 64.87
CA HIS B 396 -33.71 -7.45 64.59
C HIS B 396 -33.02 -8.82 64.62
N LEU B 397 -31.69 -8.80 64.72
CA LEU B 397 -30.91 -10.02 64.79
C LEU B 397 -30.50 -10.33 66.23
N LYS B 398 -31.01 -9.54 67.16
CA LYS B 398 -30.70 -9.71 68.58
C LYS B 398 -31.40 -10.95 69.14
N LYS B 399 -32.58 -11.23 68.60
CA LYS B 399 -33.35 -12.42 68.98
C LYS B 399 -33.68 -13.24 67.75
N LYS B 400 -33.76 -14.56 67.90
CA LYS B 400 -34.10 -15.43 66.79
C LYS B 400 -35.06 -16.54 67.18
N ALA B 401 -35.74 -17.09 66.19
CA ALA B 401 -36.63 -18.23 66.37
C ALA B 401 -36.41 -19.24 65.24
N VAL B 402 -36.62 -20.52 65.52
CA VAL B 402 -36.39 -21.56 64.52
C VAL B 402 -37.63 -22.40 64.25
N ILE B 403 -37.59 -23.16 63.15
CA ILE B 403 -38.68 -24.07 62.81
C ILE B 403 -38.18 -25.51 62.76
N ASP B 404 -38.75 -26.36 63.62
CA ASP B 404 -38.36 -27.76 63.71
C ASP B 404 -38.91 -28.56 62.53
N PHE B 405 -38.23 -29.65 62.17
CA PHE B 405 -38.67 -30.49 61.07
C PHE B 405 -38.14 -31.93 61.15
N LYS B 406 -38.72 -32.73 62.05
CA LYS B 406 -38.34 -34.13 62.17
C LYS B 406 -38.76 -34.92 60.93
N ILE B 411 -33.11 -30.45 67.68
CA ILE B 411 -33.55 -29.16 67.15
C ILE B 411 -32.36 -28.29 66.75
N TYR B 412 -32.30 -27.91 65.48
CA TYR B 412 -31.23 -27.08 64.98
C TYR B 412 -31.51 -25.60 65.27
N ASP B 413 -30.46 -24.79 65.22
CA ASP B 413 -30.60 -23.35 65.44
C ASP B 413 -30.12 -22.57 64.23
N ASN B 414 -29.82 -23.28 63.15
CA ASN B 414 -29.27 -22.66 61.96
C ASN B 414 -29.71 -23.30 60.65
N ARG B 415 -30.85 -23.98 60.69
CA ARG B 415 -31.41 -24.58 59.48
C ARG B 415 -32.53 -23.71 58.94
N ILE B 416 -33.44 -23.29 59.83
CA ILE B 416 -34.50 -22.35 59.49
C ILE B 416 -34.58 -21.32 60.61
N VAL B 417 -34.39 -20.05 60.29
CA VAL B 417 -34.33 -19.00 61.31
C VAL B 417 -35.29 -17.85 61.01
N LEU B 418 -36.01 -17.42 62.04
CA LEU B 418 -36.89 -16.25 61.92
C LEU B 418 -36.31 -15.06 62.69
N ASN B 419 -36.24 -13.91 62.03
CA ASN B 419 -35.83 -12.67 62.69
C ASN B 419 -36.85 -11.56 62.43
N GLY B 420 -36.85 -10.56 63.31
CA GLY B 420 -37.78 -9.46 63.18
C GLY B 420 -38.09 -8.82 64.52
N ILE B 421 -38.39 -7.53 64.49
CA ILE B 421 -38.71 -6.80 65.72
C ILE B 421 -39.96 -7.34 66.39
N ASP B 422 -41.02 -7.53 65.59
CA ASP B 422 -42.29 -8.01 66.11
C ASP B 422 -42.38 -9.53 66.10
N LEU B 423 -41.25 -10.20 66.32
CA LEU B 423 -41.21 -11.65 66.33
C LEU B 423 -41.85 -12.20 67.60
N LYS B 424 -41.60 -11.54 68.71
CA LYS B 424 -42.16 -11.94 70.01
C LYS B 424 -43.68 -11.93 69.94
N ALA B 425 -44.22 -10.96 69.22
CA ALA B 425 -45.67 -10.85 69.03
C ALA B 425 -46.20 -11.96 68.12
N PHE B 426 -45.43 -12.27 67.09
CA PHE B 426 -45.79 -13.31 66.12
C PHE B 426 -45.88 -14.67 66.79
N LEU B 427 -44.89 -14.98 67.63
CA LEU B 427 -44.83 -16.26 68.31
C LEU B 427 -45.94 -16.40 69.35
N ASP B 428 -46.49 -15.27 69.79
CA ASP B 428 -47.57 -15.29 70.77
C ASP B 428 -48.93 -15.49 70.11
N SER B 429 -48.95 -15.42 68.78
CA SER B 429 -50.19 -15.66 68.05
C SER B 429 -50.25 -17.10 67.59
N LEU B 430 -49.16 -17.83 67.79
CA LEU B 430 -49.06 -19.23 67.38
C LEU B 430 -49.47 -20.17 68.52
N PRO B 431 -50.10 -21.30 68.16
CA PRO B 431 -50.65 -22.24 69.14
C PRO B 431 -49.62 -22.87 70.06
N ASP B 432 -48.73 -23.68 69.52
CA ASP B 432 -47.81 -24.46 70.35
C ASP B 432 -46.34 -24.11 70.10
N VAL B 433 -45.88 -23.01 70.70
CA VAL B 433 -44.48 -22.64 70.55
C VAL B 433 -43.63 -23.17 71.70
N LYS B 434 -42.63 -23.98 71.37
CA LYS B 434 -41.71 -24.53 72.35
C LYS B 434 -40.57 -23.55 72.60
N ILE B 435 -40.24 -23.36 73.87
CA ILE B 435 -39.17 -22.43 74.23
C ILE B 435 -37.94 -23.17 74.75
N VAL B 436 -36.95 -23.35 73.88
CA VAL B 436 -35.72 -24.03 74.26
C VAL B 436 -34.77 -23.10 75.01
N LYS B 437 -34.52 -23.41 76.28
CA LYS B 437 -33.64 -22.61 77.11
C LYS B 437 -32.19 -22.75 76.68
N MET B 438 -31.45 -21.65 76.74
CA MET B 438 -30.04 -21.66 76.37
C MET B 438 -29.14 -21.80 77.58
N LYS B 439 -27.83 -21.71 77.35
CA LYS B 439 -26.84 -21.78 78.42
C LYS B 439 -25.79 -20.69 78.25
N CYS B 440 -25.17 -20.28 79.35
CA CYS B 440 -24.14 -19.24 79.33
C CYS B 440 -22.94 -19.65 78.49
N ALA B 453 -31.25 -15.48 81.12
CA ALA B 453 -32.66 -15.47 80.77
C ALA B 453 -32.85 -15.58 79.26
N LEU B 454 -31.81 -16.00 78.56
CA LEU B 454 -31.85 -16.14 77.10
C LEU B 454 -32.48 -17.46 76.67
N ASN B 455 -33.14 -17.44 75.52
CA ASN B 455 -33.87 -18.60 75.03
C ASN B 455 -34.12 -18.53 73.54
N MET B 456 -34.38 -19.70 72.94
CA MET B 456 -34.68 -19.79 71.51
C MET B 456 -36.01 -20.50 71.29
N PRO B 457 -37.04 -19.76 70.86
CA PRO B 457 -38.34 -20.34 70.56
C PRO B 457 -38.27 -21.29 69.36
N VAL B 458 -39.08 -22.35 69.38
CA VAL B 458 -39.10 -23.31 68.29
C VAL B 458 -40.51 -23.55 67.78
N ILE B 459 -40.76 -23.23 66.52
CA ILE B 459 -42.05 -23.50 65.90
C ILE B 459 -42.09 -24.92 65.36
N PRO B 460 -43.05 -25.72 65.83
CA PRO B 460 -43.18 -27.12 65.40
C PRO B 460 -43.75 -27.20 63.99
N MET B 461 -43.54 -28.33 63.33
CA MET B 461 -44.03 -28.52 61.96
C MET B 461 -45.56 -28.50 61.94
N ASN B 462 -46.12 -27.30 61.84
CA ASN B 462 -47.56 -27.11 61.84
C ASN B 462 -48.03 -26.61 60.47
N THR B 463 -49.33 -26.37 60.34
CA THR B 463 -49.88 -25.82 59.11
C THR B 463 -49.27 -24.45 58.85
N ILE B 464 -49.06 -23.70 59.92
CA ILE B 464 -48.45 -22.39 59.84
C ILE B 464 -47.00 -22.51 59.39
N ALA B 465 -46.28 -23.46 59.98
CA ALA B 465 -44.89 -23.69 59.62
C ALA B 465 -44.75 -24.14 58.19
N GLU B 466 -45.65 -25.02 57.75
CA GLU B 466 -45.65 -25.52 56.37
C GLU B 466 -45.91 -24.41 55.36
N ALA B 467 -46.63 -23.38 55.80
CA ALA B 467 -46.93 -22.24 54.94
C ALA B 467 -45.68 -21.38 54.73
N VAL B 468 -44.78 -21.40 55.71
CA VAL B 468 -43.53 -20.65 55.63
C VAL B 468 -42.54 -21.35 54.69
N ILE B 469 -42.42 -22.67 54.84
CA ILE B 469 -41.55 -23.45 53.99
C ILE B 469 -42.02 -23.37 52.55
N GLU B 470 -43.34 -23.32 52.37
CA GLU B 470 -43.95 -23.17 51.06
C GLU B 470 -43.48 -21.90 50.37
N MET B 471 -43.46 -20.80 51.12
CA MET B 471 -43.01 -19.51 50.60
C MET B 471 -41.57 -19.56 50.14
N ILE B 472 -40.73 -20.22 50.94
CA ILE B 472 -39.30 -20.32 50.63
C ILE B 472 -39.06 -21.18 49.39
N ASN B 473 -39.72 -22.34 49.33
CA ASN B 473 -39.54 -23.27 48.22
C ASN B 473 -40.12 -22.77 46.90
N ARG B 474 -41.25 -22.07 46.97
CA ARG B 474 -41.88 -21.52 45.78
C ARG B 474 -41.12 -20.29 45.28
N GLY B 475 -40.31 -19.69 46.15
CA GLY B 475 -39.56 -18.51 45.80
C GLY B 475 -40.40 -17.25 45.86
N GLN B 476 -41.46 -17.29 46.67
CA GLN B 476 -42.36 -16.15 46.81
C GLN B 476 -41.71 -15.02 47.60
N ILE B 477 -42.24 -13.82 47.45
CA ILE B 477 -41.66 -12.64 48.09
C ILE B 477 -42.00 -12.57 49.57
N GLN B 478 -43.27 -12.71 49.89
CA GLN B 478 -43.75 -12.58 51.27
C GLN B 478 -45.13 -13.20 51.43
N ILE B 479 -45.46 -13.59 52.67
CA ILE B 479 -46.78 -14.11 52.98
C ILE B 479 -47.33 -13.43 54.23
N THR B 480 -48.56 -13.79 54.60
CA THR B 480 -49.19 -13.24 55.79
C THR B 480 -49.72 -14.36 56.70
N ILE B 481 -49.27 -14.35 57.95
CA ILE B 481 -49.73 -15.31 58.94
C ILE B 481 -50.23 -14.58 60.19
N ASN B 482 -51.53 -14.70 60.45
CA ASN B 482 -52.17 -14.00 61.56
C ASN B 482 -52.00 -12.49 61.50
N GLY B 483 -51.95 -11.94 60.29
CA GLY B 483 -51.85 -10.52 60.09
C GLY B 483 -50.42 -10.01 60.10
N PHE B 484 -49.51 -10.84 60.59
CA PHE B 484 -48.09 -10.48 60.63
C PHE B 484 -47.45 -10.66 59.27
N SER B 485 -46.56 -9.75 58.90
CA SER B 485 -45.89 -9.83 57.62
C SER B 485 -44.68 -10.77 57.69
N ILE B 486 -44.70 -11.82 56.87
CA ILE B 486 -43.61 -12.77 56.82
C ILE B 486 -42.84 -12.62 55.50
N SER B 487 -41.59 -12.19 55.60
CA SER B 487 -40.80 -11.86 54.42
C SER B 487 -39.76 -12.92 54.06
N ASN B 488 -39.57 -13.15 52.77
CA ASN B 488 -38.52 -14.03 52.29
C ASN B 488 -37.18 -13.33 52.37
N GLY B 489 -36.21 -13.97 53.03
CA GLY B 489 -34.90 -13.39 53.27
C GLY B 489 -34.15 -12.98 52.01
N LEU B 490 -34.52 -13.58 50.88
CA LEU B 490 -33.87 -13.26 49.62
C LEU B 490 -34.48 -12.02 48.97
N ALA B 491 -35.74 -11.75 49.27
CA ALA B 491 -36.47 -10.67 48.61
C ALA B 491 -36.54 -9.39 49.43
N THR B 492 -35.66 -9.27 50.42
CA THR B 492 -35.65 -8.10 51.30
C THR B 492 -35.43 -6.80 50.53
N THR B 493 -34.71 -6.89 49.42
CA THR B 493 -34.41 -5.71 48.60
C THR B 493 -35.64 -5.20 47.85
N GLN B 494 -36.58 -6.09 47.58
CA GLN B 494 -37.80 -5.73 46.86
C GLN B 494 -38.82 -5.17 47.82
N ILE B 495 -38.83 -5.70 49.04
CA ILE B 495 -39.79 -5.31 50.06
C ILE B 495 -39.45 -3.95 50.67
N ASN B 496 -38.18 -3.77 51.02
CA ASN B 496 -37.69 -2.50 51.53
C ASN B 496 -36.21 -2.30 51.23
N ASN B 497 -35.94 -1.59 50.14
CA ASN B 497 -34.58 -1.36 49.68
C ASN B 497 -33.68 -0.72 50.74
N LYS B 498 -34.27 0.13 51.58
CA LYS B 498 -33.53 0.79 52.65
C LYS B 498 -33.17 -0.22 53.74
N ALA B 499 -34.08 -1.14 54.01
CA ALA B 499 -33.86 -2.14 55.05
C ALA B 499 -32.84 -3.18 54.60
N ALA B 500 -32.74 -3.38 53.30
CA ALA B 500 -31.80 -4.35 52.74
C ALA B 500 -30.36 -3.85 52.86
N THR B 501 -30.18 -2.54 52.80
CA THR B 501 -28.84 -1.94 52.83
C THR B 501 -28.37 -1.64 54.24
N GLY B 502 -29.29 -1.65 55.21
CA GLY B 502 -28.95 -1.37 56.59
C GLY B 502 -29.24 0.07 56.96
N GLU B 503 -29.77 0.83 56.01
CA GLU B 503 -30.16 2.22 56.26
C GLU B 503 -31.41 2.26 57.13
N GLU B 504 -32.17 1.17 57.13
CA GLU B 504 -33.36 1.06 57.96
C GLU B 504 -33.43 -0.30 58.64
N VAL B 505 -34.10 -0.35 59.77
CA VAL B 505 -34.36 -1.62 60.44
C VAL B 505 -35.62 -2.21 59.84
N PRO B 506 -35.53 -3.43 59.29
CA PRO B 506 -36.65 -4.13 58.67
C PRO B 506 -37.89 -4.12 59.55
N ARG B 507 -39.03 -3.78 58.95
CA ARG B 507 -40.29 -3.70 59.68
C ARG B 507 -41.11 -4.97 59.51
N THR B 508 -40.50 -5.99 58.93
CA THR B 508 -41.16 -7.27 58.70
C THR B 508 -40.38 -8.41 59.35
N ILE B 509 -40.99 -9.60 59.36
CA ILE B 509 -40.36 -10.78 59.92
C ILE B 509 -39.69 -11.56 58.81
N ILE B 510 -38.40 -11.82 58.97
CA ILE B 510 -37.59 -12.35 57.88
C ILE B 510 -37.12 -13.80 58.09
N VAL B 511 -37.51 -14.66 57.16
CA VAL B 511 -37.14 -16.08 57.20
C VAL B 511 -35.81 -16.29 56.48
N THR B 512 -34.86 -16.92 57.17
CA THR B 512 -33.58 -17.27 56.58
C THR B 512 -33.33 -18.75 56.71
N THR B 513 -33.23 -19.44 55.58
CA THR B 513 -33.05 -20.89 55.58
C THR B 513 -31.78 -21.31 54.85
N ARG B 514 -31.29 -22.51 55.16
CA ARG B 514 -30.15 -23.07 54.46
C ARG B 514 -30.51 -23.50 53.05
N SER B 515 -31.79 -23.79 52.84
CA SER B 515 -32.29 -24.22 51.54
C SER B 515 -32.38 -23.06 50.55
N GLN B 516 -32.08 -21.85 51.01
CA GLN B 516 -32.04 -20.68 50.15
C GLN B 516 -30.71 -20.59 49.41
N TYR B 517 -29.64 -21.00 50.07
CA TYR B 517 -28.30 -20.89 49.52
C TYR B 517 -27.73 -22.26 49.16
N GLY B 518 -28.55 -23.29 49.30
CA GLY B 518 -28.18 -24.63 48.89
C GLY B 518 -27.29 -25.35 49.89
N LEU B 519 -27.30 -24.92 51.13
CA LEU B 519 -26.51 -25.57 52.18
C LEU B 519 -27.17 -26.86 52.63
N PRO B 520 -26.37 -27.83 53.08
CA PRO B 520 -26.89 -29.10 53.60
C PRO B 520 -27.66 -28.91 54.91
N GLU B 521 -28.83 -29.55 55.00
CA GLU B 521 -29.69 -29.43 56.19
C GLU B 521 -29.15 -30.23 57.36
N ASP B 522 -28.20 -31.11 57.09
CA ASP B 522 -27.69 -32.02 58.11
C ASP B 522 -26.17 -32.11 58.11
N ALA B 523 -25.50 -30.96 58.12
CA ALA B 523 -24.04 -30.95 58.07
C ALA B 523 -23.45 -29.66 58.63
N ILE B 524 -22.26 -29.77 59.21
CA ILE B 524 -21.53 -28.62 59.73
C ILE B 524 -21.16 -27.68 58.59
N VAL B 525 -21.50 -26.40 58.73
CA VAL B 525 -21.22 -25.43 57.68
C VAL B 525 -20.20 -24.39 58.11
N TYR B 526 -18.97 -24.53 57.59
CA TYR B 526 -17.93 -23.53 57.79
C TYR B 526 -18.09 -22.44 56.75
N CYS B 527 -17.86 -21.20 57.14
CA CYS B 527 -18.04 -20.08 56.22
C CYS B 527 -16.91 -19.06 56.29
N ASN B 528 -16.76 -18.30 55.22
CA ASN B 528 -15.86 -17.15 55.20
C ASN B 528 -16.32 -16.15 54.14
N PHE B 529 -16.98 -15.09 54.60
CA PHE B 529 -17.62 -14.13 53.70
C PHE B 529 -16.69 -12.99 53.30
N ASN B 530 -15.39 -13.20 53.45
CA ASN B 530 -14.43 -12.20 53.02
C ASN B 530 -14.32 -12.15 51.51
N GLN B 531 -13.71 -11.09 50.99
CA GLN B 531 -13.31 -11.07 49.60
C GLN B 531 -12.26 -12.16 49.44
N LEU B 532 -12.26 -12.81 48.27
CA LEU B 532 -11.40 -13.97 48.07
C LEU B 532 -9.90 -13.65 48.10
N TYR B 533 -9.57 -12.38 47.91
CA TYR B 533 -8.16 -11.96 47.84
C TYR B 533 -7.39 -12.20 49.14
N LYS B 534 -8.12 -12.40 50.24
CA LYS B 534 -7.50 -12.62 51.54
C LYS B 534 -7.09 -14.08 51.74
N ILE B 535 -7.54 -14.94 50.82
CA ILE B 535 -7.16 -16.35 50.88
C ILE B 535 -5.85 -16.56 50.14
N ASP B 536 -4.99 -17.42 50.69
CA ASP B 536 -3.75 -17.80 50.05
C ASP B 536 -3.65 -19.32 50.12
N PRO B 537 -2.74 -19.94 49.33
CA PRO B 537 -2.58 -21.40 49.34
C PRO B 537 -2.54 -22.03 50.72
N SER B 538 -1.81 -21.40 51.65
CA SER B 538 -1.68 -21.92 53.01
C SER B 538 -3.03 -21.99 53.72
N THR B 539 -3.86 -20.96 53.52
CA THR B 539 -5.16 -20.89 54.16
C THR B 539 -6.11 -21.96 53.61
N LEU B 540 -6.10 -22.16 52.30
CA LEU B 540 -6.96 -23.14 51.68
C LEU B 540 -6.55 -24.57 52.06
N GLN B 541 -5.25 -24.75 52.30
CA GLN B 541 -4.75 -26.05 52.74
C GLN B 541 -5.26 -26.36 54.15
N MET B 542 -5.29 -25.32 54.98
CA MET B 542 -5.84 -25.44 56.33
C MET B 542 -7.29 -25.86 56.28
N TRP B 543 -8.07 -25.12 55.49
CA TRP B 543 -9.50 -25.38 55.35
C TRP B 543 -9.78 -26.76 54.78
N ALA B 544 -8.88 -27.23 53.91
CA ALA B 544 -8.99 -28.57 53.36
C ALA B 544 -8.84 -29.61 54.46
N ASN B 545 -7.79 -29.46 55.26
CA ASN B 545 -7.52 -30.36 56.38
C ASN B 545 -8.69 -30.44 57.35
N ILE B 546 -9.34 -29.30 57.58
CA ILE B 546 -10.50 -29.23 58.46
C ILE B 546 -11.67 -30.00 57.87
N LEU B 547 -11.91 -29.80 56.58
CA LEU B 547 -13.02 -30.46 55.89
C LEU B 547 -12.83 -31.97 55.78
N LYS B 548 -11.59 -32.42 55.72
CA LYS B 548 -11.31 -33.85 55.61
C LYS B 548 -11.53 -34.58 56.93
N ARG B 549 -11.51 -33.82 58.02
CA ARG B 549 -11.59 -34.42 59.36
C ARG B 549 -13.01 -34.41 59.93
N VAL B 550 -13.89 -33.63 59.31
CA VAL B 550 -15.30 -33.62 59.70
C VAL B 550 -16.13 -34.33 58.64
N PRO B 551 -16.65 -35.52 58.97
CA PRO B 551 -17.30 -36.48 58.07
C PRO B 551 -18.22 -35.84 57.04
N ASN B 552 -19.22 -35.10 57.49
CA ASN B 552 -20.10 -34.37 56.59
C ASN B 552 -20.01 -32.87 56.83
N SER B 553 -19.14 -32.20 56.09
CA SER B 553 -18.94 -30.77 56.25
C SER B 553 -18.78 -30.06 54.90
N VAL B 554 -19.13 -28.79 54.88
CA VAL B 554 -18.97 -27.97 53.69
C VAL B 554 -18.32 -26.63 54.04
N LEU B 555 -17.71 -26.00 53.05
CA LEU B 555 -17.14 -24.68 53.22
C LEU B 555 -17.99 -23.67 52.45
N TRP B 556 -18.34 -22.56 53.11
CA TRP B 556 -19.22 -21.57 52.51
C TRP B 556 -18.45 -20.31 52.13
N LEU B 557 -18.18 -20.14 50.83
CA LEU B 557 -17.44 -18.97 50.36
C LEU B 557 -18.32 -18.07 49.50
N LEU B 558 -17.81 -16.89 49.18
CA LEU B 558 -18.55 -15.94 48.36
C LEU B 558 -17.87 -15.67 47.02
N ARG B 559 -18.68 -15.45 45.98
CA ARG B 559 -18.17 -15.07 44.68
C ARG B 559 -17.68 -13.63 44.74
N PHE B 560 -16.45 -13.46 45.20
CA PHE B 560 -15.91 -12.15 45.53
C PHE B 560 -14.46 -12.04 45.07
N PRO B 561 -14.23 -11.93 43.76
CA PRO B 561 -15.19 -11.89 42.65
C PRO B 561 -15.58 -13.29 42.17
N ALA B 562 -16.54 -13.35 41.25
CA ALA B 562 -17.07 -14.62 40.76
C ALA B 562 -16.02 -15.48 40.07
N VAL B 563 -15.12 -14.85 39.33
CA VAL B 563 -14.10 -15.58 38.57
C VAL B 563 -13.07 -16.26 39.47
N GLY B 564 -13.13 -15.94 40.76
CA GLY B 564 -12.25 -16.57 41.72
C GLY B 564 -12.75 -17.94 42.13
N GLU B 565 -14.03 -18.19 41.88
CA GLU B 565 -14.65 -19.47 42.22
C GLU B 565 -14.05 -20.69 41.50
N PRO B 566 -13.90 -20.63 40.16
CA PRO B 566 -13.31 -21.80 39.49
C PRO B 566 -11.88 -22.06 39.93
N ASN B 567 -11.15 -20.99 40.26
CA ASN B 567 -9.78 -21.13 40.74
C ASN B 567 -9.70 -21.88 42.07
N ILE B 568 -10.52 -21.45 43.02
CA ILE B 568 -10.55 -22.08 44.35
C ILE B 568 -11.04 -23.53 44.26
N GLN B 569 -12.09 -23.75 43.46
CA GLN B 569 -12.62 -25.09 43.26
C GLN B 569 -11.58 -26.04 42.69
N GLN B 570 -10.77 -25.55 41.76
CA GLN B 570 -9.72 -26.35 41.15
C GLN B 570 -8.63 -26.71 42.15
N TYR B 571 -8.17 -25.71 42.90
CA TYR B 571 -7.16 -25.94 43.93
C TYR B 571 -7.69 -26.84 45.03
N ALA B 572 -9.02 -26.88 45.16
CA ALA B 572 -9.67 -27.78 46.11
C ALA B 572 -9.58 -29.23 45.64
N GLN B 573 -9.70 -29.43 44.33
CA GLN B 573 -9.58 -30.77 43.75
C GLN B 573 -8.17 -31.30 43.99
N ASN B 574 -7.19 -30.42 43.86
CA ASN B 574 -5.79 -30.79 44.00
C ASN B 574 -5.39 -31.03 45.45
N MET B 575 -6.32 -30.80 46.37
CA MET B 575 -6.09 -31.11 47.77
C MET B 575 -6.89 -32.33 48.19
N GLY B 576 -7.96 -32.62 47.45
CA GLY B 576 -8.76 -33.80 47.71
C GLY B 576 -10.19 -33.50 48.08
N LEU B 577 -10.67 -32.32 47.67
CA LEU B 577 -12.03 -31.91 47.98
C LEU B 577 -12.90 -31.85 46.72
N PRO B 578 -13.93 -32.71 46.65
CA PRO B 578 -14.91 -32.68 45.57
C PRO B 578 -15.61 -31.32 45.47
N GLN B 579 -16.32 -31.09 44.37
CA GLN B 579 -16.99 -29.82 44.13
C GLN B 579 -18.04 -29.53 45.20
N ASN B 580 -18.77 -30.56 45.62
CA ASN B 580 -19.86 -30.39 46.57
C ASN B 580 -19.41 -30.07 47.99
N ARG B 581 -18.09 -30.09 48.22
CA ARG B 581 -17.54 -29.82 49.54
C ARG B 581 -17.40 -28.32 49.81
N ILE B 582 -17.37 -27.53 48.74
CA ILE B 582 -17.32 -26.09 48.87
C ILE B 582 -18.48 -25.45 48.11
N ILE B 583 -19.32 -24.71 48.82
CA ILE B 583 -20.52 -24.11 48.23
C ILE B 583 -20.40 -22.60 48.15
N PHE B 584 -20.60 -22.05 46.96
CA PHE B 584 -20.50 -20.62 46.73
C PHE B 584 -21.87 -19.93 46.71
N SER B 585 -21.89 -18.67 47.12
CA SER B 585 -23.10 -17.86 47.06
C SER B 585 -22.73 -16.45 46.61
N PRO B 586 -23.62 -15.79 45.86
CA PRO B 586 -23.34 -14.44 45.36
C PRO B 586 -23.30 -13.43 46.51
N VAL B 587 -22.67 -12.29 46.26
CA VAL B 587 -22.61 -11.22 47.26
C VAL B 587 -24.01 -10.69 47.52
N ALA B 588 -24.39 -10.65 48.79
CA ALA B 588 -25.74 -10.26 49.19
C ALA B 588 -25.77 -8.80 49.62
N PRO B 589 -26.98 -8.20 49.71
CA PRO B 589 -27.10 -6.87 50.31
C PRO B 589 -26.62 -6.88 51.75
N LYS B 590 -26.29 -5.70 52.29
CA LYS B 590 -25.67 -5.60 53.61
C LYS B 590 -26.45 -6.37 54.69
N GLU B 591 -27.76 -6.17 54.74
CA GLU B 591 -28.58 -6.81 55.76
C GLU B 591 -28.67 -8.32 55.58
N GLU B 592 -28.86 -8.76 54.34
CA GLU B 592 -28.94 -10.20 54.04
C GLU B 592 -27.64 -10.90 54.39
N HIS B 593 -26.52 -10.22 54.13
CA HIS B 593 -25.20 -10.79 54.41
C HIS B 593 -25.03 -11.12 55.90
N VAL B 594 -25.27 -10.13 56.75
CA VAL B 594 -25.14 -10.32 58.19
C VAL B 594 -26.11 -11.39 58.69
N ARG B 595 -27.35 -11.29 58.24
CA ARG B 595 -28.42 -12.17 58.70
C ARG B 595 -28.20 -13.63 58.33
N ARG B 596 -27.74 -13.89 57.11
CA ARG B 596 -27.53 -15.26 56.65
C ARG B 596 -26.35 -15.92 57.35
N GLY B 597 -25.57 -15.13 58.08
CA GLY B 597 -24.46 -15.65 58.85
C GLY B 597 -24.94 -16.58 59.94
N GLN B 598 -26.21 -16.43 60.32
CA GLN B 598 -26.84 -17.27 61.32
C GLN B 598 -26.93 -18.72 60.85
N LEU B 599 -26.92 -18.92 59.54
CA LEU B 599 -27.06 -20.25 58.95
C LEU B 599 -25.80 -21.09 59.11
N ALA B 600 -24.68 -20.43 59.43
CA ALA B 600 -23.41 -21.11 59.55
C ALA B 600 -23.25 -21.74 60.93
N ASP B 601 -22.30 -22.65 61.05
CA ASP B 601 -21.94 -23.23 62.34
C ASP B 601 -20.71 -22.54 62.90
N VAL B 602 -19.63 -22.58 62.13
CA VAL B 602 -18.37 -21.94 62.51
C VAL B 602 -17.86 -21.12 61.33
N CYS B 603 -17.26 -19.97 61.61
CA CYS B 603 -16.61 -19.19 60.58
C CYS B 603 -15.09 -19.33 60.68
N LEU B 604 -14.46 -19.77 59.59
CA LEU B 604 -13.02 -19.91 59.56
C LEU B 604 -12.39 -18.64 58.98
N ASP B 605 -11.57 -17.97 59.78
CA ASP B 605 -11.00 -16.68 59.39
C ASP B 605 -9.68 -16.81 58.65
N THR B 606 -9.46 -15.94 57.67
CA THR B 606 -8.25 -15.94 56.86
C THR B 606 -7.06 -15.32 57.59
N PRO B 607 -6.04 -16.14 57.87
CA PRO B 607 -4.86 -15.74 58.66
C PRO B 607 -4.04 -14.64 58.00
N LEU B 608 -3.90 -14.69 56.68
CA LEU B 608 -3.10 -13.70 55.95
C LEU B 608 -3.62 -12.29 56.20
N CYS B 609 -4.92 -12.11 56.02
CA CYS B 609 -5.57 -10.85 56.31
C CYS B 609 -6.93 -11.14 56.92
N ASN B 610 -7.07 -10.87 58.21
CA ASN B 610 -8.29 -11.20 58.95
C ASN B 610 -9.54 -10.52 58.40
N GLY B 611 -10.68 -11.14 58.65
CA GLY B 611 -11.95 -10.49 58.41
C GLY B 611 -12.12 -9.37 59.41
N HIS B 612 -12.18 -8.14 58.93
CA HIS B 612 -12.25 -6.98 59.81
C HIS B 612 -13.69 -6.56 60.05
N THR B 613 -14.34 -6.00 59.03
CA THR B 613 -15.75 -5.71 59.11
C THR B 613 -16.51 -7.02 59.04
N THR B 614 -16.01 -7.94 58.22
CA THR B 614 -16.60 -9.25 58.05
C THR B 614 -16.60 -10.04 59.36
N GLY B 615 -15.57 -9.81 60.18
CA GLY B 615 -15.47 -10.46 61.47
C GLY B 615 -16.57 -10.03 62.43
N MET B 616 -16.89 -8.74 62.40
CA MET B 616 -17.96 -8.22 63.24
C MET B 616 -19.31 -8.71 62.75
N ASP B 617 -19.40 -8.99 61.46
CA ASP B 617 -20.64 -9.41 60.84
C ASP B 617 -21.06 -10.84 61.24
N VAL B 618 -20.09 -11.74 61.34
CA VAL B 618 -20.38 -13.12 61.70
C VAL B 618 -20.54 -13.28 63.21
N LEU B 619 -19.86 -12.44 63.97
CA LEU B 619 -19.96 -12.47 65.42
C LEU B 619 -21.33 -11.97 65.88
N TRP B 620 -21.89 -11.03 65.12
CA TRP B 620 -23.19 -10.48 65.45
C TRP B 620 -24.31 -11.49 65.19
N ALA B 621 -24.01 -12.48 64.34
CA ALA B 621 -24.97 -13.53 64.05
C ALA B 621 -24.87 -14.65 65.07
N GLY B 622 -23.97 -14.48 66.03
CA GLY B 622 -23.75 -15.48 67.07
C GLY B 622 -22.96 -16.65 66.56
N THR B 623 -22.16 -16.43 65.52
CA THR B 623 -21.36 -17.48 64.93
C THR B 623 -19.89 -17.37 65.33
N PRO B 624 -19.38 -18.42 65.99
CA PRO B 624 -17.98 -18.46 66.45
C PRO B 624 -17.00 -18.35 65.29
N MET B 625 -15.92 -17.60 65.50
CA MET B 625 -14.93 -17.39 64.46
C MET B 625 -13.55 -17.86 64.91
N VAL B 626 -12.99 -18.82 64.19
CA VAL B 626 -11.65 -19.32 64.50
C VAL B 626 -10.60 -18.50 63.74
N THR B 627 -9.62 -17.98 64.47
CA THR B 627 -8.60 -17.15 63.85
C THR B 627 -7.19 -17.53 64.28
N MET B 628 -6.20 -17.09 63.49
CA MET B 628 -4.80 -17.33 63.80
C MET B 628 -4.01 -16.04 63.55
N PRO B 629 -3.65 -15.34 64.63
CA PRO B 629 -3.01 -14.01 64.57
C PRO B 629 -1.63 -14.04 63.93
N GLY B 630 -1.38 -13.13 63.00
CA GLY B 630 -0.07 -12.98 62.39
C GLY B 630 0.75 -11.96 63.15
N GLU B 631 1.54 -11.18 62.42
CA GLU B 631 2.36 -10.13 63.03
C GLU B 631 1.91 -8.74 62.59
N THR B 632 1.32 -8.66 61.40
CA THR B 632 0.81 -7.40 60.88
C THR B 632 -0.50 -7.03 61.57
N LEU B 633 -0.83 -5.73 61.54
CA LEU B 633 -2.07 -5.25 62.12
C LEU B 633 -3.26 -5.93 61.46
N ALA B 634 -3.17 -6.09 60.14
CA ALA B 634 -4.27 -6.67 59.36
C ALA B 634 -4.51 -8.13 59.70
N SER B 635 -3.52 -8.77 60.28
CA SER B 635 -3.59 -10.21 60.55
C SER B 635 -3.84 -10.54 62.02
N ARG B 636 -4.18 -9.51 62.81
CA ARG B 636 -4.38 -9.70 64.24
C ARG B 636 -5.68 -9.10 64.76
N VAL B 637 -6.45 -8.50 63.86
CA VAL B 637 -7.70 -7.84 64.23
C VAL B 637 -8.76 -8.82 64.72
N ALA B 638 -8.90 -9.95 64.02
CA ALA B 638 -9.87 -10.97 64.39
C ALA B 638 -9.61 -11.50 65.80
N ALA B 639 -8.33 -11.65 66.14
CA ALA B 639 -7.94 -12.08 67.48
C ALA B 639 -8.33 -11.04 68.52
N SER B 640 -8.03 -9.79 68.21
CA SER B 640 -8.33 -8.67 69.11
C SER B 640 -9.84 -8.53 69.30
N GLN B 641 -10.60 -8.87 68.27
CA GLN B 641 -12.06 -8.86 68.35
C GLN B 641 -12.55 -9.97 69.27
N LEU B 642 -11.87 -11.12 69.22
CA LEU B 642 -12.27 -12.27 70.01
C LEU B 642 -11.94 -12.13 71.49
N THR B 643 -10.76 -11.57 71.79
CA THR B 643 -10.36 -11.34 73.17
C THR B 643 -11.36 -10.42 73.85
N CYS B 644 -11.77 -9.37 73.14
CA CYS B 644 -12.76 -8.42 73.65
C CYS B 644 -14.10 -9.11 73.87
N LEU B 645 -14.46 -10.02 72.97
CA LEU B 645 -15.72 -10.74 73.07
C LEU B 645 -15.73 -11.68 74.28
N GLY B 646 -14.60 -12.36 74.50
CA GLY B 646 -14.47 -13.26 75.63
C GLY B 646 -14.31 -14.71 75.23
N CYS B 647 -13.93 -14.93 73.97
CA CYS B 647 -13.75 -16.28 73.45
C CYS B 647 -12.30 -16.55 73.09
N LEU B 648 -11.46 -16.70 74.10
CA LEU B 648 -10.03 -16.97 73.88
C LEU B 648 -9.79 -18.36 73.32
N GLU B 649 -10.81 -19.22 73.41
CA GLU B 649 -10.68 -20.60 72.95
C GLU B 649 -10.81 -20.71 71.43
N LEU B 650 -11.01 -19.58 70.76
CA LEU B 650 -11.12 -19.55 69.32
C LEU B 650 -9.87 -18.97 68.67
N ILE B 651 -8.86 -18.64 69.49
CA ILE B 651 -7.63 -18.03 69.01
C ILE B 651 -6.47 -19.03 69.03
N ALA B 652 -5.91 -19.29 67.86
CA ALA B 652 -4.87 -20.32 67.70
C ALA B 652 -3.48 -19.74 67.57
N LYS B 653 -2.52 -20.34 68.27
CA LYS B 653 -1.13 -19.90 68.21
C LYS B 653 -0.42 -20.42 66.97
N ASN B 654 -1.04 -21.39 66.30
CA ASN B 654 -0.44 -21.97 65.09
C ASN B 654 -1.48 -22.62 64.18
N ARG B 655 -1.03 -23.06 63.01
CA ARG B 655 -1.93 -23.66 62.02
C ARG B 655 -2.55 -24.97 62.49
N GLN B 656 -1.76 -25.78 63.20
CA GLN B 656 -2.25 -27.06 63.69
C GLN B 656 -3.36 -26.88 64.72
N GLU B 657 -3.17 -25.90 65.61
CA GLU B 657 -4.17 -25.60 66.62
C GLU B 657 -5.43 -25.05 65.98
N TYR B 658 -5.23 -24.21 64.94
CA TYR B 658 -6.32 -23.61 64.18
C TYR B 658 -7.26 -24.67 63.64
N GLU B 659 -6.68 -25.75 63.12
CA GLU B 659 -7.45 -26.85 62.56
C GLU B 659 -8.10 -27.69 63.65
N ASP B 660 -7.39 -27.86 64.77
CA ASP B 660 -7.91 -28.61 65.90
C ASP B 660 -9.14 -27.94 66.52
N ILE B 661 -9.07 -26.63 66.68
CA ILE B 661 -10.19 -25.86 67.21
C ILE B 661 -11.40 -25.96 66.29
N ALA B 662 -11.14 -25.88 64.99
CA ALA B 662 -12.21 -25.94 63.99
C ALA B 662 -12.82 -27.33 63.91
N VAL B 663 -11.99 -28.36 64.04
CA VAL B 663 -12.46 -29.74 63.99
C VAL B 663 -13.30 -30.10 65.21
N LYS B 664 -12.83 -29.70 66.39
CA LYS B 664 -13.53 -29.97 67.64
C LYS B 664 -14.92 -29.34 67.63
N LEU B 665 -15.04 -28.19 66.98
CA LEU B 665 -16.32 -27.49 66.85
C LEU B 665 -17.28 -28.24 65.92
N GLY B 666 -16.73 -28.95 64.95
CA GLY B 666 -17.54 -29.65 63.97
C GLY B 666 -17.87 -31.07 64.37
N THR B 667 -17.12 -31.62 65.31
CA THR B 667 -17.32 -33.00 65.75
C THR B 667 -18.13 -33.09 67.04
N ASP B 668 -17.71 -32.34 68.07
CA ASP B 668 -18.41 -32.35 69.35
C ASP B 668 -19.51 -31.30 69.36
N LEU B 669 -20.72 -31.71 68.97
CA LEU B 669 -21.85 -30.80 68.82
C LEU B 669 -22.26 -30.14 70.13
N GLU B 670 -21.92 -30.76 71.24
CA GLU B 670 -22.20 -30.17 72.55
C GLU B 670 -21.25 -29.01 72.82
N TYR B 671 -19.98 -29.19 72.48
CA TYR B 671 -18.99 -28.13 72.59
C TYR B 671 -19.34 -27.00 71.63
N LEU B 672 -19.84 -27.37 70.45
CA LEU B 672 -20.28 -26.40 69.47
C LEU B 672 -21.45 -25.59 70.00
N LYS B 673 -22.39 -26.27 70.66
CA LYS B 673 -23.56 -25.62 71.22
C LYS B 673 -23.16 -24.61 72.30
N LYS B 674 -22.17 -24.98 73.11
CA LYS B 674 -21.71 -24.12 74.19
C LYS B 674 -21.03 -22.85 73.66
N VAL B 675 -20.14 -23.03 72.69
CA VAL B 675 -19.41 -21.90 72.12
C VAL B 675 -20.32 -20.96 71.35
N ARG B 676 -21.23 -21.53 70.57
CA ARG B 676 -22.21 -20.73 69.82
C ARG B 676 -23.06 -19.89 70.76
N GLY B 677 -23.54 -20.53 71.82
CA GLY B 677 -24.34 -19.84 72.82
C GLY B 677 -23.51 -18.82 73.58
N LYS B 678 -22.21 -19.09 73.71
CA LYS B 678 -21.31 -18.19 74.40
C LYS B 678 -21.11 -16.89 73.62
N VAL B 679 -20.99 -17.01 72.31
CA VAL B 679 -20.84 -15.85 71.45
C VAL B 679 -22.16 -15.10 71.36
N TRP B 680 -23.24 -15.86 71.20
CA TRP B 680 -24.59 -15.31 71.09
C TRP B 680 -24.94 -14.44 72.28
N LYS B 681 -24.36 -14.77 73.44
CA LYS B 681 -24.58 -13.99 74.65
C LYS B 681 -23.60 -12.83 74.73
N GLN B 682 -22.31 -13.13 74.55
CA GLN B 682 -21.26 -12.15 74.77
C GLN B 682 -21.18 -11.06 73.69
N ARG B 683 -21.85 -11.26 72.57
CA ARG B 683 -21.93 -10.22 71.56
C ARG B 683 -22.66 -9.00 72.12
N ILE B 684 -23.53 -9.25 73.09
CA ILE B 684 -24.31 -8.19 73.74
C ILE B 684 -23.61 -7.69 75.00
N SER B 685 -23.14 -8.61 75.83
CA SER B 685 -22.57 -8.25 77.12
C SER B 685 -21.15 -7.68 77.04
N SER B 686 -20.30 -8.27 76.22
CA SER B 686 -18.94 -7.79 76.05
C SER B 686 -18.95 -6.43 75.37
N PRO B 687 -17.88 -5.63 75.58
CA PRO B 687 -17.85 -4.28 75.00
C PRO B 687 -17.68 -4.25 73.48
N LEU B 688 -17.62 -5.41 72.84
CA LEU B 688 -17.31 -5.51 71.41
C LEU B 688 -18.22 -4.68 70.52
N PHE B 689 -19.53 -4.76 70.76
CA PHE B 689 -20.50 -4.02 69.95
C PHE B 689 -21.05 -2.80 70.67
N ASN B 690 -20.58 -2.57 71.89
CA ASN B 690 -21.03 -1.43 72.68
C ASN B 690 -20.39 -0.14 72.16
N THR B 691 -21.16 0.62 71.38
CA THR B 691 -20.66 1.83 70.77
C THR B 691 -20.47 2.97 71.76
N LYS B 692 -21.35 3.03 72.77
CA LYS B 692 -21.25 4.07 73.79
C LYS B 692 -19.97 3.92 74.59
N GLN B 693 -19.73 2.71 75.08
CA GLN B 693 -18.54 2.42 75.86
C GLN B 693 -17.28 2.64 75.05
N TYR B 694 -17.32 2.27 73.76
CA TYR B 694 -16.20 2.50 72.87
C TYR B 694 -15.87 3.97 72.80
N THR B 695 -16.88 4.79 72.52
CA THR B 695 -16.70 6.23 72.37
C THR B 695 -16.10 6.85 73.61
N MET B 696 -16.59 6.44 74.78
CA MET B 696 -16.09 6.97 76.04
C MET B 696 -14.64 6.57 76.29
N GLU B 697 -14.28 5.37 75.83
CA GLU B 697 -12.91 4.89 75.96
C GLU B 697 -12.03 5.55 74.91
N LEU B 698 -12.62 5.84 73.75
CA LEU B 698 -11.97 6.61 72.71
C LEU B 698 -11.75 8.04 73.21
N GLU B 699 -12.70 8.51 74.01
CA GLU B 699 -12.66 9.87 74.54
C GLU B 699 -11.60 10.02 75.64
N ARG B 700 -11.39 8.96 76.40
CA ARG B 700 -10.34 8.96 77.42
C ARG B 700 -8.99 9.07 76.74
N LEU B 701 -8.84 8.35 75.63
CA LEU B 701 -7.60 8.33 74.86
C LEU B 701 -7.32 9.70 74.23
N TYR B 702 -8.37 10.32 73.68
CA TYR B 702 -8.25 11.64 73.08
C TYR B 702 -7.70 12.65 74.07
N LEU B 703 -8.21 12.61 75.29
CA LEU B 703 -7.77 13.52 76.34
C LEU B 703 -6.34 13.23 76.77
N GLN B 704 -5.96 11.96 76.79
CA GLN B 704 -4.60 11.56 77.12
C GLN B 704 -3.62 12.15 76.11
N MET B 705 -4.01 12.14 74.83
CA MET B 705 -3.20 12.73 73.78
C MET B 705 -3.08 14.23 73.99
N TRP B 706 -4.19 14.88 74.33
CA TRP B 706 -4.20 16.33 74.48
C TRP B 706 -3.42 16.82 75.70
N GLU B 707 -3.62 16.16 76.84
CA GLU B 707 -2.91 16.54 78.06
C GLU B 707 -1.40 16.44 77.83
N HIS B 708 -1.00 15.43 77.08
CA HIS B 708 0.40 15.24 76.75
C HIS B 708 0.92 16.39 75.89
N TYR B 709 0.13 16.79 74.91
CA TYR B 709 0.50 17.90 74.05
C TYR B 709 0.50 19.23 74.80
N ALA B 710 -0.55 19.44 75.60
CA ALA B 710 -0.70 20.68 76.36
C ALA B 710 0.37 20.80 77.43
N ALA B 711 0.93 19.66 77.85
CA ALA B 711 2.05 19.67 78.78
C ALA B 711 3.29 20.23 78.09
N GLY B 712 3.31 20.13 76.76
CA GLY B 712 4.42 20.64 75.97
C GLY B 712 5.28 19.51 75.44
N ASN B 713 4.66 18.35 75.23
CA ASN B 713 5.39 17.17 74.79
C ASN B 713 4.99 16.67 73.40
N LYS B 714 5.97 16.22 72.64
CA LYS B 714 5.72 15.58 71.35
C LYS B 714 5.14 14.19 71.58
N PRO B 715 4.45 13.64 70.57
CA PRO B 715 3.77 12.33 70.72
C PRO B 715 4.64 11.20 71.24
N ASP B 716 4.09 10.45 72.19
CA ASP B 716 4.72 9.23 72.70
C ASP B 716 3.65 8.16 72.85
N HIS B 717 4.08 6.92 73.12
CA HIS B 717 3.16 5.80 73.22
C HIS B 717 2.15 5.97 74.35
N MET B 718 0.87 5.77 74.04
CA MET B 718 -0.19 5.85 75.04
C MET B 718 -0.64 4.46 75.45
N ILE B 719 -0.11 3.98 76.57
CA ILE B 719 -0.46 2.65 77.07
C ILE B 719 -1.39 2.72 78.28
N LYS B 720 -0.87 3.21 79.40
CA LYS B 720 -1.68 3.40 80.59
C LYS B 720 -0.99 4.34 81.58
N CYS C 5 -22.04 -5.37 46.32
CA CYS C 5 -23.20 -5.13 47.17
C CYS C 5 -24.39 -4.64 46.33
N PRO C 6 -25.40 -5.50 46.18
CA PRO C 6 -26.60 -5.26 45.35
C PRO C 6 -27.39 -4.00 45.75
N THR C 7 -27.62 -3.13 44.78
CA THR C 7 -28.41 -1.93 45.00
C THR C 7 -29.89 -2.26 44.85
N HIS C 8 -30.74 -1.25 44.95
CA HIS C 8 -32.16 -1.42 44.68
C HIS C 8 -32.37 -1.53 43.18
N ALA C 9 -31.64 -0.71 42.43
CA ALA C 9 -31.71 -0.72 40.98
C ALA C 9 -31.11 -2.01 40.40
N ASP C 10 -30.22 -2.62 41.16
CA ASP C 10 -29.59 -3.87 40.75
C ASP C 10 -30.61 -5.00 40.65
N SER C 11 -31.51 -5.06 41.62
CA SER C 11 -32.55 -6.09 41.64
C SER C 11 -33.58 -5.84 40.55
N LEU C 12 -33.82 -4.57 40.23
CA LEU C 12 -34.74 -4.20 39.16
C LEU C 12 -34.20 -4.64 37.82
N ASN C 13 -32.89 -4.48 37.62
CA ASN C 13 -32.24 -4.90 36.39
C ASN C 13 -32.28 -6.41 36.23
N ASN C 14 -32.21 -7.12 37.35
CA ASN C 14 -32.25 -8.58 37.33
C ASN C 14 -33.63 -9.11 36.96
N LEU C 15 -34.68 -8.50 37.52
CA LEU C 15 -36.04 -8.90 37.23
C LEU C 15 -36.42 -8.57 35.79
N ALA C 16 -35.82 -7.51 35.26
CA ALA C 16 -36.05 -7.12 33.88
C ALA C 16 -35.36 -8.07 32.92
N ASN C 17 -34.22 -8.61 33.35
CA ASN C 17 -33.52 -9.62 32.57
C ASN C 17 -34.30 -10.92 32.56
N ILE C 18 -35.09 -11.14 33.62
CA ILE C 18 -35.97 -12.31 33.69
C ILE C 18 -37.15 -12.14 32.74
N LYS C 19 -37.74 -10.95 32.73
CA LYS C 19 -38.86 -10.64 31.85
C LYS C 19 -38.44 -10.68 30.38
N ARG C 20 -37.14 -10.48 30.14
CA ARG C 20 -36.60 -10.54 28.79
C ARG C 20 -36.50 -11.97 28.31
N GLU C 21 -36.29 -12.90 29.25
CA GLU C 21 -36.22 -14.31 28.93
C GLU C 21 -37.61 -14.92 28.87
N GLN C 22 -38.59 -14.20 29.41
CA GLN C 22 -39.98 -14.62 29.35
C GLN C 22 -40.65 -14.07 28.10
N GLY C 23 -39.84 -13.47 27.23
CA GLY C 23 -40.34 -12.91 25.98
C GLY C 23 -41.22 -11.69 26.18
N ASN C 24 -41.26 -11.19 27.41
CA ASN C 24 -42.10 -10.06 27.75
C ASN C 24 -41.33 -8.74 27.68
N ILE C 25 -41.06 -8.29 26.46
CA ILE C 25 -40.33 -7.04 26.23
C ILE C 25 -41.12 -5.85 26.77
N GLU C 26 -42.44 -5.99 26.77
CA GLU C 26 -43.34 -4.94 27.24
C GLU C 26 -42.99 -4.45 28.64
N GLU C 27 -42.99 -5.37 29.61
CA GLU C 27 -42.71 -5.03 31.00
C GLU C 27 -41.21 -4.94 31.26
N ALA C 28 -40.42 -5.64 30.44
CA ALA C 28 -38.96 -5.61 30.57
C ALA C 28 -38.42 -4.20 30.46
N VAL C 29 -38.98 -3.42 29.54
CA VAL C 29 -38.59 -2.03 29.37
C VAL C 29 -38.97 -1.20 30.58
N ARG C 30 -40.17 -1.41 31.09
CA ARG C 30 -40.67 -0.66 32.25
C ARG C 30 -39.79 -0.83 33.47
N LEU C 31 -39.30 -2.05 33.69
CA LEU C 31 -38.44 -2.34 34.83
C LEU C 31 -37.06 -1.72 34.67
N TYR C 32 -36.55 -1.74 33.43
CA TYR C 32 -35.28 -1.11 33.12
C TYR C 32 -35.34 0.38 33.39
N ARG C 33 -36.46 1.00 33.01
CA ARG C 33 -36.65 2.43 33.21
C ARG C 33 -36.78 2.77 34.68
N LYS C 34 -37.52 1.92 35.40
CA LYS C 34 -37.71 2.13 36.83
C LYS C 34 -36.38 1.92 37.57
N ALA C 35 -35.50 1.13 36.97
CA ALA C 35 -34.16 0.94 37.50
C ALA C 35 -33.34 2.20 37.33
N LEU C 36 -33.53 2.88 36.20
CA LEU C 36 -32.83 4.12 35.93
C LEU C 36 -33.39 5.27 36.76
N GLU C 37 -34.67 5.17 37.11
CA GLU C 37 -35.32 6.18 37.95
C GLU C 37 -34.78 6.09 39.37
N VAL C 38 -34.42 4.88 39.78
CA VAL C 38 -33.78 4.67 41.07
C VAL C 38 -32.33 5.12 41.01
N PHE C 39 -31.62 4.69 39.97
CA PHE C 39 -30.21 5.01 39.80
C PHE C 39 -29.97 5.51 38.38
N PRO C 40 -29.80 6.83 38.22
CA PRO C 40 -29.60 7.45 36.90
C PRO C 40 -28.27 7.06 36.27
N GLU C 41 -27.24 6.86 37.08
CA GLU C 41 -25.90 6.53 36.58
C GLU C 41 -25.66 5.02 36.57
N PHE C 42 -26.71 4.25 36.35
CA PHE C 42 -26.60 2.80 36.24
C PHE C 42 -26.19 2.45 34.80
N ALA C 43 -24.91 2.15 34.61
CA ALA C 43 -24.37 1.88 33.29
C ALA C 43 -25.00 0.64 32.65
N ALA C 44 -25.11 -0.44 33.42
CA ALA C 44 -25.65 -1.69 32.92
C ALA C 44 -27.11 -1.59 32.51
N ALA C 45 -27.85 -0.72 33.20
CA ALA C 45 -29.27 -0.53 32.91
C ALA C 45 -29.46 0.22 31.59
N HIS C 46 -28.66 1.27 31.39
CA HIS C 46 -28.68 2.02 30.15
C HIS C 46 -28.41 1.10 28.96
N SER C 47 -27.41 0.23 29.13
CA SER C 47 -27.02 -0.70 28.08
C SER C 47 -28.13 -1.69 27.79
N ASN C 48 -28.71 -2.25 28.85
CA ASN C 48 -29.78 -3.25 28.69
C ASN C 48 -31.07 -2.65 28.14
N LEU C 49 -31.37 -1.41 28.53
CA LEU C 49 -32.53 -0.72 28.00
C LEU C 49 -32.34 -0.41 26.52
N ALA C 50 -31.11 -0.10 26.15
CA ALA C 50 -30.79 0.20 24.76
C ALA C 50 -30.87 -1.04 23.89
N SER C 51 -30.66 -2.21 24.49
CA SER C 51 -30.71 -3.47 23.76
C SER C 51 -32.14 -3.81 23.33
N VAL C 52 -33.11 -3.57 24.20
CA VAL C 52 -34.50 -3.85 23.89
C VAL C 52 -35.12 -2.73 23.04
N LEU C 53 -34.62 -1.51 23.20
CA LEU C 53 -35.06 -0.40 22.36
C LEU C 53 -34.56 -0.61 20.93
N GLN C 54 -33.48 -1.37 20.79
CA GLN C 54 -32.92 -1.69 19.49
C GLN C 54 -33.78 -2.73 18.77
N GLN C 55 -34.20 -3.74 19.51
CA GLN C 55 -35.06 -4.79 18.95
C GLN C 55 -36.43 -4.22 18.60
N GLN C 56 -36.83 -3.17 19.30
CA GLN C 56 -38.13 -2.56 19.09
C GLN C 56 -38.14 -1.63 17.89
N GLY C 57 -36.96 -1.32 17.37
CA GLY C 57 -36.85 -0.43 16.23
C GLY C 57 -36.61 1.02 16.64
N LYS C 58 -36.60 1.25 17.95
CA LYS C 58 -36.30 2.57 18.48
C LYS C 58 -34.79 2.78 18.58
N LEU C 59 -34.16 3.02 17.44
CA LEU C 59 -32.71 3.11 17.36
C LEU C 59 -32.17 4.43 17.90
N GLN C 60 -32.85 5.53 17.56
CA GLN C 60 -32.40 6.86 17.97
C GLN C 60 -32.40 7.00 19.50
N GLU C 61 -33.39 6.38 20.14
CA GLU C 61 -33.48 6.40 21.60
C GLU C 61 -32.48 5.42 22.20
N ALA C 62 -32.31 4.27 21.54
CA ALA C 62 -31.35 3.27 21.99
C ALA C 62 -29.94 3.84 21.93
N LEU C 63 -29.68 4.64 20.90
CA LEU C 63 -28.39 5.28 20.74
C LEU C 63 -28.11 6.24 21.90
N MET C 64 -29.16 6.91 22.35
CA MET C 64 -29.07 7.82 23.48
C MET C 64 -28.59 7.11 24.74
N HIS C 65 -29.15 5.93 25.00
CA HIS C 65 -28.81 5.16 26.19
C HIS C 65 -27.45 4.48 26.08
N TYR C 66 -27.11 4.04 24.87
CA TYR C 66 -25.80 3.42 24.63
C TYR C 66 -24.69 4.43 24.89
N LYS C 67 -24.88 5.66 24.42
CA LYS C 67 -23.88 6.71 24.64
C LYS C 67 -23.73 7.05 26.11
N GLU C 68 -24.83 6.92 26.86
CA GLU C 68 -24.80 7.15 28.31
C GLU C 68 -24.02 6.06 29.03
N ALA C 69 -24.27 4.81 28.65
CA ALA C 69 -23.60 3.66 29.27
C ALA C 69 -22.10 3.70 29.04
N ILE C 70 -21.68 4.43 28.01
CA ILE C 70 -20.27 4.58 27.69
C ILE C 70 -19.68 5.78 28.43
N ARG C 71 -20.49 6.82 28.61
CA ARG C 71 -20.07 7.99 29.36
C ARG C 71 -19.84 7.64 30.83
N ILE C 72 -20.59 6.66 31.32
CA ILE C 72 -20.45 6.20 32.69
C ILE C 72 -19.27 5.25 32.86
N SER C 73 -19.25 4.19 32.07
CA SER C 73 -18.17 3.22 32.10
C SER C 73 -17.46 3.17 30.75
N PRO C 74 -16.40 3.98 30.61
CA PRO C 74 -15.66 4.07 29.34
C PRO C 74 -15.00 2.76 28.92
N THR C 75 -14.90 1.79 29.84
CA THR C 75 -14.29 0.50 29.52
C THR C 75 -15.33 -0.53 29.10
N PHE C 76 -16.58 -0.09 28.99
CA PHE C 76 -17.68 -0.96 28.58
C PHE C 76 -17.53 -1.34 27.11
N ALA C 77 -16.68 -2.33 26.84
CA ALA C 77 -16.42 -2.77 25.47
C ALA C 77 -17.67 -3.31 24.80
N ASP C 78 -18.57 -3.88 25.60
CA ASP C 78 -19.81 -4.45 25.08
C ASP C 78 -20.79 -3.37 24.65
N ALA C 79 -20.73 -2.23 25.33
CA ALA C 79 -21.61 -1.10 24.98
C ALA C 79 -21.20 -0.50 23.64
N TYR C 80 -19.89 -0.37 23.44
CA TYR C 80 -19.36 0.12 22.18
C TYR C 80 -19.81 -0.76 21.02
N SER C 81 -19.63 -2.07 21.19
CA SER C 81 -19.98 -3.04 20.16
C SER C 81 -21.44 -2.98 19.77
N ASN C 82 -22.32 -2.90 20.77
CA ASN C 82 -23.75 -2.86 20.53
C ASN C 82 -24.22 -1.52 19.96
N MET C 83 -23.59 -0.44 20.41
CA MET C 83 -23.87 0.88 19.86
C MET C 83 -23.55 0.91 18.37
N GLY C 84 -22.49 0.22 18.01
CA GLY C 84 -22.10 0.08 16.61
C GLY C 84 -23.17 -0.63 15.81
N ASN C 85 -23.72 -1.70 16.37
CA ASN C 85 -24.83 -2.41 15.72
C ASN C 85 -26.03 -1.51 15.50
N THR C 86 -26.30 -0.66 16.49
CA THR C 86 -27.38 0.32 16.37
C THR C 86 -27.07 1.33 15.27
N LEU C 87 -25.85 1.87 15.30
CA LEU C 87 -25.42 2.81 14.27
C LEU C 87 -25.41 2.19 12.89
N LYS C 88 -25.10 0.90 12.82
CA LYS C 88 -25.10 0.16 11.57
C LYS C 88 -26.50 0.10 10.99
N GLU C 89 -27.47 -0.18 11.86
CA GLU C 89 -28.87 -0.27 11.44
C GLU C 89 -29.42 1.13 11.13
N MET C 90 -28.67 2.16 11.52
CA MET C 90 -29.06 3.53 11.26
C MET C 90 -28.37 4.11 10.03
N GLN C 91 -27.84 3.22 9.18
CA GLN C 91 -27.15 3.60 7.94
C GLN C 91 -25.85 4.39 8.16
N ASP C 92 -25.45 4.54 9.43
CA ASP C 92 -24.20 5.21 9.76
C ASP C 92 -23.08 4.20 9.93
N VAL C 93 -22.63 3.64 8.80
CA VAL C 93 -21.58 2.63 8.81
C VAL C 93 -20.25 3.22 9.29
N GLN C 94 -20.03 4.50 9.00
CA GLN C 94 -18.85 5.21 9.46
C GLN C 94 -18.73 5.21 10.98
N GLY C 95 -19.82 5.61 11.65
CA GLY C 95 -19.84 5.66 13.10
C GLY C 95 -19.80 4.28 13.71
N ALA C 96 -20.47 3.33 13.06
CA ALA C 96 -20.51 1.95 13.52
C ALA C 96 -19.12 1.34 13.54
N LEU C 97 -18.38 1.56 12.46
CA LEU C 97 -17.02 1.06 12.33
C LEU C 97 -16.14 1.61 13.44
N GLN C 98 -16.34 2.89 13.76
CA GLN C 98 -15.56 3.56 14.78
C GLN C 98 -15.82 2.96 16.16
N CYS C 99 -17.04 2.51 16.39
CA CYS C 99 -17.41 1.88 17.66
C CYS C 99 -16.74 0.52 17.80
N TYR C 100 -16.82 -0.27 16.73
CA TYR C 100 -16.22 -1.60 16.73
C TYR C 100 -14.72 -1.52 16.98
N THR C 101 -14.06 -0.56 16.33
CA THR C 101 -12.61 -0.39 16.47
C THR C 101 -12.22 0.10 17.86
N ARG C 102 -13.01 0.99 18.44
CA ARG C 102 -12.75 1.47 19.79
C ARG C 102 -12.98 0.35 20.81
N ALA C 103 -13.94 -0.52 20.52
CA ALA C 103 -14.22 -1.65 21.38
C ALA C 103 -13.05 -2.62 21.40
N ILE C 104 -12.48 -2.86 20.21
CA ILE C 104 -11.32 -3.75 20.09
C ILE C 104 -10.08 -3.11 20.71
N GLN C 105 -9.97 -1.80 20.59
CA GLN C 105 -8.81 -1.08 21.11
C GLN C 105 -8.79 -1.07 22.63
N ILE C 106 -9.98 -0.99 23.23
CA ILE C 106 -10.11 -1.01 24.68
C ILE C 106 -9.93 -2.42 25.23
N ASN C 107 -10.61 -3.38 24.62
CA ASN C 107 -10.46 -4.78 24.98
C ASN C 107 -10.15 -5.65 23.77
N PRO C 108 -8.87 -5.92 23.52
CA PRO C 108 -8.43 -6.75 22.40
C PRO C 108 -8.97 -8.18 22.49
N ALA C 109 -9.29 -8.61 23.71
CA ALA C 109 -9.78 -9.97 23.95
C ALA C 109 -11.28 -10.09 23.69
N PHE C 110 -11.95 -8.96 23.54
CA PHE C 110 -13.40 -8.93 23.35
C PHE C 110 -13.79 -9.48 21.98
N ALA C 111 -14.38 -10.68 21.98
CA ALA C 111 -14.66 -11.40 20.75
C ALA C 111 -15.73 -10.76 19.86
N ASP C 112 -16.82 -10.31 20.47
CA ASP C 112 -17.97 -9.80 19.73
C ASP C 112 -17.64 -8.66 18.76
N ALA C 113 -16.79 -7.73 19.20
CA ALA C 113 -16.43 -6.57 18.40
C ALA C 113 -15.75 -6.97 17.10
N HIS C 114 -14.94 -8.03 17.14
CA HIS C 114 -14.28 -8.54 15.95
C HIS C 114 -15.31 -9.15 15.00
N SER C 115 -16.28 -9.86 15.56
CA SER C 115 -17.34 -10.48 14.77
C SER C 115 -18.23 -9.41 14.14
N ASN C 116 -18.36 -8.28 14.84
CA ASN C 116 -19.14 -7.16 14.32
C ASN C 116 -18.35 -6.38 13.27
N LEU C 117 -17.05 -6.27 13.48
CA LEU C 117 -16.17 -5.63 12.51
C LEU C 117 -16.19 -6.38 11.19
N ALA C 118 -16.20 -7.71 11.29
CA ALA C 118 -16.21 -8.56 10.12
C ALA C 118 -17.52 -8.43 9.35
N SER C 119 -18.61 -8.16 10.06
CA SER C 119 -19.91 -7.99 9.43
C SER C 119 -19.91 -6.79 8.48
N ILE C 120 -19.27 -5.71 8.90
CA ILE C 120 -19.16 -4.52 8.05
C ILE C 120 -18.36 -4.82 6.79
N HIS C 121 -17.25 -5.53 6.96
CA HIS C 121 -16.42 -5.93 5.82
C HIS C 121 -17.21 -6.84 4.87
N LYS C 122 -17.92 -7.81 5.45
CA LYS C 122 -18.71 -8.75 4.67
C LYS C 122 -19.80 -8.04 3.86
N ASP C 123 -20.38 -7.00 4.46
CA ASP C 123 -21.43 -6.25 3.79
C ASP C 123 -20.87 -5.31 2.73
N SER C 124 -19.63 -4.87 2.92
CA SER C 124 -18.98 -3.96 1.98
C SER C 124 -18.29 -4.73 0.86
N GLY C 125 -18.45 -6.05 0.86
CA GLY C 125 -17.86 -6.88 -0.17
C GLY C 125 -16.47 -7.37 0.17
N ASN C 126 -15.84 -6.72 1.15
CA ASN C 126 -14.50 -7.09 1.58
C ASN C 126 -14.47 -8.45 2.27
N ILE C 127 -14.57 -9.52 1.49
CA ILE C 127 -14.65 -10.87 2.04
C ILE C 127 -13.38 -11.36 2.76
N PRO C 128 -12.19 -11.21 2.14
CA PRO C 128 -10.99 -11.67 2.86
C PRO C 128 -10.79 -10.93 4.18
N GLU C 129 -11.21 -9.67 4.23
CA GLU C 129 -11.13 -8.89 5.47
C GLU C 129 -12.16 -9.38 6.47
N ALA C 130 -13.33 -9.76 5.97
CA ALA C 130 -14.39 -10.30 6.81
C ALA C 130 -13.98 -11.65 7.38
N ILE C 131 -13.42 -12.49 6.51
CA ILE C 131 -12.93 -13.81 6.93
C ILE C 131 -11.86 -13.68 8.00
N ALA C 132 -10.95 -12.72 7.81
CA ALA C 132 -9.84 -12.50 8.74
C ALA C 132 -10.33 -12.16 10.15
N SER C 133 -11.28 -11.25 10.25
CA SER C 133 -11.79 -10.82 11.55
C SER C 133 -12.66 -11.90 12.21
N TYR C 134 -13.49 -12.57 11.40
CA TYR C 134 -14.33 -13.65 11.91
C TYR C 134 -13.50 -14.76 12.55
N ARG C 135 -12.35 -15.04 11.95
CA ARG C 135 -11.43 -16.03 12.50
C ARG C 135 -10.88 -15.55 13.84
N THR C 136 -10.57 -14.26 13.92
CA THR C 136 -10.06 -13.67 15.15
C THR C 136 -11.10 -13.77 16.26
N ALA C 137 -12.37 -13.58 15.91
CA ALA C 137 -13.45 -13.69 16.87
C ALA C 137 -13.59 -15.11 17.39
N LEU C 138 -13.49 -16.08 16.49
CA LEU C 138 -13.59 -17.48 16.86
C LEU C 138 -12.38 -17.98 17.64
N LYS C 139 -11.27 -17.26 17.52
CA LYS C 139 -10.07 -17.59 18.26
C LYS C 139 -10.14 -17.02 19.66
N LEU C 140 -10.81 -15.88 19.79
CA LEU C 140 -11.03 -15.25 21.09
C LEU C 140 -12.19 -15.93 21.82
N LYS C 141 -13.09 -16.52 21.05
CA LYS C 141 -14.21 -17.28 21.62
C LYS C 141 -14.63 -18.41 20.67
N PRO C 142 -14.13 -19.63 20.93
CA PRO C 142 -14.36 -20.82 20.12
C PRO C 142 -15.84 -21.10 19.86
N ASP C 143 -16.67 -20.92 20.87
CA ASP C 143 -18.12 -21.11 20.72
C ASP C 143 -18.78 -19.77 20.42
N PHE C 144 -19.05 -19.54 19.14
CA PHE C 144 -19.63 -18.28 18.69
C PHE C 144 -20.41 -18.52 17.41
N PRO C 145 -21.70 -18.91 17.55
CA PRO C 145 -22.58 -19.24 16.43
C PRO C 145 -22.67 -18.13 15.37
N ASP C 146 -22.82 -16.89 15.82
CA ASP C 146 -22.90 -15.76 14.91
C ASP C 146 -21.64 -15.62 14.07
N ALA C 147 -20.49 -15.73 14.72
CA ALA C 147 -19.20 -15.58 14.04
C ALA C 147 -18.89 -16.79 13.17
N TYR C 148 -19.38 -17.96 13.56
CA TYR C 148 -19.11 -19.19 12.81
C TYR C 148 -19.99 -19.31 11.57
N CYS C 149 -21.29 -19.03 11.73
CA CYS C 149 -22.22 -19.13 10.61
C CYS C 149 -21.91 -18.09 9.54
N ASN C 150 -21.57 -16.88 9.97
CA ASN C 150 -21.22 -15.81 9.04
C ASN C 150 -19.91 -16.10 8.32
N LEU C 151 -18.95 -16.68 9.04
CA LEU C 151 -17.68 -17.10 8.43
C LEU C 151 -17.95 -18.23 7.46
N ALA C 152 -18.86 -19.13 7.83
CA ALA C 152 -19.23 -20.25 6.99
C ALA C 152 -19.80 -19.76 5.66
N HIS C 153 -20.53 -18.65 5.70
CA HIS C 153 -21.10 -18.07 4.50
C HIS C 153 -20.03 -17.35 3.66
N CYS C 154 -19.08 -16.72 4.35
CA CYS C 154 -17.97 -16.05 3.68
C CYS C 154 -17.12 -17.04 2.88
N LEU C 155 -16.96 -18.24 3.43
CA LEU C 155 -16.19 -19.28 2.77
C LEU C 155 -16.96 -19.84 1.57
N GLN C 156 -18.28 -19.91 1.71
CA GLN C 156 -19.14 -20.36 0.63
C GLN C 156 -19.05 -19.40 -0.56
N ILE C 157 -18.98 -18.11 -0.26
CA ILE C 157 -18.86 -17.07 -1.27
C ILE C 157 -17.61 -17.25 -2.13
N VAL C 158 -16.48 -17.51 -1.47
CA VAL C 158 -15.20 -17.64 -2.16
C VAL C 158 -14.85 -19.09 -2.46
N CYS C 159 -15.81 -19.99 -2.22
CA CYS C 159 -15.64 -21.42 -2.47
C CYS C 159 -14.47 -22.04 -1.68
N ASP C 160 -14.27 -21.57 -0.45
CA ASP C 160 -13.31 -22.20 0.44
C ASP C 160 -13.98 -23.40 1.12
N TRP C 161 -13.72 -24.58 0.58
CA TRP C 161 -14.39 -25.78 1.04
C TRP C 161 -13.52 -26.61 1.98
N THR C 162 -12.69 -25.92 2.76
CA THR C 162 -11.86 -26.59 3.75
C THR C 162 -12.72 -27.22 4.84
N ASP C 163 -12.63 -28.54 4.97
CA ASP C 163 -13.42 -29.30 5.93
C ASP C 163 -14.91 -29.06 5.73
N TYR C 164 -15.34 -29.10 4.48
CA TYR C 164 -16.72 -28.79 4.12
C TYR C 164 -17.74 -29.73 4.77
N ASP C 165 -17.50 -31.04 4.64
CA ASP C 165 -18.40 -32.03 5.22
C ASP C 165 -18.51 -31.87 6.73
N GLU C 166 -17.42 -31.49 7.36
CA GLU C 166 -17.39 -31.27 8.81
C GLU C 166 -18.11 -29.97 9.17
N ARG C 167 -17.88 -28.93 8.36
CA ARG C 167 -18.47 -27.62 8.61
C ARG C 167 -19.98 -27.63 8.48
N MET C 168 -20.49 -28.45 7.58
CA MET C 168 -21.93 -28.55 7.35
C MET C 168 -22.64 -29.18 8.54
N LYS C 169 -22.06 -30.25 9.09
CA LYS C 169 -22.63 -30.92 10.26
C LYS C 169 -22.63 -29.99 11.47
N LYS C 170 -21.64 -29.11 11.54
CA LYS C 170 -21.54 -28.13 12.61
C LYS C 170 -22.68 -27.13 12.55
N LEU C 171 -22.97 -26.65 11.35
CA LEU C 171 -24.04 -25.67 11.14
C LEU C 171 -25.40 -26.27 11.51
N VAL C 172 -25.64 -27.51 11.11
CA VAL C 172 -26.87 -28.21 11.43
C VAL C 172 -27.01 -28.34 12.95
N SER C 173 -25.89 -28.64 13.61
CA SER C 173 -25.87 -28.76 15.07
C SER C 173 -26.20 -27.44 15.74
N ILE C 174 -25.62 -26.36 15.24
CA ILE C 174 -25.85 -25.03 15.80
C ILE C 174 -27.31 -24.60 15.65
N VAL C 175 -27.85 -24.81 14.46
CA VAL C 175 -29.26 -24.49 14.19
C VAL C 175 -30.19 -25.32 15.10
N ALA C 176 -29.91 -26.61 15.18
CA ALA C 176 -30.71 -27.51 16.01
C ALA C 176 -30.66 -27.11 17.48
N ASP C 177 -29.50 -26.61 17.92
CA ASP C 177 -29.32 -26.20 19.30
C ASP C 177 -30.04 -24.88 19.59
N GLN C 178 -29.96 -23.95 18.64
CA GLN C 178 -30.56 -22.63 18.80
C GLN C 178 -32.09 -22.68 18.69
N LEU C 179 -32.61 -23.68 18.00
CA LEU C 179 -34.06 -23.85 17.88
C LEU C 179 -34.63 -24.49 19.13
N GLU C 180 -33.79 -25.23 19.84
CA GLU C 180 -34.21 -25.88 21.08
C GLU C 180 -34.01 -24.93 22.26
N LYS C 181 -33.04 -24.03 22.13
CA LYS C 181 -32.81 -23.00 23.14
C LYS C 181 -33.74 -21.82 22.93
N ASN C 182 -34.52 -21.88 21.85
CA ASN C 182 -35.46 -20.83 21.48
C ASN C 182 -34.79 -19.46 21.31
N ARG C 183 -33.66 -19.45 20.62
CA ARG C 183 -32.95 -18.21 20.31
C ARG C 183 -32.90 -18.00 18.80
N LEU C 184 -32.55 -16.79 18.38
CA LEU C 184 -32.48 -16.45 16.97
C LEU C 184 -31.33 -17.18 16.27
N PRO C 185 -31.65 -18.00 15.26
CA PRO C 185 -30.66 -18.76 14.50
C PRO C 185 -29.64 -17.86 13.81
N SER C 186 -28.38 -18.25 13.87
CA SER C 186 -27.29 -17.45 13.30
C SER C 186 -27.19 -17.61 11.79
N VAL C 187 -27.91 -18.60 11.25
CA VAL C 187 -27.97 -18.80 9.81
C VAL C 187 -29.15 -18.01 9.24
N HIS C 188 -28.85 -17.04 8.38
CA HIS C 188 -29.89 -16.22 7.76
C HIS C 188 -30.73 -17.09 6.83
N PRO C 189 -32.06 -16.88 6.85
CA PRO C 189 -33.03 -17.64 6.05
C PRO C 189 -32.63 -17.77 4.57
N HIS C 190 -32.02 -16.72 4.03
CA HIS C 190 -31.63 -16.71 2.63
C HIS C 190 -30.47 -17.67 2.35
N HIS C 191 -29.75 -18.04 3.41
CA HIS C 191 -28.59 -18.91 3.26
C HIS C 191 -28.92 -20.36 3.59
N SER C 192 -30.11 -20.57 4.14
CA SER C 192 -30.54 -21.91 4.57
C SER C 192 -30.73 -22.87 3.40
N MET C 193 -30.70 -22.33 2.18
CA MET C 193 -30.84 -23.12 0.97
C MET C 193 -29.50 -23.75 0.58
N LEU C 194 -28.43 -23.29 1.22
CA LEU C 194 -27.08 -23.71 0.86
C LEU C 194 -26.58 -24.86 1.74
N TYR C 195 -27.08 -24.91 2.97
CA TYR C 195 -26.61 -25.89 3.95
C TYR C 195 -27.58 -27.07 4.05
N PRO C 196 -27.05 -28.28 4.27
CA PRO C 196 -27.87 -29.49 4.38
C PRO C 196 -28.74 -29.49 5.63
N LEU C 197 -29.78 -28.66 5.63
CA LEU C 197 -30.73 -28.62 6.73
C LEU C 197 -32.02 -29.34 6.33
N SER C 198 -32.87 -29.61 7.30
CA SER C 198 -34.17 -30.23 7.04
C SER C 198 -35.17 -29.17 6.61
N HIS C 199 -36.26 -29.62 5.98
CA HIS C 199 -37.32 -28.71 5.56
C HIS C 199 -38.01 -28.10 6.77
N GLY C 200 -37.98 -28.81 7.90
CA GLY C 200 -38.54 -28.31 9.13
C GLY C 200 -37.66 -27.22 9.73
N PHE C 201 -36.35 -27.39 9.61
CA PHE C 201 -35.40 -26.40 10.10
C PHE C 201 -35.46 -25.11 9.30
N ARG C 202 -35.53 -25.23 7.98
CA ARG C 202 -35.59 -24.08 7.10
C ARG C 202 -36.82 -23.23 7.36
N LYS C 203 -37.97 -23.88 7.50
CA LYS C 203 -39.21 -23.18 7.77
C LYS C 203 -39.16 -22.49 9.13
N ALA C 204 -38.52 -23.14 10.09
CA ALA C 204 -38.41 -22.60 11.44
C ALA C 204 -37.51 -21.37 11.49
N ILE C 205 -36.37 -21.45 10.80
CA ILE C 205 -35.43 -20.33 10.75
C ILE C 205 -36.09 -19.10 10.15
N ALA C 206 -36.82 -19.29 9.06
CA ALA C 206 -37.54 -18.21 8.42
C ALA C 206 -38.60 -17.62 9.34
N GLU C 207 -39.29 -18.50 10.07
CA GLU C 207 -40.32 -18.08 11.00
C GLU C 207 -39.74 -17.19 12.10
N ARG C 208 -38.53 -17.54 12.55
CA ARG C 208 -37.87 -16.79 13.60
C ARG C 208 -37.52 -15.38 13.15
N HIS C 209 -37.09 -15.24 11.89
CA HIS C 209 -36.75 -13.94 11.33
C HIS C 209 -38.00 -13.15 10.98
N GLY C 210 -39.14 -13.83 10.96
CA GLY C 210 -40.42 -13.18 10.73
C GLY C 210 -40.94 -12.57 12.02
N ASN C 211 -40.55 -13.17 13.15
CA ASN C 211 -40.95 -12.67 14.46
C ASN C 211 -40.23 -11.38 14.82
N LEU C 212 -39.05 -11.18 14.22
CA LEU C 212 -38.29 -9.95 14.43
C LEU C 212 -39.06 -8.74 13.91
N CYS C 213 -39.92 -8.99 12.93
CA CYS C 213 -40.78 -7.94 12.39
C CYS C 213 -41.97 -7.68 13.31
N LEU C 214 -42.39 -8.72 14.02
CA LEU C 214 -43.50 -8.60 14.95
C LEU C 214 -43.12 -7.73 16.15
N ASP C 215 -41.89 -7.87 16.61
CA ASP C 215 -41.40 -7.10 17.75
C ASP C 215 -41.27 -5.61 17.44
N LYS C 216 -41.09 -5.28 16.17
CA LYS C 216 -40.90 -3.91 15.75
C LYS C 216 -42.22 -3.18 15.46
N ILE C 217 -43.30 -3.95 15.33
CA ILE C 217 -44.61 -3.37 15.07
C ILE C 217 -45.49 -3.36 16.32
N ASN C 218 -45.12 -4.15 17.31
CA ASN C 218 -45.84 -4.18 18.57
C ASN C 218 -45.68 -2.84 19.31
N VAL C 219 -44.59 -2.16 19.03
CA VAL C 219 -44.29 -0.88 19.67
C VAL C 219 -45.18 0.22 19.10
N LEU C 220 -45.82 -0.08 17.97
CA LEU C 220 -46.69 0.88 17.32
C LEU C 220 -48.12 0.76 17.84
N HIS C 221 -48.46 -0.42 18.35
CA HIS C 221 -49.77 -0.69 18.93
C HIS C 221 -50.92 -0.37 17.98
N LYS C 222 -50.72 -0.63 16.69
CA LYS C 222 -51.75 -0.36 15.70
C LYS C 222 -52.79 -1.46 15.66
N PRO C 223 -54.07 -1.09 15.67
CA PRO C 223 -55.20 -2.02 15.63
C PRO C 223 -55.25 -2.75 14.29
N PRO C 224 -55.91 -3.93 14.25
CA PRO C 224 -56.11 -4.64 12.99
C PRO C 224 -56.85 -3.77 11.97
N TYR C 225 -56.36 -3.73 10.74
CA TYR C 225 -57.00 -2.95 9.69
C TYR C 225 -58.32 -3.57 9.25
N GLU C 226 -59.20 -2.73 8.70
CA GLU C 226 -60.44 -3.22 8.14
C GLU C 226 -60.31 -3.39 6.62
N HIS C 227 -60.30 -4.64 6.18
CA HIS C 227 -60.04 -4.97 4.78
C HIS C 227 -61.32 -4.93 3.94
N PRO C 228 -61.19 -4.60 2.64
CA PRO C 228 -62.32 -4.56 1.73
C PRO C 228 -63.02 -5.91 1.63
N LYS C 229 -64.35 -5.89 1.47
CA LYS C 229 -65.12 -7.12 1.35
C LYS C 229 -65.63 -7.30 -0.08
N ASP C 230 -65.38 -6.30 -0.92
CA ASP C 230 -65.79 -6.33 -2.31
C ASP C 230 -64.91 -5.45 -3.19
N LEU C 231 -65.35 -5.21 -4.42
CA LEU C 231 -64.62 -4.36 -5.34
C LEU C 231 -65.45 -3.14 -5.72
N LYS C 232 -66.53 -2.92 -4.99
CA LYS C 232 -67.43 -1.80 -5.25
C LYS C 232 -66.72 -0.45 -5.12
N LEU C 233 -65.85 -0.35 -4.12
CA LEU C 233 -65.13 0.89 -3.87
C LEU C 233 -64.13 1.18 -4.98
N SER C 234 -63.56 0.13 -5.56
CA SER C 234 -62.56 0.27 -6.60
C SER C 234 -63.14 0.11 -7.99
N ASP C 235 -64.46 0.25 -8.10
CA ASP C 235 -65.17 0.14 -9.37
C ASP C 235 -64.91 -1.19 -10.08
N GLY C 236 -65.16 -2.29 -9.37
CA GLY C 236 -65.02 -3.62 -9.94
C GLY C 236 -63.59 -4.04 -10.20
N ARG C 237 -62.63 -3.25 -9.72
CA ARG C 237 -61.22 -3.54 -9.96
C ARG C 237 -60.53 -4.13 -8.74
N LEU C 238 -59.76 -5.19 -8.97
CA LEU C 238 -58.94 -5.78 -7.92
C LEU C 238 -57.66 -4.97 -7.78
N ARG C 239 -57.46 -4.37 -6.61
CA ARG C 239 -56.29 -3.55 -6.37
C ARG C 239 -55.09 -4.39 -5.92
N VAL C 240 -54.11 -4.55 -6.81
CA VAL C 240 -52.92 -5.31 -6.50
C VAL C 240 -51.75 -4.38 -6.17
N GLY C 241 -51.10 -4.63 -5.04
CA GLY C 241 -49.96 -3.83 -4.63
C GLY C 241 -48.67 -4.62 -4.62
N TYR C 242 -47.73 -4.18 -5.45
CA TYR C 242 -46.40 -4.80 -5.49
C TYR C 242 -45.44 -4.01 -4.61
N VAL C 243 -44.81 -4.69 -3.66
CA VAL C 243 -43.90 -4.03 -2.73
C VAL C 243 -42.48 -4.56 -2.89
N SER C 244 -41.59 -3.73 -3.43
CA SER C 244 -40.21 -4.14 -3.66
C SER C 244 -39.23 -2.99 -3.52
N SER C 245 -38.02 -3.30 -3.07
CA SER C 245 -36.95 -2.32 -2.98
C SER C 245 -36.08 -2.45 -4.23
N ASP C 246 -36.64 -3.03 -5.27
CA ASP C 246 -35.87 -3.38 -6.45
C ASP C 246 -36.44 -2.76 -7.72
N PHE C 247 -37.25 -1.72 -7.59
CA PHE C 247 -37.71 -0.98 -8.76
C PHE C 247 -36.61 -0.05 -9.24
N GLY C 248 -35.69 -0.59 -10.03
CA GLY C 248 -34.54 0.14 -10.51
C GLY C 248 -33.59 -0.78 -11.25
N ASN C 249 -32.29 -0.47 -11.23
CA ASN C 249 -31.32 -1.33 -11.89
C ASN C 249 -31.00 -2.58 -11.08
N HIS C 250 -32.02 -3.38 -10.80
CA HIS C 250 -31.87 -4.59 -10.01
C HIS C 250 -32.39 -5.79 -10.78
N PRO C 251 -31.79 -6.97 -10.57
CA PRO C 251 -32.21 -8.19 -11.25
C PRO C 251 -33.72 -8.47 -11.19
N THR C 252 -34.33 -8.23 -10.02
CA THR C 252 -35.77 -8.43 -9.86
C THR C 252 -36.54 -7.59 -10.86
N SER C 253 -36.14 -6.33 -10.96
CA SER C 253 -36.79 -5.38 -11.84
C SER C 253 -36.73 -5.86 -13.29
N HIS C 254 -35.57 -6.40 -13.67
CA HIS C 254 -35.35 -6.92 -15.00
C HIS C 254 -36.36 -8.00 -15.35
N LEU C 255 -36.72 -8.82 -14.38
CA LEU C 255 -37.61 -9.94 -14.64
C LEU C 255 -39.05 -9.47 -14.87
N MET C 256 -39.52 -8.54 -14.04
CA MET C 256 -40.95 -8.21 -14.01
C MET C 256 -41.36 -6.80 -14.46
N GLN C 257 -40.41 -5.99 -14.93
CA GLN C 257 -40.68 -4.59 -15.25
C GLN C 257 -41.82 -4.37 -16.26
N SER C 258 -42.02 -5.31 -17.17
CA SER C 258 -43.11 -5.18 -18.14
C SER C 258 -44.48 -5.46 -17.52
N ILE C 259 -44.48 -6.33 -16.51
CA ILE C 259 -45.70 -6.86 -15.92
C ILE C 259 -46.75 -5.85 -15.43
N PRO C 260 -46.34 -4.83 -14.64
CA PRO C 260 -47.32 -3.83 -14.18
C PRO C 260 -48.07 -3.12 -15.31
N GLY C 261 -47.39 -2.81 -16.39
CA GLY C 261 -48.01 -2.15 -17.53
C GLY C 261 -48.90 -3.07 -18.36
N MET C 262 -48.74 -4.38 -18.17
CA MET C 262 -49.48 -5.35 -18.96
C MET C 262 -50.74 -5.85 -18.29
N HIS C 263 -51.06 -5.29 -17.12
CA HIS C 263 -52.28 -5.66 -16.42
C HIS C 263 -53.53 -5.17 -17.14
N ASN C 264 -54.67 -5.77 -16.82
CA ASN C 264 -55.94 -5.37 -17.40
C ASN C 264 -56.56 -4.21 -16.62
N PRO C 265 -56.66 -3.03 -17.25
CA PRO C 265 -57.16 -1.81 -16.61
C PRO C 265 -58.63 -1.92 -16.24
N ASP C 266 -59.34 -2.90 -16.80
CA ASP C 266 -60.76 -3.05 -16.56
C ASP C 266 -61.05 -3.89 -15.32
N LYS C 267 -60.09 -4.75 -14.95
CA LYS C 267 -60.29 -5.66 -13.83
C LYS C 267 -59.26 -5.47 -12.71
N PHE C 268 -58.16 -4.78 -13.01
CA PHE C 268 -57.08 -4.63 -12.05
C PHE C 268 -56.55 -3.20 -11.93
N GLU C 269 -56.23 -2.79 -10.71
CA GLU C 269 -55.61 -1.50 -10.47
C GLU C 269 -54.25 -1.72 -9.83
N VAL C 270 -53.20 -1.42 -10.59
CA VAL C 270 -51.83 -1.72 -10.17
C VAL C 270 -51.23 -0.65 -9.24
N PHE C 271 -50.71 -1.09 -8.11
CA PHE C 271 -50.03 -0.21 -7.18
C PHE C 271 -48.60 -0.69 -6.97
N CYS C 272 -47.62 0.18 -7.19
CA CYS C 272 -46.23 -0.17 -6.98
C CYS C 272 -45.61 0.61 -5.83
N TYR C 273 -45.20 -0.12 -4.80
CA TYR C 273 -44.66 0.49 -3.59
C TYR C 273 -43.14 0.29 -3.51
N ALA C 274 -42.40 1.30 -3.95
CA ALA C 274 -40.94 1.23 -3.94
C ALA C 274 -40.38 1.49 -2.55
N LEU C 275 -39.50 0.59 -2.12
CA LEU C 275 -38.82 0.76 -0.84
C LEU C 275 -37.45 1.39 -1.08
N SER C 276 -37.13 1.60 -2.36
CA SER C 276 -35.86 2.17 -2.76
C SER C 276 -36.07 3.47 -3.55
N PRO C 277 -35.20 4.46 -3.33
CA PRO C 277 -35.30 5.74 -4.03
C PRO C 277 -34.99 5.62 -5.52
N ASP C 278 -35.46 6.59 -6.30
CA ASP C 278 -35.29 6.62 -7.75
C ASP C 278 -33.80 6.73 -8.10
N ASP C 279 -33.26 5.71 -8.76
CA ASP C 279 -31.86 5.74 -9.18
C ASP C 279 -31.68 6.26 -10.60
N GLY C 280 -32.75 6.79 -11.18
CA GLY C 280 -32.69 7.42 -12.48
C GLY C 280 -32.69 6.46 -13.66
N THR C 281 -32.47 5.18 -13.38
CA THR C 281 -32.43 4.18 -14.44
C THR C 281 -33.80 3.98 -15.08
N ASN C 282 -33.80 3.53 -16.33
CA ASN C 282 -35.03 3.39 -17.09
C ASN C 282 -35.96 2.30 -16.57
N PHE C 283 -35.42 1.39 -15.77
CA PHE C 283 -36.24 0.35 -15.17
C PHE C 283 -37.21 0.98 -14.19
N ARG C 284 -36.72 1.98 -13.46
CA ARG C 284 -37.55 2.74 -12.53
C ARG C 284 -38.54 3.61 -13.28
N VAL C 285 -38.07 4.26 -14.34
CA VAL C 285 -38.90 5.14 -15.15
C VAL C 285 -40.11 4.40 -15.70
N LYS C 286 -39.89 3.19 -16.21
CA LYS C 286 -40.94 2.40 -16.83
C LYS C 286 -42.06 2.08 -15.85
N VAL C 287 -41.70 1.47 -14.73
CA VAL C 287 -42.68 1.06 -13.72
C VAL C 287 -43.47 2.25 -13.21
N MET C 288 -42.80 3.38 -13.00
CA MET C 288 -43.46 4.60 -12.56
C MET C 288 -44.42 5.12 -13.61
N ALA C 289 -44.13 4.84 -14.88
CA ALA C 289 -44.93 5.35 -15.98
C ALA C 289 -45.96 4.35 -16.49
N GLU C 290 -45.90 3.12 -16.00
CA GLU C 290 -46.80 2.08 -16.46
C GLU C 290 -47.73 1.53 -15.39
N ALA C 291 -47.29 1.60 -14.13
CA ALA C 291 -48.16 1.24 -13.03
C ALA C 291 -49.22 2.33 -12.85
N ASN C 292 -50.43 1.93 -12.50
CA ASN C 292 -51.52 2.88 -12.31
C ASN C 292 -51.21 3.87 -11.19
N HIS C 293 -50.51 3.39 -10.17
CA HIS C 293 -50.10 4.24 -9.05
C HIS C 293 -48.73 3.83 -8.55
N PHE C 294 -47.78 4.76 -8.58
CA PHE C 294 -46.46 4.49 -8.03
C PHE C 294 -46.27 5.25 -6.73
N ILE C 295 -46.16 4.52 -5.64
CA ILE C 295 -46.00 5.12 -4.32
C ILE C 295 -44.58 4.91 -3.82
N ASP C 296 -43.89 6.02 -3.52
CA ASP C 296 -42.51 5.96 -3.08
C ASP C 296 -42.40 5.86 -1.56
N LEU C 297 -42.32 4.64 -1.06
CA LEU C 297 -42.27 4.40 0.38
C LEU C 297 -40.88 4.61 0.97
N SER C 298 -39.93 5.00 0.13
CA SER C 298 -38.58 5.29 0.59
C SER C 298 -38.54 6.63 1.31
N GLN C 299 -39.61 7.40 1.15
CA GLN C 299 -39.74 8.69 1.82
C GLN C 299 -40.73 8.60 2.98
N ILE C 300 -41.22 7.39 3.24
CA ILE C 300 -42.03 7.13 4.43
C ILE C 300 -41.34 6.02 5.23
N PRO C 301 -40.36 6.41 6.07
CA PRO C 301 -39.54 5.45 6.83
C PRO C 301 -40.34 4.70 7.88
N CYS C 302 -41.31 5.35 8.51
CA CYS C 302 -42.11 4.72 9.55
C CYS C 302 -43.01 3.62 8.98
N ASN C 303 -42.86 2.42 9.50
CA ASN C 303 -43.65 1.28 9.04
C ASN C 303 -45.14 1.47 9.32
N GLY C 304 -45.45 2.20 10.37
CA GLY C 304 -46.83 2.49 10.71
C GLY C 304 -47.50 3.39 9.70
N LYS C 305 -46.82 4.47 9.33
CA LYS C 305 -47.34 5.42 8.36
C LYS C 305 -47.41 4.83 6.96
N ALA C 306 -46.44 3.97 6.63
CA ALA C 306 -46.40 3.34 5.33
C ALA C 306 -47.52 2.32 5.18
N ALA C 307 -47.74 1.54 6.23
CA ALA C 307 -48.82 0.56 6.23
C ALA C 307 -50.17 1.24 6.12
N ASP C 308 -50.29 2.42 6.72
CA ASP C 308 -51.49 3.24 6.57
C ASP C 308 -51.65 3.65 5.11
N ARG C 309 -50.56 4.11 4.51
CA ARG C 309 -50.56 4.54 3.12
C ARG C 309 -50.99 3.41 2.20
N ILE C 310 -50.58 2.19 2.52
CA ILE C 310 -51.02 1.02 1.77
C ILE C 310 -52.51 0.78 1.98
N HIS C 311 -52.94 0.82 3.24
CA HIS C 311 -54.33 0.58 3.61
C HIS C 311 -55.26 1.64 3.02
N GLN C 312 -54.79 2.89 2.98
CA GLN C 312 -55.59 3.99 2.46
C GLN C 312 -55.84 3.84 0.96
N ASP C 313 -54.91 3.19 0.27
CA ASP C 313 -55.08 2.92 -1.15
C ASP C 313 -56.10 1.81 -1.37
N GLY C 314 -56.39 1.05 -0.32
CA GLY C 314 -57.41 0.02 -0.37
C GLY C 314 -56.97 -1.23 -1.11
N ILE C 315 -55.73 -1.64 -0.90
CA ILE C 315 -55.18 -2.81 -1.56
C ILE C 315 -55.90 -4.09 -1.15
N HIS C 316 -56.23 -4.93 -2.14
CA HIS C 316 -56.84 -6.22 -1.88
C HIS C 316 -55.76 -7.30 -1.76
N ILE C 317 -54.81 -7.30 -2.69
CA ILE C 317 -53.72 -8.27 -2.68
C ILE C 317 -52.36 -7.56 -2.65
N LEU C 318 -51.62 -7.77 -1.56
CA LEU C 318 -50.30 -7.16 -1.42
C LEU C 318 -49.22 -8.19 -1.69
N VAL C 319 -48.24 -7.82 -2.52
CA VAL C 319 -47.24 -8.76 -3.00
C VAL C 319 -45.85 -8.48 -2.42
N ASN C 320 -45.25 -9.48 -1.79
CA ASN C 320 -43.90 -9.35 -1.25
C ASN C 320 -42.85 -9.83 -2.24
N MET C 321 -42.25 -8.88 -2.95
CA MET C 321 -41.20 -9.19 -3.93
C MET C 321 -39.82 -9.08 -3.31
N ASN C 322 -39.76 -9.18 -1.99
CA ASN C 322 -38.49 -9.03 -1.27
C ASN C 322 -38.16 -10.22 -0.39
N GLY C 323 -39.09 -10.59 0.48
CA GLY C 323 -38.85 -11.65 1.44
C GLY C 323 -37.74 -11.28 2.40
N TYR C 324 -36.72 -12.13 2.50
CA TYR C 324 -35.61 -11.87 3.39
C TYR C 324 -34.36 -11.47 2.59
N THR C 325 -34.57 -10.62 1.60
CA THR C 325 -33.47 -10.09 0.81
C THR C 325 -33.19 -8.64 1.21
N LYS C 326 -32.05 -8.12 0.78
CA LYS C 326 -31.61 -6.79 1.17
C LYS C 326 -32.61 -5.69 0.79
N GLY C 327 -32.93 -4.83 1.74
CA GLY C 327 -33.82 -3.71 1.51
C GLY C 327 -35.27 -3.99 1.82
N ALA C 328 -35.55 -5.20 2.27
CA ALA C 328 -36.92 -5.61 2.58
C ALA C 328 -37.48 -4.87 3.78
N ARG C 329 -38.80 -4.71 3.80
CA ARG C 329 -39.50 -4.12 4.92
C ARG C 329 -40.75 -4.94 5.22
N ASN C 330 -40.55 -6.16 5.73
CA ASN C 330 -41.64 -7.08 5.99
C ASN C 330 -42.54 -6.65 7.14
N GLU C 331 -42.11 -5.62 7.87
CA GLU C 331 -42.94 -5.02 8.91
C GLU C 331 -44.24 -4.49 8.31
N LEU C 332 -44.18 -4.10 7.04
CA LEU C 332 -45.36 -3.66 6.30
C LEU C 332 -46.35 -4.81 6.18
N PHE C 333 -45.83 -5.99 5.87
CA PHE C 333 -46.68 -7.17 5.71
C PHE C 333 -47.06 -7.75 7.06
N ALA C 334 -46.28 -7.42 8.09
CA ALA C 334 -46.55 -7.88 9.44
C ALA C 334 -47.75 -7.15 10.03
N LEU C 335 -48.03 -5.97 9.50
CA LEU C 335 -49.14 -5.16 9.97
C LEU C 335 -50.45 -5.50 9.26
N ARG C 336 -50.33 -6.33 8.22
CA ARG C 336 -51.48 -6.81 7.44
C ARG C 336 -52.46 -5.71 7.02
N PRO C 337 -52.05 -4.82 6.11
CA PRO C 337 -52.95 -3.78 5.61
C PRO C 337 -53.85 -4.30 4.50
N ALA C 338 -53.52 -5.48 3.97
CA ALA C 338 -54.31 -6.10 2.93
C ALA C 338 -54.88 -7.44 3.42
N PRO C 339 -56.10 -7.78 2.98
CA PRO C 339 -56.73 -9.04 3.36
C PRO C 339 -55.96 -10.25 2.86
N ILE C 340 -55.34 -10.11 1.69
CA ILE C 340 -54.54 -11.18 1.11
C ILE C 340 -53.13 -10.69 0.86
N GLN C 341 -52.14 -11.48 1.27
CA GLN C 341 -50.75 -11.14 1.06
C GLN C 341 -49.95 -12.34 0.58
N ALA C 342 -49.20 -12.17 -0.50
CA ALA C 342 -48.51 -13.30 -1.14
C ALA C 342 -47.04 -13.03 -1.45
N MET C 343 -46.22 -14.07 -1.28
CA MET C 343 -44.83 -14.03 -1.72
C MET C 343 -44.80 -14.24 -3.23
N TRP C 344 -43.90 -13.55 -3.91
CA TRP C 344 -43.79 -13.71 -5.36
C TRP C 344 -42.43 -13.32 -5.92
N LEU C 345 -41.81 -14.25 -6.63
CA LEU C 345 -40.66 -13.98 -7.50
C LEU C 345 -39.37 -13.58 -6.76
N GLY C 346 -39.46 -12.58 -5.89
CA GLY C 346 -38.29 -12.02 -5.24
C GLY C 346 -37.50 -12.96 -4.35
N TYR C 347 -38.16 -13.55 -3.36
CA TYR C 347 -37.50 -14.42 -2.40
C TYR C 347 -37.73 -15.89 -2.73
N PRO C 348 -36.63 -16.63 -2.95
CA PRO C 348 -36.67 -18.03 -3.35
C PRO C 348 -36.84 -18.99 -2.17
N GLY C 349 -37.84 -18.73 -1.33
CA GLY C 349 -38.09 -19.58 -0.18
C GLY C 349 -39.31 -19.18 0.62
N THR C 350 -39.59 -19.92 1.70
CA THR C 350 -40.72 -19.64 2.55
C THR C 350 -40.38 -18.54 3.55
N SER C 351 -41.37 -17.72 3.90
CA SER C 351 -41.18 -16.65 4.86
C SER C 351 -41.31 -17.20 6.28
N GLY C 352 -42.09 -18.27 6.41
CA GLY C 352 -42.31 -18.89 7.71
C GLY C 352 -43.25 -18.10 8.58
N ALA C 353 -43.71 -16.95 8.07
CA ALA C 353 -44.53 -16.04 8.85
C ALA C 353 -46.02 -16.27 8.68
N LEU C 354 -46.79 -15.89 9.70
CA LEU C 354 -48.24 -16.04 9.65
C LEU C 354 -48.88 -14.86 8.93
N PHE C 355 -48.12 -13.79 8.74
CA PHE C 355 -48.64 -12.61 8.04
C PHE C 355 -48.49 -12.71 6.53
N MET C 356 -48.13 -13.89 6.05
CA MET C 356 -48.05 -14.14 4.61
C MET C 356 -48.94 -15.32 4.26
N ASP C 357 -49.92 -15.07 3.40
CA ASP C 357 -50.96 -16.05 3.12
C ASP C 357 -50.58 -17.06 2.04
N TYR C 358 -50.18 -16.56 0.88
CA TYR C 358 -49.81 -17.43 -0.24
C TYR C 358 -48.33 -17.28 -0.61
N ILE C 359 -47.87 -18.16 -1.49
CA ILE C 359 -46.57 -18.02 -2.14
C ILE C 359 -46.69 -18.46 -3.59
N ILE C 360 -46.52 -17.51 -4.50
CA ILE C 360 -46.73 -17.78 -5.92
C ILE C 360 -45.61 -18.62 -6.53
N THR C 361 -45.87 -19.91 -6.65
CA THR C 361 -44.92 -20.84 -7.25
C THR C 361 -45.64 -21.65 -8.31
N ASP C 362 -45.12 -22.84 -8.63
CA ASP C 362 -45.78 -23.72 -9.59
C ASP C 362 -45.61 -25.20 -9.27
N GLN C 363 -46.23 -26.05 -10.11
CA GLN C 363 -46.21 -27.48 -9.92
C GLN C 363 -44.80 -28.07 -9.86
N GLU C 364 -43.95 -27.63 -10.79
CA GLU C 364 -42.61 -28.16 -10.90
C GLU C 364 -41.69 -27.66 -9.78
N THR C 365 -41.84 -26.38 -9.45
CA THR C 365 -41.00 -25.75 -8.44
C THR C 365 -41.30 -26.28 -7.04
N SER C 366 -42.58 -26.30 -6.70
CA SER C 366 -43.01 -26.70 -5.37
C SER C 366 -44.20 -27.66 -5.42
N PRO C 367 -43.93 -28.95 -5.65
CA PRO C 367 -44.99 -29.97 -5.71
C PRO C 367 -45.72 -30.11 -4.38
N ALA C 368 -46.88 -30.76 -4.41
CA ALA C 368 -47.74 -30.86 -3.23
C ALA C 368 -47.14 -31.68 -2.11
N GLU C 369 -46.21 -32.57 -2.42
CA GLU C 369 -45.60 -33.42 -1.42
C GLU C 369 -44.72 -32.64 -0.44
N VAL C 370 -43.99 -31.66 -0.95
CA VAL C 370 -43.13 -30.84 -0.10
C VAL C 370 -43.82 -29.53 0.29
N ALA C 371 -45.14 -29.55 0.32
CA ALA C 371 -45.91 -28.36 0.66
C ALA C 371 -45.78 -28.01 2.14
N GLU C 372 -45.26 -28.94 2.93
CA GLU C 372 -45.08 -28.72 4.36
C GLU C 372 -43.78 -28.02 4.69
N GLN C 373 -42.99 -27.70 3.66
CA GLN C 373 -41.74 -26.97 3.86
C GLN C 373 -42.01 -25.47 3.76
N TYR C 374 -43.22 -25.12 3.34
CA TYR C 374 -43.65 -23.73 3.29
C TYR C 374 -44.69 -23.47 4.36
N SER C 375 -44.73 -22.25 4.88
CA SER C 375 -45.74 -21.86 5.84
C SER C 375 -46.97 -21.33 5.12
N GLU C 376 -46.74 -20.55 4.07
CA GLU C 376 -47.81 -19.99 3.26
C GLU C 376 -48.45 -21.07 2.41
N LYS C 377 -49.71 -20.87 2.04
CA LYS C 377 -50.40 -21.79 1.16
C LYS C 377 -49.86 -21.67 -0.26
N LEU C 378 -49.80 -22.78 -0.98
CA LEU C 378 -49.24 -22.79 -2.32
C LEU C 378 -50.19 -22.24 -3.37
N ALA C 379 -49.73 -21.23 -4.11
CA ALA C 379 -50.50 -20.65 -5.21
C ALA C 379 -49.81 -20.92 -6.54
N TYR C 380 -50.28 -21.95 -7.25
CA TYR C 380 -49.63 -22.41 -8.47
C TYR C 380 -49.85 -21.49 -9.66
N MET C 381 -48.80 -21.34 -10.48
CA MET C 381 -48.92 -20.74 -11.79
C MET C 381 -49.04 -21.88 -12.80
N PRO C 382 -49.76 -21.65 -13.90
CA PRO C 382 -50.02 -22.67 -14.93
C PRO C 382 -48.78 -23.43 -15.37
N HIS C 383 -47.76 -22.72 -15.84
CA HIS C 383 -46.55 -23.39 -16.35
C HIS C 383 -45.36 -23.18 -15.41
N THR C 384 -44.88 -21.94 -15.32
CA THR C 384 -43.79 -21.60 -14.41
C THR C 384 -44.08 -20.29 -13.69
N PHE C 385 -43.53 -20.15 -12.49
CA PHE C 385 -43.74 -18.92 -11.72
C PHE C 385 -42.71 -17.88 -12.09
N PHE C 386 -41.66 -18.32 -12.78
CA PHE C 386 -40.57 -17.43 -13.15
C PHE C 386 -40.86 -16.73 -14.47
N ILE C 387 -40.30 -15.53 -14.62
CA ILE C 387 -40.54 -14.71 -15.79
C ILE C 387 -39.31 -13.84 -16.05
N GLY C 388 -39.11 -13.47 -17.31
CA GLY C 388 -38.02 -12.58 -17.69
C GLY C 388 -38.45 -11.62 -18.76
N ASP C 389 -37.94 -10.40 -18.70
CA ASP C 389 -38.26 -9.36 -19.68
C ASP C 389 -37.23 -9.35 -20.81
N HIS C 390 -36.66 -10.52 -21.09
CA HIS C 390 -35.63 -10.62 -22.11
C HIS C 390 -36.19 -10.30 -23.48
N ALA C 391 -37.47 -10.60 -23.68
CA ALA C 391 -38.14 -10.33 -24.96
C ALA C 391 -38.20 -8.83 -25.23
N ASN C 392 -38.35 -8.04 -24.17
CA ASN C 392 -38.40 -6.59 -24.30
C ASN C 392 -37.00 -5.96 -24.25
N MET C 393 -36.22 -6.37 -23.26
CA MET C 393 -34.89 -5.78 -23.03
C MET C 393 -33.89 -6.08 -24.13
N PHE C 394 -33.86 -7.33 -24.60
CA PHE C 394 -32.89 -7.74 -25.61
C PHE C 394 -33.53 -8.33 -26.86
N PRO C 395 -34.26 -7.52 -27.64
CA PRO C 395 -34.88 -8.04 -28.86
C PRO C 395 -33.86 -8.23 -29.98
N HIS C 396 -32.67 -7.69 -29.77
CA HIS C 396 -31.58 -7.83 -30.74
C HIS C 396 -30.93 -9.21 -30.67
N LEU C 397 -31.41 -10.03 -29.75
CA LEU C 397 -30.92 -11.40 -29.61
C LEU C 397 -31.97 -12.40 -30.08
N LYS C 398 -32.99 -11.93 -30.77
CA LYS C 398 -33.99 -12.81 -31.37
C LYS C 398 -33.43 -13.44 -32.63
N LYS C 399 -32.59 -12.68 -33.33
CA LYS C 399 -31.91 -13.17 -34.52
C LYS C 399 -30.41 -13.02 -34.37
N LYS C 400 -29.66 -13.95 -34.97
CA LYS C 400 -28.21 -13.87 -34.96
C LYS C 400 -27.63 -14.34 -36.30
N ALA C 401 -26.39 -13.96 -36.56
CA ALA C 401 -25.67 -14.39 -37.75
C ALA C 401 -24.24 -14.76 -37.36
N VAL C 402 -23.60 -15.61 -38.16
CA VAL C 402 -22.26 -16.08 -37.85
C VAL C 402 -21.28 -15.89 -38.99
N ILE C 403 -19.99 -15.92 -38.67
CA ILE C 403 -18.94 -15.82 -39.67
C ILE C 403 -18.11 -17.10 -39.68
N ASP C 404 -18.03 -17.73 -40.85
CA ASP C 404 -17.33 -19.01 -40.99
C ASP C 404 -15.82 -18.81 -41.15
N PHE C 405 -15.04 -19.85 -40.85
CA PHE C 405 -13.60 -19.79 -40.99
C PHE C 405 -12.94 -21.15 -41.21
N LYS C 406 -13.10 -21.70 -42.42
CA LYS C 406 -12.48 -22.98 -42.75
C LYS C 406 -10.97 -22.83 -42.93
N ILE C 411 -19.82 -25.53 -40.32
CA ILE C 411 -20.23 -24.17 -39.98
C ILE C 411 -20.72 -24.09 -38.53
N TYR C 412 -19.97 -23.37 -37.70
CA TYR C 412 -20.33 -23.23 -36.30
C TYR C 412 -21.41 -22.18 -36.09
N ASP C 413 -21.89 -22.06 -34.85
CA ASP C 413 -22.95 -21.12 -34.51
C ASP C 413 -22.59 -20.30 -33.28
N ASN C 414 -21.45 -20.61 -32.67
CA ASN C 414 -21.07 -19.97 -31.42
C ASN C 414 -19.58 -19.62 -31.32
N ARG C 415 -18.92 -19.46 -32.48
CA ARG C 415 -17.53 -19.03 -32.49
C ARG C 415 -17.47 -17.53 -32.74
N ILE C 416 -18.20 -17.08 -33.76
CA ILE C 416 -18.31 -15.66 -34.06
C ILE C 416 -19.78 -15.33 -34.33
N VAL C 417 -20.38 -14.51 -33.47
CA VAL C 417 -21.80 -14.23 -33.55
C VAL C 417 -22.11 -12.75 -33.76
N LEU C 418 -23.03 -12.47 -34.69
CA LEU C 418 -23.50 -11.11 -34.91
C LEU C 418 -24.94 -10.96 -34.40
N ASN C 419 -25.20 -9.83 -33.74
CA ASN C 419 -26.56 -9.51 -33.33
C ASN C 419 -26.87 -8.04 -33.63
N GLY C 420 -28.10 -7.76 -34.01
CA GLY C 420 -28.50 -6.39 -34.31
C GLY C 420 -29.93 -6.28 -34.79
N ILE C 421 -30.53 -5.13 -34.52
CA ILE C 421 -31.90 -4.86 -34.96
C ILE C 421 -31.91 -4.66 -36.48
N ASP C 422 -30.83 -4.08 -37.00
CA ASP C 422 -30.71 -3.86 -38.44
C ASP C 422 -29.75 -4.86 -39.08
N LEU C 423 -29.63 -6.03 -38.47
CA LEU C 423 -28.72 -7.06 -38.98
C LEU C 423 -29.16 -7.59 -40.34
N LYS C 424 -30.46 -7.82 -40.50
CA LYS C 424 -30.99 -8.36 -41.74
C LYS C 424 -30.85 -7.35 -42.88
N ALA C 425 -30.81 -6.07 -42.53
CA ALA C 425 -30.62 -5.01 -43.51
C ALA C 425 -29.15 -4.91 -43.92
N PHE C 426 -28.27 -5.24 -42.97
CA PHE C 426 -26.82 -5.20 -43.20
C PHE C 426 -26.37 -6.38 -44.05
N LEU C 427 -27.03 -7.52 -43.89
CA LEU C 427 -26.68 -8.73 -44.62
C LEU C 427 -27.07 -8.64 -46.09
N ASP C 428 -28.11 -7.85 -46.37
CA ASP C 428 -28.58 -7.69 -47.74
C ASP C 428 -27.69 -6.71 -48.52
N SER C 429 -26.68 -6.17 -47.85
CA SER C 429 -25.72 -5.29 -48.49
C SER C 429 -24.42 -6.04 -48.73
N LEU C 430 -24.36 -7.29 -48.29
CA LEU C 430 -23.18 -8.13 -48.45
C LEU C 430 -23.28 -8.95 -49.73
N PRO C 431 -22.13 -9.17 -50.40
CA PRO C 431 -22.07 -9.91 -51.67
C PRO C 431 -22.63 -11.32 -51.58
N ASP C 432 -21.97 -12.21 -50.85
CA ASP C 432 -22.39 -13.60 -50.74
C ASP C 432 -22.78 -13.94 -49.31
N VAL C 433 -24.03 -14.35 -49.11
CA VAL C 433 -24.51 -14.70 -47.78
C VAL C 433 -25.19 -16.07 -47.78
N LYS C 434 -24.53 -17.07 -47.19
CA LYS C 434 -25.10 -18.41 -47.12
C LYS C 434 -26.16 -18.48 -46.03
N ILE C 435 -27.29 -19.11 -46.35
CA ILE C 435 -28.40 -19.22 -45.40
C ILE C 435 -28.53 -20.66 -44.88
N VAL C 436 -27.98 -20.91 -43.69
CA VAL C 436 -28.09 -22.23 -43.08
C VAL C 436 -29.47 -22.43 -42.47
N LYS C 437 -30.12 -23.52 -42.86
CA LYS C 437 -31.47 -23.80 -42.40
C LYS C 437 -31.49 -24.39 -40.98
N MET C 438 -32.65 -24.28 -40.34
CA MET C 438 -32.87 -24.90 -39.04
C MET C 438 -34.21 -25.62 -39.06
N LYS C 439 -34.23 -26.89 -38.66
CA LYS C 439 -35.48 -27.63 -38.61
C LYS C 439 -35.98 -27.84 -37.17
N CYS C 440 -37.17 -27.29 -36.90
CA CYS C 440 -37.81 -27.38 -35.59
C CYS C 440 -36.89 -26.97 -34.44
N ALA C 453 -39.48 -22.50 -40.06
CA ALA C 453 -39.28 -21.33 -40.90
C ALA C 453 -38.27 -20.37 -40.28
N LEU C 454 -37.28 -20.92 -39.58
CA LEU C 454 -36.25 -20.10 -38.94
C LEU C 454 -34.87 -20.45 -39.50
N ASN C 455 -34.05 -19.44 -39.74
CA ASN C 455 -32.75 -19.63 -40.37
C ASN C 455 -31.59 -19.05 -39.56
N MET C 456 -30.39 -19.27 -40.07
CA MET C 456 -29.18 -18.64 -39.52
C MET C 456 -28.25 -18.26 -40.66
N PRO C 457 -28.20 -16.96 -40.99
CA PRO C 457 -27.31 -16.45 -42.04
C PRO C 457 -25.84 -16.72 -41.72
N VAL C 458 -25.04 -16.93 -42.77
CA VAL C 458 -23.62 -17.19 -42.60
C VAL C 458 -22.79 -16.32 -43.54
N ILE C 459 -21.84 -15.58 -42.97
CA ILE C 459 -20.91 -14.78 -43.76
C ILE C 459 -19.63 -15.57 -44.02
N PRO C 460 -19.28 -15.76 -45.30
CA PRO C 460 -18.05 -16.46 -45.68
C PRO C 460 -16.84 -15.59 -45.41
N MET C 461 -15.67 -16.20 -45.28
CA MET C 461 -14.45 -15.45 -45.00
C MET C 461 -13.96 -14.70 -46.24
N ASN C 462 -14.48 -13.47 -46.41
CA ASN C 462 -14.03 -12.62 -47.50
C ASN C 462 -13.39 -11.34 -46.95
N THR C 463 -13.21 -10.34 -47.82
CA THR C 463 -12.55 -9.10 -47.44
C THR C 463 -13.31 -8.32 -46.36
N ILE C 464 -14.63 -8.48 -46.34
CA ILE C 464 -15.47 -7.78 -45.38
C ILE C 464 -15.43 -8.46 -44.00
N ALA C 465 -15.55 -9.77 -44.00
CA ALA C 465 -15.51 -10.54 -42.76
C ALA C 465 -14.17 -10.39 -42.05
N GLU C 466 -13.10 -10.29 -42.83
CA GLU C 466 -11.75 -10.13 -42.28
C GLU C 466 -11.60 -8.80 -41.55
N ALA C 467 -12.25 -7.76 -42.08
CA ALA C 467 -12.21 -6.44 -41.46
C ALA C 467 -12.86 -6.47 -40.07
N VAL C 468 -13.89 -7.30 -39.95
CA VAL C 468 -14.57 -7.48 -38.66
C VAL C 468 -13.63 -8.14 -37.66
N ILE C 469 -12.96 -9.20 -38.10
CA ILE C 469 -11.99 -9.91 -37.25
C ILE C 469 -10.87 -8.96 -36.83
N GLU C 470 -10.47 -8.10 -37.76
CA GLU C 470 -9.43 -7.11 -37.50
C GLU C 470 -9.84 -6.18 -36.36
N MET C 471 -11.11 -5.78 -36.36
CA MET C 471 -11.64 -4.93 -35.30
C MET C 471 -11.59 -5.63 -33.94
N ILE C 472 -11.92 -6.93 -33.95
CA ILE C 472 -11.96 -7.72 -32.73
C ILE C 472 -10.57 -7.92 -32.12
N ASN C 473 -9.65 -8.42 -32.94
CA ASN C 473 -8.30 -8.73 -32.46
C ASN C 473 -7.50 -7.50 -32.04
N ARG C 474 -7.75 -6.37 -32.69
CA ARG C 474 -7.07 -5.13 -32.36
C ARG C 474 -7.72 -4.46 -31.14
N GLY C 475 -8.88 -4.96 -30.73
CA GLY C 475 -9.59 -4.40 -29.61
C GLY C 475 -10.17 -3.03 -29.95
N GLN C 476 -10.43 -2.80 -31.23
CA GLN C 476 -10.99 -1.54 -31.68
C GLN C 476 -12.45 -1.43 -31.22
N ILE C 477 -12.91 -0.19 -31.04
CA ILE C 477 -14.24 0.06 -30.50
C ILE C 477 -15.34 -0.30 -31.50
N GLN C 478 -15.18 0.15 -32.74
CA GLN C 478 -16.21 -0.02 -33.74
C GLN C 478 -15.68 0.30 -35.14
N ILE C 479 -16.31 -0.30 -36.16
CA ILE C 479 -15.96 -0.01 -37.54
C ILE C 479 -17.21 0.29 -38.35
N THR C 480 -17.01 0.65 -39.62
CA THR C 480 -18.14 0.95 -40.51
C THR C 480 -18.04 0.15 -41.80
N ILE C 481 -19.08 -0.62 -42.09
CA ILE C 481 -19.14 -1.41 -43.31
C ILE C 481 -20.43 -1.12 -44.07
N ASN C 482 -20.29 -0.56 -45.27
CA ASN C 482 -21.43 -0.19 -46.11
C ASN C 482 -22.40 0.76 -45.41
N GLY C 483 -21.87 1.61 -44.53
CA GLY C 483 -22.69 2.57 -43.81
C GLY C 483 -23.26 2.04 -42.51
N PHE C 484 -23.29 0.72 -42.38
CA PHE C 484 -23.79 0.09 -41.17
C PHE C 484 -22.77 0.17 -40.04
N SER C 485 -23.25 0.53 -38.85
CA SER C 485 -22.36 0.66 -37.69
C SER C 485 -22.12 -0.71 -37.04
N ILE C 486 -20.85 -1.11 -36.99
CA ILE C 486 -20.47 -2.39 -36.44
C ILE C 486 -19.71 -2.21 -35.13
N SER C 487 -20.26 -2.72 -34.04
CA SER C 487 -19.71 -2.49 -32.71
C SER C 487 -18.98 -3.70 -32.13
N ASN C 488 -17.95 -3.43 -31.33
CA ASN C 488 -17.25 -4.48 -30.60
C ASN C 488 -18.08 -4.94 -29.42
N GLY C 489 -18.08 -6.24 -29.16
CA GLY C 489 -18.89 -6.81 -28.10
C GLY C 489 -18.48 -6.41 -26.70
N LEU C 490 -17.19 -6.07 -26.54
CA LEU C 490 -16.65 -5.73 -25.24
C LEU C 490 -16.68 -4.22 -24.98
N ALA C 491 -17.01 -3.45 -26.01
CA ALA C 491 -16.97 -2.00 -25.91
C ALA C 491 -18.36 -1.38 -26.01
N THR C 492 -19.39 -2.14 -25.65
CA THR C 492 -20.77 -1.65 -25.69
C THR C 492 -20.93 -0.49 -24.70
N THR C 493 -20.21 -0.57 -23.60
CA THR C 493 -20.30 0.44 -22.55
C THR C 493 -19.68 1.78 -22.95
N GLN C 494 -18.94 1.78 -24.04
CA GLN C 494 -18.30 3.01 -24.52
C GLN C 494 -19.11 3.64 -25.64
N ILE C 495 -20.03 2.87 -26.21
CA ILE C 495 -20.84 3.32 -27.34
C ILE C 495 -22.22 3.77 -26.89
N ASN C 496 -22.85 2.96 -26.05
CA ASN C 496 -24.14 3.30 -25.46
C ASN C 496 -24.30 2.64 -24.10
N ASN C 497 -23.90 3.37 -23.05
CA ASN C 497 -23.98 2.86 -21.68
C ASN C 497 -25.37 2.39 -21.29
N LYS C 498 -26.39 3.09 -21.77
CA LYS C 498 -27.78 2.71 -21.52
C LYS C 498 -28.07 1.34 -22.12
N ALA C 499 -27.51 1.09 -23.30
CA ALA C 499 -27.74 -0.17 -24.00
C ALA C 499 -27.00 -1.32 -23.32
N ALA C 500 -25.88 -1.00 -22.67
CA ALA C 500 -25.05 -2.03 -22.04
C ALA C 500 -25.69 -2.59 -20.78
N THR C 501 -26.55 -1.80 -20.14
CA THR C 501 -27.19 -2.22 -18.90
C THR C 501 -28.56 -2.86 -19.15
N GLY C 502 -29.12 -2.61 -20.33
CA GLY C 502 -30.41 -3.17 -20.69
C GLY C 502 -31.51 -2.12 -20.62
N GLU C 503 -31.13 -0.90 -20.27
CA GLU C 503 -32.08 0.20 -20.21
C GLU C 503 -32.58 0.55 -21.60
N GLU C 504 -31.69 0.46 -22.59
CA GLU C 504 -32.05 0.66 -23.98
C GLU C 504 -31.68 -0.56 -24.81
N VAL C 505 -32.20 -0.61 -26.03
CA VAL C 505 -31.81 -1.63 -27.00
C VAL C 505 -30.69 -1.05 -27.86
N PRO C 506 -29.60 -1.81 -28.04
CA PRO C 506 -28.47 -1.36 -28.86
C PRO C 506 -28.91 -0.95 -30.26
N ARG C 507 -28.45 0.20 -30.72
CA ARG C 507 -28.83 0.70 -32.04
C ARG C 507 -27.73 0.46 -33.07
N THR C 508 -26.78 -0.41 -32.71
CA THR C 508 -25.72 -0.83 -33.63
C THR C 508 -25.63 -2.34 -33.67
N ILE C 509 -24.81 -2.86 -34.57
CA ILE C 509 -24.64 -4.31 -34.70
C ILE C 509 -23.45 -4.77 -33.87
N ILE C 510 -23.66 -5.77 -33.02
CA ILE C 510 -22.65 -6.19 -32.08
C ILE C 510 -21.99 -7.54 -32.42
N VAL C 511 -20.68 -7.51 -32.61
CA VAL C 511 -19.91 -8.72 -32.88
C VAL C 511 -19.46 -9.36 -31.57
N THR C 512 -19.73 -10.65 -31.41
CA THR C 512 -19.31 -11.37 -30.22
C THR C 512 -18.53 -12.62 -30.61
N THR C 513 -17.25 -12.66 -30.25
CA THR C 513 -16.39 -13.78 -30.61
C THR C 513 -15.89 -14.51 -29.37
N ARG C 514 -15.48 -15.76 -29.56
CA ARG C 514 -14.92 -16.55 -28.47
C ARG C 514 -13.51 -16.07 -28.12
N SER C 515 -12.84 -15.47 -29.09
CA SER C 515 -11.48 -14.98 -28.89
C SER C 515 -11.45 -13.78 -27.94
N GLN C 516 -12.60 -13.15 -27.75
CA GLN C 516 -12.73 -12.03 -26.82
C GLN C 516 -12.60 -12.51 -25.38
N TYR C 517 -13.08 -13.71 -25.11
CA TYR C 517 -13.11 -14.24 -23.75
C TYR C 517 -12.11 -15.39 -23.56
N GLY C 518 -11.27 -15.60 -24.56
CA GLY C 518 -10.22 -16.62 -24.48
C GLY C 518 -10.75 -18.04 -24.60
N LEU C 519 -11.89 -18.20 -25.24
CA LEU C 519 -12.49 -19.51 -25.43
C LEU C 519 -11.91 -20.22 -26.66
N PRO C 520 -11.87 -21.56 -26.62
CA PRO C 520 -11.35 -22.36 -27.74
C PRO C 520 -12.22 -22.29 -28.99
N GLU C 521 -11.59 -22.28 -30.15
CA GLU C 521 -12.29 -22.22 -31.43
C GLU C 521 -12.82 -23.58 -31.86
N ASP C 522 -12.25 -24.64 -31.29
CA ASP C 522 -12.59 -26.00 -31.69
C ASP C 522 -12.83 -26.93 -30.51
N ALA C 523 -13.64 -26.47 -29.55
CA ALA C 523 -13.94 -27.29 -28.37
C ALA C 523 -15.30 -26.95 -27.78
N ILE C 524 -15.91 -27.95 -27.13
CA ILE C 524 -17.21 -27.76 -26.49
C ILE C 524 -17.05 -26.92 -25.22
N VAL C 525 -17.80 -25.83 -25.15
CA VAL C 525 -17.72 -24.92 -24.01
C VAL C 525 -18.91 -25.08 -23.07
N TYR C 526 -18.64 -25.42 -21.82
CA TYR C 526 -19.67 -25.46 -20.79
C TYR C 526 -19.60 -24.19 -19.95
N CYS C 527 -20.75 -23.61 -19.65
CA CYS C 527 -20.78 -22.32 -18.95
C CYS C 527 -21.62 -22.34 -17.67
N ASN C 528 -21.27 -21.46 -16.75
CA ASN C 528 -22.08 -21.19 -15.57
C ASN C 528 -21.81 -19.78 -15.05
N PHE C 529 -22.72 -18.87 -15.37
CA PHE C 529 -22.54 -17.45 -15.08
C PHE C 529 -23.07 -17.06 -13.71
N ASN C 530 -23.50 -18.05 -12.92
CA ASN C 530 -23.95 -17.78 -11.57
C ASN C 530 -22.83 -17.31 -10.67
N GLN C 531 -23.19 -16.72 -9.53
CA GLN C 531 -22.19 -16.38 -8.52
C GLN C 531 -21.61 -17.68 -7.98
N LEU C 532 -20.31 -17.67 -7.68
CA LEU C 532 -19.61 -18.88 -7.28
C LEU C 532 -20.15 -19.52 -5.99
N TYR C 533 -20.90 -18.75 -5.20
CA TYR C 533 -21.42 -19.25 -3.93
C TYR C 533 -22.41 -20.39 -4.10
N LYS C 534 -22.90 -20.59 -5.33
CA LYS C 534 -23.85 -21.66 -5.61
C LYS C 534 -23.14 -22.95 -5.98
N ILE C 535 -21.82 -22.97 -5.81
CA ILE C 535 -21.03 -24.15 -6.12
C ILE C 535 -20.52 -24.83 -4.85
N ASP C 536 -20.80 -26.12 -4.72
CA ASP C 536 -20.29 -26.93 -3.61
C ASP C 536 -19.44 -28.05 -4.19
N PRO C 537 -18.57 -28.67 -3.37
CA PRO C 537 -17.69 -29.76 -3.83
C PRO C 537 -18.40 -30.85 -4.61
N SER C 538 -19.66 -31.11 -4.28
CA SER C 538 -20.45 -32.11 -4.99
C SER C 538 -20.75 -31.66 -6.41
N THR C 539 -20.91 -30.35 -6.58
CA THR C 539 -21.21 -29.77 -7.89
C THR C 539 -19.97 -29.76 -8.80
N LEU C 540 -18.83 -29.36 -8.25
CA LEU C 540 -17.60 -29.27 -9.03
C LEU C 540 -17.12 -30.65 -9.47
N GLN C 541 -17.29 -31.63 -8.60
CA GLN C 541 -16.92 -33.01 -8.93
C GLN C 541 -17.78 -33.52 -10.08
N MET C 542 -19.04 -33.09 -10.09
CA MET C 542 -19.97 -33.46 -11.15
C MET C 542 -19.50 -32.90 -12.49
N TRP C 543 -18.98 -31.68 -12.47
CA TRP C 543 -18.47 -31.03 -13.67
C TRP C 543 -17.15 -31.63 -14.11
N ALA C 544 -16.33 -32.01 -13.14
CA ALA C 544 -15.02 -32.61 -13.41
C ALA C 544 -15.20 -33.92 -14.18
N ASN C 545 -16.20 -34.69 -13.80
CA ASN C 545 -16.50 -35.96 -14.45
C ASN C 545 -16.94 -35.75 -15.90
N ILE C 546 -17.64 -34.64 -16.15
CA ILE C 546 -18.11 -34.31 -17.48
C ILE C 546 -16.97 -33.85 -18.39
N LEU C 547 -16.07 -33.03 -17.83
CA LEU C 547 -14.93 -32.53 -18.56
C LEU C 547 -13.97 -33.67 -18.95
N LYS C 548 -13.90 -34.68 -18.10
CA LYS C 548 -13.04 -35.83 -18.37
C LYS C 548 -13.59 -36.72 -19.48
N ARG C 549 -14.91 -36.88 -19.52
CA ARG C 549 -15.54 -37.74 -20.53
C ARG C 549 -15.51 -37.12 -21.92
N VAL C 550 -15.47 -35.79 -21.98
CA VAL C 550 -15.37 -35.09 -23.25
C VAL C 550 -13.91 -34.74 -23.54
N PRO C 551 -13.40 -35.20 -24.70
CA PRO C 551 -11.99 -35.06 -25.10
C PRO C 551 -11.45 -33.65 -24.93
N ASN C 552 -11.80 -32.74 -25.85
CA ASN C 552 -11.40 -31.35 -25.73
C ASN C 552 -12.56 -30.50 -25.23
N SER C 553 -12.51 -30.15 -23.95
CA SER C 553 -13.61 -29.43 -23.32
C SER C 553 -13.12 -28.41 -22.30
N VAL C 554 -13.90 -27.35 -22.12
CA VAL C 554 -13.58 -26.33 -21.11
C VAL C 554 -14.82 -25.97 -20.30
N LEU C 555 -14.59 -25.48 -19.09
CA LEU C 555 -15.68 -24.97 -18.26
C LEU C 555 -15.56 -23.45 -18.14
N TRP C 556 -16.63 -22.76 -18.51
CA TRP C 556 -16.63 -21.29 -18.51
C TRP C 556 -17.30 -20.74 -17.26
N LEU C 557 -16.50 -20.20 -16.35
CA LEU C 557 -17.02 -19.63 -15.11
C LEU C 557 -16.74 -18.14 -15.01
N LEU C 558 -17.36 -17.49 -14.04
CA LEU C 558 -17.16 -16.06 -13.84
C LEU C 558 -16.41 -15.77 -12.54
N ARG C 559 -15.69 -14.66 -12.52
CA ARG C 559 -15.02 -14.20 -11.31
C ARG C 559 -16.04 -13.54 -10.39
N PHE C 560 -16.80 -14.37 -9.68
CA PHE C 560 -17.92 -13.90 -8.88
C PHE C 560 -17.86 -14.46 -7.46
N PRO C 561 -16.98 -13.90 -6.61
CA PRO C 561 -16.06 -12.79 -6.90
C PRO C 561 -14.75 -13.29 -7.49
N ALA C 562 -13.82 -12.37 -7.71
CA ALA C 562 -12.54 -12.71 -8.33
C ALA C 562 -11.68 -13.60 -7.42
N VAL C 563 -11.77 -13.35 -6.11
CA VAL C 563 -10.95 -14.08 -5.14
C VAL C 563 -11.37 -15.54 -5.00
N GLY C 564 -12.49 -15.89 -5.62
CA GLY C 564 -12.96 -17.27 -5.58
C GLY C 564 -12.33 -18.13 -6.65
N GLU C 565 -11.72 -17.49 -7.64
CA GLU C 565 -11.08 -18.20 -8.76
C GLU C 565 -9.91 -19.10 -8.37
N PRO C 566 -8.90 -18.57 -7.63
CA PRO C 566 -7.76 -19.44 -7.31
C PRO C 566 -8.15 -20.62 -6.44
N ASN C 567 -9.26 -20.49 -5.71
CA ASN C 567 -9.76 -21.60 -4.90
C ASN C 567 -10.25 -22.75 -5.76
N ILE C 568 -11.17 -22.45 -6.68
CA ILE C 568 -11.75 -23.46 -7.56
C ILE C 568 -10.68 -24.16 -8.40
N GLN C 569 -9.70 -23.40 -8.84
CA GLN C 569 -8.60 -23.97 -9.62
C GLN C 569 -7.83 -25.01 -8.82
N GLN C 570 -7.55 -24.70 -7.56
CA GLN C 570 -6.82 -25.61 -6.70
C GLN C 570 -7.65 -26.86 -6.39
N TYR C 571 -8.97 -26.69 -6.35
CA TYR C 571 -9.87 -27.83 -6.15
C TYR C 571 -10.07 -28.61 -7.44
N ALA C 572 -9.61 -28.03 -8.56
CA ALA C 572 -9.74 -28.68 -9.86
C ALA C 572 -8.54 -29.57 -10.16
N GLN C 573 -7.37 -29.18 -9.65
CA GLN C 573 -6.15 -29.96 -9.85
C GLN C 573 -6.26 -31.29 -9.12
N ASN C 574 -6.92 -31.28 -7.98
CA ASN C 574 -7.10 -32.49 -7.18
C ASN C 574 -8.10 -33.46 -7.79
N MET C 575 -8.78 -33.00 -8.83
CA MET C 575 -9.75 -33.84 -9.53
C MET C 575 -9.22 -34.27 -10.90
N GLY C 576 -8.01 -33.82 -11.22
CA GLY C 576 -7.37 -34.20 -12.47
C GLY C 576 -7.70 -33.28 -13.63
N LEU C 577 -7.92 -32.00 -13.33
CA LEU C 577 -8.24 -31.03 -14.36
C LEU C 577 -7.16 -29.95 -14.46
N PRO C 578 -6.40 -29.95 -15.57
CA PRO C 578 -5.35 -28.97 -15.86
C PRO C 578 -5.85 -27.52 -15.80
N GLN C 579 -4.91 -26.57 -15.77
CA GLN C 579 -5.23 -25.16 -15.62
C GLN C 579 -6.13 -24.61 -16.73
N ASN C 580 -5.78 -24.88 -17.98
CA ASN C 580 -6.52 -24.34 -19.12
C ASN C 580 -7.83 -25.07 -19.42
N ARG C 581 -8.29 -25.88 -18.47
CA ARG C 581 -9.55 -26.60 -18.65
C ARG C 581 -10.73 -25.80 -18.09
N ILE C 582 -10.43 -24.82 -17.24
CA ILE C 582 -11.45 -23.92 -16.73
C ILE C 582 -11.07 -22.47 -17.07
N ILE C 583 -11.97 -21.78 -17.76
CA ILE C 583 -11.70 -20.42 -18.20
C ILE C 583 -12.59 -19.40 -17.47
N PHE C 584 -11.96 -18.49 -16.74
CA PHE C 584 -12.68 -17.47 -16.00
C PHE C 584 -12.76 -16.16 -16.78
N SER C 585 -13.90 -15.48 -16.66
CA SER C 585 -14.09 -14.18 -17.27
C SER C 585 -14.73 -13.24 -16.26
N PRO C 586 -14.42 -11.93 -16.36
CA PRO C 586 -14.95 -10.96 -15.41
C PRO C 586 -16.46 -10.75 -15.61
N VAL C 587 -17.13 -10.29 -14.55
CA VAL C 587 -18.54 -9.95 -14.65
C VAL C 587 -18.73 -8.80 -15.64
N ALA C 588 -19.58 -9.03 -16.63
CA ALA C 588 -19.79 -8.06 -17.71
C ALA C 588 -21.07 -7.27 -17.47
N PRO C 589 -21.25 -6.15 -18.18
CA PRO C 589 -22.55 -5.46 -18.17
C PRO C 589 -23.66 -6.43 -18.59
N LYS C 590 -24.89 -6.18 -18.18
CA LYS C 590 -25.97 -7.14 -18.38
C LYS C 590 -26.19 -7.53 -19.84
N GLU C 591 -26.20 -6.54 -20.72
CA GLU C 591 -26.40 -6.80 -22.15
C GLU C 591 -25.31 -7.70 -22.70
N GLU C 592 -24.06 -7.41 -22.33
CA GLU C 592 -22.92 -8.21 -22.75
C GLU C 592 -23.00 -9.62 -22.17
N HIS C 593 -23.46 -9.72 -20.92
CA HIS C 593 -23.57 -11.01 -20.24
C HIS C 593 -24.56 -11.95 -20.94
N VAL C 594 -25.76 -11.45 -21.20
CA VAL C 594 -26.79 -12.24 -21.84
C VAL C 594 -26.40 -12.61 -23.26
N ARG C 595 -25.78 -11.66 -23.96
CA ARG C 595 -25.37 -11.86 -25.35
C ARG C 595 -24.25 -12.88 -25.50
N ARG C 596 -23.26 -12.82 -24.61
CA ARG C 596 -22.11 -13.73 -24.69
C ARG C 596 -22.48 -15.16 -24.31
N GLY C 597 -23.70 -15.34 -23.81
CA GLY C 597 -24.22 -16.67 -23.51
C GLY C 597 -24.43 -17.47 -24.78
N GLN C 598 -24.46 -16.77 -25.91
CA GLN C 598 -24.57 -17.40 -27.21
C GLN C 598 -23.30 -18.16 -27.56
N LEU C 599 -22.17 -17.73 -27.00
CA LEU C 599 -20.87 -18.32 -27.29
C LEU C 599 -20.71 -19.72 -26.71
N ALA C 600 -21.53 -20.03 -25.72
CA ALA C 600 -21.44 -21.33 -25.06
C ALA C 600 -22.14 -22.43 -25.88
N ASP C 601 -21.86 -23.67 -25.54
CA ASP C 601 -22.55 -24.81 -26.15
C ASP C 601 -23.63 -25.32 -25.21
N VAL C 602 -23.24 -25.58 -23.96
CA VAL C 602 -24.16 -26.09 -22.95
C VAL C 602 -23.94 -25.40 -21.61
N CYS C 603 -25.03 -24.97 -20.98
CA CYS C 603 -24.95 -24.39 -19.65
C CYS C 603 -25.11 -25.48 -18.59
N LEU C 604 -24.18 -25.53 -17.64
CA LEU C 604 -24.24 -26.50 -16.56
C LEU C 604 -24.70 -25.87 -15.26
N ASP C 605 -26.02 -25.84 -15.07
CA ASP C 605 -26.61 -25.23 -13.88
C ASP C 605 -26.23 -25.95 -12.60
N THR C 606 -26.04 -25.20 -11.53
CA THR C 606 -25.71 -25.75 -10.22
C THR C 606 -26.93 -26.40 -9.58
N PRO C 607 -26.76 -27.62 -9.05
CA PRO C 607 -27.86 -28.36 -8.41
C PRO C 607 -28.16 -27.85 -7.00
N LEU C 608 -27.16 -27.31 -6.32
CA LEU C 608 -27.34 -26.79 -4.97
C LEU C 608 -28.33 -25.62 -4.96
N CYS C 609 -28.01 -24.59 -5.74
CA CYS C 609 -28.90 -23.46 -5.92
C CYS C 609 -28.94 -23.08 -7.39
N ASN C 610 -30.04 -23.39 -8.05
CA ASN C 610 -30.17 -23.19 -9.49
C ASN C 610 -29.91 -21.77 -9.97
N GLY C 611 -29.56 -21.64 -11.24
CA GLY C 611 -29.45 -20.33 -11.87
C GLY C 611 -30.84 -19.77 -12.12
N HIS C 612 -31.29 -18.90 -11.22
CA HIS C 612 -32.63 -18.35 -11.31
C HIS C 612 -32.73 -17.31 -12.42
N THR C 613 -32.17 -16.14 -12.19
CA THR C 613 -32.12 -15.12 -13.24
C THR C 613 -31.15 -15.57 -14.31
N THR C 614 -30.10 -16.28 -13.89
CA THR C 614 -29.08 -16.78 -14.79
C THR C 614 -29.65 -17.76 -15.80
N GLY C 615 -30.59 -18.60 -15.34
CA GLY C 615 -31.22 -19.58 -16.20
C GLY C 615 -31.99 -18.94 -17.34
N MET C 616 -32.65 -17.83 -17.05
CA MET C 616 -33.39 -17.09 -18.06
C MET C 616 -32.43 -16.42 -19.05
N ASP C 617 -31.25 -16.06 -18.55
CA ASP C 617 -30.25 -15.37 -19.37
C ASP C 617 -29.58 -16.30 -20.37
N VAL C 618 -29.37 -17.55 -19.98
CA VAL C 618 -28.70 -18.51 -20.85
C VAL C 618 -29.67 -19.16 -21.85
N LEU C 619 -30.93 -19.27 -21.47
CA LEU C 619 -31.94 -19.86 -22.35
C LEU C 619 -32.34 -18.89 -23.45
N TRP C 620 -32.21 -17.59 -23.17
CA TRP C 620 -32.54 -16.57 -24.17
C TRP C 620 -31.48 -16.54 -25.26
N ALA C 621 -30.30 -17.07 -24.94
CA ALA C 621 -29.21 -17.15 -25.91
C ALA C 621 -29.31 -18.44 -26.71
N GLY C 622 -30.30 -19.26 -26.38
CA GLY C 622 -30.52 -20.52 -27.08
C GLY C 622 -29.69 -21.66 -26.53
N THR C 623 -28.82 -21.33 -25.57
CA THR C 623 -27.93 -22.32 -24.97
C THR C 623 -28.67 -23.26 -24.02
N PRO C 624 -28.64 -24.56 -24.32
CA PRO C 624 -29.28 -25.59 -23.49
C PRO C 624 -28.70 -25.63 -22.09
N MET C 625 -29.56 -25.84 -21.09
CA MET C 625 -29.14 -25.87 -19.70
C MET C 625 -29.48 -27.19 -19.03
N VAL C 626 -28.48 -27.86 -18.49
CA VAL C 626 -28.69 -29.13 -17.79
C VAL C 626 -28.75 -28.88 -16.28
N THR C 627 -29.75 -29.47 -15.63
CA THR C 627 -29.93 -29.28 -14.19
C THR C 627 -30.41 -30.52 -13.48
N MET C 628 -30.22 -30.55 -12.16
CA MET C 628 -30.72 -31.62 -11.31
C MET C 628 -31.55 -31.04 -10.17
N PRO C 629 -32.87 -31.18 -10.26
CA PRO C 629 -33.81 -30.66 -9.27
C PRO C 629 -33.60 -31.27 -7.89
N GLY C 630 -33.51 -30.42 -6.87
CA GLY C 630 -33.37 -30.88 -5.50
C GLY C 630 -34.71 -30.96 -4.81
N GLU C 631 -34.73 -30.62 -3.52
CA GLU C 631 -35.96 -30.65 -2.75
C GLU C 631 -36.38 -29.25 -2.32
N THR C 632 -35.44 -28.31 -2.33
CA THR C 632 -35.72 -26.93 -1.97
C THR C 632 -36.19 -26.13 -3.19
N LEU C 633 -36.84 -25.00 -2.94
CA LEU C 633 -37.37 -24.17 -4.02
C LEU C 633 -36.26 -23.64 -4.91
N ALA C 634 -35.15 -23.24 -4.30
CA ALA C 634 -34.03 -22.67 -5.03
C ALA C 634 -33.34 -23.70 -5.93
N SER C 635 -33.53 -24.98 -5.61
CA SER C 635 -32.87 -26.06 -6.33
C SER C 635 -33.76 -26.70 -7.38
N ARG C 636 -34.93 -26.11 -7.62
CA ARG C 636 -35.88 -26.67 -8.56
C ARG C 636 -36.35 -25.65 -9.60
N VAL C 637 -35.86 -24.42 -9.49
CA VAL C 637 -36.26 -23.34 -10.39
C VAL C 637 -35.84 -23.61 -11.83
N ALA C 638 -34.63 -24.11 -12.01
CA ALA C 638 -34.10 -24.39 -13.35
C ALA C 638 -34.95 -25.39 -14.11
N ALA C 639 -35.38 -26.44 -13.43
CA ALA C 639 -36.20 -27.48 -14.04
C ALA C 639 -37.57 -26.94 -14.43
N SER C 640 -38.15 -26.12 -13.56
CA SER C 640 -39.45 -25.51 -13.82
C SER C 640 -39.42 -24.63 -15.06
N GLN C 641 -38.29 -23.96 -15.26
CA GLN C 641 -38.09 -23.14 -16.45
C GLN C 641 -38.02 -24.04 -17.68
N LEU C 642 -37.37 -25.19 -17.53
CA LEU C 642 -37.18 -26.11 -18.64
C LEU C 642 -38.46 -26.84 -19.03
N THR C 643 -39.27 -27.21 -18.04
CA THR C 643 -40.55 -27.85 -18.32
C THR C 643 -41.46 -26.89 -19.07
N CYS C 644 -41.34 -25.60 -18.77
CA CYS C 644 -42.09 -24.57 -19.47
C CYS C 644 -41.49 -24.34 -20.84
N LEU C 645 -40.18 -24.55 -20.96
CA LEU C 645 -39.48 -24.39 -22.24
C LEU C 645 -39.81 -25.56 -23.16
N GLY C 646 -40.00 -26.74 -22.58
CA GLY C 646 -40.36 -27.92 -23.35
C GLY C 646 -39.21 -28.88 -23.56
N CYS C 647 -38.18 -28.75 -22.73
CA CYS C 647 -37.00 -29.61 -22.84
C CYS C 647 -36.84 -30.49 -21.61
N LEU C 648 -37.72 -31.49 -21.48
CA LEU C 648 -37.69 -32.40 -20.34
C LEU C 648 -36.42 -33.23 -20.32
N GLU C 649 -35.77 -33.36 -21.47
CA GLU C 649 -34.58 -34.19 -21.61
C GLU C 649 -33.33 -33.54 -21.03
N LEU C 650 -33.48 -32.33 -20.50
CA LEU C 650 -32.37 -31.64 -19.87
C LEU C 650 -32.50 -31.66 -18.34
N ILE C 651 -33.42 -32.49 -17.86
CA ILE C 651 -33.66 -32.61 -16.42
C ILE C 651 -33.19 -33.95 -15.90
N ALA C 652 -32.25 -33.93 -14.96
CA ALA C 652 -31.65 -35.14 -14.42
C ALA C 652 -32.24 -35.53 -13.08
N LYS C 653 -32.75 -36.77 -12.99
CA LYS C 653 -33.30 -37.28 -11.75
C LYS C 653 -32.21 -37.48 -10.70
N ASN C 654 -31.01 -37.83 -11.18
CA ASN C 654 -29.85 -38.02 -10.30
C ASN C 654 -28.57 -37.50 -10.94
N ARG C 655 -27.50 -37.43 -10.16
CA ARG C 655 -26.24 -36.84 -10.65
C ARG C 655 -25.56 -37.67 -11.73
N GLN C 656 -25.83 -38.97 -11.76
CA GLN C 656 -25.28 -39.83 -12.80
C GLN C 656 -25.88 -39.46 -14.15
N GLU C 657 -27.19 -39.22 -14.15
CA GLU C 657 -27.90 -38.83 -15.36
C GLU C 657 -27.47 -37.43 -15.81
N TYR C 658 -27.16 -36.58 -14.84
CA TYR C 658 -26.71 -35.21 -15.10
C TYR C 658 -25.45 -35.21 -15.95
N GLU C 659 -24.47 -36.02 -15.55
CA GLU C 659 -23.22 -36.14 -16.28
C GLU C 659 -23.47 -36.73 -17.66
N ASP C 660 -24.33 -37.74 -17.72
CA ASP C 660 -24.67 -38.39 -18.98
C ASP C 660 -25.27 -37.41 -19.99
N ILE C 661 -26.29 -36.67 -19.56
CA ILE C 661 -26.96 -35.70 -20.42
C ILE C 661 -25.98 -34.62 -20.90
N ALA C 662 -25.07 -34.21 -20.03
CA ALA C 662 -24.10 -33.19 -20.37
C ALA C 662 -23.05 -33.70 -21.36
N VAL C 663 -22.51 -34.88 -21.09
CA VAL C 663 -21.50 -35.47 -21.96
C VAL C 663 -22.07 -35.81 -23.34
N LYS C 664 -23.32 -36.27 -23.36
CA LYS C 664 -23.99 -36.59 -24.62
C LYS C 664 -24.09 -35.36 -25.52
N LEU C 665 -24.28 -34.20 -24.91
CA LEU C 665 -24.36 -32.95 -25.67
C LEU C 665 -22.99 -32.48 -26.14
N GLY C 666 -21.95 -32.99 -25.51
CA GLY C 666 -20.59 -32.60 -25.84
C GLY C 666 -19.95 -33.48 -26.90
N THR C 667 -20.33 -34.76 -26.89
CA THR C 667 -19.76 -35.72 -27.83
C THR C 667 -20.63 -35.87 -29.08
N ASP C 668 -21.92 -36.15 -28.89
CA ASP C 668 -22.85 -36.27 -30.01
C ASP C 668 -23.13 -34.87 -30.57
N LEU C 669 -22.40 -34.51 -31.62
CA LEU C 669 -22.50 -33.18 -32.21
C LEU C 669 -23.86 -32.89 -32.81
N GLU C 670 -24.44 -33.89 -33.49
CA GLU C 670 -25.73 -33.71 -34.12
C GLU C 670 -26.86 -33.57 -33.11
N TYR C 671 -26.72 -34.27 -31.98
CA TYR C 671 -27.71 -34.16 -30.91
C TYR C 671 -27.64 -32.80 -30.24
N LEU C 672 -26.44 -32.23 -30.20
CA LEU C 672 -26.25 -30.90 -29.66
C LEU C 672 -26.95 -29.85 -30.51
N LYS C 673 -26.77 -29.97 -31.83
CA LYS C 673 -27.40 -29.06 -32.78
C LYS C 673 -28.93 -29.14 -32.69
N LYS C 674 -29.42 -30.34 -32.43
CA LYS C 674 -30.86 -30.57 -32.32
C LYS C 674 -31.45 -29.86 -31.10
N VAL C 675 -30.80 -30.03 -29.95
CA VAL C 675 -31.26 -29.42 -28.71
C VAL C 675 -31.11 -27.90 -28.75
N ARG C 676 -29.97 -27.43 -29.28
CA ARG C 676 -29.73 -26.00 -29.39
C ARG C 676 -30.79 -25.29 -30.22
N GLY C 677 -31.17 -25.91 -31.34
CA GLY C 677 -32.21 -25.37 -32.19
C GLY C 677 -33.58 -25.49 -31.56
N LYS C 678 -33.75 -26.51 -30.72
CA LYS C 678 -35.01 -26.72 -30.02
C LYS C 678 -35.25 -25.62 -29.00
N VAL C 679 -34.19 -25.25 -28.29
CA VAL C 679 -34.25 -24.15 -27.33
C VAL C 679 -34.40 -22.82 -28.07
N TRP C 680 -33.65 -22.68 -29.16
CA TRP C 680 -33.64 -21.46 -29.96
C TRP C 680 -35.01 -21.12 -30.53
N LYS C 681 -35.84 -22.13 -30.72
CA LYS C 681 -37.21 -21.92 -31.20
C LYS C 681 -38.18 -21.77 -30.04
N GLN C 682 -38.12 -22.68 -29.08
CA GLN C 682 -39.07 -22.71 -27.98
C GLN C 682 -38.87 -21.60 -26.95
N ARG C 683 -37.76 -20.86 -27.07
CA ARG C 683 -37.56 -19.70 -26.22
C ARG C 683 -38.55 -18.61 -26.62
N ILE C 684 -39.04 -18.69 -27.84
CA ILE C 684 -40.01 -17.73 -28.36
C ILE C 684 -41.43 -18.30 -28.29
N SER C 685 -41.62 -19.52 -28.76
CA SER C 685 -42.95 -20.12 -28.87
C SER C 685 -43.56 -20.48 -27.51
N SER C 686 -42.74 -20.92 -26.56
CA SER C 686 -43.22 -21.29 -25.24
C SER C 686 -43.50 -20.05 -24.39
N PRO C 687 -44.37 -20.18 -23.37
CA PRO C 687 -44.72 -19.05 -22.52
C PRO C 687 -43.65 -18.67 -21.49
N LEU C 688 -42.42 -19.15 -21.67
CA LEU C 688 -41.35 -18.88 -20.73
C LEU C 688 -40.97 -17.41 -20.67
N PHE C 689 -40.85 -16.78 -21.84
CA PHE C 689 -40.46 -15.38 -21.92
C PHE C 689 -41.63 -14.48 -22.31
N ASN C 690 -42.77 -15.09 -22.61
CA ASN C 690 -43.97 -14.34 -22.96
C ASN C 690 -44.58 -13.68 -21.72
N THR C 691 -44.29 -12.40 -21.53
CA THR C 691 -44.71 -11.68 -20.33
C THR C 691 -46.19 -11.35 -20.29
N LYS C 692 -46.79 -11.16 -21.46
CA LYS C 692 -48.21 -10.84 -21.54
C LYS C 692 -49.07 -12.02 -21.06
N GLN C 693 -48.70 -13.22 -21.50
CA GLN C 693 -49.41 -14.42 -21.06
C GLN C 693 -49.18 -14.66 -19.57
N TYR C 694 -47.98 -14.34 -19.10
CA TYR C 694 -47.65 -14.50 -17.69
C TYR C 694 -48.53 -13.61 -16.82
N THR C 695 -48.67 -12.35 -17.23
CA THR C 695 -49.50 -11.39 -16.51
C THR C 695 -50.95 -11.87 -16.45
N MET C 696 -51.46 -12.31 -17.59
CA MET C 696 -52.84 -12.76 -17.68
C MET C 696 -53.10 -13.99 -16.81
N GLU C 697 -52.10 -14.87 -16.72
CA GLU C 697 -52.21 -16.06 -15.89
C GLU C 697 -51.94 -15.75 -14.43
N LEU C 698 -51.18 -14.69 -14.19
CA LEU C 698 -50.98 -14.18 -12.84
C LEU C 698 -52.28 -13.52 -12.38
N GLU C 699 -52.96 -12.87 -13.32
CA GLU C 699 -54.24 -12.23 -13.05
C GLU C 699 -55.34 -13.23 -12.76
N ARG C 700 -55.29 -14.37 -13.45
CA ARG C 700 -56.25 -15.45 -13.21
C ARG C 700 -56.03 -15.98 -11.80
N LEU C 701 -54.77 -16.06 -11.38
CA LEU C 701 -54.43 -16.55 -10.05
C LEU C 701 -54.86 -15.55 -8.99
N TYR C 702 -54.73 -14.26 -9.28
CA TYR C 702 -55.13 -13.21 -8.35
C TYR C 702 -56.62 -13.29 -8.02
N LEU C 703 -57.45 -13.41 -9.05
CA LEU C 703 -58.89 -13.47 -8.87
C LEU C 703 -59.31 -14.74 -8.12
N GLN C 704 -58.54 -15.81 -8.27
CA GLN C 704 -58.79 -17.04 -7.53
C GLN C 704 -58.64 -16.81 -6.04
N MET C 705 -57.57 -16.11 -5.66
CA MET C 705 -57.32 -15.79 -4.27
C MET C 705 -58.43 -14.91 -3.70
N TRP C 706 -58.91 -13.99 -4.53
CA TRP C 706 -59.91 -13.03 -4.09
C TRP C 706 -61.29 -13.65 -3.92
N GLU C 707 -61.71 -14.45 -4.91
CA GLU C 707 -63.00 -15.12 -4.85
C GLU C 707 -63.08 -16.09 -3.68
N HIS C 708 -61.94 -16.67 -3.33
CA HIS C 708 -61.85 -17.57 -2.19
C HIS C 708 -62.03 -16.80 -0.88
N TYR C 709 -61.55 -15.58 -0.86
CA TYR C 709 -61.67 -14.71 0.30
C TYR C 709 -63.00 -13.97 0.31
N ALA C 710 -63.55 -13.73 -0.88
CA ALA C 710 -64.83 -13.05 -1.02
C ALA C 710 -65.97 -13.92 -0.50
N ALA C 711 -65.80 -15.23 -0.60
CA ALA C 711 -66.79 -16.17 -0.08
C ALA C 711 -66.76 -16.18 1.45
N GLY C 712 -65.60 -15.85 2.01
CA GLY C 712 -65.44 -15.78 3.45
C GLY C 712 -64.42 -16.76 3.99
N ASN C 713 -63.77 -17.49 3.09
CA ASN C 713 -62.80 -18.51 3.48
C ASN C 713 -61.42 -17.96 3.79
N LYS C 714 -60.73 -18.63 4.72
CA LYS C 714 -59.34 -18.31 5.03
C LYS C 714 -58.46 -18.96 3.95
N PRO C 715 -57.25 -18.41 3.74
CA PRO C 715 -56.31 -18.89 2.71
C PRO C 715 -56.15 -20.41 2.66
N ASP C 716 -56.13 -20.96 1.45
CA ASP C 716 -55.96 -22.38 1.22
C ASP C 716 -55.24 -22.59 -0.10
N HIS C 717 -54.69 -23.80 -0.31
CA HIS C 717 -53.90 -24.10 -1.50
C HIS C 717 -54.68 -23.94 -2.80
N MET C 718 -54.03 -23.39 -3.81
CA MET C 718 -54.66 -23.15 -5.11
C MET C 718 -53.95 -23.94 -6.20
N ILE C 719 -54.56 -25.05 -6.62
CA ILE C 719 -53.98 -25.89 -7.67
C ILE C 719 -54.89 -25.89 -8.91
N LYS C 720 -55.31 -24.70 -9.31
CA LYS C 720 -56.15 -24.50 -10.49
C LYS C 720 -57.39 -25.40 -10.50
N CYS D 5 -10.59 37.38 -77.59
CA CYS D 5 -11.22 36.87 -78.81
C CYS D 5 -10.55 35.58 -79.27
N PRO D 6 -11.32 34.48 -79.29
CA PRO D 6 -10.84 33.16 -79.73
C PRO D 6 -10.53 33.12 -81.22
N THR D 7 -9.34 32.63 -81.56
CA THR D 7 -8.91 32.50 -82.95
C THR D 7 -9.34 31.15 -83.51
N HIS D 8 -8.93 30.87 -84.74
CA HIS D 8 -9.14 29.55 -85.33
C HIS D 8 -8.26 28.55 -84.60
N ALA D 9 -7.09 29.02 -84.18
CA ALA D 9 -6.13 28.17 -83.50
C ALA D 9 -6.49 27.97 -82.03
N ASP D 10 -7.29 28.89 -81.49
CA ASP D 10 -7.70 28.81 -80.09
C ASP D 10 -8.53 27.56 -79.81
N SER D 11 -9.50 27.30 -80.68
CA SER D 11 -10.37 26.14 -80.53
C SER D 11 -9.58 24.85 -80.75
N LEU D 12 -8.69 24.87 -81.75
CA LEU D 12 -7.85 23.71 -82.04
C LEU D 12 -6.97 23.35 -80.85
N ASN D 13 -6.53 24.36 -80.11
CA ASN D 13 -5.72 24.16 -78.92
C ASN D 13 -6.55 23.56 -77.78
N ASN D 14 -7.79 24.03 -77.64
CA ASN D 14 -8.68 23.54 -76.61
C ASN D 14 -9.24 22.15 -76.94
N LEU D 15 -9.39 21.88 -78.24
CA LEU D 15 -9.86 20.58 -78.68
C LEU D 15 -8.83 19.50 -78.38
N ALA D 16 -7.56 19.89 -78.34
CA ALA D 16 -6.48 18.96 -78.04
C ALA D 16 -6.36 18.72 -76.54
N ASN D 17 -6.77 19.71 -75.75
CA ASN D 17 -6.81 19.55 -74.30
C ASN D 17 -7.92 18.58 -73.89
N ILE D 18 -8.90 18.43 -74.77
CA ILE D 18 -9.96 17.45 -74.57
C ILE D 18 -9.40 16.05 -74.76
N LYS D 19 -8.68 15.85 -75.86
CA LYS D 19 -8.07 14.57 -76.18
C LYS D 19 -7.03 14.16 -75.13
N ARG D 20 -6.40 15.16 -74.51
CA ARG D 20 -5.36 14.90 -73.52
C ARG D 20 -5.97 14.41 -72.20
N GLU D 21 -7.21 14.82 -71.92
CA GLU D 21 -7.89 14.42 -70.71
C GLU D 21 -8.70 13.14 -70.90
N GLN D 22 -8.72 12.64 -72.14
CA GLN D 22 -9.36 11.38 -72.45
C GLN D 22 -8.32 10.26 -72.44
N GLY D 23 -7.07 10.64 -72.18
CA GLY D 23 -5.96 9.71 -72.17
C GLY D 23 -5.31 9.58 -73.53
N ASN D 24 -6.06 9.93 -74.57
CA ASN D 24 -5.59 9.80 -75.95
C ASN D 24 -4.62 10.91 -76.36
N ILE D 25 -3.34 10.71 -76.04
CA ILE D 25 -2.29 11.66 -76.40
C ILE D 25 -2.07 11.66 -77.91
N GLU D 26 -2.54 10.59 -78.55
CA GLU D 26 -2.42 10.41 -79.99
C GLU D 26 -2.94 11.62 -80.77
N GLU D 27 -4.25 11.84 -80.68
CA GLU D 27 -4.90 12.93 -81.40
C GLU D 27 -4.55 14.29 -80.80
N ALA D 28 -4.15 14.28 -79.54
CA ALA D 28 -3.76 15.51 -78.85
C ALA D 28 -2.61 16.22 -79.57
N VAL D 29 -1.56 15.45 -79.87
CA VAL D 29 -0.42 15.98 -80.60
C VAL D 29 -0.82 16.40 -82.01
N ARG D 30 -1.69 15.62 -82.62
CA ARG D 30 -2.17 15.90 -83.98
C ARG D 30 -2.90 17.24 -84.08
N LEU D 31 -3.61 17.60 -83.01
CA LEU D 31 -4.38 18.84 -83.00
C LEU D 31 -3.52 20.04 -82.61
N TYR D 32 -2.51 19.80 -81.79
CA TYR D 32 -1.57 20.86 -81.40
C TYR D 32 -0.78 21.34 -82.62
N ARG D 33 -0.36 20.41 -83.47
CA ARG D 33 0.37 20.75 -84.69
C ARG D 33 -0.55 21.42 -85.69
N LYS D 34 -1.80 20.99 -85.72
CA LYS D 34 -2.79 21.57 -86.61
C LYS D 34 -3.07 23.00 -86.17
N ALA D 35 -3.00 23.23 -84.87
CA ALA D 35 -3.18 24.56 -84.30
C ALA D 35 -1.99 25.46 -84.60
N LEU D 36 -0.81 24.84 -84.69
CA LEU D 36 0.43 25.58 -84.95
C LEU D 36 0.61 25.92 -86.43
N GLU D 37 0.01 25.10 -87.30
CA GLU D 37 0.07 25.37 -88.73
C GLU D 37 -0.82 26.55 -89.08
N VAL D 38 -1.92 26.68 -88.34
CA VAL D 38 -2.82 27.81 -88.48
C VAL D 38 -2.18 29.07 -87.92
N PHE D 39 -1.55 28.93 -86.75
CA PHE D 39 -0.89 30.05 -86.10
C PHE D 39 0.47 29.62 -85.57
N PRO D 40 1.54 29.90 -86.33
CA PRO D 40 2.91 29.55 -85.93
C PRO D 40 3.39 30.36 -84.72
N GLU D 41 2.72 31.47 -84.43
CA GLU D 41 3.11 32.32 -83.31
C GLU D 41 2.25 32.08 -82.07
N PHE D 42 1.76 30.86 -81.93
CA PHE D 42 0.92 30.49 -80.79
C PHE D 42 1.80 29.98 -79.64
N ALA D 43 2.06 30.85 -78.67
CA ALA D 43 2.92 30.53 -77.54
C ALA D 43 2.36 29.37 -76.70
N ALA D 44 1.05 29.33 -76.54
CA ALA D 44 0.41 28.31 -75.73
C ALA D 44 0.41 26.95 -76.44
N ALA D 45 0.31 26.98 -77.76
CA ALA D 45 0.31 25.74 -78.54
C ALA D 45 1.69 25.10 -78.53
N HIS D 46 2.73 25.92 -78.66
CA HIS D 46 4.10 25.44 -78.56
C HIS D 46 4.35 24.82 -77.20
N SER D 47 3.87 25.48 -76.15
CA SER D 47 4.08 25.03 -74.79
C SER D 47 3.33 23.73 -74.49
N ASN D 48 2.13 23.61 -75.04
CA ASN D 48 1.32 22.40 -74.86
C ASN D 48 1.85 21.22 -75.68
N LEU D 49 2.26 21.50 -76.91
CA LEU D 49 2.83 20.47 -77.77
C LEU D 49 4.13 19.93 -77.18
N ALA D 50 4.86 20.79 -76.49
CA ALA D 50 6.12 20.40 -75.88
C ALA D 50 5.92 19.52 -74.64
N SER D 51 4.88 19.80 -73.87
CA SER D 51 4.64 19.09 -72.62
C SER D 51 4.13 17.67 -72.83
N VAL D 52 3.65 17.37 -74.04
CA VAL D 52 3.21 16.01 -74.36
C VAL D 52 4.33 15.23 -75.04
N LEU D 53 5.19 15.94 -75.77
CA LEU D 53 6.35 15.32 -76.39
C LEU D 53 7.33 14.88 -75.31
N GLN D 54 7.45 15.68 -74.26
CA GLN D 54 8.31 15.36 -73.13
C GLN D 54 7.79 14.13 -72.41
N GLN D 55 6.46 14.02 -72.34
CA GLN D 55 5.80 12.89 -71.71
C GLN D 55 5.99 11.63 -72.56
N GLN D 56 6.03 11.82 -73.87
CA GLN D 56 6.23 10.71 -74.81
C GLN D 56 7.68 10.23 -74.83
N GLY D 57 8.59 11.12 -74.47
CA GLY D 57 10.01 10.79 -74.45
C GLY D 57 10.82 11.54 -75.48
N LYS D 58 10.13 12.31 -76.32
CA LYS D 58 10.79 13.10 -77.35
C LYS D 58 11.27 14.43 -76.76
N LEU D 59 12.36 14.36 -76.00
CA LEU D 59 12.85 15.50 -75.23
C LEU D 59 13.50 16.59 -76.08
N GLN D 60 14.33 16.17 -77.03
CA GLN D 60 15.06 17.12 -77.87
C GLN D 60 14.12 17.97 -78.71
N GLU D 61 12.99 17.39 -79.09
CA GLU D 61 11.99 18.07 -79.89
C GLU D 61 11.07 18.93 -79.03
N ALA D 62 10.75 18.41 -77.84
CA ALA D 62 9.94 19.16 -76.88
C ALA D 62 10.68 20.42 -76.46
N LEU D 63 11.99 20.28 -76.26
CA LEU D 63 12.84 21.40 -75.90
C LEU D 63 12.78 22.50 -76.94
N MET D 64 12.71 22.11 -78.20
CA MET D 64 12.64 23.06 -79.31
C MET D 64 11.40 23.95 -79.22
N HIS D 65 10.27 23.34 -78.88
CA HIS D 65 9.00 24.06 -78.84
C HIS D 65 8.87 24.94 -77.59
N TYR D 66 9.57 24.57 -76.53
CA TYR D 66 9.61 25.40 -75.33
C TYR D 66 10.37 26.69 -75.61
N LYS D 67 11.42 26.59 -76.41
CA LYS D 67 12.20 27.75 -76.82
C LYS D 67 11.30 28.75 -77.55
N GLU D 68 10.54 28.23 -78.52
CA GLU D 68 9.64 29.04 -79.32
C GLU D 68 8.56 29.71 -78.48
N ALA D 69 8.04 28.97 -77.51
CA ALA D 69 7.02 29.50 -76.61
C ALA D 69 7.56 30.67 -75.80
N ILE D 70 8.80 30.52 -75.31
CA ILE D 70 9.44 31.56 -74.51
C ILE D 70 9.82 32.77 -75.37
N ARG D 71 10.27 32.51 -76.59
CA ARG D 71 10.63 33.59 -77.51
C ARG D 71 9.43 34.48 -77.82
N ILE D 72 8.27 33.86 -77.95
CA ILE D 72 7.03 34.58 -78.22
C ILE D 72 6.59 35.38 -76.99
N SER D 73 6.43 34.69 -75.86
CA SER D 73 6.07 35.34 -74.61
C SER D 73 7.19 35.16 -73.59
N PRO D 74 8.04 36.18 -73.42
CA PRO D 74 9.16 36.14 -72.48
C PRO D 74 8.71 36.05 -71.02
N THR D 75 7.45 36.35 -70.74
CA THR D 75 6.93 36.29 -69.38
C THR D 75 6.20 34.99 -69.10
N PHE D 76 6.22 34.08 -70.07
CA PHE D 76 5.63 32.77 -69.93
C PHE D 76 6.43 31.97 -68.91
N ALA D 77 6.21 32.24 -67.63
CA ALA D 77 6.97 31.60 -66.56
C ALA D 77 6.71 30.10 -66.50
N ASP D 78 5.51 29.69 -66.91
CA ASP D 78 5.15 28.28 -66.93
C ASP D 78 6.00 27.54 -67.96
N ALA D 79 6.28 28.20 -69.08
CA ALA D 79 7.08 27.62 -70.15
C ALA D 79 8.53 27.40 -69.72
N TYR D 80 9.09 28.40 -69.04
CA TYR D 80 10.43 28.30 -68.48
C TYR D 80 10.54 27.08 -67.56
N SER D 81 9.54 26.93 -66.69
CA SER D 81 9.53 25.85 -65.71
C SER D 81 9.53 24.47 -66.38
N ASN D 82 8.62 24.27 -67.33
CA ASN D 82 8.53 23.01 -68.04
C ASN D 82 9.78 22.71 -68.86
N MET D 83 10.39 23.76 -69.42
CA MET D 83 11.61 23.59 -70.20
C MET D 83 12.74 23.10 -69.30
N GLY D 84 12.76 23.56 -68.06
CA GLY D 84 13.73 23.11 -67.08
C GLY D 84 13.58 21.62 -66.82
N ASN D 85 12.34 21.16 -66.75
CA ASN D 85 12.07 19.75 -66.54
C ASN D 85 12.56 18.90 -67.70
N THR D 86 12.38 19.39 -68.91
CA THR D 86 12.88 18.71 -70.10
C THR D 86 14.41 18.64 -70.06
N LEU D 87 15.03 19.76 -69.70
CA LEU D 87 16.49 19.83 -69.61
C LEU D 87 17.01 18.94 -68.50
N LYS D 88 16.25 18.86 -67.40
CA LYS D 88 16.62 18.02 -66.26
C LYS D 88 16.67 16.55 -66.67
N GLU D 89 15.68 16.13 -67.44
CA GLU D 89 15.59 14.75 -67.91
C GLU D 89 16.64 14.47 -68.98
N MET D 90 17.09 15.53 -69.65
CA MET D 90 18.15 15.42 -70.65
C MET D 90 19.53 15.48 -69.99
N GLN D 91 19.56 15.28 -68.67
CA GLN D 91 20.79 15.29 -67.89
C GLN D 91 21.52 16.63 -67.90
N ASP D 92 20.79 17.69 -68.24
CA ASP D 92 21.36 19.04 -68.22
C ASP D 92 20.88 19.78 -66.98
N VAL D 93 21.41 19.38 -65.82
CA VAL D 93 21.03 19.99 -64.56
C VAL D 93 21.40 21.47 -64.53
N GLN D 94 22.58 21.77 -65.05
CA GLN D 94 23.07 23.14 -65.14
C GLN D 94 22.07 24.06 -65.85
N GLY D 95 21.48 23.58 -66.93
CA GLY D 95 20.54 24.35 -67.71
C GLY D 95 19.14 24.33 -67.15
N ALA D 96 18.78 23.22 -66.52
CA ALA D 96 17.47 23.07 -65.89
C ALA D 96 17.34 24.06 -64.74
N LEU D 97 18.36 24.09 -63.91
CA LEU D 97 18.42 24.99 -62.76
C LEU D 97 18.26 26.44 -63.20
N GLN D 98 18.84 26.77 -64.35
CA GLN D 98 18.80 28.12 -64.88
C GLN D 98 17.37 28.50 -65.32
N CYS D 99 16.64 27.53 -65.83
CA CYS D 99 15.25 27.76 -66.26
C CYS D 99 14.37 28.08 -65.07
N TYR D 100 14.48 27.26 -64.03
CA TYR D 100 13.68 27.44 -62.82
C TYR D 100 13.91 28.81 -62.21
N THR D 101 15.19 29.16 -62.01
CA THR D 101 15.55 30.43 -61.40
C THR D 101 15.06 31.63 -62.22
N ARG D 102 15.19 31.54 -63.54
CA ARG D 102 14.72 32.60 -64.42
C ARG D 102 13.21 32.78 -64.30
N ALA D 103 12.48 31.66 -64.21
CA ALA D 103 11.03 31.69 -64.06
C ALA D 103 10.65 32.37 -62.76
N ILE D 104 11.37 32.07 -61.69
CA ILE D 104 11.12 32.65 -60.38
C ILE D 104 11.41 34.16 -60.39
N GLN D 105 12.43 34.55 -61.14
CA GLN D 105 12.84 35.95 -61.20
C GLN D 105 11.83 36.78 -62.00
N ILE D 106 11.20 36.15 -62.98
CA ILE D 106 10.18 36.80 -63.80
C ILE D 106 8.85 36.85 -63.05
N ASN D 107 8.46 35.72 -62.48
CA ASN D 107 7.24 35.63 -61.68
C ASN D 107 7.55 35.04 -60.30
N PRO D 108 7.81 35.93 -59.32
CA PRO D 108 8.16 35.52 -57.95
C PRO D 108 7.04 34.74 -57.27
N ALA D 109 5.82 34.91 -57.74
CA ALA D 109 4.66 34.25 -57.15
C ALA D 109 4.41 32.87 -57.75
N PHE D 110 5.15 32.54 -58.80
CA PHE D 110 4.97 31.27 -59.49
C PHE D 110 5.47 30.11 -58.64
N ALA D 111 4.56 29.19 -58.30
CA ALA D 111 4.85 28.12 -57.35
C ALA D 111 5.62 26.94 -57.96
N ASP D 112 5.23 26.54 -59.16
CA ASP D 112 5.81 25.35 -59.81
C ASP D 112 7.33 25.41 -59.94
N ALA D 113 7.85 26.58 -60.33
CA ALA D 113 9.28 26.75 -60.52
C ALA D 113 10.04 26.60 -59.20
N HIS D 114 9.39 26.96 -58.09
CA HIS D 114 9.98 26.79 -56.77
C HIS D 114 10.04 25.32 -56.39
N SER D 115 8.93 24.61 -56.61
CA SER D 115 8.87 23.18 -56.34
C SER D 115 9.93 22.45 -57.18
N ASN D 116 10.00 22.82 -58.46
CA ASN D 116 10.98 22.24 -59.37
C ASN D 116 12.42 22.55 -58.97
N LEU D 117 12.63 23.75 -58.44
CA LEU D 117 13.94 24.13 -57.94
C LEU D 117 14.33 23.22 -56.77
N ALA D 118 13.36 22.93 -55.91
CA ALA D 118 13.58 22.05 -54.77
C ALA D 118 13.89 20.64 -55.24
N SER D 119 13.27 20.23 -56.34
CA SER D 119 13.47 18.90 -56.89
C SER D 119 14.92 18.68 -57.30
N ILE D 120 15.55 19.72 -57.85
CA ILE D 120 16.96 19.66 -58.20
C ILE D 120 17.81 19.51 -56.94
N HIS D 121 17.45 20.26 -55.90
CA HIS D 121 18.15 20.20 -54.63
C HIS D 121 17.98 18.83 -53.97
N LYS D 122 16.75 18.31 -53.99
CA LYS D 122 16.43 17.02 -53.40
C LYS D 122 17.23 15.91 -54.08
N ASP D 123 17.38 16.02 -55.40
CA ASP D 123 18.15 15.06 -56.17
C ASP D 123 19.65 15.22 -55.90
N SER D 124 20.07 16.46 -55.69
CA SER D 124 21.48 16.76 -55.47
C SER D 124 21.95 16.38 -54.08
N GLY D 125 21.00 16.07 -53.20
CA GLY D 125 21.31 15.72 -51.83
C GLY D 125 21.13 16.89 -50.88
N ASN D 126 20.82 18.06 -51.45
CA ASN D 126 20.59 19.26 -50.66
C ASN D 126 19.19 19.25 -50.05
N ILE D 127 18.98 18.39 -49.06
CA ILE D 127 17.65 18.22 -48.47
C ILE D 127 17.09 19.46 -47.74
N PRO D 128 17.93 20.15 -46.94
CA PRO D 128 17.42 21.40 -46.35
C PRO D 128 17.00 22.44 -47.39
N GLU D 129 17.77 22.57 -48.47
CA GLU D 129 17.48 23.53 -49.52
C GLU D 129 16.22 23.14 -50.30
N ALA D 130 15.96 21.83 -50.38
CA ALA D 130 14.77 21.33 -51.05
C ALA D 130 13.55 21.60 -50.17
N ILE D 131 13.68 21.32 -48.88
CA ILE D 131 12.62 21.58 -47.92
C ILE D 131 12.26 23.06 -47.91
N ALA D 132 13.28 23.91 -47.94
CA ALA D 132 13.09 25.35 -47.97
C ALA D 132 12.25 25.79 -49.16
N SER D 133 12.66 25.38 -50.35
CA SER D 133 11.96 25.76 -51.58
C SER D 133 10.59 25.09 -51.71
N TYR D 134 10.45 23.91 -51.14
CA TYR D 134 9.16 23.21 -51.15
C TYR D 134 8.13 23.95 -50.32
N ARG D 135 8.58 24.49 -49.18
CA ARG D 135 7.70 25.29 -48.32
C ARG D 135 7.27 26.56 -49.03
N THR D 136 8.21 27.18 -49.74
CA THR D 136 7.92 28.39 -50.51
C THR D 136 6.88 28.09 -51.59
N ALA D 137 7.03 26.95 -52.24
CA ALA D 137 6.10 26.52 -53.27
C ALA D 137 4.71 26.28 -52.69
N LEU D 138 4.68 25.79 -51.46
CA LEU D 138 3.42 25.46 -50.79
C LEU D 138 2.76 26.68 -50.16
N LYS D 139 3.53 27.75 -49.96
CA LYS D 139 2.97 28.99 -49.45
C LYS D 139 2.39 29.78 -50.61
N LEU D 140 2.92 29.55 -51.81
CA LEU D 140 2.43 30.19 -53.02
C LEU D 140 1.27 29.41 -53.62
N LYS D 141 1.17 28.14 -53.26
CA LYS D 141 0.07 27.29 -53.71
C LYS D 141 -0.14 26.16 -52.71
N PRO D 142 -0.99 26.40 -51.70
CA PRO D 142 -1.28 25.43 -50.63
C PRO D 142 -1.78 24.09 -51.18
N ASP D 143 -2.54 24.11 -52.26
CA ASP D 143 -2.98 22.88 -52.90
C ASP D 143 -2.01 22.48 -54.01
N PHE D 144 -0.86 21.94 -53.61
CA PHE D 144 0.18 21.54 -54.54
C PHE D 144 0.63 20.12 -54.17
N PRO D 145 -0.10 19.11 -54.66
CA PRO D 145 0.12 17.70 -54.35
C PRO D 145 1.57 17.24 -54.55
N ASP D 146 2.15 17.54 -55.71
CA ASP D 146 3.53 17.16 -56.01
C ASP D 146 4.52 17.75 -55.00
N ALA D 147 4.36 19.03 -54.71
CA ALA D 147 5.25 19.72 -53.78
C ALA D 147 5.09 19.19 -52.37
N TYR D 148 3.86 18.90 -51.97
CA TYR D 148 3.58 18.40 -50.63
C TYR D 148 4.20 17.03 -50.41
N CYS D 149 3.95 16.11 -51.35
CA CYS D 149 4.43 14.74 -51.23
C CYS D 149 5.94 14.62 -51.28
N ASN D 150 6.58 15.48 -52.07
CA ASN D 150 8.03 15.51 -52.13
C ASN D 150 8.63 16.09 -50.85
N LEU D 151 7.98 17.12 -50.32
CA LEU D 151 8.37 17.70 -49.04
C LEU D 151 8.21 16.64 -47.96
N ALA D 152 7.08 15.93 -48.02
CA ALA D 152 6.79 14.86 -47.06
C ALA D 152 7.91 13.83 -47.03
N HIS D 153 8.43 13.49 -48.20
CA HIS D 153 9.53 12.55 -48.29
C HIS D 153 10.83 13.19 -47.83
N CYS D 154 10.99 14.48 -48.12
CA CYS D 154 12.16 15.22 -47.65
C CYS D 154 12.22 15.23 -46.13
N LEU D 155 11.08 15.46 -45.50
CA LEU D 155 10.98 15.47 -44.04
C LEU D 155 11.23 14.08 -43.47
N GLN D 156 10.72 13.06 -44.16
CA GLN D 156 10.91 11.68 -43.75
C GLN D 156 12.39 11.32 -43.74
N ILE D 157 13.12 11.85 -44.72
CA ILE D 157 14.55 11.58 -44.88
C ILE D 157 15.36 12.11 -43.70
N VAL D 158 14.99 13.28 -43.20
CA VAL D 158 15.75 13.93 -42.14
C VAL D 158 15.10 13.75 -40.77
N CYS D 159 14.13 12.85 -40.69
CA CYS D 159 13.42 12.57 -39.45
C CYS D 159 12.75 13.80 -38.83
N ASP D 160 12.03 14.54 -39.66
CA ASP D 160 11.24 15.68 -39.19
C ASP D 160 9.79 15.22 -39.09
N TRP D 161 9.38 14.83 -37.90
CA TRP D 161 8.05 14.25 -37.71
C TRP D 161 7.04 15.28 -37.19
N THR D 162 7.28 16.55 -37.51
CA THR D 162 6.37 17.62 -37.15
C THR D 162 4.99 17.38 -37.78
N ASP D 163 3.98 17.25 -36.92
CA ASP D 163 2.62 16.91 -37.35
C ASP D 163 2.60 15.69 -38.24
N TYR D 164 3.28 14.63 -37.79
CA TYR D 164 3.45 13.40 -38.55
C TYR D 164 2.11 12.71 -38.84
N ASP D 165 1.32 12.51 -37.79
CA ASP D 165 0.04 11.83 -37.92
C ASP D 165 -0.88 12.56 -38.90
N GLU D 166 -0.91 13.88 -38.79
CA GLU D 166 -1.69 14.72 -39.69
C GLU D 166 -1.17 14.62 -41.11
N ARG D 167 0.15 14.58 -41.23
CA ARG D 167 0.82 14.55 -42.54
C ARG D 167 0.49 13.27 -43.29
N MET D 168 0.56 12.14 -42.58
CA MET D 168 0.30 10.84 -43.18
C MET D 168 -1.13 10.74 -43.71
N LYS D 169 -2.07 11.34 -42.99
CA LYS D 169 -3.46 11.33 -43.40
C LYS D 169 -3.66 12.14 -44.68
N LYS D 170 -3.00 13.28 -44.77
CA LYS D 170 -3.12 14.14 -45.94
C LYS D 170 -2.52 13.46 -47.18
N LEU D 171 -1.45 12.69 -46.98
CA LEU D 171 -0.83 11.95 -48.07
C LEU D 171 -1.82 10.92 -48.64
N VAL D 172 -2.39 10.11 -47.76
CA VAL D 172 -3.39 9.14 -48.14
C VAL D 172 -4.56 9.83 -48.83
N SER D 173 -4.90 11.01 -48.32
CA SER D 173 -5.98 11.81 -48.89
C SER D 173 -5.66 12.21 -50.32
N ILE D 174 -4.43 12.63 -50.57
CA ILE D 174 -4.00 13.06 -51.89
C ILE D 174 -3.94 11.89 -52.86
N VAL D 175 -3.35 10.78 -52.42
CA VAL D 175 -3.29 9.57 -53.23
C VAL D 175 -4.68 9.10 -53.60
N ALA D 176 -5.57 9.02 -52.62
CA ALA D 176 -6.94 8.58 -52.84
C ALA D 176 -7.66 9.49 -53.83
N ASP D 177 -7.40 10.79 -53.72
CA ASP D 177 -8.03 11.76 -54.62
C ASP D 177 -7.47 11.63 -56.04
N GLN D 178 -6.17 11.48 -56.14
CA GLN D 178 -5.51 11.41 -57.45
C GLN D 178 -5.80 10.10 -58.18
N LEU D 179 -6.17 9.06 -57.43
CA LEU D 179 -6.54 7.79 -58.04
C LEU D 179 -7.96 7.83 -58.58
N GLU D 180 -8.85 8.48 -57.85
CA GLU D 180 -10.23 8.62 -58.28
C GLU D 180 -10.35 9.58 -59.46
N LYS D 181 -9.63 10.70 -59.37
CA LYS D 181 -9.62 11.68 -60.46
C LYS D 181 -8.73 11.22 -61.61
N ASN D 182 -8.24 9.99 -61.51
CA ASN D 182 -7.46 9.35 -62.57
C ASN D 182 -6.25 10.17 -63.02
N ARG D 183 -5.32 10.40 -62.09
CA ARG D 183 -4.11 11.14 -62.40
C ARG D 183 -2.91 10.40 -61.79
N LEU D 184 -1.72 10.82 -62.15
CA LEU D 184 -0.51 10.22 -61.60
C LEU D 184 -0.33 10.64 -60.15
N PRO D 185 -0.34 9.67 -59.23
CA PRO D 185 -0.19 9.94 -57.80
C PRO D 185 1.12 10.66 -57.50
N SER D 186 1.07 11.68 -56.65
CA SER D 186 2.26 12.48 -56.34
C SER D 186 3.24 11.70 -55.46
N VAL D 187 2.78 10.61 -54.87
CA VAL D 187 3.64 9.74 -54.09
C VAL D 187 4.32 8.72 -55.00
N HIS D 188 5.64 8.65 -54.89
CA HIS D 188 6.44 7.72 -55.69
C HIS D 188 6.22 6.29 -55.19
N PRO D 189 6.11 5.33 -56.12
CA PRO D 189 5.85 3.91 -55.79
C PRO D 189 6.84 3.34 -54.80
N HIS D 190 8.09 3.83 -54.84
CA HIS D 190 9.13 3.37 -53.92
C HIS D 190 8.91 3.95 -52.54
N HIS D 191 8.23 5.09 -52.47
CA HIS D 191 7.96 5.76 -51.20
C HIS D 191 6.67 5.26 -50.56
N SER D 192 5.79 4.66 -51.36
CA SER D 192 4.47 4.25 -50.92
C SER D 192 4.51 3.23 -49.78
N MET D 193 5.67 2.61 -49.59
CA MET D 193 5.87 1.62 -48.53
C MET D 193 6.04 2.30 -47.17
N LEU D 194 6.37 3.59 -47.20
CA LEU D 194 6.68 4.33 -45.98
C LEU D 194 5.44 4.94 -45.32
N TYR D 195 4.38 5.10 -46.10
CA TYR D 195 3.19 5.79 -45.62
C TYR D 195 2.08 4.79 -45.34
N PRO D 196 1.13 5.15 -44.45
CA PRO D 196 0.02 4.26 -44.13
C PRO D 196 -1.04 4.20 -45.24
N LEU D 197 -0.61 3.88 -46.45
CA LEU D 197 -1.53 3.70 -47.56
C LEU D 197 -2.05 2.26 -47.52
N SER D 198 -3.15 2.01 -48.23
CA SER D 198 -3.67 0.66 -48.33
C SER D 198 -2.83 -0.14 -49.33
N HIS D 199 -2.94 -1.46 -49.27
CA HIS D 199 -2.22 -2.31 -50.21
C HIS D 199 -2.72 -2.07 -51.64
N GLY D 200 -4.01 -1.78 -51.76
CA GLY D 200 -4.59 -1.46 -53.05
C GLY D 200 -4.04 -0.17 -53.61
N PHE D 201 -3.86 0.83 -52.75
CA PHE D 201 -3.28 2.11 -53.15
C PHE D 201 -1.85 1.95 -53.64
N ARG D 202 -1.03 1.29 -52.82
CA ARG D 202 0.37 1.05 -53.17
C ARG D 202 0.48 0.33 -54.51
N LYS D 203 -0.36 -0.67 -54.71
CA LYS D 203 -0.38 -1.42 -55.95
C LYS D 203 -0.82 -0.54 -57.12
N ALA D 204 -1.86 0.25 -56.90
CA ALA D 204 -2.39 1.13 -57.93
C ALA D 204 -1.40 2.26 -58.27
N ILE D 205 -0.61 2.67 -57.29
CA ILE D 205 0.41 3.69 -57.50
C ILE D 205 1.51 3.16 -58.42
N ALA D 206 1.89 1.91 -58.21
CA ALA D 206 2.91 1.27 -59.04
C ALA D 206 2.39 1.07 -60.45
N GLU D 207 1.11 0.72 -60.56
CA GLU D 207 0.47 0.48 -61.85
C GLU D 207 0.43 1.75 -62.70
N ARG D 208 0.24 2.89 -62.06
CA ARG D 208 0.21 4.18 -62.76
C ARG D 208 1.58 4.55 -63.31
N HIS D 209 2.63 4.21 -62.57
CA HIS D 209 3.98 4.49 -63.00
C HIS D 209 4.46 3.48 -64.03
N GLY D 210 3.85 2.30 -64.01
CA GLY D 210 4.12 1.29 -65.02
C GLY D 210 3.52 1.72 -66.34
N ASN D 211 2.33 2.33 -66.27
CA ASN D 211 1.65 2.82 -67.45
C ASN D 211 2.37 4.00 -68.10
N LEU D 212 3.25 4.65 -67.34
CA LEU D 212 4.06 5.74 -67.87
C LEU D 212 5.04 5.21 -68.91
N CYS D 213 5.54 4.01 -68.69
CA CYS D 213 6.47 3.38 -69.62
C CYS D 213 5.78 3.05 -70.93
N LEU D 214 4.54 2.61 -70.84
CA LEU D 214 3.74 2.29 -72.03
C LEU D 214 3.57 3.53 -72.89
N ASP D 215 3.34 4.68 -72.26
CA ASP D 215 3.24 5.95 -72.96
C ASP D 215 4.50 6.27 -73.77
N LYS D 216 5.65 5.82 -73.27
CA LYS D 216 6.93 6.10 -73.91
C LYS D 216 7.28 5.10 -75.00
N ILE D 217 6.73 3.88 -74.92
CA ILE D 217 7.00 2.86 -75.93
C ILE D 217 5.96 2.84 -77.05
N ASN D 218 4.78 3.36 -76.77
CA ASN D 218 3.71 3.40 -77.76
C ASN D 218 4.06 4.31 -78.93
N VAL D 219 4.96 5.25 -78.69
CA VAL D 219 5.42 6.17 -79.72
C VAL D 219 6.26 5.43 -80.75
N LEU D 220 6.80 4.28 -80.36
CA LEU D 220 7.65 3.49 -81.24
C LEU D 220 6.82 2.59 -82.15
N HIS D 221 5.63 2.21 -81.68
CA HIS D 221 4.72 1.34 -82.42
C HIS D 221 5.39 0.04 -82.87
N LYS D 222 5.93 -0.70 -81.91
CA LYS D 222 6.61 -1.95 -82.21
C LYS D 222 5.68 -3.15 -82.03
N PRO D 223 5.70 -4.07 -83.00
CA PRO D 223 4.89 -5.30 -82.94
C PRO D 223 5.37 -6.21 -81.82
N PRO D 224 4.46 -7.00 -81.24
CA PRO D 224 4.81 -7.95 -80.17
C PRO D 224 5.88 -8.92 -80.64
N TYR D 225 6.89 -9.16 -79.81
CA TYR D 225 7.95 -10.10 -80.15
C TYR D 225 7.42 -11.52 -80.14
N GLU D 226 8.00 -12.38 -80.96
CA GLU D 226 7.70 -13.80 -80.92
C GLU D 226 8.71 -14.54 -80.06
N HIS D 227 8.23 -15.11 -78.97
CA HIS D 227 9.10 -15.70 -77.95
C HIS D 227 9.37 -17.17 -78.23
N PRO D 228 10.51 -17.68 -77.75
CA PRO D 228 10.86 -19.09 -77.91
C PRO D 228 9.82 -20.02 -77.28
N LYS D 229 9.58 -21.15 -77.93
CA LYS D 229 8.62 -22.13 -77.43
C LYS D 229 9.34 -23.37 -76.91
N ASP D 230 10.66 -23.38 -77.07
CA ASP D 230 11.49 -24.49 -76.60
C ASP D 230 12.92 -24.03 -76.37
N LEU D 231 13.76 -24.93 -75.89
CA LEU D 231 15.16 -24.60 -75.61
C LEU D 231 16.10 -25.17 -76.66
N LYS D 232 15.54 -25.67 -77.76
CA LYS D 232 16.34 -26.28 -78.82
C LYS D 232 17.35 -25.32 -79.43
N LEU D 233 16.92 -24.08 -79.66
CA LEU D 233 17.78 -23.05 -80.23
C LEU D 233 18.96 -22.76 -79.30
N SER D 234 18.69 -22.77 -78.01
CA SER D 234 19.71 -22.44 -77.01
C SER D 234 20.41 -23.69 -76.47
N ASP D 235 20.40 -24.75 -77.26
CA ASP D 235 21.09 -25.99 -76.94
C ASP D 235 20.65 -26.61 -75.61
N GLY D 236 19.36 -26.51 -75.31
CA GLY D 236 18.80 -27.12 -74.12
C GLY D 236 18.99 -26.29 -72.86
N ARG D 237 19.64 -25.14 -72.99
CA ARG D 237 19.91 -24.29 -71.85
C ARG D 237 18.87 -23.19 -71.74
N LEU D 238 18.47 -22.88 -70.51
CA LEU D 238 17.54 -21.79 -70.27
C LEU D 238 18.29 -20.46 -70.27
N ARG D 239 17.90 -19.57 -71.18
CA ARG D 239 18.56 -18.26 -71.28
C ARG D 239 17.91 -17.24 -70.35
N VAL D 240 18.60 -16.92 -69.26
CA VAL D 240 18.10 -15.98 -68.27
C VAL D 240 18.82 -14.64 -68.38
N GLY D 241 18.05 -13.56 -68.46
CA GLY D 241 18.61 -12.22 -68.60
C GLY D 241 18.45 -11.36 -67.37
N TYR D 242 19.57 -10.95 -66.78
CA TYR D 242 19.56 -10.08 -65.61
C TYR D 242 19.73 -8.61 -65.99
N VAL D 243 18.61 -7.89 -66.04
CA VAL D 243 18.63 -6.48 -66.40
C VAL D 243 18.72 -5.59 -65.17
N SER D 244 19.88 -4.95 -64.98
CA SER D 244 20.08 -4.08 -63.84
C SER D 244 20.87 -2.83 -64.21
N SER D 245 20.66 -1.76 -63.45
CA SER D 245 21.44 -0.53 -63.60
C SER D 245 22.39 -0.41 -62.43
N ASP D 246 22.61 -1.53 -61.75
CA ASP D 246 23.40 -1.54 -60.52
C ASP D 246 24.57 -2.52 -60.58
N PHE D 247 25.05 -2.78 -61.80
CA PHE D 247 26.23 -3.63 -61.96
C PHE D 247 27.49 -2.79 -61.77
N GLY D 248 27.84 -2.55 -60.51
CA GLY D 248 28.97 -1.71 -60.16
C GLY D 248 28.98 -1.53 -58.66
N ASN D 249 29.66 -0.51 -58.16
CA ASN D 249 29.67 -0.27 -56.71
C ASN D 249 28.32 0.17 -56.16
N HIS D 250 27.35 -0.74 -56.18
CA HIS D 250 26.00 -0.49 -55.70
C HIS D 250 25.57 -1.63 -54.81
N PRO D 251 24.76 -1.34 -53.78
CA PRO D 251 24.29 -2.37 -52.85
C PRO D 251 23.77 -3.64 -53.51
N THR D 252 23.01 -3.50 -54.60
CA THR D 252 22.46 -4.65 -55.30
C THR D 252 23.56 -5.57 -55.79
N SER D 253 24.62 -4.98 -56.33
CA SER D 253 25.76 -5.74 -56.81
C SER D 253 26.43 -6.50 -55.67
N HIS D 254 26.42 -5.89 -54.48
CA HIS D 254 27.03 -6.50 -53.30
C HIS D 254 26.29 -7.75 -52.88
N LEU D 255 25.01 -7.81 -53.21
CA LEU D 255 24.19 -8.93 -52.81
C LEU D 255 24.35 -10.10 -53.77
N MET D 256 24.35 -9.81 -55.07
CA MET D 256 24.25 -10.89 -56.06
C MET D 256 25.42 -11.11 -57.04
N GLN D 257 26.53 -10.41 -56.84
CA GLN D 257 27.67 -10.48 -57.78
C GLN D 257 28.20 -11.90 -58.02
N SER D 258 28.08 -12.77 -57.03
CA SER D 258 28.55 -14.15 -57.17
C SER D 258 27.59 -15.04 -57.96
N ILE D 259 26.32 -14.67 -57.93
CA ILE D 259 25.26 -15.50 -58.48
C ILE D 259 25.35 -15.85 -59.99
N PRO D 260 25.61 -14.85 -60.87
CA PRO D 260 25.75 -15.17 -62.29
C PRO D 260 26.80 -16.23 -62.61
N GLY D 261 27.92 -16.21 -61.88
CA GLY D 261 28.97 -17.19 -62.09
C GLY D 261 28.61 -18.60 -61.64
N MET D 262 27.78 -18.69 -60.60
CA MET D 262 27.43 -19.99 -60.03
C MET D 262 26.30 -20.71 -60.78
N HIS D 263 25.84 -20.11 -61.87
CA HIS D 263 24.81 -20.76 -62.69
C HIS D 263 25.37 -21.99 -63.41
N ASN D 264 24.53 -23.00 -63.55
CA ASN D 264 24.93 -24.26 -64.18
C ASN D 264 25.00 -24.14 -65.71
N PRO D 265 26.22 -24.19 -66.26
CA PRO D 265 26.46 -24.01 -67.70
C PRO D 265 25.75 -25.06 -68.55
N ASP D 266 25.51 -26.23 -67.97
CA ASP D 266 24.87 -27.32 -68.70
C ASP D 266 23.40 -27.03 -68.95
N LYS D 267 22.78 -26.25 -68.07
CA LYS D 267 21.33 -26.03 -68.14
C LYS D 267 20.95 -24.57 -68.30
N PHE D 268 21.90 -23.65 -68.12
CA PHE D 268 21.59 -22.22 -68.16
C PHE D 268 22.59 -21.37 -68.94
N GLU D 269 22.06 -20.36 -69.62
CA GLU D 269 22.90 -19.38 -70.32
C GLU D 269 22.58 -17.99 -69.77
N VAL D 270 23.57 -17.40 -69.10
CA VAL D 270 23.33 -16.15 -68.36
C VAL D 270 23.68 -14.90 -69.15
N PHE D 271 22.68 -14.03 -69.32
CA PHE D 271 22.87 -12.74 -69.97
C PHE D 271 22.70 -11.62 -68.95
N CYS D 272 23.73 -10.80 -68.79
CA CYS D 272 23.65 -9.65 -67.90
C CYS D 272 23.56 -8.34 -68.69
N TYR D 273 22.41 -7.68 -68.60
CA TYR D 273 22.18 -6.43 -69.31
C TYR D 273 22.36 -5.22 -68.39
N ALA D 274 23.50 -4.57 -68.51
CA ALA D 274 23.79 -3.40 -67.69
C ALA D 274 23.13 -2.16 -68.26
N LEU D 275 22.47 -1.39 -67.40
CA LEU D 275 21.85 -0.14 -67.81
C LEU D 275 22.75 1.04 -67.42
N SER D 276 23.86 0.73 -66.77
CA SER D 276 24.82 1.74 -66.35
C SER D 276 26.20 1.46 -66.91
N PRO D 277 26.95 2.52 -67.26
CA PRO D 277 28.31 2.36 -67.78
C PRO D 277 29.27 1.78 -66.74
N ASP D 278 30.38 1.21 -67.22
CA ASP D 278 31.39 0.61 -66.36
C ASP D 278 32.00 1.66 -65.43
N ASP D 279 31.80 1.49 -64.13
CA ASP D 279 32.36 2.44 -63.16
C ASP D 279 33.75 2.03 -62.69
N GLY D 280 34.31 1.01 -63.32
CA GLY D 280 35.68 0.60 -63.08
C GLY D 280 35.88 -0.23 -61.83
N THR D 281 34.82 -0.41 -61.06
CA THR D 281 34.91 -1.17 -59.82
C THR D 281 34.95 -2.67 -60.10
N ASN D 282 35.53 -3.43 -59.16
CA ASN D 282 35.69 -4.87 -59.32
C ASN D 282 34.34 -5.59 -59.37
N PHE D 283 33.31 -4.96 -58.84
CA PHE D 283 31.96 -5.50 -58.89
C PHE D 283 31.51 -5.65 -60.34
N ARG D 284 31.72 -4.60 -61.11
CA ARG D 284 31.39 -4.61 -62.53
C ARG D 284 32.26 -5.61 -63.28
N VAL D 285 33.54 -5.67 -62.89
CA VAL D 285 34.50 -6.58 -63.50
C VAL D 285 34.07 -8.04 -63.31
N LYS D 286 33.67 -8.38 -62.10
CA LYS D 286 33.30 -9.77 -61.77
C LYS D 286 32.09 -10.26 -62.55
N VAL D 287 31.04 -9.44 -62.59
CA VAL D 287 29.83 -9.81 -63.32
C VAL D 287 30.11 -9.95 -64.81
N MET D 288 30.94 -9.05 -65.34
CA MET D 288 31.30 -9.11 -66.76
C MET D 288 32.13 -10.35 -67.07
N ALA D 289 32.97 -10.74 -66.12
CA ALA D 289 33.90 -11.85 -66.34
C ALA D 289 33.26 -13.21 -66.09
N GLU D 290 32.13 -13.24 -65.39
CA GLU D 290 31.53 -14.50 -64.99
C GLU D 290 30.18 -14.80 -65.66
N ALA D 291 29.48 -13.75 -66.08
CA ALA D 291 28.26 -13.96 -66.86
C ALA D 291 28.66 -14.48 -68.23
N ASN D 292 27.88 -15.43 -68.75
CA ASN D 292 28.14 -16.01 -70.06
C ASN D 292 28.15 -14.95 -71.14
N HIS D 293 27.31 -13.93 -70.96
CA HIS D 293 27.26 -12.80 -71.88
C HIS D 293 26.98 -11.53 -71.10
N PHE D 294 27.68 -10.46 -71.43
CA PHE D 294 27.45 -9.18 -70.78
C PHE D 294 27.18 -8.07 -71.79
N ILE D 295 25.95 -7.58 -71.80
CA ILE D 295 25.56 -6.52 -72.73
C ILE D 295 25.47 -5.18 -72.01
N ASP D 296 26.15 -4.18 -72.55
CA ASP D 296 26.13 -2.84 -71.97
C ASP D 296 25.04 -1.99 -72.61
N LEU D 297 23.82 -2.13 -72.11
CA LEU D 297 22.66 -1.44 -72.69
C LEU D 297 22.68 0.08 -72.47
N SER D 298 23.63 0.55 -71.67
CA SER D 298 23.75 1.99 -71.43
C SER D 298 24.13 2.70 -72.72
N GLN D 299 24.85 2.00 -73.59
CA GLN D 299 25.26 2.55 -74.87
C GLN D 299 24.21 2.35 -75.96
N ILE D 300 23.11 1.69 -75.61
CA ILE D 300 21.94 1.61 -76.47
C ILE D 300 20.80 2.35 -75.78
N PRO D 301 20.75 3.68 -75.95
CA PRO D 301 19.78 4.53 -75.25
C PRO D 301 18.33 4.32 -75.71
N CYS D 302 18.12 4.06 -76.99
CA CYS D 302 16.77 3.83 -77.51
C CYS D 302 16.20 2.54 -76.92
N ASN D 303 15.06 2.65 -76.25
CA ASN D 303 14.42 1.50 -75.63
C ASN D 303 13.93 0.48 -76.66
N GLY D 304 13.58 0.96 -77.85
CA GLY D 304 13.15 0.09 -78.92
C GLY D 304 14.29 -0.79 -79.41
N LYS D 305 15.44 -0.18 -79.64
CA LYS D 305 16.61 -0.89 -80.14
C LYS D 305 17.21 -1.79 -79.06
N ALA D 306 17.11 -1.34 -77.81
CA ALA D 306 17.64 -2.11 -76.69
C ALA D 306 16.82 -3.37 -76.45
N ALA D 307 15.50 -3.22 -76.52
CA ALA D 307 14.60 -4.37 -76.34
C ALA D 307 14.76 -5.36 -77.48
N ASP D 308 15.04 -4.85 -78.68
CA ASP D 308 15.32 -5.71 -79.83
C ASP D 308 16.54 -6.57 -79.53
N ARG D 309 17.59 -5.95 -79.01
CA ARG D 309 18.82 -6.64 -78.66
C ARG D 309 18.57 -7.77 -77.67
N ILE D 310 17.73 -7.50 -76.68
CA ILE D 310 17.36 -8.52 -75.69
C ILE D 310 16.65 -9.69 -76.35
N HIS D 311 15.69 -9.38 -77.22
CA HIS D 311 14.93 -10.40 -77.93
C HIS D 311 15.81 -11.23 -78.86
N GLN D 312 16.80 -10.58 -79.47
CA GLN D 312 17.71 -11.26 -80.39
C GLN D 312 18.59 -12.27 -79.67
N ASP D 313 18.89 -12.01 -78.40
CA ASP D 313 19.68 -12.94 -77.60
C ASP D 313 18.88 -14.18 -77.24
N GLY D 314 17.57 -14.13 -77.47
CA GLY D 314 16.70 -15.28 -77.27
C GLY D 314 16.40 -15.58 -75.82
N ILE D 315 16.24 -14.53 -75.02
CA ILE D 315 15.99 -14.66 -73.59
C ILE D 315 14.65 -15.34 -73.31
N HIS D 316 14.67 -16.30 -72.39
CA HIS D 316 13.44 -16.96 -71.95
C HIS D 316 12.89 -16.27 -70.71
N ILE D 317 13.74 -16.06 -69.72
CA ILE D 317 13.34 -15.36 -68.51
C ILE D 317 14.15 -14.07 -68.34
N LEU D 318 13.45 -12.94 -68.36
CA LEU D 318 14.09 -11.65 -68.14
C LEU D 318 13.81 -11.16 -66.73
N VAL D 319 14.84 -10.69 -66.05
CA VAL D 319 14.72 -10.32 -64.64
C VAL D 319 14.90 -8.82 -64.41
N ASN D 320 13.89 -8.22 -63.76
CA ASN D 320 13.93 -6.79 -63.44
C ASN D 320 14.50 -6.54 -62.05
N MET D 321 15.76 -6.13 -62.01
CA MET D 321 16.45 -5.93 -60.74
C MET D 321 16.43 -4.46 -60.33
N ASN D 322 15.48 -3.71 -60.88
CA ASN D 322 15.37 -2.28 -60.58
C ASN D 322 14.01 -1.88 -60.03
N GLY D 323 12.95 -2.35 -60.69
CA GLY D 323 11.61 -1.93 -60.34
C GLY D 323 11.46 -0.43 -60.58
N TYR D 324 11.05 0.29 -59.55
CA TYR D 324 10.94 1.74 -59.64
C TYR D 324 12.01 2.43 -58.80
N THR D 325 13.26 2.11 -59.12
CA THR D 325 14.40 2.76 -58.48
C THR D 325 15.15 3.59 -59.51
N LYS D 326 16.22 4.24 -59.08
CA LYS D 326 17.00 5.09 -59.97
C LYS D 326 17.75 4.26 -61.01
N GLY D 327 17.70 4.71 -62.27
CA GLY D 327 18.41 4.03 -63.34
C GLY D 327 17.57 2.98 -64.04
N ALA D 328 16.39 2.72 -63.49
CA ALA D 328 15.49 1.73 -64.06
C ALA D 328 15.09 2.10 -65.48
N ARG D 329 14.87 1.09 -66.30
CA ARG D 329 14.38 1.28 -67.66
C ARG D 329 13.30 0.26 -67.96
N ASN D 330 12.18 0.38 -67.26
CA ASN D 330 11.08 -0.57 -67.35
C ASN D 330 10.43 -0.62 -68.73
N GLU D 331 10.70 0.40 -69.54
CA GLU D 331 10.23 0.44 -70.92
C GLU D 331 10.72 -0.79 -71.68
N LEU D 332 11.90 -1.29 -71.28
CA LEU D 332 12.43 -2.51 -71.85
C LEU D 332 11.50 -3.69 -71.57
N PHE D 333 10.98 -3.74 -70.35
CA PHE D 333 10.08 -4.82 -69.95
C PHE D 333 8.66 -4.62 -70.47
N ALA D 334 8.28 -3.37 -70.65
CA ALA D 334 6.96 -3.04 -71.18
C ALA D 334 6.84 -3.49 -72.63
N LEU D 335 7.98 -3.57 -73.30
CA LEU D 335 8.04 -4.01 -74.69
C LEU D 335 8.03 -5.54 -74.81
N ARG D 336 8.08 -6.20 -73.66
CA ARG D 336 7.99 -7.67 -73.56
C ARG D 336 8.87 -8.45 -74.55
N PRO D 337 10.20 -8.32 -74.42
CA PRO D 337 11.09 -9.05 -75.32
C PRO D 337 11.25 -10.52 -74.91
N ALA D 338 10.83 -10.85 -73.70
CA ALA D 338 10.95 -12.20 -73.18
C ALA D 338 9.59 -12.77 -72.83
N PRO D 339 9.42 -14.10 -72.97
CA PRO D 339 8.15 -14.74 -72.63
C PRO D 339 7.84 -14.72 -71.14
N ILE D 340 8.86 -14.82 -70.31
CA ILE D 340 8.69 -14.78 -68.86
C ILE D 340 9.50 -13.65 -68.24
N GLN D 341 8.81 -12.70 -67.62
CA GLN D 341 9.49 -11.57 -67.00
C GLN D 341 9.19 -11.51 -65.51
N ALA D 342 10.24 -11.42 -64.70
CA ALA D 342 10.10 -11.52 -63.26
C ALA D 342 10.90 -10.50 -62.47
N MET D 343 10.27 -9.94 -61.43
CA MET D 343 10.94 -9.06 -60.48
C MET D 343 11.87 -9.90 -59.61
N TRP D 344 12.99 -9.32 -59.18
CA TRP D 344 13.89 -10.03 -58.27
C TRP D 344 14.86 -9.13 -57.51
N LEU D 345 14.81 -9.23 -56.18
CA LEU D 345 15.85 -8.71 -55.30
C LEU D 345 16.00 -7.19 -55.26
N GLY D 346 15.95 -6.54 -56.42
CA GLY D 346 16.23 -5.12 -56.50
C GLY D 346 15.20 -4.20 -55.84
N TYR D 347 13.94 -4.38 -56.20
CA TYR D 347 12.88 -3.49 -55.75
C TYR D 347 11.95 -4.19 -54.74
N PRO D 348 11.85 -3.63 -53.53
CA PRO D 348 11.06 -4.21 -52.43
C PRO D 348 9.57 -3.92 -52.54
N GLY D 349 8.94 -4.35 -53.63
CA GLY D 349 7.52 -4.13 -53.82
C GLY D 349 7.04 -4.58 -55.18
N THR D 350 5.74 -4.46 -55.42
CA THR D 350 5.14 -4.85 -56.69
C THR D 350 5.36 -3.79 -57.75
N SER D 351 5.47 -4.24 -59.00
CA SER D 351 5.61 -3.32 -60.13
C SER D 351 4.25 -2.75 -60.49
N GLY D 352 3.20 -3.47 -60.12
CA GLY D 352 1.84 -3.07 -60.46
C GLY D 352 1.58 -3.17 -61.95
N ALA D 353 2.55 -3.73 -62.68
CA ALA D 353 2.51 -3.74 -64.13
C ALA D 353 2.06 -5.08 -64.70
N LEU D 354 1.32 -5.02 -65.80
CA LEU D 354 0.83 -6.22 -66.46
C LEU D 354 1.97 -6.90 -67.20
N PHE D 355 2.98 -6.13 -67.59
CA PHE D 355 4.12 -6.67 -68.33
C PHE D 355 5.14 -7.36 -67.43
N MET D 356 4.80 -7.51 -66.16
CA MET D 356 5.65 -8.22 -65.22
C MET D 356 4.91 -9.42 -64.65
N ASP D 357 5.37 -10.61 -65.02
CA ASP D 357 4.65 -11.85 -64.73
C ASP D 357 4.81 -12.35 -63.30
N TYR D 358 6.05 -12.65 -62.91
CA TYR D 358 6.31 -13.18 -61.58
C TYR D 358 7.04 -12.18 -60.69
N ILE D 359 7.00 -12.42 -59.39
CA ILE D 359 7.88 -11.73 -58.44
C ILE D 359 8.53 -12.75 -57.52
N ILE D 360 9.86 -12.75 -57.51
CA ILE D 360 10.61 -13.74 -56.74
C ILE D 360 10.73 -13.32 -55.27
N THR D 361 9.93 -13.94 -54.43
CA THR D 361 9.93 -13.66 -53.00
C THR D 361 9.97 -14.98 -52.21
N ASP D 362 9.33 -15.02 -51.05
CA ASP D 362 9.25 -16.25 -50.27
C ASP D 362 8.03 -16.30 -49.36
N GLN D 363 7.93 -17.38 -48.59
CA GLN D 363 6.80 -17.61 -47.69
C GLN D 363 6.75 -16.60 -46.55
N GLU D 364 7.91 -16.26 -46.02
CA GLU D 364 7.99 -15.38 -44.85
C GLU D 364 7.86 -13.91 -45.23
N THR D 365 8.27 -13.58 -46.45
CA THR D 365 8.19 -12.19 -46.92
C THR D 365 6.80 -11.87 -47.43
N SER D 366 6.29 -12.74 -48.29
CA SER D 366 4.98 -12.52 -48.91
C SER D 366 4.11 -13.77 -48.80
N PRO D 367 3.51 -13.98 -47.62
CA PRO D 367 2.62 -15.14 -47.41
C PRO D 367 1.44 -15.13 -48.38
N ALA D 368 0.87 -16.29 -48.63
CA ALA D 368 -0.15 -16.47 -49.66
C ALA D 368 -1.39 -15.60 -49.46
N GLU D 369 -1.74 -15.32 -48.21
CA GLU D 369 -2.97 -14.58 -47.93
C GLU D 369 -2.92 -13.13 -48.39
N VAL D 370 -1.74 -12.52 -48.30
CA VAL D 370 -1.57 -11.13 -48.74
C VAL D 370 -1.00 -11.07 -50.16
N ALA D 371 -1.32 -12.07 -50.97
CA ALA D 371 -0.82 -12.13 -52.34
C ALA D 371 -1.43 -11.05 -53.21
N GLU D 372 -2.55 -10.50 -52.78
CA GLU D 372 -3.29 -9.53 -53.57
C GLU D 372 -2.71 -8.13 -53.51
N GLN D 373 -1.65 -7.95 -52.71
CA GLN D 373 -0.97 -6.66 -52.67
C GLN D 373 0.06 -6.58 -53.79
N TYR D 374 0.25 -7.71 -54.49
CA TYR D 374 1.13 -7.76 -55.65
C TYR D 374 0.31 -7.92 -56.92
N SER D 375 0.84 -7.42 -58.03
CA SER D 375 0.20 -7.59 -59.33
C SER D 375 0.73 -8.84 -59.99
N GLU D 376 2.03 -9.08 -59.82
CA GLU D 376 2.69 -10.27 -60.35
C GLU D 376 2.20 -11.49 -59.60
N LYS D 377 2.50 -12.66 -60.15
CA LYS D 377 2.24 -13.92 -59.44
C LYS D 377 3.42 -14.18 -58.52
N LEU D 378 3.15 -14.88 -57.41
CA LEU D 378 4.20 -15.14 -56.43
C LEU D 378 5.11 -16.30 -56.84
N ALA D 379 6.42 -16.08 -56.73
CA ALA D 379 7.40 -17.12 -57.01
C ALA D 379 8.27 -17.33 -55.78
N TYR D 380 8.06 -18.43 -55.08
CA TYR D 380 8.73 -18.67 -53.81
C TYR D 380 10.10 -19.32 -53.92
N MET D 381 11.09 -18.71 -53.29
CA MET D 381 12.36 -19.38 -53.02
C MET D 381 12.15 -20.23 -51.76
N PRO D 382 12.90 -21.33 -51.63
CA PRO D 382 12.69 -22.27 -50.53
C PRO D 382 12.82 -21.67 -49.12
N HIS D 383 13.69 -20.67 -48.96
CA HIS D 383 13.94 -20.11 -47.63
C HIS D 383 13.72 -18.60 -47.59
N THR D 384 14.56 -17.87 -48.32
CA THR D 384 14.39 -16.42 -48.44
C THR D 384 14.87 -15.96 -49.81
N PHE D 385 14.14 -15.01 -50.40
CA PHE D 385 14.51 -14.48 -51.71
C PHE D 385 15.76 -13.64 -51.58
N PHE D 386 15.99 -13.11 -50.38
CA PHE D 386 17.15 -12.26 -50.14
C PHE D 386 18.44 -13.07 -50.08
N ILE D 387 19.53 -12.43 -50.47
CA ILE D 387 20.83 -13.09 -50.53
C ILE D 387 21.90 -12.02 -50.45
N GLY D 388 23.06 -12.38 -49.90
CA GLY D 388 24.19 -11.47 -49.84
C GLY D 388 25.48 -12.19 -50.18
N ASP D 389 26.50 -11.43 -50.56
CA ASP D 389 27.76 -12.02 -50.96
C ASP D 389 28.83 -11.77 -49.89
N HIS D 390 28.38 -11.73 -48.63
CA HIS D 390 29.26 -11.44 -47.51
C HIS D 390 30.33 -12.50 -47.33
N ALA D 391 29.96 -13.75 -47.59
CA ALA D 391 30.88 -14.88 -47.47
C ALA D 391 32.06 -14.73 -48.44
N ASN D 392 31.84 -14.00 -49.52
CA ASN D 392 32.89 -13.77 -50.51
C ASN D 392 33.60 -12.45 -50.29
N MET D 393 32.84 -11.39 -50.06
CA MET D 393 33.40 -10.05 -49.92
C MET D 393 34.19 -9.87 -48.63
N PHE D 394 33.66 -10.39 -47.53
CA PHE D 394 34.32 -10.25 -46.24
C PHE D 394 34.53 -11.59 -45.54
N PRO D 395 35.41 -12.44 -46.10
CA PRO D 395 35.66 -13.72 -45.43
C PRO D 395 36.56 -13.54 -44.21
N HIS D 396 37.18 -12.37 -44.10
CA HIS D 396 38.05 -12.06 -42.98
C HIS D 396 37.24 -11.80 -41.70
N LEU D 397 35.93 -11.86 -41.82
CA LEU D 397 35.04 -11.69 -40.68
C LEU D 397 34.41 -13.03 -40.30
N LYS D 398 34.87 -14.10 -40.92
CA LYS D 398 34.36 -15.44 -40.63
C LYS D 398 34.87 -15.90 -39.25
N LYS D 399 36.06 -15.44 -38.89
CA LYS D 399 36.62 -15.68 -37.56
C LYS D 399 37.05 -14.36 -36.93
N LYS D 400 37.03 -14.30 -35.60
CA LYS D 400 37.50 -13.11 -34.90
C LYS D 400 38.32 -13.47 -33.67
N ALA D 401 38.88 -12.45 -33.03
CA ALA D 401 39.64 -12.60 -31.78
C ALA D 401 39.53 -11.30 -30.99
N VAL D 402 39.74 -11.37 -29.69
CA VAL D 402 39.56 -10.20 -28.84
C VAL D 402 40.70 -9.95 -27.86
N ILE D 403 40.69 -8.76 -27.25
CA ILE D 403 41.69 -8.39 -26.26
C ILE D 403 41.02 -8.09 -24.92
N ASP D 404 41.60 -8.62 -23.84
CA ASP D 404 41.07 -8.43 -22.49
C ASP D 404 41.55 -7.13 -21.86
N PHE D 405 40.80 -6.65 -20.87
CA PHE D 405 41.18 -5.44 -20.13
C PHE D 405 40.52 -5.35 -18.75
N LYS D 406 40.91 -6.25 -17.84
CA LYS D 406 40.38 -6.22 -16.49
C LYS D 406 40.85 -4.98 -15.73
N ILE D 411 35.17 -11.73 -20.12
CA ILE D 411 35.71 -11.76 -21.48
C ILE D 411 34.68 -11.33 -22.51
N TYR D 412 34.74 -10.07 -22.91
CA TYR D 412 33.80 -9.51 -23.87
C TYR D 412 34.22 -9.86 -25.30
N ASP D 413 33.25 -9.96 -26.20
CA ASP D 413 33.56 -10.27 -27.60
C ASP D 413 33.36 -9.09 -28.53
N ASN D 414 33.15 -7.90 -27.98
CA ASN D 414 32.81 -6.75 -28.81
C ASN D 414 33.28 -5.39 -28.30
N ARG D 415 34.40 -5.37 -27.58
CA ARG D 415 34.99 -4.11 -27.15
C ARG D 415 36.25 -3.85 -27.95
N ILE D 416 37.07 -4.88 -28.11
CA ILE D 416 38.29 -4.82 -28.91
C ILE D 416 38.37 -6.08 -29.75
N VAL D 417 38.24 -5.90 -31.07
CA VAL D 417 38.12 -7.03 -31.98
C VAL D 417 39.21 -7.05 -33.06
N LEU D 418 39.84 -8.21 -33.25
CA LEU D 418 40.80 -8.38 -34.34
C LEU D 418 40.25 -9.29 -35.43
N ASN D 419 40.28 -8.81 -36.67
CA ASN D 419 39.92 -9.61 -37.83
C ASN D 419 41.08 -9.69 -38.81
N GLY D 420 41.06 -10.71 -39.67
CA GLY D 420 42.10 -10.87 -40.68
C GLY D 420 42.27 -12.29 -41.14
N ILE D 421 42.74 -12.46 -42.37
CA ILE D 421 42.96 -13.79 -42.94
C ILE D 421 44.10 -14.50 -42.23
N ASP D 422 45.17 -13.77 -41.93
CA ASP D 422 46.34 -14.35 -41.28
C ASP D 422 46.28 -14.22 -39.76
N LEU D 423 45.07 -14.15 -39.21
CA LEU D 423 44.91 -13.97 -37.77
C LEU D 423 45.44 -15.17 -36.99
N LYS D 424 45.15 -16.36 -37.49
CA LYS D 424 45.59 -17.60 -36.87
C LYS D 424 47.12 -17.60 -36.74
N ALA D 425 47.78 -17.06 -37.74
CA ALA D 425 49.24 -16.99 -37.75
C ALA D 425 49.76 -15.97 -36.73
N PHE D 426 49.13 -14.80 -36.68
CA PHE D 426 49.52 -13.74 -35.77
C PHE D 426 49.33 -14.17 -34.32
N LEU D 427 48.27 -14.93 -34.06
CA LEU D 427 47.97 -15.40 -32.72
C LEU D 427 48.94 -16.50 -32.30
N ASP D 428 49.46 -17.22 -33.28
CA ASP D 428 50.40 -18.31 -33.01
C ASP D 428 51.82 -17.77 -32.79
N SER D 429 51.97 -16.45 -32.92
CA SER D 429 53.23 -15.80 -32.66
C SER D 429 53.21 -15.15 -31.28
N LEU D 430 52.04 -15.17 -30.65
CA LEU D 430 51.85 -14.54 -29.35
C LEU D 430 52.02 -15.54 -28.21
N PRO D 431 52.50 -15.06 -27.05
CA PRO D 431 52.78 -15.92 -25.90
C PRO D 431 51.55 -16.59 -25.29
N ASP D 432 50.68 -15.82 -24.64
CA ASP D 432 49.64 -16.40 -23.79
C ASP D 432 48.22 -16.24 -24.33
N VAL D 433 47.98 -16.69 -25.56
CA VAL D 433 46.64 -16.60 -26.14
C VAL D 433 45.68 -17.63 -25.53
N LYS D 434 44.58 -17.14 -24.97
CA LYS D 434 43.57 -18.01 -24.38
C LYS D 434 42.45 -18.31 -25.38
N ILE D 435 42.11 -19.59 -25.52
CA ILE D 435 41.07 -20.01 -26.46
C ILE D 435 39.75 -20.28 -25.76
N VAL D 436 38.77 -19.42 -25.99
CA VAL D 436 37.46 -19.56 -25.35
C VAL D 436 36.48 -20.33 -26.24
N LYS D 437 35.87 -21.37 -25.67
CA LYS D 437 34.93 -22.20 -26.41
C LYS D 437 33.52 -21.61 -26.42
N MET D 438 32.96 -21.45 -27.61
CA MET D 438 31.58 -21.00 -27.76
C MET D 438 30.65 -22.21 -27.65
N LYS D 439 29.36 -21.99 -27.88
CA LYS D 439 28.40 -23.09 -27.89
C LYS D 439 27.16 -22.83 -28.75
N CYS D 440 27.12 -23.49 -29.91
CA CYS D 440 25.99 -23.47 -30.84
C CYS D 440 25.30 -22.12 -31.00
N ALA D 453 33.14 -26.88 -32.80
CA ALA D 453 34.56 -26.57 -32.65
C ALA D 453 34.84 -25.10 -32.97
N LEU D 454 33.87 -24.23 -32.68
CA LEU D 454 34.04 -22.80 -32.86
C LEU D 454 34.58 -22.16 -31.59
N ASN D 455 35.57 -21.29 -31.74
CA ASN D 455 36.22 -20.68 -30.59
C ASN D 455 36.63 -19.23 -30.84
N MET D 456 36.85 -18.49 -29.75
CA MET D 456 37.28 -17.11 -29.82
C MET D 456 38.56 -16.90 -29.02
N PRO D 457 39.68 -16.69 -29.72
CA PRO D 457 40.97 -16.43 -29.06
C PRO D 457 40.93 -15.13 -28.27
N VAL D 458 41.66 -15.06 -27.17
CA VAL D 458 41.69 -13.88 -26.32
C VAL D 458 43.12 -13.50 -25.95
N ILE D 459 43.58 -12.37 -26.47
CA ILE D 459 44.90 -11.85 -26.12
C ILE D 459 44.82 -11.13 -24.78
N PRO D 460 45.62 -11.59 -23.80
CA PRO D 460 45.64 -10.97 -22.47
C PRO D 460 46.29 -9.59 -22.53
N MET D 461 46.03 -8.77 -21.52
CA MET D 461 46.60 -7.43 -21.48
C MET D 461 48.10 -7.47 -21.16
N ASN D 462 48.92 -7.65 -22.19
CA ASN D 462 50.36 -7.60 -22.03
C ASN D 462 50.95 -6.42 -22.79
N THR D 463 52.24 -6.49 -23.12
CA THR D 463 52.90 -5.41 -23.84
C THR D 463 52.34 -5.27 -25.25
N ILE D 464 52.05 -6.40 -25.87
CA ILE D 464 51.54 -6.44 -27.25
C ILE D 464 50.13 -5.88 -27.34
N ALA D 465 49.28 -6.28 -26.38
CA ALA D 465 47.92 -5.76 -26.33
C ALA D 465 47.91 -4.25 -26.12
N GLU D 466 48.84 -3.76 -25.30
CA GLU D 466 48.99 -2.33 -25.04
C GLU D 466 49.39 -1.59 -26.31
N ALA D 467 50.27 -2.20 -27.11
CA ALA D 467 50.75 -1.59 -28.34
C ALA D 467 49.61 -1.38 -29.33
N VAL D 468 48.66 -2.32 -29.34
CA VAL D 468 47.48 -2.20 -30.19
C VAL D 468 46.57 -1.08 -29.70
N ILE D 469 46.34 -1.03 -28.40
CA ILE D 469 45.50 0.02 -27.80
C ILE D 469 46.14 1.39 -28.02
N GLU D 470 47.46 1.42 -27.98
CA GLU D 470 48.21 2.66 -28.21
C GLU D 470 47.94 3.19 -29.60
N MET D 471 47.97 2.29 -30.59
CA MET D 471 47.70 2.65 -31.97
C MET D 471 46.33 3.29 -32.11
N ILE D 472 45.32 2.64 -31.52
CA ILE D 472 43.96 3.13 -31.58
C ILE D 472 43.82 4.48 -30.89
N ASN D 473 44.39 4.59 -29.69
CA ASN D 473 44.29 5.80 -28.89
C ASN D 473 45.06 6.98 -29.46
N ARG D 474 46.16 6.70 -30.14
CA ARG D 474 46.97 7.75 -30.76
C ARG D 474 46.42 8.13 -32.12
N GLY D 475 45.49 7.33 -32.62
CA GLY D 475 44.92 7.56 -33.94
C GLY D 475 45.94 7.36 -35.04
N GLN D 476 46.74 6.31 -34.91
CA GLN D 476 47.76 5.99 -35.91
C GLN D 476 47.22 5.00 -36.92
N ILE D 477 47.67 5.12 -38.17
CA ILE D 477 47.15 4.32 -39.27
C ILE D 477 47.35 2.83 -39.08
N GLN D 478 48.56 2.42 -38.71
CA GLN D 478 48.89 1.02 -38.57
C GLN D 478 50.17 0.83 -37.77
N ILE D 479 50.35 -0.36 -37.22
CA ILE D 479 51.59 -0.73 -36.53
C ILE D 479 52.05 -2.10 -36.99
N THR D 480 53.23 -2.52 -36.57
CA THR D 480 53.74 -3.83 -36.90
C THR D 480 54.07 -4.62 -35.64
N ILE D 481 53.54 -5.85 -35.56
CA ILE D 481 53.80 -6.73 -34.44
C ILE D 481 54.24 -8.10 -34.94
N ASN D 482 55.46 -8.50 -34.60
CA ASN D 482 56.03 -9.75 -35.06
C ASN D 482 56.01 -9.93 -36.57
N GLY D 483 56.15 -8.81 -37.29
CA GLY D 483 56.18 -8.82 -38.74
C GLY D 483 54.81 -8.71 -39.37
N PHE D 484 53.77 -8.85 -38.55
CA PHE D 484 52.39 -8.81 -39.04
C PHE D 484 51.87 -7.39 -39.19
N SER D 485 51.07 -7.16 -40.22
CA SER D 485 50.48 -5.85 -40.46
C SER D 485 49.25 -5.67 -39.58
N ILE D 486 49.35 -4.76 -38.63
CA ILE D 486 48.22 -4.47 -37.73
C ILE D 486 47.61 -3.11 -38.06
N SER D 487 46.38 -3.14 -38.57
CA SER D 487 45.74 -1.96 -39.13
C SER D 487 44.66 -1.37 -38.23
N ASN D 488 44.66 -0.04 -38.10
CA ASN D 488 43.59 0.66 -37.42
C ASN D 488 42.33 0.55 -38.26
N GLY D 489 41.22 0.18 -37.63
CA GLY D 489 39.96 -0.02 -38.33
C GLY D 489 39.44 1.21 -39.03
N LEU D 490 39.85 2.38 -38.55
CA LEU D 490 39.36 3.65 -39.08
C LEU D 490 40.14 4.12 -40.30
N ALA D 491 41.26 3.49 -40.58
CA ALA D 491 42.12 3.93 -41.67
C ALA D 491 42.21 2.90 -42.80
N THR D 492 41.17 2.11 -42.98
CA THR D 492 41.14 1.08 -44.02
C THR D 492 41.28 1.68 -45.41
N THR D 493 40.77 2.90 -45.58
CA THR D 493 40.80 3.57 -46.87
C THR D 493 42.17 4.15 -47.23
N GLN D 494 43.02 4.34 -46.23
CA GLN D 494 44.37 4.83 -46.46
C GLN D 494 45.31 3.68 -46.80
N ILE D 495 45.10 2.56 -46.11
CA ILE D 495 45.87 1.34 -46.31
C ILE D 495 45.51 0.68 -47.65
N ASN D 496 44.22 0.53 -47.90
CA ASN D 496 43.76 -0.07 -49.15
C ASN D 496 42.36 0.39 -49.55
N ASN D 497 42.32 1.37 -50.45
CA ASN D 497 41.06 1.88 -50.99
C ASN D 497 40.14 0.76 -51.45
N LYS D 498 40.72 -0.26 -52.07
CA LYS D 498 39.97 -1.38 -52.62
C LYS D 498 39.31 -2.25 -51.55
N ALA D 499 40.05 -2.55 -50.48
CA ALA D 499 39.50 -3.37 -49.41
C ALA D 499 38.40 -2.62 -48.66
N ALA D 500 38.53 -1.31 -48.62
CA ALA D 500 37.58 -0.45 -47.91
C ALA D 500 36.21 -0.45 -48.58
N THR D 501 36.20 -0.63 -49.90
CA THR D 501 34.94 -0.59 -50.65
C THR D 501 34.33 -1.97 -50.79
N GLY D 502 35.11 -3.01 -50.49
CA GLY D 502 34.65 -4.37 -50.61
C GLY D 502 35.11 -5.02 -51.90
N GLU D 503 35.76 -4.22 -52.75
CA GLU D 503 36.28 -4.72 -54.02
C GLU D 503 37.38 -5.75 -53.79
N GLU D 504 38.01 -5.71 -52.62
CA GLU D 504 39.04 -6.67 -52.27
C GLU D 504 38.92 -7.12 -50.81
N VAL D 505 39.62 -8.19 -50.47
CA VAL D 505 39.69 -8.67 -49.10
C VAL D 505 40.94 -8.07 -48.44
N PRO D 506 40.77 -7.49 -47.25
CA PRO D 506 41.90 -6.88 -46.52
C PRO D 506 43.07 -7.84 -46.38
N ARG D 507 44.25 -7.39 -46.80
CA ARG D 507 45.45 -8.22 -46.72
C ARG D 507 46.23 -7.94 -45.44
N THR D 508 45.64 -7.15 -44.55
CA THR D 508 46.21 -6.87 -43.25
C THR D 508 45.27 -7.32 -42.15
N ILE D 509 45.70 -7.14 -40.90
CA ILE D 509 44.86 -7.46 -39.75
C ILE D 509 44.25 -6.19 -39.19
N ILE D 510 42.93 -6.18 -39.05
CA ILE D 510 42.22 -4.96 -38.71
C ILE D 510 41.65 -4.95 -37.29
N VAL D 511 42.03 -3.93 -36.52
CA VAL D 511 41.55 -3.76 -35.15
C VAL D 511 40.32 -2.88 -35.13
N THR D 512 39.23 -3.40 -34.57
CA THR D 512 37.99 -2.64 -34.45
C THR D 512 37.58 -2.54 -32.98
N THR D 513 37.68 -1.34 -32.42
CA THR D 513 37.37 -1.14 -31.00
C THR D 513 36.20 -0.18 -30.80
N ARG D 514 35.54 -0.29 -29.65
CA ARG D 514 34.40 0.56 -29.32
C ARG D 514 34.83 2.01 -29.11
N SER D 515 36.04 2.19 -28.58
CA SER D 515 36.58 3.52 -28.32
C SER D 515 36.75 4.34 -29.61
N GLN D 516 36.83 3.64 -30.74
CA GLN D 516 36.95 4.28 -32.04
C GLN D 516 35.71 5.09 -32.40
N TYR D 517 34.56 4.70 -31.85
CA TYR D 517 33.29 5.30 -32.23
C TYR D 517 32.56 5.98 -31.07
N GLY D 518 33.19 6.00 -29.91
CA GLY D 518 32.62 6.66 -28.74
C GLY D 518 31.60 5.81 -28.01
N LEU D 519 31.70 4.49 -28.18
CA LEU D 519 30.82 3.56 -27.48
C LEU D 519 31.40 3.21 -26.12
N PRO D 520 30.54 3.13 -25.10
CA PRO D 520 30.96 2.76 -23.73
C PRO D 520 31.54 1.36 -23.67
N GLU D 521 32.61 1.19 -22.90
CA GLU D 521 33.36 -0.06 -22.86
C GLU D 521 32.65 -1.17 -22.06
N ASP D 522 31.53 -0.84 -21.45
CA ASP D 522 30.82 -1.82 -20.63
C ASP D 522 29.31 -1.62 -20.62
N ALA D 523 28.72 -1.36 -21.79
CA ALA D 523 27.29 -1.17 -21.88
C ALA D 523 26.70 -1.87 -23.10
N ILE D 524 25.45 -2.29 -22.97
CA ILE D 524 24.73 -2.93 -24.07
C ILE D 524 24.58 -1.94 -25.22
N VAL D 525 24.97 -2.36 -26.42
CA VAL D 525 24.90 -1.48 -27.57
C VAL D 525 23.84 -1.94 -28.59
N TYR D 526 22.73 -1.22 -28.63
CA TYR D 526 21.70 -1.45 -29.63
C TYR D 526 22.01 -0.60 -30.86
N CYS D 527 22.08 -1.24 -32.02
CA CYS D 527 22.47 -0.55 -33.24
C CYS D 527 21.41 -0.61 -34.34
N ASN D 528 21.44 0.39 -35.21
CA ASN D 528 20.66 0.37 -36.44
C ASN D 528 21.33 1.24 -37.48
N PHE D 529 21.97 0.61 -38.45
CA PHE D 529 22.78 1.32 -39.44
C PHE D 529 22.00 1.66 -40.71
N ASN D 530 20.68 1.52 -40.64
CA ASN D 530 19.83 1.89 -41.78
C ASN D 530 19.79 3.39 -41.99
N GLN D 531 19.41 3.81 -43.19
CA GLN D 531 19.16 5.21 -43.46
C GLN D 531 18.03 5.68 -42.54
N LEU D 532 18.14 6.91 -42.06
CA LEU D 532 17.23 7.40 -41.02
C LEU D 532 15.78 7.50 -41.47
N TYR D 533 15.52 7.47 -42.78
CA TYR D 533 14.16 7.61 -43.29
C TYR D 533 13.26 6.43 -42.89
N LYS D 534 13.89 5.31 -42.53
CA LYS D 534 13.15 4.12 -42.13
C LYS D 534 12.63 4.21 -40.69
N ILE D 535 13.02 5.26 -39.97
CA ILE D 535 12.57 5.46 -38.61
C ILE D 535 11.33 6.35 -38.58
N ASP D 536 10.32 5.92 -37.83
CA ASP D 536 9.12 6.73 -37.60
C ASP D 536 8.98 7.00 -36.09
N PRO D 537 8.06 7.90 -35.70
CA PRO D 537 7.85 8.15 -34.27
C PRO D 537 7.59 6.89 -33.45
N SER D 538 6.86 5.94 -34.02
CA SER D 538 6.51 4.70 -33.33
C SER D 538 7.76 3.89 -32.99
N THR D 539 8.68 3.80 -33.95
CA THR D 539 9.89 3.03 -33.79
C THR D 539 10.83 3.64 -32.76
N LEU D 540 11.02 4.95 -32.82
CA LEU D 540 11.90 5.63 -31.89
C LEU D 540 11.37 5.53 -30.46
N GLN D 541 10.05 5.61 -30.32
CA GLN D 541 9.41 5.42 -29.03
C GLN D 541 9.64 4.00 -28.55
N MET D 542 9.43 3.05 -29.46
CA MET D 542 9.65 1.64 -29.19
C MET D 542 11.07 1.40 -28.70
N TRP D 543 12.02 2.09 -29.30
CA TRP D 543 13.43 1.99 -28.92
C TRP D 543 13.71 2.68 -27.60
N ALA D 544 13.06 3.82 -27.38
CA ALA D 544 13.21 4.56 -26.14
C ALA D 544 12.75 3.73 -24.95
N ASN D 545 11.67 2.99 -25.15
CA ASN D 545 11.14 2.09 -24.13
C ASN D 545 12.14 1.01 -23.76
N ILE D 546 12.85 0.50 -24.76
CA ILE D 546 13.88 -0.50 -24.53
C ILE D 546 15.05 0.09 -23.74
N LEU D 547 15.41 1.31 -24.08
CA LEU D 547 16.54 1.99 -23.46
C LEU D 547 16.31 2.29 -21.98
N LYS D 548 15.06 2.49 -21.59
CA LYS D 548 14.71 2.75 -20.20
C LYS D 548 14.80 1.48 -19.37
N ARG D 549 14.33 0.37 -19.95
CA ARG D 549 14.27 -0.91 -19.25
C ARG D 549 15.65 -1.58 -19.15
N VAL D 550 16.56 -1.17 -20.02
CA VAL D 550 17.95 -1.64 -19.95
C VAL D 550 18.84 -0.48 -19.55
N PRO D 551 19.12 -0.36 -18.24
CA PRO D 551 19.79 0.78 -17.59
C PRO D 551 21.06 1.23 -18.30
N ASN D 552 22.06 0.35 -18.37
CA ASN D 552 23.32 0.72 -19.02
C ASN D 552 23.33 0.31 -20.49
N SER D 553 22.61 1.05 -21.32
CA SER D 553 22.54 0.73 -22.74
C SER D 553 22.45 1.99 -23.60
N VAL D 554 23.07 1.93 -24.77
CA VAL D 554 23.04 3.04 -25.72
C VAL D 554 22.43 2.59 -27.05
N LEU D 555 21.88 3.54 -27.79
CA LEU D 555 21.42 3.27 -29.14
C LEU D 555 22.44 3.83 -30.12
N TRP D 556 22.88 3.00 -31.06
CA TRP D 556 23.94 3.38 -32.00
C TRP D 556 23.37 3.60 -33.40
N LEU D 557 23.29 4.86 -33.81
CA LEU D 557 22.73 5.20 -35.12
C LEU D 557 23.78 5.87 -36.00
N LEU D 558 23.42 6.11 -37.25
CA LEU D 558 24.34 6.73 -38.20
C LEU D 558 23.83 8.08 -38.69
N ARG D 559 24.77 8.97 -39.03
CA ARG D 559 24.43 10.24 -39.65
C ARG D 559 24.07 9.98 -41.11
N PHE D 560 22.83 9.56 -41.32
CA PHE D 560 22.41 9.05 -42.62
C PHE D 560 21.03 9.59 -42.99
N PRO D 561 20.92 10.89 -43.30
CA PRO D 561 21.97 11.90 -43.38
C PRO D 561 22.27 12.53 -42.03
N ALA D 562 23.26 13.43 -41.99
CA ALA D 562 23.72 14.01 -40.74
C ALA D 562 22.73 15.00 -40.13
N VAL D 563 21.88 15.59 -40.95
CA VAL D 563 20.95 16.61 -40.48
C VAL D 563 19.75 15.97 -39.79
N GLY D 564 19.66 14.65 -39.86
CA GLY D 564 18.63 13.92 -39.14
C GLY D 564 18.98 13.76 -37.67
N GLU D 565 20.29 13.77 -37.39
CA GLU D 565 20.79 13.62 -36.03
C GLU D 565 20.21 14.62 -35.01
N PRO D 566 20.21 15.92 -35.31
CA PRO D 566 19.64 16.85 -34.33
C PRO D 566 18.14 16.61 -34.11
N ASN D 567 17.44 16.20 -35.16
CA ASN D 567 16.01 15.92 -35.05
C ASN D 567 15.71 14.75 -34.13
N ILE D 568 16.40 13.63 -34.36
CA ILE D 568 16.21 12.44 -33.54
C ILE D 568 16.61 12.70 -32.09
N GLN D 569 17.69 13.46 -31.92
CA GLN D 569 18.18 13.78 -30.58
C GLN D 569 17.20 14.66 -29.79
N GLN D 570 16.38 15.42 -30.51
CA GLN D 570 15.38 16.27 -29.86
C GLN D 570 14.18 15.44 -29.40
N TYR D 571 13.70 14.56 -30.29
CA TYR D 571 12.61 13.66 -29.96
C TYR D 571 13.02 12.73 -28.83
N ALA D 572 14.33 12.49 -28.72
CA ALA D 572 14.88 11.69 -27.64
C ALA D 572 14.68 12.39 -26.29
N GLN D 573 14.95 13.69 -26.26
CA GLN D 573 14.78 14.48 -25.03
C GLN D 573 13.32 14.50 -24.63
N ASN D 574 12.45 14.65 -25.64
CA ASN D 574 11.01 14.67 -25.41
C ASN D 574 10.51 13.36 -24.81
N MET D 575 11.18 12.26 -25.16
CA MET D 575 10.83 10.96 -24.61
C MET D 575 11.58 10.70 -23.30
N GLY D 576 12.37 11.69 -22.88
CA GLY D 576 13.03 11.63 -21.59
C GLY D 576 14.36 10.90 -21.57
N LEU D 577 15.00 10.79 -22.72
CA LEU D 577 16.30 10.13 -22.80
C LEU D 577 17.44 11.14 -22.87
N PRO D 578 18.42 11.02 -21.97
CA PRO D 578 19.64 11.85 -21.99
C PRO D 578 20.33 11.75 -23.33
N GLN D 579 21.00 12.82 -23.77
CA GLN D 579 21.58 12.85 -25.11
C GLN D 579 22.69 11.82 -25.31
N ASN D 580 23.30 11.38 -24.20
CA ASN D 580 24.36 10.38 -24.27
C ASN D 580 23.82 8.97 -24.52
N ARG D 581 22.50 8.82 -24.49
CA ARG D 581 21.88 7.51 -24.67
C ARG D 581 21.84 7.10 -26.14
N ILE D 582 21.85 8.08 -27.04
CA ILE D 582 21.96 7.80 -28.47
C ILE D 582 23.32 8.27 -28.98
N ILE D 583 24.02 7.37 -29.66
CA ILE D 583 25.36 7.68 -30.16
C ILE D 583 25.42 7.58 -31.67
N PHE D 584 25.70 8.70 -32.32
CA PHE D 584 25.77 8.75 -33.77
C PHE D 584 27.21 8.62 -34.29
N SER D 585 27.37 7.83 -35.35
CA SER D 585 28.64 7.73 -36.04
C SER D 585 28.40 8.02 -37.53
N PRO D 586 29.42 8.54 -38.22
CA PRO D 586 29.26 8.83 -39.65
C PRO D 586 29.18 7.56 -40.48
N VAL D 587 28.59 7.68 -41.67
CA VAL D 587 28.55 6.55 -42.61
C VAL D 587 29.97 6.13 -42.95
N ALA D 588 30.22 4.83 -42.97
CA ALA D 588 31.57 4.30 -43.16
C ALA D 588 31.73 3.66 -44.53
N PRO D 589 32.99 3.37 -44.93
CA PRO D 589 33.19 2.53 -46.11
C PRO D 589 32.53 1.16 -45.91
N LYS D 590 32.22 0.47 -47.01
CA LYS D 590 31.48 -0.79 -46.95
C LYS D 590 32.09 -1.79 -45.96
N GLU D 591 33.39 -2.01 -46.05
CA GLU D 591 34.07 -2.98 -45.20
C GLU D 591 34.00 -2.59 -43.72
N GLU D 592 34.29 -1.32 -43.42
CA GLU D 592 34.25 -0.84 -42.04
C GLU D 592 32.86 -0.97 -41.45
N HIS D 593 31.86 -0.60 -42.25
CA HIS D 593 30.46 -0.67 -41.84
C HIS D 593 30.07 -2.08 -41.41
N VAL D 594 30.44 -3.06 -42.23
CA VAL D 594 30.14 -4.46 -41.93
C VAL D 594 30.92 -4.92 -40.71
N ARG D 595 32.22 -4.61 -40.69
CA ARG D 595 33.12 -5.07 -39.64
C ARG D 595 32.81 -4.47 -38.26
N ARG D 596 32.42 -3.20 -38.22
CA ARG D 596 32.16 -2.52 -36.96
C ARG D 596 30.86 -2.99 -36.31
N GLY D 597 30.04 -3.70 -37.07
CA GLY D 597 28.81 -4.27 -36.53
C GLY D 597 29.12 -5.28 -35.45
N GLN D 598 30.35 -5.78 -35.47
CA GLN D 598 30.81 -6.73 -34.45
C GLN D 598 30.88 -6.09 -33.07
N LEU D 599 30.85 -4.76 -33.02
CA LEU D 599 30.98 -4.03 -31.77
C LEU D 599 29.67 -3.97 -30.98
N ALA D 600 28.55 -4.11 -31.69
CA ALA D 600 27.25 -4.04 -31.06
C ALA D 600 26.87 -5.34 -30.36
N ASP D 601 25.84 -5.30 -29.53
CA ASP D 601 25.32 -6.49 -28.87
C ASP D 601 24.09 -7.00 -29.62
N VAL D 602 23.14 -6.09 -29.84
CA VAL D 602 21.91 -6.42 -30.56
C VAL D 602 21.62 -5.34 -31.59
N CYS D 603 21.05 -5.72 -32.73
CA CYS D 603 20.60 -4.76 -33.72
C CYS D 603 19.07 -4.63 -33.70
N LEU D 604 18.59 -3.41 -33.52
CA LEU D 604 17.15 -3.15 -33.49
C LEU D 604 16.65 -2.74 -34.87
N ASP D 605 15.97 -3.65 -35.55
CA ASP D 605 15.50 -3.40 -36.92
C ASP D 605 14.27 -2.48 -36.97
N THR D 606 14.26 -1.59 -37.94
CA THR D 606 13.14 -0.68 -38.15
C THR D 606 11.93 -1.41 -38.74
N PRO D 607 10.80 -1.39 -38.03
CA PRO D 607 9.57 -2.06 -38.45
C PRO D 607 8.92 -1.44 -39.68
N LEU D 608 8.99 -0.12 -39.81
CA LEU D 608 8.36 0.58 -40.92
C LEU D 608 8.93 0.08 -42.25
N CYS D 609 10.25 0.02 -42.30
CA CYS D 609 10.94 -0.51 -43.47
C CYS D 609 12.18 -1.27 -42.99
N ASN D 610 12.10 -2.60 -43.07
CA ASN D 610 13.16 -3.45 -42.55
C ASN D 610 14.53 -3.14 -43.14
N GLY D 611 15.58 -3.45 -42.39
CA GLY D 611 16.92 -3.42 -42.92
C GLY D 611 17.08 -4.59 -43.88
N HIS D 612 17.36 -4.29 -45.14
CA HIS D 612 17.45 -5.32 -46.16
C HIS D 612 18.90 -5.75 -46.35
N THR D 613 19.69 -4.90 -47.00
CA THR D 613 21.12 -5.15 -47.14
C THR D 613 21.75 -5.01 -45.76
N THR D 614 21.23 -4.07 -44.98
CA THR D 614 21.74 -3.81 -43.63
C THR D 614 21.51 -4.99 -42.70
N GLY D 615 20.40 -5.68 -42.88
CA GLY D 615 20.09 -6.87 -42.10
C GLY D 615 21.10 -7.96 -42.36
N MET D 616 21.46 -8.13 -43.63
CA MET D 616 22.47 -9.11 -44.01
C MET D 616 23.84 -8.69 -43.49
N ASP D 617 24.06 -7.38 -43.43
CA ASP D 617 25.32 -6.82 -42.95
C ASP D 617 25.57 -7.10 -41.47
N VAL D 618 24.58 -6.81 -40.64
CA VAL D 618 24.72 -7.01 -39.20
C VAL D 618 24.77 -8.48 -38.82
N LEU D 619 24.02 -9.32 -39.54
CA LEU D 619 23.98 -10.74 -39.27
C LEU D 619 25.32 -11.40 -39.55
N TRP D 620 26.00 -10.90 -40.59
CA TRP D 620 27.31 -11.44 -40.96
C TRP D 620 28.35 -11.15 -39.88
N ALA D 621 28.09 -10.14 -39.07
CA ALA D 621 28.98 -9.79 -37.97
C ALA D 621 28.68 -10.65 -36.75
N GLY D 622 27.70 -11.54 -36.89
CA GLY D 622 27.29 -12.40 -35.80
C GLY D 622 26.47 -11.63 -34.78
N THR D 623 25.90 -10.51 -35.21
CA THR D 623 25.11 -9.66 -34.32
C THR D 623 23.62 -9.93 -34.49
N PRO D 624 22.98 -10.44 -33.42
CA PRO D 624 21.54 -10.75 -33.44
C PRO D 624 20.70 -9.53 -33.76
N MET D 625 19.66 -9.72 -34.56
CA MET D 625 18.79 -8.62 -34.96
C MET D 625 17.35 -8.89 -34.56
N VAL D 626 16.76 -7.96 -33.81
CA VAL D 626 15.35 -8.05 -33.44
C VAL D 626 14.49 -7.35 -34.47
N THR D 627 13.45 -8.02 -34.95
CA THR D 627 12.59 -7.41 -35.96
C THR D 627 11.10 -7.66 -35.69
N MET D 628 10.26 -6.82 -36.27
CA MET D 628 8.82 -6.96 -36.15
C MET D 628 8.17 -6.83 -37.52
N PRO D 629 7.83 -7.97 -38.13
CA PRO D 629 7.27 -8.05 -39.49
C PRO D 629 5.99 -7.25 -39.65
N GLY D 630 5.95 -6.39 -40.67
CA GLY D 630 4.75 -5.64 -40.99
C GLY D 630 3.89 -6.41 -41.98
N GLU D 631 3.22 -5.69 -42.86
CA GLU D 631 2.39 -6.31 -43.89
C GLU D 631 2.97 -6.13 -45.29
N THR D 632 3.69 -5.04 -45.49
CA THR D 632 4.34 -4.77 -46.77
C THR D 632 5.54 -5.69 -46.96
N LEU D 633 6.01 -5.79 -48.20
CA LEU D 633 7.18 -6.61 -48.51
C LEU D 633 8.39 -6.09 -47.76
N ALA D 634 8.60 -4.77 -47.84
CA ALA D 634 9.79 -4.15 -47.27
C ALA D 634 9.82 -4.20 -45.74
N SER D 635 8.70 -4.58 -45.14
CA SER D 635 8.61 -4.63 -43.68
C SER D 635 8.67 -6.06 -43.15
N ARG D 636 8.92 -7.02 -44.04
CA ARG D 636 8.95 -8.42 -43.64
C ARG D 636 10.25 -9.13 -44.05
N VAL D 637 11.13 -8.39 -44.73
CA VAL D 637 12.37 -8.96 -45.24
C VAL D 637 13.30 -9.43 -44.12
N ALA D 638 13.42 -8.61 -43.08
CA ALA D 638 14.32 -8.92 -41.97
C ALA D 638 13.94 -10.21 -41.25
N ALA D 639 12.63 -10.44 -41.10
CA ALA D 639 12.15 -11.65 -40.46
C ALA D 639 12.38 -12.87 -41.35
N SER D 640 12.29 -12.65 -42.66
CA SER D 640 12.49 -13.72 -43.63
C SER D 640 13.94 -14.19 -43.59
N GLN D 641 14.85 -13.26 -43.33
CA GLN D 641 16.27 -13.57 -43.18
C GLN D 641 16.46 -14.40 -41.92
N LEU D 642 15.88 -13.93 -40.82
CA LEU D 642 16.04 -14.57 -39.52
C LEU D 642 15.46 -15.98 -39.46
N THR D 643 14.33 -16.19 -40.14
CA THR D 643 13.73 -17.52 -40.21
C THR D 643 14.66 -18.46 -40.95
N CYS D 644 15.26 -17.97 -42.01
CA CYS D 644 16.24 -18.74 -42.77
C CYS D 644 17.47 -19.01 -41.92
N LEU D 645 17.92 -17.99 -41.20
CA LEU D 645 19.08 -18.09 -40.32
C LEU D 645 18.86 -19.15 -39.25
N GLY D 646 17.62 -19.23 -38.76
CA GLY D 646 17.26 -20.21 -37.75
C GLY D 646 17.05 -19.60 -36.38
N CYS D 647 16.78 -18.31 -36.35
CA CYS D 647 16.54 -17.60 -35.09
C CYS D 647 15.15 -16.99 -35.05
N LEU D 648 14.15 -17.83 -34.77
CA LEU D 648 12.77 -17.38 -34.68
C LEU D 648 12.53 -16.52 -33.44
N GLU D 649 13.41 -16.68 -32.45
CA GLU D 649 13.24 -16.02 -31.15
C GLU D 649 13.61 -14.53 -31.21
N LEU D 650 13.89 -14.03 -32.41
CA LEU D 650 14.20 -12.62 -32.59
C LEU D 650 13.08 -11.94 -33.37
N ILE D 651 12.01 -12.69 -33.64
CA ILE D 651 10.89 -12.18 -34.42
C ILE D 651 9.68 -11.92 -33.53
N ALA D 652 9.28 -10.65 -33.45
CA ALA D 652 8.17 -10.25 -32.60
C ALA D 652 6.87 -10.12 -33.39
N LYS D 653 5.77 -10.52 -32.76
CA LYS D 653 4.46 -10.44 -33.40
C LYS D 653 3.86 -9.06 -33.23
N ASN D 654 4.32 -8.35 -32.21
CA ASN D 654 3.82 -7.01 -31.91
C ASN D 654 4.87 -6.13 -31.25
N ARG D 655 4.57 -4.84 -31.13
CA ARG D 655 5.53 -3.86 -30.61
C ARG D 655 5.98 -4.19 -29.19
N GLN D 656 5.07 -4.74 -28.39
CA GLN D 656 5.41 -5.10 -27.02
C GLN D 656 6.42 -6.23 -26.97
N GLU D 657 6.19 -7.26 -27.78
CA GLU D 657 7.09 -8.41 -27.84
C GLU D 657 8.46 -7.99 -28.36
N TYR D 658 8.47 -6.98 -29.23
CA TYR D 658 9.71 -6.44 -29.78
C TYR D 658 10.59 -5.90 -28.65
N GLU D 659 9.99 -5.07 -27.80
CA GLU D 659 10.70 -4.49 -26.67
C GLU D 659 11.16 -5.58 -25.71
N ASP D 660 10.29 -6.56 -25.49
CA ASP D 660 10.59 -7.66 -24.56
C ASP D 660 11.80 -8.48 -25.02
N ILE D 661 11.80 -8.85 -26.29
CA ILE D 661 12.92 -9.60 -26.87
C ILE D 661 14.21 -8.81 -26.72
N ALA D 662 14.14 -7.51 -26.99
CA ALA D 662 15.30 -6.64 -26.90
C ALA D 662 15.80 -6.46 -25.47
N VAL D 663 14.87 -6.21 -24.55
CA VAL D 663 15.22 -6.01 -23.15
C VAL D 663 15.84 -7.27 -22.54
N LYS D 664 15.33 -8.43 -22.91
CA LYS D 664 15.89 -9.68 -22.43
C LYS D 664 17.33 -9.85 -22.89
N LEU D 665 17.56 -9.62 -24.17
CA LEU D 665 18.91 -9.68 -24.74
C LEU D 665 19.83 -8.68 -24.07
N GLY D 666 19.25 -7.61 -23.53
CA GLY D 666 20.04 -6.57 -22.88
C GLY D 666 20.35 -6.85 -21.43
N THR D 667 19.39 -7.44 -20.71
CA THR D 667 19.56 -7.68 -19.28
C THR D 667 20.15 -9.05 -18.96
N ASP D 668 19.72 -10.08 -19.69
CA ASP D 668 20.21 -11.44 -19.47
C ASP D 668 21.44 -11.71 -20.32
N LEU D 669 22.61 -11.55 -19.71
CA LEU D 669 23.88 -11.67 -20.44
C LEU D 669 24.19 -13.11 -20.87
N GLU D 670 23.73 -14.08 -20.10
CA GLU D 670 23.87 -15.49 -20.48
C GLU D 670 23.04 -15.78 -21.73
N TYR D 671 21.82 -15.26 -21.75
CA TYR D 671 20.92 -15.45 -22.88
C TYR D 671 21.46 -14.75 -24.13
N LEU D 672 22.02 -13.57 -23.93
CA LEU D 672 22.62 -12.80 -25.03
C LEU D 672 23.79 -13.58 -25.61
N LYS D 673 24.62 -14.12 -24.73
CA LYS D 673 25.78 -14.92 -25.14
C LYS D 673 25.34 -16.12 -25.99
N LYS D 674 24.22 -16.73 -25.62
CA LYS D 674 23.70 -17.88 -26.35
C LYS D 674 23.22 -17.50 -27.74
N VAL D 675 22.44 -16.43 -27.82
CA VAL D 675 21.89 -15.99 -29.10
C VAL D 675 22.97 -15.40 -30.02
N ARG D 676 23.88 -14.63 -29.44
CA ARG D 676 25.02 -14.10 -30.19
C ARG D 676 25.86 -15.25 -30.72
N GLY D 677 26.06 -16.26 -29.88
CA GLY D 677 26.78 -17.46 -30.29
C GLY D 677 25.99 -18.23 -31.34
N LYS D 678 24.66 -18.13 -31.26
CA LYS D 678 23.80 -18.81 -32.20
C LYS D 678 23.92 -18.21 -33.59
N VAL D 679 23.70 -16.90 -33.69
CA VAL D 679 23.82 -16.19 -34.95
C VAL D 679 25.21 -16.38 -35.58
N TRP D 680 26.24 -16.38 -34.72
CA TRP D 680 27.61 -16.55 -35.17
C TRP D 680 27.83 -17.85 -35.94
N LYS D 681 27.24 -18.94 -35.44
CA LYS D 681 27.33 -20.22 -36.13
C LYS D 681 26.34 -20.30 -37.28
N GLN D 682 25.09 -19.93 -37.00
CA GLN D 682 24.01 -20.04 -37.97
C GLN D 682 24.30 -19.28 -39.27
N ARG D 683 25.07 -18.21 -39.19
CA ARG D 683 25.37 -17.41 -40.38
C ARG D 683 26.23 -18.17 -41.39
N ILE D 684 26.73 -19.32 -40.98
CA ILE D 684 27.50 -20.20 -41.86
C ILE D 684 26.73 -21.47 -42.19
N SER D 685 26.17 -22.10 -41.16
CA SER D 685 25.46 -23.38 -41.31
C SER D 685 24.14 -23.23 -42.06
N SER D 686 23.47 -22.10 -41.86
CA SER D 686 22.21 -21.83 -42.56
C SER D 686 22.48 -21.43 -44.01
N PRO D 687 21.48 -21.57 -44.89
CA PRO D 687 21.69 -21.21 -46.30
C PRO D 687 21.59 -19.70 -46.56
N LEU D 688 21.55 -18.90 -45.51
CA LEU D 688 21.36 -17.46 -45.66
C LEU D 688 22.47 -16.80 -46.49
N PHE D 689 23.72 -17.15 -46.21
CA PHE D 689 24.85 -16.55 -46.90
C PHE D 689 25.48 -17.51 -47.90
N ASN D 690 24.85 -18.67 -48.09
CA ASN D 690 25.31 -19.64 -49.08
C ASN D 690 24.87 -19.23 -50.48
N THR D 691 25.75 -18.58 -51.22
CA THR D 691 25.43 -18.05 -52.53
C THR D 691 25.15 -19.18 -53.53
N LYS D 692 25.92 -20.26 -53.42
CA LYS D 692 25.79 -21.39 -54.33
C LYS D 692 24.43 -22.05 -54.23
N GLN D 693 24.00 -22.35 -53.00
CA GLN D 693 22.70 -22.97 -52.76
C GLN D 693 21.57 -22.07 -53.23
N TYR D 694 21.70 -20.78 -52.99
CA TYR D 694 20.69 -19.83 -53.43
C TYR D 694 20.51 -19.87 -54.94
N THR D 695 21.64 -19.89 -55.65
CA THR D 695 21.62 -19.92 -57.10
C THR D 695 20.95 -21.18 -57.61
N MET D 696 21.33 -22.32 -57.04
CA MET D 696 20.75 -23.60 -57.44
C MET D 696 19.24 -23.65 -57.22
N GLU D 697 18.79 -23.07 -56.11
CA GLU D 697 17.37 -23.01 -55.81
C GLU D 697 16.67 -21.98 -56.69
N LEU D 698 17.40 -20.94 -57.06
CA LEU D 698 16.89 -19.95 -58.00
C LEU D 698 16.75 -20.60 -59.37
N GLU D 699 17.66 -21.52 -59.68
CA GLU D 699 17.64 -22.24 -60.93
C GLU D 699 16.41 -23.16 -61.03
N ARG D 700 16.10 -23.83 -59.92
CA ARG D 700 14.95 -24.73 -59.90
C ARG D 700 13.66 -23.93 -60.11
N LEU D 701 13.59 -22.75 -59.49
CA LEU D 701 12.44 -21.88 -59.65
C LEU D 701 12.32 -21.41 -61.09
N TYR D 702 13.46 -21.14 -61.71
CA TYR D 702 13.50 -20.73 -63.11
C TYR D 702 12.87 -21.79 -64.01
N LEU D 703 13.23 -23.05 -63.76
CA LEU D 703 12.74 -24.15 -64.57
C LEU D 703 11.25 -24.41 -64.35
N GLN D 704 10.78 -24.18 -63.13
CA GLN D 704 9.36 -24.28 -62.84
C GLN D 704 8.57 -23.31 -63.71
N MET D 705 9.05 -22.07 -63.76
CA MET D 705 8.44 -21.03 -64.57
C MET D 705 8.40 -21.42 -66.03
N TRP D 706 9.52 -21.93 -66.53
CA TRP D 706 9.62 -22.29 -67.94
C TRP D 706 8.75 -23.49 -68.30
N GLU D 707 8.80 -24.53 -67.48
CA GLU D 707 7.99 -25.73 -67.71
C GLU D 707 6.51 -25.40 -67.69
N HIS D 708 6.16 -24.34 -66.98
CA HIS D 708 4.78 -23.87 -66.95
C HIS D 708 4.42 -23.19 -68.27
N TYR D 709 5.35 -22.39 -68.79
CA TYR D 709 5.14 -21.68 -70.04
C TYR D 709 5.24 -22.62 -71.24
N ALA D 710 6.06 -23.66 -71.11
CA ALA D 710 6.26 -24.62 -72.19
C ALA D 710 5.04 -25.51 -72.38
N ALA D 711 4.23 -25.63 -71.34
CA ALA D 711 3.01 -26.41 -71.41
C ALA D 711 1.85 -25.59 -71.98
N GLY D 712 2.14 -24.32 -72.29
CA GLY D 712 1.15 -23.44 -72.85
C GLY D 712 0.24 -22.82 -71.80
N ASN D 713 0.84 -22.45 -70.66
CA ASN D 713 0.09 -21.82 -69.57
C ASN D 713 0.55 -20.40 -69.31
N LYS D 714 -0.41 -19.53 -68.99
CA LYS D 714 -0.08 -18.18 -68.54
C LYS D 714 0.34 -18.27 -67.08
N PRO D 715 1.24 -17.36 -66.65
CA PRO D 715 1.83 -17.33 -65.31
C PRO D 715 0.84 -17.59 -64.17
N ASP D 716 1.29 -18.35 -63.17
CA ASP D 716 0.49 -18.67 -61.99
C ASP D 716 1.42 -18.88 -60.80
N HIS D 717 0.89 -18.76 -59.59
CA HIS D 717 1.68 -18.82 -58.37
C HIS D 717 2.52 -20.09 -58.23
N MET D 718 3.80 -19.91 -57.91
CA MET D 718 4.74 -21.02 -57.77
C MET D 718 5.11 -21.24 -56.30
N ILE D 719 4.28 -21.98 -55.59
CA ILE D 719 4.48 -22.22 -54.16
C ILE D 719 5.18 -23.57 -53.95
N LYS D 720 5.92 -24.01 -54.96
CA LYS D 720 6.69 -25.26 -54.91
C LYS D 720 5.84 -26.47 -54.49
#